data_9JAV
#
_entry.id   9JAV
#
_cell.length_a   83.520
_cell.length_b   204.100
_cell.length_c   258.070
_cell.angle_alpha   90.00
_cell.angle_beta   90.00
_cell.angle_gamma   90.00
#
_symmetry.space_group_name_H-M   'P 21 21 21'
#
loop_
_entity.id
_entity.type
_entity.pdbx_description
1 polymer 'NAD-dependent methanol dehydrogenase'
2 non-polymer 'MANGANESE (II) ION'
3 non-polymer NICOTINAMIDE-ADENINE-DINUCLEOTIDE
4 non-polymer ADENOSINE-5-DIPHOSPHORIBOSE
5 water water
#
_entity_poly.entity_id   1
_entity_poly.type   'polypeptide(L)'
_entity_poly.pdbx_seq_one_letter_code
;MTNTQSAFFMPSVNLFGAGSVNEVGTRLADLGVKKALLVTDAGLHGLGLSEKISSIIRAAGVEVSIFPKAEPNPTDKNVA
EGLEAYNAENCDSIVTLGGGSSHDAGKAIALVAANGGKIHDYEGVDVSKEPMVPLIAINTTAGTGSELTKFTIITDTERK
VKMAIVDKHVTPTLSINDPELMVGMPPSLTAATGLDALTHAIEAYVSTGATPITDALAIQAIKIISKYLPRAVANGKDIE
AREQMAFAQSLAGMAFNNAGLGYVHAIAHQLGGFYNFPHGVCNAVLLPYVCRFNLISKVERYAEIAAFLGENVDGLSTYD
AAEKAIKAIERMAKDLNIPKGFKELGAKEEDIETLAKNAMKDACALTNPRKPKLEEVIQIIKNAMLEHHHHHH
;
_entity_poly.pdbx_strand_id   A,B,C,D,E,F,G,H,I,J
#
loop_
_chem_comp.id
_chem_comp.type
_chem_comp.name
_chem_comp.formula
APR non-polymer ADENOSINE-5-DIPHOSPHORIBOSE 'C15 H23 N5 O14 P2'
MN non-polymer 'MANGANESE (II) ION' 'Mn 2'
NAD non-polymer NICOTINAMIDE-ADENINE-DINUCLEOTIDE 'C21 H27 N7 O14 P2'
#
# COMPACT_ATOMS: atom_id res chain seq x y z
N ASN A 3 23.16 28.90 30.67
CA ASN A 3 22.52 27.77 31.32
C ASN A 3 21.42 27.13 30.45
N THR A 4 20.84 26.03 30.94
CA THR A 4 19.66 25.40 30.35
C THR A 4 18.42 25.66 31.19
N GLN A 5 18.46 26.67 32.04
CA GLN A 5 17.29 27.01 32.83
C GLN A 5 16.20 27.62 31.94
N SER A 6 14.98 27.62 32.47
CA SER A 6 13.86 28.29 31.83
C SER A 6 12.80 28.52 32.89
N ALA A 7 11.68 29.11 32.48
CA ALA A 7 10.65 29.52 33.40
C ALA A 7 9.34 29.65 32.64
N PHE A 8 8.24 29.37 33.34
CA PHE A 8 6.90 29.49 32.79
C PHE A 8 6.13 30.47 33.67
N PHE A 9 5.52 31.49 33.04
CA PHE A 9 4.77 32.55 33.71
C PHE A 9 3.33 32.58 33.22
N MET A 10 2.44 33.09 34.08
CA MET A 10 1.01 33.01 33.86
C MET A 10 0.27 33.64 35.04
N PRO A 11 -0.89 34.25 34.84
CA PRO A 11 -1.73 34.59 36.00
C PRO A 11 -2.10 33.35 36.81
N SER A 12 -2.19 33.54 38.11
CA SER A 12 -2.51 32.51 39.07
C SER A 12 -3.89 31.88 38.85
N VAL A 13 -4.83 32.66 38.31
CA VAL A 13 -6.23 32.28 38.12
C VAL A 13 -6.65 32.80 36.75
N ASN A 14 -7.25 31.93 35.95
CA ASN A 14 -7.63 32.28 34.57
C ASN A 14 -9.03 31.71 34.32
N LEU A 15 -10.04 32.58 34.22
CA LEU A 15 -11.41 32.13 34.05
C LEU A 15 -11.75 31.95 32.57
N PHE A 16 -12.49 30.89 32.25
CA PHE A 16 -12.88 30.57 30.88
C PHE A 16 -14.37 30.27 30.80
N GLY A 17 -14.93 30.44 29.61
CA GLY A 17 -16.24 29.91 29.32
C GLY A 17 -17.34 30.96 29.40
N ALA A 18 -18.48 30.60 28.81
CA ALA A 18 -19.64 31.49 28.67
C ALA A 18 -20.13 31.99 30.02
N GLY A 19 -20.13 33.32 30.18
CA GLY A 19 -20.58 33.95 31.40
C GLY A 19 -19.49 34.24 32.42
N SER A 20 -18.23 33.89 32.15
CA SER A 20 -17.21 34.05 33.16
C SER A 20 -16.91 35.51 33.47
N VAL A 21 -17.47 36.47 32.73
CA VAL A 21 -17.26 37.88 33.07
C VAL A 21 -17.99 38.26 34.36
N ASN A 22 -19.06 37.53 34.71
CA ASN A 22 -19.85 37.86 35.90
C ASN A 22 -19.04 37.84 37.19
N GLU A 23 -17.86 37.21 37.18
CA GLU A 23 -17.06 37.13 38.39
C GLU A 23 -16.19 38.37 38.64
N VAL A 24 -16.16 39.35 37.74
CA VAL A 24 -15.11 40.35 37.84
C VAL A 24 -15.26 41.21 39.11
N GLY A 25 -16.49 41.50 39.53
CA GLY A 25 -16.65 42.31 40.73
C GLY A 25 -16.16 41.60 41.98
N THR A 26 -16.60 40.37 42.18
CA THR A 26 -16.19 39.66 43.39
C THR A 26 -14.70 39.30 43.36
N ARG A 27 -14.13 38.97 42.19
CA ARG A 27 -12.69 38.77 42.14
C ARG A 27 -11.94 40.04 42.49
N LEU A 28 -12.30 41.14 41.85
CA LEU A 28 -11.76 42.44 42.22
C LEU A 28 -11.87 42.69 43.72
N ALA A 29 -13.06 42.46 44.28
CA ALA A 29 -13.30 42.71 45.71
C ALA A 29 -12.36 41.90 46.60
N ASP A 30 -12.14 40.62 46.28
CA ASP A 30 -11.23 39.77 47.03
C ASP A 30 -9.82 40.31 47.07
N LEU A 31 -9.42 41.14 46.11
CA LEU A 31 -8.07 41.69 46.20
C LEU A 31 -8.00 42.91 47.11
N GLY A 32 -9.13 43.34 47.68
CA GLY A 32 -9.15 44.46 48.59
C GLY A 32 -9.00 45.82 47.96
N VAL A 33 -9.11 45.93 46.63
CA VAL A 33 -9.01 47.22 45.95
C VAL A 33 -10.32 47.97 46.05
N LYS A 34 -10.25 49.30 46.02
CA LYS A 34 -11.45 50.13 46.19
C LYS A 34 -11.97 50.77 44.92
N LYS A 35 -11.08 51.16 43.99
CA LYS A 35 -11.50 51.86 42.79
C LYS A 35 -10.66 51.44 41.59
N ALA A 36 -11.33 50.91 40.58
CA ALA A 36 -10.67 50.42 39.38
C ALA A 36 -10.88 51.41 38.22
N LEU A 37 -9.79 51.66 37.49
CA LEU A 37 -9.87 52.36 36.20
C LEU A 37 -10.16 51.34 35.10
N LEU A 38 -11.32 51.47 34.46
CA LEU A 38 -11.78 50.59 33.41
C LEU A 38 -11.25 51.08 32.07
N VAL A 39 -10.22 50.40 31.54
CA VAL A 39 -9.55 50.78 30.31
C VAL A 39 -10.16 49.99 29.16
N THR A 40 -10.74 50.70 28.19
CA THR A 40 -11.31 50.05 27.03
C THR A 40 -11.08 50.98 25.84
N ASP A 41 -11.72 50.69 24.72
CA ASP A 41 -11.61 51.56 23.57
C ASP A 41 -12.98 52.14 23.26
N ALA A 42 -12.95 53.22 22.45
CA ALA A 42 -14.18 53.93 22.12
C ALA A 42 -15.21 53.01 21.50
N GLY A 43 -14.79 51.98 20.76
CA GLY A 43 -15.75 51.11 20.11
C GLY A 43 -16.60 50.36 21.11
N LEU A 44 -15.94 49.59 21.97
CA LEU A 44 -16.67 48.79 22.94
C LEU A 44 -17.45 49.68 23.88
N HIS A 45 -16.93 50.87 24.16
CA HIS A 45 -17.62 51.79 25.05
C HIS A 45 -18.93 52.27 24.43
N GLY A 46 -18.90 52.60 23.13
CA GLY A 46 -20.12 52.97 22.42
C GLY A 46 -21.17 51.88 22.44
N LEU A 47 -20.76 50.62 22.24
CA LEU A 47 -21.72 49.52 22.32
C LEU A 47 -22.26 49.31 23.73
N GLY A 48 -21.74 50.03 24.72
CA GLY A 48 -22.23 49.95 26.07
C GLY A 48 -21.72 48.78 26.89
N LEU A 49 -20.87 47.93 26.31
CA LEU A 49 -20.22 46.89 27.10
C LEU A 49 -19.59 47.49 28.35
N SER A 50 -18.99 48.67 28.19
CA SER A 50 -18.39 49.43 29.27
C SER A 50 -19.32 49.56 30.47
N GLU A 51 -20.61 49.74 30.23
CA GLU A 51 -21.50 50.03 31.35
C GLU A 51 -21.99 48.76 32.03
N LYS A 52 -22.24 47.70 31.27
CA LYS A 52 -22.62 46.45 31.91
C LYS A 52 -21.56 45.96 32.88
N ILE A 53 -20.27 46.10 32.52
CA ILE A 53 -19.20 45.61 33.39
C ILE A 53 -19.08 46.48 34.64
N SER A 54 -19.25 47.80 34.49
CA SER A 54 -19.13 48.70 35.62
C SER A 54 -20.17 48.42 36.69
N SER A 55 -21.41 48.11 36.28
CA SER A 55 -22.43 47.81 37.27
C SER A 55 -22.15 46.49 37.97
N ILE A 56 -21.54 45.54 37.26
CA ILE A 56 -21.12 44.31 37.91
C ILE A 56 -20.04 44.60 38.96
N ILE A 57 -19.07 45.45 38.61
CA ILE A 57 -18.02 45.78 39.57
C ILE A 57 -18.58 46.57 40.75
N ARG A 58 -19.47 47.54 40.46
CA ARG A 58 -20.03 48.42 41.49
C ARG A 58 -20.86 47.65 42.50
N ALA A 59 -21.67 46.68 42.04
CA ALA A 59 -22.48 45.87 42.93
C ALA A 59 -21.66 45.08 43.94
N ALA A 60 -20.35 44.99 43.75
CA ALA A 60 -19.48 44.27 44.67
C ALA A 60 -18.70 45.21 45.56
N GLY A 61 -18.93 46.51 45.47
CA GLY A 61 -18.32 47.43 46.40
C GLY A 61 -17.09 48.13 45.89
N VAL A 62 -16.69 47.85 44.69
CA VAL A 62 -15.58 48.55 44.07
C VAL A 62 -16.19 49.60 43.16
N GLU A 63 -15.65 50.81 43.22
CA GLU A 63 -16.03 51.86 42.28
C GLU A 63 -15.32 51.67 40.95
N VAL A 64 -15.85 52.37 39.95
CA VAL A 64 -15.33 52.31 38.60
C VAL A 64 -15.18 53.73 38.05
N SER A 65 -14.02 54.01 37.48
CA SER A 65 -13.82 55.17 36.61
C SER A 65 -13.52 54.63 35.21
N ILE A 66 -14.39 54.95 34.26
CA ILE A 66 -14.24 54.48 32.88
C ILE A 66 -13.23 55.33 32.11
N PHE A 67 -12.35 54.66 31.34
CA PHE A 67 -11.35 55.32 30.50
C PHE A 67 -11.39 54.66 29.12
N PRO A 68 -12.30 55.08 28.25
CA PRO A 68 -12.48 54.42 26.95
C PRO A 68 -11.63 55.01 25.82
N LYS A 69 -10.34 55.28 26.10
CA LYS A 69 -9.44 55.99 25.19
C LYS A 69 -8.18 55.21 24.85
N ALA A 70 -8.22 53.88 24.90
CA ALA A 70 -7.15 53.06 24.33
C ALA A 70 -7.42 52.88 22.84
N GLU A 71 -6.48 53.18 22.05
CA GLU A 71 -6.68 53.13 20.60
C GLU A 71 -6.06 51.86 20.01
N PRO A 72 -6.62 51.34 18.92
CA PRO A 72 -5.94 50.26 18.19
C PRO A 72 -4.49 50.65 17.95
N ASN A 73 -3.58 49.77 18.35
CA ASN A 73 -2.19 50.10 18.60
C ASN A 73 -2.13 51.25 19.61
N PRO A 74 -2.23 50.96 20.90
CA PRO A 74 -2.21 52.01 21.91
C PRO A 74 -0.89 52.76 21.88
N THR A 75 -0.96 54.07 22.06
CA THR A 75 0.19 54.94 21.90
C THR A 75 0.76 55.29 23.27
N ASP A 76 1.97 55.85 23.28
CA ASP A 76 2.45 56.46 24.51
C ASP A 76 1.51 57.57 24.98
N LYS A 77 0.82 58.26 24.06
CA LYS A 77 -0.07 59.32 24.49
C LYS A 77 -1.31 58.76 25.19
N ASN A 78 -1.83 57.63 24.69
CA ASN A 78 -2.90 56.94 25.43
C ASN A 78 -2.45 56.63 26.85
N VAL A 79 -1.24 56.10 27.00
CA VAL A 79 -0.77 55.68 28.31
C VAL A 79 -0.64 56.87 29.25
N ALA A 80 -0.08 57.98 28.75
CA ALA A 80 0.06 59.17 29.59
C ALA A 80 -1.29 59.72 30.00
N GLU A 81 -2.24 59.78 29.08
CA GLU A 81 -3.57 60.23 29.44
C GLU A 81 -4.22 59.28 30.45
N GLY A 82 -4.06 57.96 30.24
CA GLY A 82 -4.57 57.00 31.20
C GLY A 82 -4.00 57.21 32.59
N LEU A 83 -2.70 57.47 32.67
CA LEU A 83 -2.07 57.63 33.98
C LEU A 83 -2.58 58.87 34.71
N GLU A 84 -2.90 59.93 33.99
CA GLU A 84 -3.43 61.09 34.70
C GLU A 84 -4.89 60.90 35.05
N ALA A 85 -5.64 60.15 34.24
CA ALA A 85 -6.98 59.73 34.69
C ALA A 85 -6.89 58.88 35.94
N TYR A 86 -5.92 57.96 35.96
CA TYR A 86 -5.79 57.02 37.06
C TYR A 86 -5.56 57.76 38.38
N ASN A 87 -4.68 58.76 38.37
CA ASN A 87 -4.42 59.54 39.57
C ASN A 87 -5.55 60.53 39.88
N ALA A 88 -6.07 61.23 38.88
CA ALA A 88 -7.12 62.21 39.11
C ALA A 88 -8.35 61.59 39.74
N GLU A 89 -8.67 60.36 39.35
CA GLU A 89 -9.83 59.66 39.86
C GLU A 89 -9.51 58.76 41.03
N ASN A 90 -8.31 58.88 41.58
CA ASN A 90 -7.95 58.21 42.85
C ASN A 90 -8.13 56.70 42.74
N CYS A 91 -7.51 56.13 41.72
CA CYS A 91 -7.65 54.71 41.45
C CYS A 91 -6.52 53.91 42.12
N ASP A 92 -6.83 52.66 42.46
CA ASP A 92 -5.83 51.78 43.02
C ASP A 92 -5.69 50.48 42.23
N SER A 93 -6.41 50.34 41.12
CA SER A 93 -6.44 49.08 40.37
C SER A 93 -6.94 49.36 38.96
N ILE A 94 -6.85 48.35 38.11
CA ILE A 94 -7.17 48.51 36.70
C ILE A 94 -7.91 47.27 36.24
N VAL A 95 -9.00 47.47 35.50
CA VAL A 95 -9.67 46.42 34.75
C VAL A 95 -9.57 46.81 33.28
N THR A 96 -9.05 45.91 32.45
CA THR A 96 -8.98 46.16 31.01
C THR A 96 -10.05 45.33 30.33
N LEU A 97 -10.71 45.92 29.33
CA LEU A 97 -11.87 45.34 28.68
C LEU A 97 -11.77 45.56 27.17
N GLY A 98 -11.72 44.48 26.41
CA GLY A 98 -11.46 44.63 25.00
C GLY A 98 -10.34 43.73 24.56
N GLY A 99 -9.82 44.02 23.38
CA GLY A 99 -8.72 43.26 22.82
C GLY A 99 -7.40 43.70 23.39
N GLY A 100 -6.33 43.31 22.70
CA GLY A 100 -4.98 43.53 23.17
C GLY A 100 -4.57 44.99 23.25
N SER A 101 -5.30 45.90 22.61
CA SER A 101 -5.01 47.32 22.79
C SER A 101 -5.46 47.80 24.15
N SER A 102 -6.64 47.36 24.60
CA SER A 102 -7.06 47.63 25.97
C SER A 102 -6.11 46.99 26.97
N HIS A 103 -5.78 45.70 26.78
CA HIS A 103 -4.91 45.04 27.74
C HIS A 103 -3.57 45.77 27.83
N ASP A 104 -2.97 46.11 26.69
CA ASP A 104 -1.62 46.66 26.78
C ASP A 104 -1.64 48.08 27.33
N ALA A 105 -2.61 48.90 26.87
CA ALA A 105 -2.79 50.22 27.46
C ALA A 105 -2.89 50.14 28.97
N GLY A 106 -3.76 49.26 29.49
CA GLY A 106 -3.92 49.12 30.91
C GLY A 106 -2.66 48.64 31.62
N LYS A 107 -1.98 47.64 31.04
CA LYS A 107 -0.73 47.15 31.65
C LYS A 107 0.31 48.26 31.73
N ALA A 108 0.39 49.10 30.69
CA ALA A 108 1.37 50.19 30.67
C ALA A 108 1.07 51.22 31.75
N ILE A 109 -0.20 51.68 31.83
CA ILE A 109 -0.66 52.56 32.90
C ILE A 109 -0.34 51.95 34.25
N ALA A 110 -0.68 50.67 34.42
CA ALA A 110 -0.49 49.99 35.70
C ALA A 110 0.99 49.93 36.07
N LEU A 111 1.85 49.61 35.10
CA LEU A 111 3.29 49.54 35.33
C LEU A 111 3.84 50.91 35.72
N VAL A 112 3.48 51.97 34.96
CA VAL A 112 4.03 53.30 35.26
C VAL A 112 3.51 53.81 36.59
N ALA A 113 2.25 53.52 36.91
CA ALA A 113 1.73 53.85 38.22
C ALA A 113 2.60 53.26 39.33
N ALA A 114 3.14 52.05 39.12
CA ALA A 114 3.94 51.45 40.20
C ALA A 114 5.39 51.90 40.18
N ASN A 115 5.93 52.33 39.04
CA ASN A 115 7.36 52.54 38.91
C ASN A 115 7.79 53.96 38.56
N GLY A 116 6.86 54.88 38.32
CA GLY A 116 7.29 56.21 37.86
C GLY A 116 7.83 56.21 36.44
N GLY A 117 8.58 57.27 36.12
CA GLY A 117 9.17 57.38 34.81
C GLY A 117 8.09 57.53 33.76
N LYS A 118 8.42 57.11 32.53
CA LYS A 118 7.46 57.05 31.44
C LYS A 118 7.55 55.67 30.80
N ILE A 119 6.53 55.36 29.99
CA ILE A 119 6.39 53.99 29.46
C ILE A 119 7.62 53.62 28.65
N HIS A 120 8.19 54.60 27.92
CA HIS A 120 9.37 54.35 27.11
C HIS A 120 10.52 53.75 27.92
N ASP A 121 10.61 54.09 29.20
CA ASP A 121 11.75 53.64 29.99
C ASP A 121 11.81 52.12 30.13
N TYR A 122 10.75 51.39 29.80
CA TYR A 122 10.69 49.96 30.06
C TYR A 122 10.71 49.13 28.77
N GLU A 123 10.92 49.75 27.61
CA GLU A 123 11.16 48.98 26.40
C GLU A 123 12.34 48.03 26.63
N GLY A 124 12.20 46.80 26.17
CA GLY A 124 13.21 45.81 26.51
C GLY A 124 12.72 44.68 27.39
N VAL A 125 13.63 44.07 28.16
CA VAL A 125 13.36 42.82 28.87
C VAL A 125 13.66 43.00 30.36
N ASP A 126 12.60 43.09 31.18
CA ASP A 126 12.64 43.07 32.63
C ASP A 126 13.40 44.28 33.17
N VAL A 127 12.84 45.46 32.92
CA VAL A 127 13.50 46.72 33.24
C VAL A 127 12.94 47.29 34.56
N SER A 128 11.65 47.06 34.81
CA SER A 128 10.96 47.70 35.91
C SER A 128 11.33 47.04 37.25
N LYS A 129 11.23 47.82 38.32
CA LYS A 129 11.63 47.39 39.66
C LYS A 129 10.50 46.77 40.45
N GLU A 130 9.30 47.30 40.31
CA GLU A 130 8.11 46.97 41.05
C GLU A 130 7.09 46.31 40.13
N PRO A 131 6.25 45.42 40.64
CA PRO A 131 5.16 44.87 39.82
C PRO A 131 4.11 45.92 39.56
N MET A 132 3.39 45.77 38.44
CA MET A 132 2.32 46.69 38.16
C MET A 132 1.23 46.57 39.23
N VAL A 133 0.42 47.63 39.35
CA VAL A 133 -0.68 47.71 40.32
C VAL A 133 -1.71 46.65 39.94
N PRO A 134 -2.61 46.26 40.84
CA PRO A 134 -3.54 45.17 40.53
C PRO A 134 -4.33 45.42 39.25
N LEU A 135 -4.37 44.40 38.39
CA LEU A 135 -5.05 44.50 37.11
C LEU A 135 -5.72 43.17 36.80
N ILE A 136 -6.98 43.24 36.35
CA ILE A 136 -7.71 42.10 35.85
C ILE A 136 -8.03 42.39 34.37
N ALA A 137 -7.77 41.41 33.50
CA ALA A 137 -7.94 41.58 32.05
C ALA A 137 -9.14 40.77 31.56
N ILE A 138 -10.05 41.43 30.86
CA ILE A 138 -11.22 40.79 30.28
C ILE A 138 -11.08 40.85 28.77
N ASN A 139 -11.06 39.69 28.13
CA ASN A 139 -10.64 39.55 26.75
C ASN A 139 -11.84 39.43 25.82
N THR A 140 -11.93 40.30 24.83
CA THR A 140 -13.09 40.32 23.91
C THR A 140 -12.67 39.91 22.49
N THR A 141 -11.37 39.74 22.25
CA THR A 141 -10.89 39.28 20.92
C THR A 141 -10.30 37.88 21.06
N ALA A 142 -10.30 37.13 19.98
CA ALA A 142 -9.69 35.78 20.00
C ALA A 142 -8.36 35.81 19.23
N GLY A 143 -7.37 36.51 19.77
CA GLY A 143 -6.06 36.45 19.13
C GLY A 143 -4.86 36.88 19.94
N THR A 144 -5.00 37.76 20.92
CA THR A 144 -3.78 38.33 21.56
C THR A 144 -3.21 37.49 22.71
N GLY A 145 -4.04 37.06 23.66
CA GLY A 145 -3.53 36.36 24.85
C GLY A 145 -2.91 37.33 25.84
N SER A 146 -3.03 38.63 25.60
CA SER A 146 -2.40 39.66 26.48
C SER A 146 -2.97 39.53 27.89
N GLU A 147 -4.19 39.02 28.00
CA GLU A 147 -4.67 38.82 29.34
C GLU A 147 -3.84 37.82 30.13
N LEU A 148 -2.92 37.09 29.47
CA LEU A 148 -2.07 36.06 30.08
C LEU A 148 -0.59 36.39 30.10
N THR A 149 -0.13 37.40 29.38
CA THR A 149 1.29 37.49 29.04
C THR A 149 2.01 38.58 29.81
N LYS A 150 3.33 38.47 29.84
CA LYS A 150 4.17 39.54 30.36
C LYS A 150 4.59 40.54 29.27
N PHE A 151 3.77 40.69 28.23
CA PHE A 151 4.00 41.59 27.12
C PHE A 151 3.09 42.80 27.19
N THR A 152 3.59 43.93 26.69
CA THR A 152 2.75 45.08 26.39
C THR A 152 3.43 45.88 25.28
N ILE A 153 2.65 46.23 24.25
CA ILE A 153 3.16 46.83 23.02
C ILE A 153 2.64 48.27 22.95
N ILE A 154 3.50 49.24 23.21
CA ILE A 154 3.11 50.65 23.24
C ILE A 154 3.85 51.40 22.14
N THR A 155 3.09 52.10 21.31
CA THR A 155 3.66 52.84 20.18
C THR A 155 4.35 54.12 20.66
N ASP A 156 5.65 54.18 20.48
CA ASP A 156 6.41 55.42 20.58
C ASP A 156 6.10 56.25 19.34
N THR A 157 5.40 57.38 19.50
CA THR A 157 4.85 58.07 18.34
C THR A 157 5.88 58.97 17.65
N GLU A 158 6.90 59.42 18.37
CA GLU A 158 7.97 60.15 17.71
C GLU A 158 8.77 59.24 16.79
N ARG A 159 9.10 58.02 17.23
CA ARG A 159 9.93 57.11 16.44
C ARG A 159 9.14 56.18 15.55
N LYS A 160 7.80 56.16 15.65
CA LYS A 160 6.95 55.24 14.88
C LYS A 160 7.34 53.77 15.10
N VAL A 161 7.69 53.42 16.34
CA VAL A 161 8.02 52.05 16.73
C VAL A 161 6.99 51.58 17.76
N LYS A 162 6.25 50.52 17.46
CA LYS A 162 5.54 49.79 18.52
C LYS A 162 6.57 49.13 19.42
N MET A 163 6.77 49.66 20.63
CA MET A 163 7.80 49.14 21.50
C MET A 163 7.27 47.91 22.24
N ALA A 164 8.13 46.88 22.31
CA ALA A 164 7.82 45.64 23.01
C ALA A 164 8.43 45.70 24.41
N ILE A 165 7.56 45.80 25.42
CA ILE A 165 7.94 45.76 26.83
C ILE A 165 7.64 44.35 27.34
N VAL A 166 8.68 43.59 27.64
CA VAL A 166 8.58 42.21 28.06
C VAL A 166 9.04 42.16 29.50
N ASP A 167 8.09 41.99 30.43
CA ASP A 167 8.38 42.21 31.85
C ASP A 167 7.47 41.32 32.69
N LYS A 168 8.08 40.44 33.49
CA LYS A 168 7.40 39.65 34.51
C LYS A 168 6.40 40.49 35.30
N HIS A 169 6.71 41.76 35.48
CA HIS A 169 5.89 42.65 36.29
C HIS A 169 4.60 43.08 35.62
N VAL A 170 4.32 42.72 34.37
CA VAL A 170 3.05 43.11 33.77
C VAL A 170 2.13 41.92 33.52
N THR A 171 2.42 40.76 34.12
CA THR A 171 1.47 39.65 34.09
C THR A 171 0.22 40.05 34.86
N PRO A 172 -0.96 40.06 34.25
CA PRO A 172 -2.19 40.40 35.01
C PRO A 172 -2.35 39.54 36.26
N THR A 173 -2.99 40.12 37.29
CA THR A 173 -3.34 39.36 38.49
C THR A 173 -4.25 38.18 38.16
N LEU A 174 -5.15 38.38 37.20
CA LEU A 174 -6.22 37.43 36.94
C LEU A 174 -6.76 37.74 35.56
N SER A 175 -7.22 36.72 34.86
CA SER A 175 -7.68 36.89 33.50
C SER A 175 -9.05 36.24 33.33
N ILE A 176 -9.84 36.81 32.42
CA ILE A 176 -11.17 36.35 32.09
C ILE A 176 -11.28 36.25 30.59
N ASN A 177 -11.81 35.14 30.11
CA ASN A 177 -11.85 34.86 28.70
C ASN A 177 -13.26 34.35 28.37
N ASP A 178 -14.19 35.29 28.16
CA ASP A 178 -15.61 34.94 28.06
C ASP A 178 -15.99 34.88 26.60
N PRO A 179 -16.27 33.71 26.04
CA PRO A 179 -16.60 33.64 24.61
C PRO A 179 -17.88 34.40 24.23
N GLU A 180 -18.77 34.68 25.18
CA GLU A 180 -19.98 35.46 24.87
C GLU A 180 -19.65 36.90 24.45
N LEU A 181 -18.61 37.49 25.04
CA LEU A 181 -18.14 38.80 24.65
C LEU A 181 -17.47 38.82 23.28
N MET A 182 -17.29 37.65 22.64
CA MET A 182 -16.53 37.58 21.40
C MET A 182 -17.42 37.38 20.17
N VAL A 183 -18.69 37.03 20.36
CA VAL A 183 -19.63 36.81 19.26
C VAL A 183 -19.75 38.01 18.35
N GLY A 184 -19.52 39.22 18.88
CA GLY A 184 -19.76 40.41 18.12
C GLY A 184 -18.67 40.81 17.15
N MET A 185 -17.53 40.14 17.19
CA MET A 185 -16.44 40.48 16.28
C MET A 185 -16.94 40.39 14.83
N PRO A 186 -16.83 41.45 14.04
CA PRO A 186 -17.09 41.30 12.61
C PRO A 186 -16.04 40.41 11.96
N PRO A 187 -16.35 39.82 10.79
CA PRO A 187 -15.42 38.88 10.16
C PRO A 187 -13.97 39.33 10.08
N SER A 188 -13.69 40.53 9.58
CA SER A 188 -12.29 40.86 9.35
C SER A 188 -11.51 41.00 10.67
N LEU A 189 -12.20 41.35 11.76
CA LEU A 189 -11.56 41.38 13.08
C LEU A 189 -11.33 39.95 13.61
N THR A 190 -12.34 39.08 13.45
CA THR A 190 -12.16 37.65 13.75
C THR A 190 -10.93 37.09 13.05
N ALA A 191 -10.79 37.39 11.75
CA ALA A 191 -9.72 36.80 10.95
C ALA A 191 -8.37 37.36 11.38
N ALA A 192 -8.28 38.68 11.50
CA ALA A 192 -7.02 39.31 11.87
C ALA A 192 -6.51 38.82 13.24
N THR A 193 -7.40 38.69 14.24
CA THR A 193 -6.95 38.24 15.55
C THR A 193 -6.68 36.74 15.56
N GLY A 194 -7.53 35.95 14.89
CA GLY A 194 -7.22 34.54 14.69
C GLY A 194 -5.85 34.29 14.06
N LEU A 195 -5.50 35.05 13.03
CA LEU A 195 -4.22 34.89 12.38
C LEU A 195 -3.09 35.43 13.24
N ASP A 196 -3.39 36.38 14.13
CA ASP A 196 -2.38 36.74 15.12
C ASP A 196 -2.12 35.56 16.04
N ALA A 197 -3.19 34.85 16.44
CA ALA A 197 -3.02 33.67 17.28
C ALA A 197 -2.21 32.58 16.56
N LEU A 198 -2.50 32.33 15.27
CA LEU A 198 -1.73 31.33 14.52
C LEU A 198 -0.26 31.72 14.43
N THR A 199 0.02 33.02 14.30
CA THR A 199 1.39 33.47 14.28
C THR A 199 2.06 33.31 15.65
N HIS A 200 1.32 33.57 16.73
CA HIS A 200 1.86 33.24 18.06
C HIS A 200 2.25 31.77 18.13
N ALA A 201 1.35 30.88 17.71
CA ALA A 201 1.61 29.45 17.85
C ALA A 201 2.78 29.01 16.96
N ILE A 202 2.84 29.50 15.71
CA ILE A 202 3.91 29.08 14.80
C ILE A 202 5.25 29.63 15.26
N GLU A 203 5.34 30.93 15.56
CA GLU A 203 6.63 31.48 15.99
C GLU A 203 7.08 30.83 17.30
N ALA A 204 6.17 30.63 18.26
CA ALA A 204 6.53 29.92 19.50
C ALA A 204 7.12 28.55 19.20
N TYR A 205 6.47 27.80 18.31
CA TYR A 205 6.92 26.44 18.01
C TYR A 205 8.34 26.42 17.41
N VAL A 206 8.71 27.41 16.58
CA VAL A 206 10.05 27.44 15.98
C VAL A 206 11.04 28.32 16.77
N SER A 207 10.63 28.90 17.89
CA SER A 207 11.54 29.73 18.66
C SER A 207 12.68 28.91 19.24
N THR A 208 13.84 29.57 19.39
CA THR A 208 14.93 28.98 20.16
C THR A 208 14.63 28.95 21.65
N GLY A 209 13.57 29.60 22.12
CA GLY A 209 13.14 29.45 23.49
C GLY A 209 12.07 28.42 23.71
N ALA A 210 11.79 27.55 22.72
CA ALA A 210 10.78 26.52 22.91
C ALA A 210 11.22 25.51 23.96
N THR A 211 10.23 24.97 24.67
CA THR A 211 10.36 23.91 25.65
C THR A 211 9.26 22.92 25.38
N PRO A 212 9.29 21.74 25.99
CA PRO A 212 8.19 20.78 25.77
C PRO A 212 6.86 21.30 26.31
N ILE A 213 6.86 22.18 27.30
CA ILE A 213 5.60 22.77 27.74
C ILE A 213 5.06 23.71 26.66
N THR A 214 5.89 24.66 26.19
CA THR A 214 5.40 25.57 25.15
C THR A 214 5.06 24.80 23.88
N ASP A 215 5.82 23.78 23.55
CA ASP A 215 5.50 22.95 22.39
C ASP A 215 4.07 22.40 22.48
N ALA A 216 3.70 21.86 23.64
CA ALA A 216 2.40 21.21 23.75
C ALA A 216 1.30 22.21 23.44
N LEU A 217 1.41 23.42 23.99
CA LEU A 217 0.38 24.42 23.83
C LEU A 217 0.27 24.89 22.38
N ALA A 218 1.42 25.18 21.74
CA ALA A 218 1.44 25.66 20.36
C ALA A 218 0.84 24.63 19.38
N ILE A 219 1.20 23.35 19.53
CA ILE A 219 0.65 22.32 18.64
C ILE A 219 -0.87 22.31 18.69
N GLN A 220 -1.44 22.37 19.90
CA GLN A 220 -2.88 22.35 20.01
C GLN A 220 -3.49 23.61 19.40
N ALA A 221 -2.88 24.77 19.64
CA ALA A 221 -3.38 26.00 19.04
C ALA A 221 -3.46 25.90 17.52
N ILE A 222 -2.40 25.38 16.88
CA ILE A 222 -2.37 25.30 15.42
C ILE A 222 -3.44 24.34 14.92
N LYS A 223 -3.57 23.18 15.54
CA LYS A 223 -4.58 22.23 15.11
C LYS A 223 -5.99 22.80 15.24
N ILE A 224 -6.26 23.56 16.31
CA ILE A 224 -7.60 24.09 16.56
C ILE A 224 -7.91 25.23 15.60
N ILE A 225 -6.95 26.15 15.45
CA ILE A 225 -7.13 27.27 14.53
C ILE A 225 -7.40 26.78 13.12
N SER A 226 -6.73 25.69 12.72
CA SER A 226 -6.86 25.27 11.34
C SER A 226 -8.28 24.76 11.05
N LYS A 227 -8.94 24.21 12.07
CA LYS A 227 -10.30 23.72 11.92
C LYS A 227 -11.34 24.82 12.10
N TYR A 228 -11.16 25.71 13.07
CA TYR A 228 -12.27 26.51 13.57
C TYR A 228 -12.18 27.99 13.19
N LEU A 229 -10.97 28.54 12.98
CA LEU A 229 -10.87 29.91 12.52
C LEU A 229 -11.68 30.17 11.26
N PRO A 230 -11.57 29.38 10.18
CA PRO A 230 -12.39 29.71 8.99
C PRO A 230 -13.88 29.68 9.30
N ARG A 231 -14.28 28.85 10.27
CA ARG A 231 -15.69 28.76 10.63
C ARG A 231 -16.16 30.02 11.35
N ALA A 232 -15.34 30.48 12.30
CA ALA A 232 -15.63 31.72 13.01
C ALA A 232 -15.70 32.89 12.04
N VAL A 233 -14.80 32.95 11.06
CA VAL A 233 -14.86 34.01 10.07
C VAL A 233 -16.13 33.88 9.24
N ALA A 234 -16.49 32.65 8.88
CA ALA A 234 -17.64 32.44 8.02
C ALA A 234 -18.94 32.81 8.70
N ASN A 235 -19.12 32.42 9.97
CA ASN A 235 -20.35 32.72 10.72
C ASN A 235 -19.99 33.08 12.16
N GLY A 236 -20.01 34.38 12.48
CA GLY A 236 -19.70 34.84 13.81
C GLY A 236 -20.59 34.30 14.92
N LYS A 237 -21.75 33.73 14.56
CA LYS A 237 -22.69 33.19 15.54
C LYS A 237 -22.58 31.68 15.68
N ASP A 238 -21.61 31.05 15.02
CA ASP A 238 -21.21 29.66 15.26
C ASP A 238 -20.56 29.59 16.63
N ILE A 239 -21.33 29.18 17.65
CA ILE A 239 -20.87 29.32 19.02
C ILE A 239 -19.71 28.37 19.30
N GLU A 240 -19.71 27.20 18.68
CA GLU A 240 -18.66 26.23 18.94
C GLU A 240 -17.32 26.70 18.36
N ALA A 241 -17.36 27.40 17.23
CA ALA A 241 -16.12 27.96 16.69
C ALA A 241 -15.60 29.11 17.56
N ARG A 242 -16.50 29.96 18.06
CA ARG A 242 -16.07 31.02 18.98
C ARG A 242 -15.40 30.45 20.24
N GLU A 243 -15.96 29.36 20.80
CA GLU A 243 -15.37 28.80 22.01
C GLU A 243 -14.03 28.13 21.72
N GLN A 244 -13.94 27.42 20.60
CA GLN A 244 -12.67 26.82 20.24
C GLN A 244 -11.59 27.90 20.04
N MET A 245 -11.92 28.98 19.31
CA MET A 245 -10.95 30.04 19.07
C MET A 245 -10.54 30.75 20.37
N ALA A 246 -11.44 30.83 21.34
CA ALA A 246 -11.08 31.38 22.64
C ALA A 246 -10.09 30.48 23.39
N PHE A 247 -10.20 29.16 23.21
CA PHE A 247 -9.14 28.28 23.69
C PHE A 247 -7.87 28.40 22.85
N ALA A 248 -8.01 28.50 21.52
CA ALA A 248 -6.81 28.53 20.68
C ALA A 248 -5.97 29.76 20.98
N GLN A 249 -6.60 30.91 21.17
CA GLN A 249 -5.85 32.14 21.42
C GLN A 249 -5.20 32.13 22.79
N SER A 250 -5.82 31.49 23.79
CA SER A 250 -5.17 31.36 25.10
C SER A 250 -3.96 30.43 25.02
N LEU A 251 -4.12 29.28 24.35
CA LEU A 251 -3.01 28.34 24.18
C LEU A 251 -1.83 29.02 23.52
N ALA A 252 -2.09 29.78 22.43
CA ALA A 252 -1.01 30.43 21.72
C ALA A 252 -0.37 31.51 22.59
N GLY A 253 -1.18 32.24 23.36
CA GLY A 253 -0.63 33.17 24.34
C GLY A 253 0.33 32.50 25.29
N MET A 254 -0.11 31.44 25.95
CA MET A 254 0.79 30.72 26.87
C MET A 254 2.04 30.24 26.15
N ALA A 255 1.90 29.79 24.90
CA ALA A 255 3.05 29.28 24.18
C ALA A 255 4.07 30.40 23.93
N PHE A 256 3.62 31.54 23.33
CA PHE A 256 4.63 32.51 22.93
C PHE A 256 5.14 33.28 24.13
N ASN A 257 4.27 33.51 25.13
CA ASN A 257 4.68 34.23 26.32
C ASN A 257 5.91 33.60 26.93
N ASN A 258 6.08 32.29 26.77
CA ASN A 258 7.15 31.57 27.42
C ASN A 258 8.19 31.02 26.47
N ALA A 259 7.88 30.91 25.16
CA ALA A 259 8.88 30.49 24.19
C ALA A 259 9.55 31.69 23.52
N GLY A 260 8.81 32.77 23.27
CA GLY A 260 9.27 33.87 22.46
C GLY A 260 8.61 33.87 21.09
N LEU A 261 8.80 34.97 20.38
CA LEU A 261 8.28 35.13 19.01
C LEU A 261 9.46 35.06 18.04
N GLY A 262 9.39 35.78 16.95
CA GLY A 262 10.48 35.87 16.00
C GLY A 262 10.32 37.07 15.10
N TYR A 263 10.94 37.00 13.91
CA TYR A 263 11.00 38.17 13.03
C TYR A 263 9.65 38.53 12.41
N VAL A 264 8.64 37.63 12.40
CA VAL A 264 7.31 38.10 12.01
C VAL A 264 6.88 39.26 12.90
N HIS A 265 6.88 39.06 14.22
CA HIS A 265 6.44 40.13 15.13
C HIS A 265 7.42 41.30 15.14
N ALA A 266 8.72 41.01 15.06
CA ALA A 266 9.71 42.09 15.08
C ALA A 266 9.55 43.02 13.88
N ILE A 267 9.14 42.49 12.73
CA ILE A 267 8.90 43.34 11.58
C ILE A 267 7.49 43.94 11.62
N ALA A 268 6.46 43.16 11.94
CA ALA A 268 5.10 43.70 12.06
C ALA A 268 5.04 44.92 12.99
N HIS A 269 5.79 44.88 14.09
CA HIS A 269 5.80 46.01 15.00
C HIS A 269 6.28 47.30 14.33
N GLN A 270 7.19 47.21 13.38
CA GLN A 270 7.61 48.41 12.68
C GLN A 270 6.56 48.86 11.67
N LEU A 271 6.00 47.92 10.89
CA LEU A 271 4.94 48.31 9.96
C LEU A 271 3.72 48.86 10.70
N GLY A 272 3.48 48.40 11.94
CA GLY A 272 2.40 48.94 12.75
C GLY A 272 2.73 50.30 13.32
N GLY A 273 3.98 50.46 13.77
CA GLY A 273 4.42 51.74 14.28
C GLY A 273 4.44 52.85 13.23
N PHE A 274 4.76 52.49 11.98
CA PHE A 274 4.84 53.48 10.90
C PHE A 274 3.48 53.83 10.29
N TYR A 275 2.59 52.85 10.07
CA TYR A 275 1.37 53.06 9.29
C TYR A 275 0.07 52.71 10.00
N ASN A 276 0.11 52.27 11.27
CA ASN A 276 -1.09 51.95 12.06
C ASN A 276 -1.94 50.85 11.42
N PHE A 277 -1.29 49.88 10.77
CA PHE A 277 -2.03 48.73 10.27
C PHE A 277 -2.51 47.84 11.42
N PRO A 278 -3.60 47.09 11.21
CA PRO A 278 -3.99 46.09 12.20
C PRO A 278 -2.89 45.05 12.37
N HIS A 279 -2.63 44.71 13.64
CA HIS A 279 -1.48 43.87 13.96
C HIS A 279 -1.56 42.50 13.28
N GLY A 280 -2.73 41.88 13.28
CA GLY A 280 -2.86 40.55 12.67
C GLY A 280 -2.84 40.55 11.15
N VAL A 281 -3.12 41.70 10.53
CA VAL A 281 -2.93 41.80 9.09
C VAL A 281 -1.44 41.88 8.74
N CYS A 282 -0.64 42.55 9.57
CA CYS A 282 0.79 42.59 9.34
C CYS A 282 1.41 41.22 9.53
N ASN A 283 1.00 40.50 10.58
CA ASN A 283 1.47 39.14 10.76
C ASN A 283 1.09 38.28 9.57
N ALA A 284 -0.15 38.41 9.09
CA ALA A 284 -0.61 37.51 8.04
C ALA A 284 0.17 37.74 6.74
N VAL A 285 0.53 38.98 6.44
CA VAL A 285 1.29 39.24 5.22
C VAL A 285 2.72 38.72 5.36
N LEU A 286 3.36 38.98 6.50
CA LEU A 286 4.75 38.61 6.68
C LEU A 286 4.98 37.13 6.94
N LEU A 287 4.04 36.46 7.62
CA LEU A 287 4.22 35.08 8.07
C LEU A 287 4.80 34.16 7.00
N PRO A 288 4.27 34.08 5.77
CA PRO A 288 4.90 33.18 4.79
C PRO A 288 6.30 33.60 4.40
N TYR A 289 6.63 34.89 4.47
CA TYR A 289 7.98 35.28 4.06
C TYR A 289 8.97 34.97 5.17
N VAL A 290 8.59 35.15 6.42
CA VAL A 290 9.55 34.87 7.46
C VAL A 290 9.72 33.37 7.63
N CYS A 291 8.65 32.60 7.41
CA CYS A 291 8.75 31.14 7.48
C CYS A 291 9.68 30.58 6.41
N ARG A 292 9.42 30.95 5.15
CA ARG A 292 10.30 30.59 4.05
C ARG A 292 11.75 30.89 4.37
N PHE A 293 12.01 32.07 4.93
CA PHE A 293 13.37 32.46 5.29
C PHE A 293 13.92 31.61 6.44
N ASN A 294 13.07 31.26 7.41
CA ASN A 294 13.49 30.48 8.59
C ASN A 294 13.64 29.00 8.28
N LEU A 295 13.13 28.54 7.13
CA LEU A 295 12.93 27.12 6.87
C LEU A 295 14.19 26.28 7.15
N ILE A 296 15.35 26.72 6.68
CA ILE A 296 16.53 25.87 6.81
C ILE A 296 16.91 25.64 8.26
N SER A 297 16.47 26.50 9.17
CA SER A 297 16.89 26.31 10.55
C SER A 297 15.94 25.40 11.36
N LYS A 298 14.73 25.15 10.86
CA LYS A 298 13.70 24.41 11.59
C LYS A 298 12.88 23.56 10.62
N VAL A 299 13.56 22.86 9.72
CA VAL A 299 12.85 22.23 8.62
C VAL A 299 11.90 21.14 9.13
N GLU A 300 12.33 20.37 10.15
CA GLU A 300 11.49 19.29 10.68
C GLU A 300 10.27 19.86 11.40
N ARG A 301 10.45 20.97 12.14
CA ARG A 301 9.31 21.58 12.80
C ARG A 301 8.35 22.23 11.80
N TYR A 302 8.83 22.80 10.68
CA TYR A 302 7.88 23.29 9.70
C TYR A 302 7.14 22.13 9.03
N ALA A 303 7.80 20.99 8.85
CA ALA A 303 7.13 19.86 8.21
C ALA A 303 6.01 19.30 9.09
N GLU A 304 6.27 19.16 10.40
CA GLU A 304 5.21 18.82 11.34
C GLU A 304 4.06 19.83 11.28
N ILE A 305 4.37 21.14 11.29
CA ILE A 305 3.36 22.20 11.20
C ILE A 305 2.43 21.97 10.00
N ALA A 306 2.97 21.48 8.89
CA ALA A 306 2.12 21.19 7.73
C ALA A 306 1.11 20.08 8.04
N ALA A 307 1.52 19.09 8.83
CA ALA A 307 0.56 18.08 9.27
C ALA A 307 -0.50 18.69 10.18
N PHE A 308 -0.09 19.51 11.16
CA PHE A 308 -1.07 20.11 12.08
C PHE A 308 -2.13 20.90 11.32
N LEU A 309 -1.73 21.62 10.26
CA LEU A 309 -2.68 22.38 9.44
C LEU A 309 -3.49 21.49 8.49
N GLY A 310 -3.42 20.16 8.60
CA GLY A 310 -4.20 19.31 7.74
C GLY A 310 -3.56 18.86 6.43
N GLU A 311 -2.35 19.32 6.10
CA GLU A 311 -1.78 18.90 4.83
C GLU A 311 -1.45 17.40 4.85
N ASN A 312 -1.39 16.83 3.65
CA ASN A 312 -0.97 15.45 3.45
C ASN A 312 0.50 15.46 3.01
N VAL A 313 1.37 14.91 3.84
CA VAL A 313 2.81 14.91 3.56
C VAL A 313 3.31 13.51 3.19
N ASP A 314 2.40 12.62 2.75
CA ASP A 314 2.74 11.24 2.40
C ASP A 314 3.78 11.20 1.30
N GLY A 315 4.86 10.46 1.53
CA GLY A 315 5.84 10.25 0.48
C GLY A 315 6.65 11.46 0.09
N LEU A 316 6.82 12.43 0.99
CA LEU A 316 7.54 13.66 0.74
C LEU A 316 8.77 13.75 1.63
N SER A 317 9.83 14.37 1.11
CA SER A 317 10.93 14.81 1.97
C SER A 317 10.43 15.77 3.07
N THR A 318 11.23 15.89 4.12
CA THR A 318 10.94 16.88 5.14
C THR A 318 10.89 18.26 4.53
N TYR A 319 11.80 18.52 3.61
CA TYR A 319 11.84 19.81 2.94
C TYR A 319 10.59 20.07 2.13
N ASP A 320 10.12 19.08 1.37
CA ASP A 320 8.91 19.29 0.59
C ASP A 320 7.69 19.43 1.49
N ALA A 321 7.70 18.71 2.62
CA ALA A 321 6.61 18.83 3.57
C ALA A 321 6.56 20.22 4.16
N ALA A 322 7.72 20.75 4.57
CA ALA A 322 7.75 22.09 5.15
C ALA A 322 7.24 23.14 4.18
N GLU A 323 7.51 22.96 2.88
CA GLU A 323 7.00 23.90 1.89
C GLU A 323 5.47 23.87 1.81
N LYS A 324 4.85 22.70 2.01
CA LYS A 324 3.39 22.67 2.02
C LYS A 324 2.82 23.45 3.19
N ALA A 325 3.61 23.68 4.24
CA ALA A 325 3.13 24.47 5.36
C ALA A 325 2.98 25.94 4.96
N ILE A 326 3.98 26.49 4.27
CA ILE A 326 3.88 27.86 3.76
C ILE A 326 2.71 27.97 2.80
N LYS A 327 2.49 26.94 1.96
CA LYS A 327 1.38 27.02 1.02
C LYS A 327 0.06 27.00 1.76
N ALA A 328 -0.02 26.23 2.85
CA ALA A 328 -1.25 26.18 3.63
C ALA A 328 -1.52 27.50 4.35
N ILE A 329 -0.49 28.14 4.87
CA ILE A 329 -0.63 29.47 5.48
C ILE A 329 -1.08 30.50 4.44
N GLU A 330 -0.45 30.45 3.25
CA GLU A 330 -0.86 31.33 2.17
C GLU A 330 -2.32 31.12 1.79
N ARG A 331 -2.77 29.86 1.72
CA ARG A 331 -4.15 29.59 1.32
C ARG A 331 -5.15 30.06 2.38
N MET A 332 -4.82 29.86 3.66
CA MET A 332 -5.71 30.33 4.72
C MET A 332 -5.85 31.85 4.66
N ALA A 333 -4.73 32.58 4.57
CA ALA A 333 -4.77 34.04 4.47
C ALA A 333 -5.67 34.48 3.33
N LYS A 334 -5.46 33.90 2.14
CA LYS A 334 -6.26 34.22 0.96
C LYS A 334 -7.74 33.90 1.18
N ASP A 335 -8.03 32.82 1.90
CA ASP A 335 -9.42 32.46 2.13
C ASP A 335 -10.11 33.39 3.11
N LEU A 336 -9.37 34.05 3.99
CA LEU A 336 -9.96 35.00 4.93
C LEU A 336 -9.76 36.46 4.50
N ASN A 337 -9.32 36.68 3.25
CA ASN A 337 -9.23 38.02 2.67
C ASN A 337 -8.19 38.88 3.36
N ILE A 338 -6.94 38.45 3.35
CA ILE A 338 -5.89 39.32 3.87
C ILE A 338 -5.30 40.05 2.68
N PRO A 339 -4.87 41.30 2.82
CA PRO A 339 -4.00 41.93 1.81
C PRO A 339 -2.88 40.99 1.39
N LYS A 340 -2.66 40.90 0.08
CA LYS A 340 -1.56 40.04 -0.37
C LYS A 340 -0.22 40.69 -0.07
N GLY A 341 -0.18 42.02 -0.07
CA GLY A 341 1.00 42.78 0.29
C GLY A 341 0.67 44.10 0.98
N PHE A 342 1.72 44.81 1.35
CA PHE A 342 1.65 46.06 2.09
C PHE A 342 1.54 47.30 1.22
N LYS A 343 1.98 47.21 -0.04
CA LYS A 343 2.05 48.40 -0.87
C LYS A 343 0.65 48.97 -1.11
N GLU A 344 -0.33 48.09 -1.36
CA GLU A 344 -1.73 48.47 -1.50
C GLU A 344 -2.33 49.01 -0.20
N LEU A 345 -1.62 48.89 0.92
CA LEU A 345 -2.09 49.45 2.18
C LEU A 345 -1.47 50.80 2.47
N GLY A 346 -0.41 51.20 1.74
CA GLY A 346 0.17 52.53 1.88
C GLY A 346 1.62 52.57 2.34
N ALA A 347 2.28 51.42 2.47
CA ALA A 347 3.68 51.41 2.87
C ALA A 347 4.54 52.03 1.78
N LYS A 348 5.67 52.60 2.18
CA LYS A 348 6.52 53.36 1.27
C LYS A 348 7.92 52.76 1.21
N GLU A 349 8.43 52.58 -0.01
CA GLU A 349 9.74 51.97 -0.22
C GLU A 349 10.85 52.66 0.56
N GLU A 350 10.83 54.00 0.62
CA GLU A 350 11.89 54.76 1.27
C GLU A 350 11.97 54.52 2.77
N ASP A 351 10.94 53.93 3.36
CA ASP A 351 10.92 53.58 4.78
C ASP A 351 11.59 52.26 5.10
N ILE A 352 11.83 51.43 4.08
CA ILE A 352 12.12 50.04 4.31
C ILE A 352 13.42 49.87 5.09
N GLU A 353 14.43 50.69 4.79
CA GLU A 353 15.66 50.62 5.56
C GLU A 353 15.45 50.96 7.04
N THR A 354 14.53 51.87 7.33
CA THR A 354 14.31 52.24 8.72
C THR A 354 13.50 51.16 9.44
N LEU A 355 12.48 50.63 8.76
CA LEU A 355 11.72 49.50 9.29
C LEU A 355 12.64 48.36 9.68
N ALA A 356 13.51 47.96 8.75
CA ALA A 356 14.38 46.83 8.98
C ALA A 356 15.34 47.09 10.12
N LYS A 357 15.82 48.33 10.25
CA LYS A 357 16.78 48.55 11.33
C LYS A 357 16.08 48.56 12.69
N ASN A 358 14.83 49.03 12.72
CA ASN A 358 14.09 49.03 13.97
C ASN A 358 13.71 47.60 14.38
N ALA A 359 13.34 46.75 13.42
CA ALA A 359 13.00 45.37 13.75
C ALA A 359 14.16 44.63 14.40
N MET A 360 15.40 44.94 14.00
CA MET A 360 16.49 44.18 14.58
C MET A 360 16.76 44.55 16.04
N LYS A 361 16.17 45.65 16.53
CA LYS A 361 16.20 46.04 17.93
C LYS A 361 15.02 45.49 18.74
N ASP A 362 14.01 44.88 18.10
CA ASP A 362 12.86 44.35 18.84
C ASP A 362 13.22 43.06 19.59
N ALA A 363 12.72 42.95 20.82
CA ALA A 363 12.99 41.79 21.66
C ALA A 363 12.55 40.48 21.02
N CYS A 364 11.55 40.50 20.15
CA CYS A 364 11.12 39.27 19.50
C CYS A 364 12.17 38.74 18.52
N ALA A 365 12.99 39.61 17.93
CA ALA A 365 14.07 39.11 17.09
C ALA A 365 14.96 38.12 17.85
N LEU A 366 15.07 38.28 19.17
CA LEU A 366 16.06 37.55 19.94
C LEU A 366 15.89 36.03 19.85
N THR A 367 14.65 35.56 19.67
CA THR A 367 14.39 34.12 19.68
C THR A 367 14.09 33.55 18.31
N ASN A 368 14.09 34.37 17.25
CA ASN A 368 13.88 33.85 15.89
C ASN A 368 14.96 32.82 15.57
N PRO A 369 14.61 31.68 14.96
CA PRO A 369 15.58 30.59 14.83
C PRO A 369 16.67 30.81 13.77
N ARG A 370 16.46 31.72 12.81
CA ARG A 370 17.52 32.11 11.89
C ARG A 370 18.00 33.53 12.22
N LYS A 371 19.31 33.73 12.27
CA LYS A 371 19.88 35.03 12.58
C LYS A 371 20.16 35.80 11.30
N PRO A 372 19.47 36.89 11.01
CA PRO A 372 19.67 37.58 9.74
C PRO A 372 20.68 38.72 9.82
N LYS A 373 21.39 38.94 8.71
CA LYS A 373 22.04 40.22 8.45
C LYS A 373 20.99 41.27 8.13
N LEU A 374 21.34 42.54 8.37
CA LEU A 374 20.39 43.62 8.07
C LEU A 374 19.86 43.55 6.64
N GLU A 375 20.72 43.19 5.68
CA GLU A 375 20.28 43.09 4.30
C GLU A 375 19.20 42.02 4.12
N GLU A 376 19.26 40.94 4.89
CA GLU A 376 18.23 39.90 4.76
C GLU A 376 16.88 40.38 5.29
N VAL A 377 16.89 41.13 6.38
CA VAL A 377 15.67 41.76 6.89
C VAL A 377 15.08 42.69 5.82
N ILE A 378 15.94 43.43 5.13
CA ILE A 378 15.49 44.36 4.10
C ILE A 378 14.78 43.62 2.97
N GLN A 379 15.34 42.49 2.50
CA GLN A 379 14.67 41.78 1.41
C GLN A 379 13.34 41.20 1.85
N ILE A 380 13.20 40.80 3.12
CA ILE A 380 11.93 40.23 3.59
C ILE A 380 10.82 41.26 3.49
N ILE A 381 11.09 42.46 3.98
CA ILE A 381 10.12 43.54 3.85
C ILE A 381 9.82 43.82 2.38
N LYS A 382 10.85 43.93 1.54
CA LYS A 382 10.62 44.24 0.12
C LYS A 382 9.73 43.19 -0.55
N ASN A 383 9.87 41.92 -0.18
CA ASN A 383 8.96 40.91 -0.72
C ASN A 383 7.53 41.15 -0.24
N ALA A 384 7.39 41.52 1.04
CA ALA A 384 6.10 41.76 1.64
C ALA A 384 5.40 43.01 1.09
N MET A 385 6.12 43.85 0.33
CA MET A 385 5.48 44.97 -0.32
C MET A 385 4.45 44.53 -1.37
N LEU A 386 4.81 43.56 -2.21
CA LEU A 386 3.99 43.21 -3.38
C LEU A 386 2.92 42.15 -3.11
N ASN B 3 -24.46 25.11 32.31
CA ASN B 3 -23.34 26.03 32.11
C ASN B 3 -22.01 25.30 31.76
N THR B 4 -21.13 26.01 31.04
CA THR B 4 -19.90 25.45 30.46
C THR B 4 -18.67 26.25 30.88
N GLN B 5 -18.61 26.73 32.11
CA GLN B 5 -17.43 27.47 32.52
C GLN B 5 -16.33 26.53 33.00
N SER B 6 -15.09 26.99 32.87
CA SER B 6 -13.94 26.26 33.39
C SER B 6 -12.89 27.29 33.77
N ALA B 7 -11.81 26.82 34.40
CA ALA B 7 -10.80 27.73 34.89
C ALA B 7 -9.48 27.01 34.93
N PHE B 8 -8.40 27.78 34.86
CA PHE B 8 -7.08 27.22 34.87
C PHE B 8 -6.25 27.88 35.95
N PHE B 9 -5.64 27.06 36.81
CA PHE B 9 -4.87 27.53 37.96
C PHE B 9 -3.45 26.96 37.90
N MET B 10 -2.47 27.77 38.30
CA MET B 10 -1.11 27.32 38.56
C MET B 10 -0.37 28.48 39.20
N PRO B 11 0.80 28.27 39.81
CA PRO B 11 1.53 29.40 40.39
C PRO B 11 1.89 30.38 39.28
N SER B 12 2.12 31.63 39.66
CA SER B 12 2.37 32.61 38.61
C SER B 12 3.82 32.58 38.12
N VAL B 13 4.73 32.03 38.90
CA VAL B 13 6.13 31.87 38.51
C VAL B 13 6.54 30.43 38.79
N ASN B 14 7.23 29.82 37.82
CA ASN B 14 7.48 28.39 37.82
C ASN B 14 8.86 28.20 37.20
N LEU B 15 9.83 27.75 38.00
CA LEU B 15 11.21 27.68 37.53
C LEU B 15 11.57 26.26 37.13
N PHE B 16 12.30 26.12 36.03
CA PHE B 16 12.73 24.83 35.56
C PHE B 16 14.24 24.83 35.29
N GLY B 17 14.77 23.64 35.14
CA GLY B 17 16.11 23.46 34.61
C GLY B 17 17.17 23.28 35.67
N ALA B 18 18.25 22.60 35.29
CA ALA B 18 19.43 22.38 36.12
C ALA B 18 19.92 23.65 36.78
N GLY B 19 19.91 23.67 38.11
CA GLY B 19 20.43 24.78 38.85
C GLY B 19 19.39 25.75 39.35
N SER B 20 18.14 25.61 38.92
CA SER B 20 17.12 26.60 39.29
C SER B 20 16.92 26.66 40.79
N VAL B 21 17.37 25.65 41.54
CA VAL B 21 17.16 25.66 42.98
C VAL B 21 17.95 26.80 43.62
N ASN B 22 19.05 27.22 43.00
CA ASN B 22 19.84 28.32 43.54
C ASN B 22 19.09 29.66 43.58
N GLU B 23 17.93 29.77 42.96
CA GLU B 23 17.16 31.00 43.07
C GLU B 23 16.27 31.06 44.30
N VAL B 24 16.12 29.97 45.05
CA VAL B 24 15.13 29.93 46.12
C VAL B 24 15.40 31.00 47.17
N GLY B 25 16.68 31.29 47.41
CA GLY B 25 17.03 32.33 48.36
C GLY B 25 16.56 33.69 47.90
N THR B 26 17.03 34.12 46.73
CA THR B 26 16.71 35.47 46.27
C THR B 26 15.23 35.62 45.93
N ARG B 27 14.56 34.54 45.51
CA ARG B 27 13.12 34.60 45.30
C ARG B 27 12.36 34.73 46.61
N LEU B 28 12.88 34.12 47.67
CA LEU B 28 12.20 34.19 48.96
C LEU B 28 12.34 35.58 49.56
N ALA B 29 13.57 36.14 49.52
CA ALA B 29 13.77 37.52 49.90
C ALA B 29 12.80 38.44 49.16
N ASP B 30 12.62 38.21 47.84
CA ASP B 30 11.74 39.06 47.03
C ASP B 30 10.31 39.13 47.56
N LEU B 31 9.86 38.15 48.33
CA LEU B 31 8.52 38.26 48.90
C LEU B 31 8.52 38.98 50.25
N GLY B 32 9.66 39.48 50.70
CA GLY B 32 9.75 40.14 51.99
C GLY B 32 9.34 39.28 53.15
N VAL B 33 9.57 37.97 53.08
CA VAL B 33 9.42 37.10 54.24
C VAL B 33 10.74 37.10 55.01
N LYS B 34 10.67 36.80 56.30
CA LYS B 34 11.81 36.91 57.21
C LYS B 34 12.43 35.58 57.57
N LYS B 35 11.60 34.60 57.94
CA LYS B 35 12.07 33.29 58.35
C LYS B 35 11.08 32.24 57.84
N ALA B 36 11.58 31.29 57.07
CA ALA B 36 10.78 30.22 56.49
C ALA B 36 10.94 28.91 57.27
N LEU B 37 9.84 28.18 57.43
CA LEU B 37 9.88 26.79 57.84
C LEU B 37 10.15 25.90 56.62
N LEU B 38 11.26 25.14 56.66
CA LEU B 38 11.67 24.25 55.58
C LEU B 38 11.08 22.86 55.83
N VAL B 39 9.94 22.59 55.19
CA VAL B 39 9.27 21.30 55.32
C VAL B 39 9.88 20.31 54.34
N THR B 40 10.37 19.18 54.87
CA THR B 40 10.98 18.10 54.10
C THR B 40 10.76 16.79 54.86
N ASP B 41 11.33 15.71 54.37
CA ASP B 41 11.20 14.43 55.06
C ASP B 41 12.56 13.92 55.54
N ALA B 42 12.48 12.90 56.40
CA ALA B 42 13.66 12.38 57.06
C ALA B 42 14.72 11.95 56.06
N GLY B 43 14.30 11.19 55.04
CA GLY B 43 15.26 10.67 54.06
C GLY B 43 16.11 11.75 53.42
N LEU B 44 15.46 12.80 52.91
CA LEU B 44 16.20 13.86 52.26
C LEU B 44 17.01 14.66 53.26
N HIS B 45 16.49 14.78 54.49
CA HIS B 45 17.26 15.40 55.55
C HIS B 45 18.54 14.61 55.86
N GLY B 46 18.43 13.28 55.94
CA GLY B 46 19.61 12.47 56.14
C GLY B 46 20.59 12.54 54.98
N LEU B 47 20.08 12.62 53.74
CA LEU B 47 20.96 12.83 52.60
C LEU B 47 21.66 14.18 52.63
N GLY B 48 21.21 15.10 53.50
CA GLY B 48 21.80 16.42 53.60
C GLY B 48 21.20 17.47 52.69
N LEU B 49 20.18 17.10 51.90
CA LEU B 49 19.57 18.04 50.97
C LEU B 49 18.99 19.24 51.71
N SER B 50 18.49 19.03 52.92
CA SER B 50 17.89 20.14 53.66
C SER B 50 18.94 21.18 54.05
N GLU B 51 20.19 20.75 54.28
CA GLU B 51 21.25 21.69 54.64
C GLU B 51 21.79 22.46 53.44
N LYS B 52 21.88 21.81 52.28
CA LYS B 52 22.30 22.53 51.08
C LYS B 52 21.32 23.64 50.75
N ILE B 53 20.01 23.36 50.84
CA ILE B 53 19.02 24.38 50.52
C ILE B 53 19.00 25.46 51.58
N SER B 54 19.09 25.06 52.86
CA SER B 54 19.04 26.02 53.97
C SER B 54 20.17 27.02 53.88
N SER B 55 21.34 26.56 53.43
CA SER B 55 22.46 27.47 53.21
C SER B 55 22.10 28.54 52.18
N ILE B 56 21.58 28.11 51.03
CA ILE B 56 21.16 29.03 49.97
C ILE B 56 20.19 30.07 50.53
N ILE B 57 19.20 29.63 51.32
CA ILE B 57 18.18 30.56 51.80
C ILE B 57 18.79 31.57 52.76
N ARG B 58 19.78 31.15 53.55
CA ARG B 58 20.27 32.05 54.59
C ARG B 58 21.21 33.09 54.02
N ALA B 59 21.97 32.74 52.98
CA ALA B 59 22.74 33.73 52.24
C ALA B 59 21.88 34.91 51.81
N ALA B 60 20.71 34.63 51.23
CA ALA B 60 19.80 35.69 50.83
C ALA B 60 19.25 36.48 52.01
N GLY B 61 19.66 36.17 53.22
CA GLY B 61 19.20 36.90 54.39
C GLY B 61 17.89 36.44 54.96
N VAL B 62 17.43 35.24 54.62
CA VAL B 62 16.18 34.71 55.14
C VAL B 62 16.51 33.54 56.06
N GLU B 63 15.84 33.49 57.21
CA GLU B 63 16.13 32.49 58.21
C GLU B 63 15.36 31.22 57.92
N VAL B 64 15.94 30.08 58.30
CA VAL B 64 15.30 28.78 58.11
C VAL B 64 15.17 28.08 59.45
N SER B 65 14.04 27.42 59.65
CA SER B 65 13.88 26.41 60.68
C SER B 65 13.51 25.12 59.97
N ILE B 66 14.28 24.06 60.21
CA ILE B 66 14.12 22.83 59.43
C ILE B 66 13.17 21.89 60.15
N PHE B 67 12.14 21.43 59.43
CA PHE B 67 11.13 20.52 59.97
C PHE B 67 11.06 19.29 59.07
N PRO B 68 11.97 18.30 59.28
CA PRO B 68 12.03 17.13 58.41
C PRO B 68 11.18 15.98 58.94
N LYS B 69 9.94 16.28 59.29
CA LYS B 69 9.05 15.30 59.89
C LYS B 69 7.81 14.99 59.05
N ALA B 70 7.74 15.47 57.80
CA ALA B 70 6.63 15.05 56.93
C ALA B 70 6.84 13.59 56.54
N GLU B 71 5.75 12.83 56.47
CA GLU B 71 5.98 11.39 56.22
C GLU B 71 5.42 10.97 54.86
N PRO B 72 6.04 9.98 54.18
CA PRO B 72 5.44 9.45 52.96
C PRO B 72 3.98 9.23 53.35
N ASN B 73 3.05 9.64 52.52
CA ASN B 73 1.61 9.64 52.89
C ASN B 73 1.50 10.55 54.12
N PRO B 74 1.61 11.89 53.94
CA PRO B 74 1.63 12.84 55.07
C PRO B 74 0.42 12.66 56.01
N THR B 75 0.62 12.94 57.31
CA THR B 75 -0.44 12.67 58.32
C THR B 75 -0.92 13.94 59.02
N ASP B 76 -2.19 13.97 59.40
CA ASP B 76 -2.76 15.12 60.15
C ASP B 76 -1.87 15.47 61.34
N LYS B 77 -1.21 14.47 61.90
CA LYS B 77 -0.34 14.70 63.07
C LYS B 77 0.90 15.46 62.60
N ASN B 78 1.48 15.06 61.47
CA ASN B 78 2.60 15.85 60.94
C ASN B 78 2.20 17.30 60.77
N VAL B 79 0.96 17.55 60.32
CA VAL B 79 0.45 18.91 60.15
C VAL B 79 0.43 19.64 61.47
N ALA B 80 -0.22 19.03 62.48
CA ALA B 80 -0.30 19.62 63.81
C ALA B 80 1.09 19.86 64.39
N GLU B 81 1.96 18.86 64.30
CA GLU B 81 3.32 18.99 64.83
C GLU B 81 4.10 20.09 64.11
N GLY B 82 4.02 20.14 62.78
CA GLY B 82 4.70 21.19 62.03
C GLY B 82 4.09 22.55 62.20
N LEU B 83 2.76 22.61 62.41
CA LEU B 83 2.15 23.89 62.75
C LEU B 83 2.73 24.44 64.04
N GLU B 84 2.82 23.59 65.08
CA GLU B 84 3.48 23.96 66.32
C GLU B 84 4.88 24.53 66.08
N ALA B 85 5.68 23.84 65.26
CA ALA B 85 7.05 24.30 64.99
C ALA B 85 7.06 25.57 64.13
N TYR B 86 6.07 25.73 63.26
CA TYR B 86 5.87 27.01 62.59
C TYR B 86 5.66 28.12 63.61
N ASN B 87 4.67 27.94 64.51
CA ASN B 87 4.39 28.97 65.52
C ASN B 87 5.58 29.15 66.47
N ALA B 88 6.11 28.04 67.00
CA ALA B 88 7.16 28.12 68.01
C ALA B 88 8.36 28.91 67.50
N GLU B 89 8.75 28.70 66.25
CA GLU B 89 9.98 29.30 65.76
C GLU B 89 9.75 30.61 65.03
N ASN B 90 8.55 31.17 65.10
CA ASN B 90 8.23 32.49 64.53
C ASN B 90 8.60 32.56 63.05
N CYS B 91 7.97 31.68 62.27
CA CYS B 91 8.14 31.66 60.83
C CYS B 91 6.97 32.36 60.15
N ASP B 92 7.25 33.01 59.03
CA ASP B 92 6.24 33.72 58.26
C ASP B 92 6.04 33.15 56.87
N SER B 93 6.72 32.06 56.51
CA SER B 93 6.64 31.45 55.18
C SER B 93 7.04 29.99 55.29
N ILE B 94 6.74 29.25 54.23
CA ILE B 94 7.11 27.84 54.13
C ILE B 94 7.84 27.60 52.82
N VAL B 95 8.93 26.84 52.88
CA VAL B 95 9.56 26.24 51.71
C VAL B 95 9.40 24.73 51.85
N THR B 96 8.93 24.07 50.81
CA THR B 96 8.83 22.61 50.83
C THR B 96 9.92 22.01 49.94
N LEU B 97 10.43 20.85 50.37
CA LEU B 97 11.61 20.26 49.75
C LEU B 97 11.43 18.75 49.71
N GLY B 98 11.06 18.22 48.56
CA GLY B 98 10.94 16.79 48.45
C GLY B 98 9.88 16.43 47.43
N GLY B 99 9.28 15.27 47.64
CA GLY B 99 8.21 14.79 46.81
C GLY B 99 6.90 15.43 47.21
N GLY B 100 5.81 14.80 46.74
CA GLY B 100 4.49 15.32 47.05
C GLY B 100 4.14 15.30 48.52
N SER B 101 4.77 14.40 49.30
CA SER B 101 4.47 14.35 50.73
C SER B 101 4.92 15.64 51.41
N SER B 102 6.10 16.14 51.06
CA SER B 102 6.55 17.40 51.63
C SER B 102 5.76 18.58 51.07
N HIS B 103 5.34 18.55 49.80
CA HIS B 103 4.53 19.65 49.30
C HIS B 103 3.21 19.69 50.03
N ASP B 104 2.61 18.53 50.29
CA ASP B 104 1.28 18.57 50.87
C ASP B 104 1.31 18.86 52.37
N ALA B 105 2.27 18.28 53.09
CA ALA B 105 2.48 18.68 54.46
C ALA B 105 2.59 20.20 54.56
N GLY B 106 3.47 20.80 53.74
CA GLY B 106 3.69 22.22 53.82
C GLY B 106 2.48 23.04 53.40
N LYS B 107 1.68 22.53 52.46
CA LYS B 107 0.47 23.25 52.08
C LYS B 107 -0.54 23.23 53.21
N ALA B 108 -0.68 22.08 53.88
CA ALA B 108 -1.59 22.01 55.01
C ALA B 108 -1.17 22.97 56.12
N ILE B 109 0.12 22.97 56.48
CA ILE B 109 0.64 23.86 57.50
C ILE B 109 0.42 25.31 57.11
N ALA B 110 0.62 25.64 55.84
CA ALA B 110 0.51 27.03 55.45
C ALA B 110 -0.96 27.48 55.38
N LEU B 111 -1.87 26.56 55.07
CA LEU B 111 -3.28 26.91 55.12
C LEU B 111 -3.71 27.12 56.58
N VAL B 112 -3.57 26.08 57.40
CA VAL B 112 -4.08 26.11 58.75
C VAL B 112 -3.46 27.26 59.55
N ALA B 113 -2.26 27.71 59.20
CA ALA B 113 -1.61 28.89 59.81
C ALA B 113 -2.24 30.22 59.40
N ALA B 114 -3.38 30.15 58.72
CA ALA B 114 -4.09 31.35 58.28
C ALA B 114 -5.60 31.15 58.25
N ASN B 115 -6.11 29.96 58.60
CA ASN B 115 -7.54 29.75 58.78
C ASN B 115 -7.90 29.15 60.13
N GLY B 116 -6.97 28.46 60.81
CA GLY B 116 -7.09 28.26 62.25
C GLY B 116 -7.36 26.84 62.77
N GLY B 117 -8.44 26.20 62.32
CA GLY B 117 -8.87 24.93 62.89
C GLY B 117 -7.93 23.77 62.60
N LYS B 118 -8.50 22.64 62.21
CA LYS B 118 -7.72 21.46 61.87
C LYS B 118 -7.83 21.18 60.37
N ILE B 119 -6.81 20.52 59.84
CA ILE B 119 -6.74 20.20 58.41
C ILE B 119 -7.98 19.47 57.93
N HIS B 120 -8.74 18.85 58.85
CA HIS B 120 -9.97 18.19 58.46
C HIS B 120 -11.11 19.17 58.19
N ASP B 121 -11.04 20.38 58.75
CA ASP B 121 -12.01 21.44 58.45
C ASP B 121 -12.22 21.62 56.95
N TYR B 122 -11.17 21.44 56.15
CA TYR B 122 -11.16 21.91 54.77
C TYR B 122 -11.15 20.77 53.75
N GLU B 123 -11.65 19.60 54.12
CA GLU B 123 -11.72 18.51 53.15
C GLU B 123 -12.75 18.86 52.08
N GLY B 124 -12.60 18.26 50.89
CA GLY B 124 -13.58 18.51 49.82
C GLY B 124 -13.18 19.46 48.69
N VAL B 125 -13.83 20.63 48.63
CA VAL B 125 -13.61 21.60 47.52
C VAL B 125 -13.85 23.03 48.00
N ASP B 126 -12.82 23.88 47.94
CA ASP B 126 -12.92 25.31 48.35
C ASP B 126 -13.81 25.47 49.58
N VAL B 127 -13.43 24.82 50.67
CA VAL B 127 -14.15 24.97 51.95
C VAL B 127 -13.28 25.89 52.78
N SER B 128 -12.54 26.78 52.11
CA SER B 128 -11.57 27.60 52.86
C SER B 128 -11.89 29.09 52.83
N LYS B 129 -11.11 29.88 53.56
CA LYS B 129 -11.35 31.31 53.73
C LYS B 129 -10.18 32.14 53.21
N GLU B 130 -9.05 32.08 53.84
CA GLU B 130 -7.97 32.97 53.41
C GLU B 130 -6.96 32.24 52.52
N PRO B 131 -6.10 32.98 51.81
CA PRO B 131 -5.05 32.30 51.06
C PRO B 131 -3.91 31.95 51.99
N MET B 132 -3.30 30.80 51.72
CA MET B 132 -2.24 30.31 52.58
C MET B 132 -1.02 31.23 52.54
N VAL B 133 -0.20 31.08 53.56
CA VAL B 133 0.98 31.90 53.82
C VAL B 133 1.98 31.67 52.70
N PRO B 134 2.80 32.67 52.32
CA PRO B 134 3.77 32.47 51.21
C PRO B 134 4.47 31.11 51.21
N LEU B 135 4.50 30.41 50.07
CA LEU B 135 5.06 29.07 50.01
C LEU B 135 5.77 28.85 48.68
N ILE B 136 7.07 28.52 48.75
CA ILE B 136 7.85 28.12 47.59
C ILE B 136 8.04 26.61 47.64
N ALA B 137 7.64 25.92 46.56
CA ALA B 137 7.68 24.46 46.49
C ALA B 137 8.86 24.03 45.62
N ILE B 138 9.83 23.33 46.22
CA ILE B 138 10.99 22.78 45.51
C ILE B 138 10.76 21.28 45.31
N ASN B 139 10.63 20.86 44.04
CA ASN B 139 10.23 19.49 43.75
C ASN B 139 11.43 18.59 43.51
N THR B 140 11.39 17.36 44.07
CA THR B 140 12.49 16.41 43.88
C THR B 140 12.08 15.02 43.41
N THR B 141 10.80 14.70 43.26
CA THR B 141 10.44 13.53 42.49
C THR B 141 9.89 13.95 41.14
N ALA B 142 9.75 13.00 40.25
CA ALA B 142 9.17 13.32 38.94
C ALA B 142 7.86 12.55 38.80
N GLY B 143 6.87 12.95 39.59
CA GLY B 143 5.57 12.33 39.40
C GLY B 143 4.36 13.06 39.94
N THR B 144 4.49 13.94 40.92
CA THR B 144 3.25 14.49 41.55
C THR B 144 2.72 15.74 40.87
N GLY B 145 3.52 16.80 40.75
CA GLY B 145 3.02 18.08 40.22
C GLY B 145 2.46 18.87 41.38
N SER B 146 2.55 18.32 42.58
CA SER B 146 1.97 18.98 43.78
C SER B 146 2.60 20.35 43.95
N GLU B 147 3.78 20.57 43.37
CA GLU B 147 4.28 21.93 43.47
C GLU B 147 3.49 22.89 42.60
N LEU B 148 2.52 22.40 41.80
CA LEU B 148 1.76 23.25 40.91
C LEU B 148 0.27 23.29 41.18
N THR B 149 -0.25 22.43 42.07
CA THR B 149 -1.67 22.08 42.11
C THR B 149 -2.37 22.76 43.26
N LYS B 150 -3.70 22.76 43.20
CA LYS B 150 -4.51 23.23 44.30
C LYS B 150 -4.99 22.10 45.20
N PHE B 151 -4.35 20.93 45.11
CA PHE B 151 -4.62 19.75 45.92
C PHE B 151 -3.63 19.68 47.08
N THR B 152 -4.10 19.18 48.23
CA THR B 152 -3.21 18.69 49.29
C THR B 152 -3.85 17.46 49.93
N ILE B 153 -3.16 16.31 49.81
CA ILE B 153 -3.66 15.00 50.24
C ILE B 153 -3.08 14.70 51.62
N ILE B 154 -3.93 14.64 52.64
CA ILE B 154 -3.50 14.47 54.03
C ILE B 154 -4.26 13.32 54.68
N THR B 155 -3.53 12.34 55.22
CA THR B 155 -4.18 11.15 55.79
C THR B 155 -4.92 11.50 57.08
N ASP B 156 -6.18 11.07 57.14
CA ASP B 156 -6.95 11.05 58.39
C ASP B 156 -6.55 9.78 59.13
N THR B 157 -5.88 9.94 60.27
CA THR B 157 -5.20 8.81 60.90
C THR B 157 -6.17 7.92 61.68
N GLU B 158 -7.28 8.49 62.19
CA GLU B 158 -8.30 7.69 62.86
C GLU B 158 -9.29 7.03 61.90
N ARG B 159 -9.41 7.54 60.67
CA ARG B 159 -10.35 6.98 59.70
C ARG B 159 -9.69 6.10 58.64
N LYS B 160 -8.36 6.20 58.47
CA LYS B 160 -7.59 5.38 57.53
C LYS B 160 -7.85 5.76 56.07
N VAL B 161 -7.99 7.06 55.81
CA VAL B 161 -8.39 7.56 54.50
C VAL B 161 -7.55 8.79 54.14
N LYS B 162 -6.94 8.76 52.95
CA LYS B 162 -6.23 9.94 52.44
C LYS B 162 -7.26 11.02 52.09
N MET B 163 -7.35 12.07 52.92
CA MET B 163 -8.32 13.18 52.76
C MET B 163 -7.87 14.16 51.68
N ALA B 164 -8.40 14.02 50.47
CA ALA B 164 -8.20 15.01 49.43
C ALA B 164 -8.74 16.38 49.86
N ILE B 165 -7.87 17.40 49.88
CA ILE B 165 -8.26 18.78 50.11
C ILE B 165 -8.00 19.54 48.81
N VAL B 166 -9.09 19.87 48.11
CA VAL B 166 -9.06 20.65 46.88
C VAL B 166 -9.39 22.08 47.24
N ASP B 167 -8.50 23.01 46.92
CA ASP B 167 -8.70 24.36 47.43
C ASP B 167 -7.76 25.34 46.74
N LYS B 168 -8.34 26.35 46.06
CA LYS B 168 -7.57 27.36 45.35
C LYS B 168 -6.52 28.03 46.22
N HIS B 169 -6.70 28.01 47.54
CA HIS B 169 -5.81 28.76 48.42
C HIS B 169 -4.48 28.07 48.66
N VAL B 170 -4.30 26.83 48.20
CA VAL B 170 -3.04 26.10 48.43
C VAL B 170 -2.16 26.02 47.18
N THR B 171 -2.54 26.69 46.08
CA THR B 171 -1.61 26.88 44.97
C THR B 171 -0.33 27.56 45.45
N PRO B 172 0.84 26.96 45.28
CA PRO B 172 2.06 27.60 45.78
C PRO B 172 2.30 28.96 45.11
N THR B 173 2.99 29.85 45.85
CA THR B 173 3.41 31.13 45.30
C THR B 173 4.33 30.96 44.10
N LEU B 174 5.38 30.16 44.28
CA LEU B 174 6.38 29.94 43.25
C LEU B 174 6.82 28.50 43.37
N SER B 175 6.98 27.83 42.24
CA SER B 175 7.50 26.48 42.25
C SER B 175 8.87 26.46 41.59
N ILE B 176 9.66 25.44 41.94
CA ILE B 176 11.00 25.21 41.41
C ILE B 176 11.15 23.73 41.07
N ASN B 177 11.63 23.45 39.88
CA ASN B 177 11.63 22.10 39.35
C ASN B 177 13.03 21.83 38.79
N ASP B 178 13.95 21.46 39.69
CA ASP B 178 15.37 21.35 39.37
C ASP B 178 15.74 19.89 39.16
N PRO B 179 15.94 19.44 37.92
CA PRO B 179 16.20 18.01 37.70
C PRO B 179 17.52 17.53 38.29
N GLU B 180 18.40 18.43 38.74
CA GLU B 180 19.60 17.95 39.43
C GLU B 180 19.26 17.35 40.80
N LEU B 181 18.21 17.81 41.46
CA LEU B 181 17.80 17.21 42.72
C LEU B 181 17.06 15.90 42.52
N MET B 182 16.82 15.46 41.27
CA MET B 182 16.10 14.22 41.04
C MET B 182 17.03 13.06 40.67
N VAL B 183 18.30 13.34 40.36
CA VAL B 183 19.27 12.34 39.93
C VAL B 183 19.35 11.16 40.90
N GLY B 184 19.29 11.46 42.20
CA GLY B 184 19.43 10.48 43.26
C GLY B 184 18.19 9.68 43.62
N MET B 185 17.09 9.80 42.88
CA MET B 185 15.98 8.86 43.06
C MET B 185 16.45 7.43 42.76
N PRO B 186 16.30 6.48 43.68
CA PRO B 186 16.52 5.06 43.33
C PRO B 186 15.60 4.62 42.21
N PRO B 187 15.94 3.58 41.48
CA PRO B 187 15.11 3.16 40.34
C PRO B 187 13.66 2.92 40.68
N SER B 188 13.38 2.33 41.84
CA SER B 188 12.00 1.98 42.13
C SER B 188 11.17 3.22 42.46
N LEU B 189 11.79 4.24 43.08
CA LEU B 189 11.11 5.52 43.27
C LEU B 189 10.95 6.25 41.93
N THR B 190 11.99 6.22 41.10
CA THR B 190 11.86 6.77 39.74
C THR B 190 10.68 6.14 39.01
N ALA B 191 10.56 4.80 39.09
CA ALA B 191 9.53 4.09 38.36
C ALA B 191 8.14 4.48 38.82
N ALA B 192 7.94 4.54 40.14
CA ALA B 192 6.60 4.69 40.69
C ALA B 192 6.13 6.14 40.58
N THR B 193 7.02 7.11 40.82
CA THR B 193 6.61 8.50 40.63
C THR B 193 6.34 8.76 39.16
N GLY B 194 7.11 8.12 38.28
CA GLY B 194 6.88 8.27 36.86
C GLY B 194 5.55 7.70 36.41
N LEU B 195 5.18 6.54 36.96
CA LEU B 195 3.85 6.00 36.64
C LEU B 195 2.73 6.78 37.32
N ASP B 196 3.05 7.52 38.39
CA ASP B 196 2.05 8.45 38.92
C ASP B 196 1.82 9.59 37.93
N ALA B 197 2.90 10.09 37.31
CA ALA B 197 2.74 11.11 36.27
C ALA B 197 1.94 10.57 35.10
N LEU B 198 2.26 9.35 34.65
CA LEU B 198 1.51 8.78 33.54
C LEU B 198 0.03 8.68 33.89
N THR B 199 -0.26 8.24 35.12
CA THR B 199 -1.65 8.12 35.56
C THR B 199 -2.34 9.47 35.54
N HIS B 200 -1.69 10.51 36.08
CA HIS B 200 -2.23 11.87 35.98
C HIS B 200 -2.61 12.20 34.55
N ALA B 201 -1.67 11.99 33.62
CA ALA B 201 -1.87 12.38 32.23
C ALA B 201 -3.05 11.63 31.61
N ILE B 202 -3.14 10.33 31.85
CA ILE B 202 -4.18 9.50 31.24
C ILE B 202 -5.54 9.79 31.87
N GLU B 203 -5.62 9.86 33.20
CA GLU B 203 -6.89 10.21 33.82
C GLU B 203 -7.35 11.61 33.41
N ALA B 204 -6.42 12.58 33.36
CA ALA B 204 -6.80 13.92 32.90
C ALA B 204 -7.28 13.89 31.45
N TYR B 205 -6.66 13.07 30.61
CA TYR B 205 -7.11 12.98 29.22
C TYR B 205 -8.54 12.42 29.10
N VAL B 206 -8.93 11.50 29.99
CA VAL B 206 -10.24 10.87 29.88
C VAL B 206 -11.24 11.48 30.82
N SER B 207 -10.84 12.42 31.65
CA SER B 207 -11.74 13.09 32.59
C SER B 207 -12.91 13.78 31.90
N THR B 208 -14.09 13.71 32.54
CA THR B 208 -15.21 14.52 32.07
C THR B 208 -14.95 16.02 32.25
N GLY B 209 -13.98 16.40 33.08
CA GLY B 209 -13.61 17.79 33.23
C GLY B 209 -12.50 18.25 32.30
N ALA B 210 -12.22 17.47 31.24
CA ALA B 210 -11.14 17.83 30.34
C ALA B 210 -11.47 19.06 29.48
N THR B 211 -10.44 19.79 29.11
CA THR B 211 -10.44 21.04 28.36
C THR B 211 -9.41 20.92 27.24
N PRO B 212 -9.55 21.69 26.15
CA PRO B 212 -8.45 21.68 25.14
C PRO B 212 -7.09 22.07 25.69
N ILE B 213 -7.03 22.94 26.71
CA ILE B 213 -5.76 23.23 27.36
C ILE B 213 -5.22 21.99 28.10
N THR B 214 -6.01 21.41 29.01
CA THR B 214 -5.52 20.24 29.74
C THR B 214 -5.20 19.09 28.78
N ASP B 215 -5.99 18.94 27.71
CA ASP B 215 -5.72 17.95 26.68
C ASP B 215 -4.33 18.13 26.09
N ALA B 216 -3.99 19.37 25.73
CA ALA B 216 -2.69 19.65 25.12
C ALA B 216 -1.56 19.19 26.02
N LEU B 217 -1.66 19.49 27.32
CA LEU B 217 -0.62 19.13 28.27
C LEU B 217 -0.53 17.61 28.47
N ALA B 218 -1.68 16.96 28.68
CA ALA B 218 -1.72 15.53 28.95
C ALA B 218 -1.09 14.74 27.82
N ILE B 219 -1.42 15.10 26.57
CA ILE B 219 -0.89 14.39 25.41
C ILE B 219 0.64 14.45 25.39
N GLN B 220 1.19 15.66 25.46
CA GLN B 220 2.63 15.81 25.55
C GLN B 220 3.21 14.95 26.68
N ALA B 221 2.57 14.96 27.86
CA ALA B 221 3.11 14.21 29.00
C ALA B 221 3.19 12.71 28.70
N ILE B 222 2.16 12.13 28.09
CA ILE B 222 2.17 10.71 27.77
C ILE B 222 3.28 10.37 26.77
N LYS B 223 3.50 11.24 25.77
CA LYS B 223 4.51 10.93 24.76
C LYS B 223 5.91 10.94 25.37
N ILE B 224 6.17 11.91 26.23
CA ILE B 224 7.46 12.00 26.88
C ILE B 224 7.69 10.80 27.80
N ILE B 225 6.72 10.53 28.66
CA ILE B 225 6.88 9.46 29.63
C ILE B 225 7.12 8.15 28.91
N SER B 226 6.33 7.90 27.88
CA SER B 226 6.49 6.70 27.09
C SER B 226 7.95 6.47 26.68
N LYS B 227 8.65 7.54 26.30
CA LYS B 227 10.00 7.40 25.78
C LYS B 227 11.07 7.52 26.86
N TYR B 228 10.92 8.44 27.80
CA TYR B 228 12.02 8.72 28.69
C TYR B 228 11.93 8.06 30.06
N LEU B 229 10.74 7.58 30.48
CA LEU B 229 10.63 7.03 31.83
C LEU B 229 11.42 5.72 31.93
N PRO B 230 11.37 4.80 30.95
CA PRO B 230 12.18 3.59 31.11
C PRO B 230 13.67 3.84 31.04
N ARG B 231 14.11 4.83 30.27
CA ARG B 231 15.49 5.27 30.36
C ARG B 231 15.83 5.78 31.77
N ALA B 232 14.99 6.65 32.32
CA ALA B 232 15.34 7.21 33.63
C ALA B 232 15.40 6.12 34.68
N VAL B 233 14.56 5.10 34.55
CA VAL B 233 14.58 3.98 35.49
C VAL B 233 15.82 3.13 35.29
N ALA B 234 16.26 2.94 34.03
CA ALA B 234 17.39 2.04 33.76
C ALA B 234 18.71 2.69 34.14
N ASN B 235 18.76 4.02 34.15
CA ASN B 235 19.99 4.76 34.44
C ASN B 235 19.57 6.13 34.99
N GLY B 236 19.52 6.25 36.32
CA GLY B 236 19.15 7.49 36.98
C GLY B 236 20.12 8.63 36.76
N LYS B 237 21.30 8.33 36.24
CA LYS B 237 22.29 9.34 35.88
C LYS B 237 22.20 9.73 34.40
N ASP B 238 21.24 9.20 33.65
CA ASP B 238 20.91 9.70 32.30
C ASP B 238 20.24 11.06 32.44
N ILE B 239 21.03 12.13 32.27
CA ILE B 239 20.59 13.48 32.60
C ILE B 239 19.42 13.91 31.70
N GLU B 240 19.50 13.57 30.41
CA GLU B 240 18.41 13.87 29.48
C GLU B 240 17.07 13.30 29.99
N ALA B 241 17.08 12.02 30.38
CA ALA B 241 15.84 11.37 30.82
C ALA B 241 15.31 12.04 32.09
N ARG B 242 16.20 12.44 32.99
CA ARG B 242 15.80 13.19 34.17
C ARG B 242 15.07 14.47 33.81
N GLU B 243 15.67 15.27 32.90
CA GLU B 243 15.08 16.56 32.51
C GLU B 243 13.73 16.35 31.81
N GLN B 244 13.66 15.41 30.87
CA GLN B 244 12.38 15.13 30.24
C GLN B 244 11.34 14.70 31.27
N MET B 245 11.70 13.80 32.19
CA MET B 245 10.72 13.39 33.20
C MET B 245 10.29 14.59 34.04
N ALA B 246 11.21 15.51 34.35
CA ALA B 246 10.82 16.70 35.08
C ALA B 246 9.79 17.53 34.31
N PHE B 247 9.91 17.59 32.98
CA PHE B 247 8.91 18.30 32.20
C PHE B 247 7.60 17.56 32.20
N ALA B 248 7.66 16.25 31.94
CA ALA B 248 6.46 15.41 31.89
C ALA B 248 5.67 15.49 33.19
N GLN B 249 6.35 15.31 34.31
CA GLN B 249 5.75 15.51 35.62
C GLN B 249 4.94 16.81 35.69
N SER B 250 5.52 17.93 35.23
CA SER B 250 4.83 19.22 35.32
C SER B 250 3.66 19.29 34.35
N LEU B 251 3.86 18.83 33.11
CA LEU B 251 2.74 18.74 32.19
C LEU B 251 1.58 17.94 32.79
N ALA B 252 1.87 16.78 33.37
CA ALA B 252 0.76 15.98 33.88
C ALA B 252 0.14 16.67 35.10
N GLY B 253 0.95 17.37 35.89
CA GLY B 253 0.40 18.06 37.03
C GLY B 253 -0.52 19.19 36.64
N MET B 254 -0.11 19.98 35.64
CA MET B 254 -0.97 21.07 35.16
C MET B 254 -2.24 20.54 34.52
N ALA B 255 -2.18 19.38 33.86
CA ALA B 255 -3.37 18.83 33.26
C ALA B 255 -4.34 18.33 34.32
N PHE B 256 -3.86 17.55 35.29
CA PHE B 256 -4.83 16.95 36.20
C PHE B 256 -5.35 17.98 37.19
N ASN B 257 -4.49 18.92 37.61
CA ASN B 257 -4.95 20.01 38.48
C ASN B 257 -6.20 20.67 37.96
N ASN B 258 -6.33 20.75 36.64
CA ASN B 258 -7.36 21.54 36.02
C ASN B 258 -8.40 20.71 35.26
N ALA B 259 -8.18 19.42 35.08
CA ALA B 259 -9.16 18.56 34.44
C ALA B 259 -9.79 17.58 35.41
N GLY B 260 -9.07 17.17 36.45
CA GLY B 260 -9.59 16.15 37.34
C GLY B 260 -8.99 14.78 37.05
N LEU B 261 -9.04 13.94 38.06
CA LEU B 261 -8.50 12.59 38.00
C LEU B 261 -9.65 11.62 37.72
N GLY B 262 -9.54 10.38 38.19
CA GLY B 262 -10.60 9.39 38.10
C GLY B 262 -10.48 8.27 39.14
N TYR B 263 -11.15 7.16 38.87
CA TYR B 263 -11.18 6.04 39.81
C TYR B 263 -9.82 5.39 40.07
N VAL B 264 -8.78 5.62 39.26
CA VAL B 264 -7.46 5.14 39.66
C VAL B 264 -7.04 5.81 40.97
N HIS B 265 -7.14 7.15 41.03
CA HIS B 265 -6.74 7.86 42.25
C HIS B 265 -7.76 7.67 43.36
N ALA B 266 -9.05 7.71 43.02
CA ALA B 266 -10.10 7.44 44.01
C ALA B 266 -9.82 6.14 44.77
N ILE B 267 -9.52 5.06 44.05
CA ILE B 267 -9.24 3.77 44.70
C ILE B 267 -7.86 3.75 45.34
N ALA B 268 -6.85 4.32 44.66
CA ALA B 268 -5.50 4.32 45.21
C ALA B 268 -5.41 5.08 46.51
N HIS B 269 -6.21 6.14 46.66
CA HIS B 269 -6.21 6.87 47.93
C HIS B 269 -6.66 5.97 49.09
N GLN B 270 -7.55 5.01 48.84
CA GLN B 270 -8.03 4.18 49.94
C GLN B 270 -6.96 3.17 50.36
N LEU B 271 -6.37 2.46 49.40
CA LEU B 271 -5.26 1.57 49.73
C LEU B 271 -4.15 2.31 50.47
N GLY B 272 -3.80 3.52 50.02
CA GLY B 272 -2.77 4.29 50.69
C GLY B 272 -3.13 4.64 52.12
N GLY B 273 -4.42 4.77 52.42
CA GLY B 273 -4.82 5.12 53.76
C GLY B 273 -4.87 3.93 54.69
N PHE B 274 -5.33 2.79 54.16
CA PHE B 274 -5.41 1.56 54.95
C PHE B 274 -4.05 0.95 55.19
N TYR B 275 -3.17 0.97 54.19
CA TYR B 275 -1.95 0.20 54.23
C TYR B 275 -0.70 1.03 54.04
N ASN B 276 -0.83 2.35 53.90
CA ASN B 276 0.31 3.26 53.75
C ASN B 276 1.24 2.81 52.62
N PHE B 277 0.65 2.29 51.53
CA PHE B 277 1.44 1.93 50.36
C PHE B 277 2.03 3.17 49.68
N PRO B 278 3.06 3.00 48.86
CA PRO B 278 3.46 4.12 48.00
C PRO B 278 2.32 4.47 47.05
N HIS B 279 1.95 5.75 47.07
CA HIS B 279 0.96 6.27 46.14
C HIS B 279 1.24 5.82 44.70
N GLY B 280 2.48 6.01 44.24
CA GLY B 280 2.77 5.78 42.84
C GLY B 280 2.65 4.33 42.45
N VAL B 281 3.06 3.42 43.35
CA VAL B 281 2.89 1.99 43.11
C VAL B 281 1.42 1.63 43.02
N CYS B 282 0.58 2.23 43.88
CA CYS B 282 -0.86 1.96 43.84
C CYS B 282 -1.48 2.34 42.50
N ASN B 283 -1.13 3.52 41.97
CA ASN B 283 -1.63 3.93 40.66
C ASN B 283 -1.16 2.97 39.56
N ALA B 284 0.11 2.55 39.61
CA ALA B 284 0.64 1.68 38.55
C ALA B 284 -0.08 0.35 38.55
N VAL B 285 -0.28 -0.23 39.74
CA VAL B 285 -1.01 -1.49 39.85
C VAL B 285 -2.43 -1.31 39.33
N LEU B 286 -3.10 -0.22 39.74
CA LEU B 286 -4.51 -0.06 39.41
C LEU B 286 -4.74 0.38 37.97
N LEU B 287 -3.80 1.13 37.39
CA LEU B 287 -4.09 1.84 36.13
C LEU B 287 -4.68 0.96 35.03
N PRO B 288 -4.16 -0.24 34.74
CA PRO B 288 -4.78 -1.04 33.66
C PRO B 288 -6.21 -1.48 33.98
N TYR B 289 -6.51 -1.82 35.22
CA TYR B 289 -7.85 -2.29 35.54
C TYR B 289 -8.90 -1.19 35.38
N VAL B 290 -8.59 0.03 35.85
CA VAL B 290 -9.53 1.13 35.68
C VAL B 290 -9.68 1.51 34.21
N CYS B 291 -8.56 1.51 33.45
CA CYS B 291 -8.66 1.81 32.03
C CYS B 291 -9.56 0.81 31.31
N ARG B 292 -9.39 -0.47 31.61
CA ARG B 292 -10.26 -1.51 31.10
C ARG B 292 -11.73 -1.19 31.36
N PHE B 293 -12.04 -0.85 32.61
CA PHE B 293 -13.42 -0.57 32.98
C PHE B 293 -13.91 0.67 32.24
N ASN B 294 -13.06 1.70 32.10
CA ASN B 294 -13.47 2.93 31.45
C ASN B 294 -13.60 2.81 29.94
N LEU B 295 -13.06 1.74 29.34
CA LEU B 295 -12.87 1.71 27.89
C LEU B 295 -14.10 2.14 27.11
N ILE B 296 -15.28 1.61 27.45
CA ILE B 296 -16.43 1.84 26.59
C ILE B 296 -16.90 3.29 26.58
N SER B 297 -16.50 4.11 27.54
CA SER B 297 -16.95 5.49 27.60
C SER B 297 -16.01 6.46 26.88
N LYS B 298 -14.80 6.02 26.55
CA LYS B 298 -13.79 6.91 25.99
C LYS B 298 -12.93 6.16 24.99
N VAL B 299 -13.56 5.34 24.14
CA VAL B 299 -12.78 4.40 23.37
C VAL B 299 -11.90 5.14 22.38
N GLU B 300 -12.38 6.24 21.83
CA GLU B 300 -11.53 6.97 20.89
C GLU B 300 -10.34 7.57 21.59
N ARG B 301 -10.54 8.10 22.80
CA ARG B 301 -9.38 8.68 23.47
C ARG B 301 -8.38 7.61 23.90
N TYR B 302 -8.85 6.40 24.28
CA TYR B 302 -7.92 5.33 24.61
C TYR B 302 -7.19 4.85 23.35
N ALA B 303 -7.89 4.79 22.21
CA ALA B 303 -7.21 4.50 20.96
C ALA B 303 -6.10 5.52 20.68
N GLU B 304 -6.33 6.79 20.99
CA GLU B 304 -5.27 7.77 20.76
C GLU B 304 -4.14 7.61 21.76
N ILE B 305 -4.46 7.23 23.00
CA ILE B 305 -3.41 6.98 23.98
C ILE B 305 -2.51 5.85 23.50
N ALA B 306 -3.10 4.83 22.86
CA ALA B 306 -2.32 3.72 22.32
C ALA B 306 -1.27 4.21 21.33
N ALA B 307 -1.61 5.21 20.51
CA ALA B 307 -0.61 5.77 19.61
C ALA B 307 0.42 6.59 20.38
N PHE B 308 -0.04 7.47 21.28
CA PHE B 308 0.88 8.23 22.13
C PHE B 308 1.93 7.33 22.76
N LEU B 309 1.52 6.15 23.28
CA LEU B 309 2.42 5.19 23.92
C LEU B 309 3.31 4.42 22.90
N GLY B 310 3.25 4.81 21.63
CA GLY B 310 4.10 4.23 20.61
C GLY B 310 3.55 3.01 19.93
N GLU B 311 2.31 2.59 20.24
CA GLU B 311 1.78 1.44 19.55
C GLU B 311 1.45 1.78 18.10
N ASN B 312 1.40 0.73 17.29
CA ASN B 312 1.03 0.83 15.88
C ASN B 312 -0.43 0.43 15.76
N VAL B 313 -1.28 1.37 15.38
CA VAL B 313 -2.71 1.10 15.35
C VAL B 313 -3.24 0.96 13.93
N ASP B 314 -2.36 0.87 12.92
CA ASP B 314 -2.77 0.78 11.53
C ASP B 314 -3.67 -0.43 11.26
N GLY B 315 -4.73 -0.21 10.48
CA GLY B 315 -5.63 -1.30 10.15
C GLY B 315 -6.55 -1.77 11.26
N LEU B 316 -6.54 -1.14 12.44
CA LEU B 316 -7.38 -1.63 13.51
C LEU B 316 -8.65 -0.79 13.71
N SER B 317 -9.69 -1.44 14.20
CA SER B 317 -10.84 -0.72 14.70
C SER B 317 -10.42 0.14 15.89
N THR B 318 -11.25 1.14 16.17
CA THR B 318 -10.99 1.96 17.35
C THR B 318 -10.95 1.09 18.62
N TYR B 319 -11.84 0.11 18.70
CA TYR B 319 -11.83 -0.79 19.85
C TYR B 319 -10.48 -1.51 19.95
N ASP B 320 -10.01 -2.08 18.85
CA ASP B 320 -8.78 -2.86 18.91
C ASP B 320 -7.60 -1.98 19.26
N ALA B 321 -7.60 -0.73 18.75
CA ALA B 321 -6.49 0.16 19.09
C ALA B 321 -6.53 0.55 20.57
N ALA B 322 -7.72 0.77 21.12
CA ALA B 322 -7.83 1.04 22.56
C ALA B 322 -7.23 -0.09 23.38
N GLU B 323 -7.53 -1.34 22.98
CA GLU B 323 -6.97 -2.52 23.62
C GLU B 323 -5.45 -2.44 23.71
N LYS B 324 -4.79 -2.05 22.62
CA LYS B 324 -3.35 -1.96 22.64
C LYS B 324 -2.85 -0.94 23.66
N ALA B 325 -3.64 0.09 23.99
CA ALA B 325 -3.16 0.98 25.05
C ALA B 325 -3.06 0.26 26.39
N ILE B 326 -3.95 -0.69 26.64
CA ILE B 326 -3.90 -1.36 27.94
C ILE B 326 -2.76 -2.36 27.95
N LYS B 327 -2.57 -3.06 26.83
CA LYS B 327 -1.42 -3.96 26.70
C LYS B 327 -0.12 -3.22 26.94
N ALA B 328 -0.01 -1.98 26.44
CA ALA B 328 1.24 -1.25 26.54
C ALA B 328 1.49 -0.77 27.96
N ILE B 329 0.45 -0.25 28.62
CA ILE B 329 0.53 0.07 30.05
C ILE B 329 0.97 -1.15 30.87
N GLU B 330 0.32 -2.29 30.65
CA GLU B 330 0.72 -3.51 31.35
C GLU B 330 2.19 -3.84 31.10
N ARG B 331 2.64 -3.75 29.85
CA ARG B 331 4.02 -4.08 29.53
C ARG B 331 4.98 -3.14 30.23
N MET B 332 4.64 -1.85 30.29
CA MET B 332 5.51 -0.89 30.93
C MET B 332 5.62 -1.16 32.42
N ALA B 333 4.50 -1.48 33.06
CA ALA B 333 4.50 -1.83 34.48
C ALA B 333 5.37 -3.06 34.75
N LYS B 334 5.21 -4.11 33.93
CA LYS B 334 6.03 -5.31 34.08
C LYS B 334 7.51 -4.99 33.87
N ASP B 335 7.82 -4.12 32.92
CA ASP B 335 9.23 -3.81 32.62
C ASP B 335 9.88 -2.98 33.72
N LEU B 336 9.11 -2.11 34.39
CA LEU B 336 9.61 -1.32 35.51
C LEU B 336 9.50 -2.06 36.84
N ASN B 337 9.19 -3.36 36.81
CA ASN B 337 9.18 -4.23 37.99
C ASN B 337 8.16 -3.76 39.02
N ILE B 338 7.03 -3.26 38.54
CA ILE B 338 5.92 -2.88 39.43
C ILE B 338 5.28 -4.15 40.00
N PRO B 339 4.90 -4.16 41.28
CA PRO B 339 4.30 -5.37 41.88
C PRO B 339 3.11 -5.85 41.07
N LYS B 340 2.83 -7.16 41.19
CA LYS B 340 1.82 -7.77 40.35
C LYS B 340 0.41 -7.49 40.85
N GLY B 341 0.24 -7.10 42.10
CA GLY B 341 -1.08 -6.89 42.67
C GLY B 341 -0.93 -6.48 44.11
N PHE B 342 -2.07 -6.28 44.78
CA PHE B 342 -1.98 -5.74 46.14
C PHE B 342 -1.88 -6.81 47.22
N LYS B 343 -2.40 -8.01 46.96
CA LYS B 343 -2.28 -9.10 47.94
C LYS B 343 -0.83 -9.29 48.40
N GLU B 344 0.09 -9.44 47.44
CA GLU B 344 1.50 -9.65 47.78
C GLU B 344 2.10 -8.50 48.57
N LEU B 345 1.46 -7.33 48.57
CA LEU B 345 1.89 -6.20 49.39
C LEU B 345 1.27 -6.18 50.77
N GLY B 346 0.19 -6.94 51.01
CA GLY B 346 -0.46 -6.95 52.30
C GLY B 346 -1.92 -6.53 52.32
N ALA B 347 -2.56 -6.20 51.19
CA ALA B 347 -3.99 -5.88 51.23
C ALA B 347 -4.79 -7.10 51.71
N LYS B 348 -5.96 -6.82 52.29
CA LYS B 348 -6.79 -7.83 52.96
C LYS B 348 -8.12 -8.00 52.24
N GLU B 349 -8.42 -9.23 51.85
CA GLU B 349 -9.71 -9.56 51.25
C GLU B 349 -10.87 -8.95 52.04
N GLU B 350 -10.82 -9.01 53.38
CA GLU B 350 -11.93 -8.52 54.19
C GLU B 350 -12.09 -7.00 54.11
N ASP B 351 -11.16 -6.27 53.50
CA ASP B 351 -11.24 -4.83 53.46
C ASP B 351 -11.79 -4.29 52.13
N ILE B 352 -12.00 -5.16 51.15
CA ILE B 352 -12.28 -4.72 49.78
C ILE B 352 -13.57 -3.90 49.71
N GLU B 353 -14.59 -4.27 50.48
CA GLU B 353 -15.84 -3.52 50.36
C GLU B 353 -15.73 -2.14 51.01
N THR B 354 -14.95 -2.00 52.08
CA THR B 354 -14.80 -0.68 52.68
C THR B 354 -13.90 0.20 51.82
N LEU B 355 -12.86 -0.37 51.20
CA LEU B 355 -12.08 0.39 50.23
C LEU B 355 -12.95 0.85 49.06
N ALA B 356 -13.75 -0.05 48.50
CA ALA B 356 -14.71 0.33 47.45
C ALA B 356 -15.62 1.46 47.88
N LYS B 357 -16.29 1.29 49.03
CA LYS B 357 -17.26 2.29 49.47
C LYS B 357 -16.61 3.64 49.67
N ASN B 358 -15.42 3.65 50.28
CA ASN B 358 -14.73 4.90 50.51
C ASN B 358 -14.26 5.54 49.21
N ALA B 359 -13.86 4.72 48.23
CA ALA B 359 -13.43 5.29 46.95
C ALA B 359 -14.57 6.07 46.27
N MET B 360 -15.81 5.56 46.36
CA MET B 360 -16.92 6.27 45.75
C MET B 360 -17.22 7.61 46.42
N LYS B 361 -16.61 7.87 47.57
CA LYS B 361 -16.74 9.16 48.24
C LYS B 361 -15.63 10.13 47.89
N ASP B 362 -14.57 9.66 47.21
CA ASP B 362 -13.45 10.52 46.83
C ASP B 362 -13.86 11.49 45.72
N ALA B 363 -13.47 12.77 45.86
CA ALA B 363 -13.74 13.77 44.83
C ALA B 363 -13.20 13.37 43.44
N CYS B 364 -12.03 12.71 43.41
CA CYS B 364 -11.45 12.24 42.15
C CYS B 364 -12.42 11.35 41.38
N ALA B 365 -13.32 10.67 42.07
CA ALA B 365 -14.28 9.86 41.36
C ALA B 365 -15.25 10.69 40.51
N LEU B 366 -15.48 11.97 40.85
CA LEU B 366 -16.51 12.74 40.17
C LEU B 366 -16.23 12.92 38.69
N THR B 367 -14.96 13.01 38.30
CA THR B 367 -14.63 13.27 36.90
C THR B 367 -14.30 11.99 36.13
N ASN B 368 -14.48 10.80 36.73
CA ASN B 368 -14.27 9.55 35.99
C ASN B 368 -15.29 9.43 34.85
N PRO B 369 -14.87 9.06 33.64
CA PRO B 369 -15.82 9.05 32.52
C PRO B 369 -16.87 7.97 32.65
N ARG B 370 -16.57 6.85 33.31
CA ARG B 370 -17.60 5.83 33.54
C ARG B 370 -18.07 5.88 35.00
N LYS B 371 -19.38 5.85 35.19
CA LYS B 371 -19.97 6.01 36.50
C LYS B 371 -20.37 4.64 37.05
N PRO B 372 -19.66 4.10 38.03
CA PRO B 372 -19.87 2.71 38.45
C PRO B 372 -20.89 2.56 39.58
N LYS B 373 -21.39 1.34 39.71
CA LYS B 373 -22.06 0.95 40.94
C LYS B 373 -21.05 0.27 41.86
N LEU B 374 -21.41 0.17 43.16
CA LEU B 374 -20.48 -0.34 44.17
C LEU B 374 -19.89 -1.70 43.78
N GLU B 375 -20.71 -2.60 43.23
CA GLU B 375 -20.20 -3.92 42.88
C GLU B 375 -19.13 -3.84 41.81
N GLU B 376 -19.21 -2.84 40.92
CA GLU B 376 -18.18 -2.68 39.90
C GLU B 376 -16.87 -2.20 40.51
N VAL B 377 -16.92 -1.21 41.42
CA VAL B 377 -15.72 -0.77 42.12
C VAL B 377 -15.06 -1.94 42.85
N ILE B 378 -15.87 -2.82 43.45
CA ILE B 378 -15.36 -3.99 44.16
C ILE B 378 -14.63 -4.91 43.20
N GLN B 379 -15.23 -5.16 42.04
CA GLN B 379 -14.59 -5.96 41.00
C GLN B 379 -13.22 -5.39 40.61
N ILE B 380 -13.09 -4.07 40.54
CA ILE B 380 -11.80 -3.51 40.14
C ILE B 380 -10.76 -3.80 41.22
N ILE B 381 -11.13 -3.65 42.49
CA ILE B 381 -10.19 -3.93 43.56
C ILE B 381 -9.84 -5.42 43.62
N LYS B 382 -10.84 -6.28 43.47
CA LYS B 382 -10.56 -7.72 43.40
C LYS B 382 -9.54 -8.05 42.31
N ASN B 383 -9.75 -7.54 41.09
CA ASN B 383 -8.83 -7.84 39.98
C ASN B 383 -7.40 -7.41 40.28
N ALA B 384 -7.22 -6.32 41.03
CA ALA B 384 -5.90 -5.80 41.38
C ALA B 384 -5.25 -6.57 42.53
N MET B 385 -5.90 -7.61 43.07
CA MET B 385 -5.30 -8.42 44.12
C MET B 385 -4.29 -9.43 43.58
N LEU B 386 -4.57 -10.01 42.39
CA LEU B 386 -3.75 -11.01 41.64
C LEU B 386 -2.54 -11.55 42.40
N ASN C 3 31.41 16.33 31.02
CA ASN C 3 31.51 17.04 29.76
C ASN C 3 31.16 16.18 28.53
N THR C 4 30.74 16.85 27.44
CA THR C 4 30.54 16.20 26.16
C THR C 4 31.87 15.80 25.51
N GLN C 5 33.00 15.89 26.21
CA GLN C 5 34.28 15.56 25.62
C GLN C 5 34.40 14.07 25.30
N SER C 6 35.05 13.76 24.19
CA SER C 6 35.40 12.37 23.87
C SER C 6 36.69 12.34 23.07
N ALA C 7 37.10 11.12 22.72
CA ALA C 7 38.38 10.89 22.07
C ALA C 7 38.31 9.63 21.23
N PHE C 8 39.07 9.63 20.14
CA PHE C 8 39.18 8.48 19.25
C PHE C 8 40.65 8.07 19.16
N PHE C 9 40.95 6.86 19.63
CA PHE C 9 42.29 6.27 19.61
C PHE C 9 42.33 5.15 18.59
N MET C 10 43.54 4.90 18.06
CA MET C 10 43.73 3.98 16.93
C MET C 10 45.19 4.00 16.55
N PRO C 11 45.78 2.87 16.12
CA PRO C 11 47.14 2.92 15.57
C PRO C 11 47.20 3.87 14.37
N SER C 12 48.35 4.54 14.24
CA SER C 12 48.55 5.54 13.18
C SER C 12 48.54 4.95 11.77
N VAL C 13 49.01 3.71 11.61
CA VAL C 13 49.02 3.06 10.30
C VAL C 13 48.43 1.66 10.45
N ASN C 14 47.56 1.29 9.53
CA ASN C 14 46.77 0.06 9.62
C ASN C 14 46.68 -0.53 8.23
N LEU C 15 47.19 -1.73 8.05
CA LEU C 15 47.30 -2.31 6.71
C LEU C 15 46.23 -3.39 6.56
N PHE C 16 45.66 -3.49 5.35
CA PHE C 16 44.59 -4.42 5.01
C PHE C 16 44.86 -5.08 3.67
N GLY C 17 44.28 -6.25 3.47
CA GLY C 17 44.30 -6.85 2.16
C GLY C 17 45.29 -8.02 2.08
N ALA C 18 45.01 -8.90 1.11
CA ALA C 18 45.85 -10.07 0.86
C ALA C 18 47.30 -9.67 0.62
N GLY C 19 48.21 -10.34 1.31
CA GLY C 19 49.61 -10.06 1.15
C GLY C 19 50.16 -8.97 2.03
N SER C 20 49.30 -8.16 2.67
CA SER C 20 49.78 -7.05 3.47
C SER C 20 50.84 -7.46 4.50
N VAL C 21 50.85 -8.73 4.93
CA VAL C 21 51.83 -9.16 5.93
C VAL C 21 53.27 -9.11 5.39
N ASN C 22 53.45 -9.03 4.07
CA ASN C 22 54.79 -8.90 3.49
C ASN C 22 55.47 -7.55 3.81
N GLU C 23 54.80 -6.61 4.46
CA GLU C 23 55.40 -5.33 4.80
C GLU C 23 55.98 -5.28 6.20
N VAL C 24 55.85 -6.36 6.98
CA VAL C 24 56.07 -6.26 8.42
C VAL C 24 57.52 -5.93 8.73
N GLY C 25 58.46 -6.50 7.96
CA GLY C 25 59.87 -6.22 8.19
C GLY C 25 60.23 -4.77 7.91
N THR C 26 59.90 -4.28 6.70
CA THR C 26 60.18 -2.89 6.36
C THR C 26 59.53 -1.92 7.34
N ARG C 27 58.33 -2.25 7.85
CA ARG C 27 57.66 -1.37 8.81
C ARG C 27 58.32 -1.42 10.18
N LEU C 28 58.81 -2.59 10.57
CA LEU C 28 59.58 -2.74 11.79
C LEU C 28 60.96 -2.09 11.67
N ALA C 29 61.50 -2.03 10.45
CA ALA C 29 62.74 -1.33 10.19
C ALA C 29 62.56 0.19 10.30
N ASP C 30 61.57 0.74 9.59
CA ASP C 30 61.23 2.15 9.69
C ASP C 30 61.09 2.63 11.14
N LEU C 31 60.70 1.75 12.05
CA LEU C 31 60.67 2.13 13.46
C LEU C 31 62.06 2.33 14.04
N GLY C 32 63.07 1.68 13.48
CA GLY C 32 64.40 1.71 14.07
C GLY C 32 64.61 0.78 15.25
N VAL C 33 63.90 -0.35 15.30
CA VAL C 33 64.14 -1.33 16.35
C VAL C 33 65.00 -2.44 15.78
N LYS C 34 65.57 -3.26 16.67
CA LYS C 34 66.60 -4.21 16.27
C LYS C 34 66.28 -5.65 16.61
N LYS C 35 65.84 -5.95 17.83
CA LYS C 35 65.46 -7.30 18.24
C LYS C 35 64.02 -7.27 18.73
N ALA C 36 63.13 -7.90 17.96
CA ALA C 36 61.71 -8.00 18.28
C ALA C 36 61.38 -9.38 18.84
N LEU C 37 60.66 -9.41 19.94
CA LEU C 37 60.10 -10.64 20.47
C LEU C 37 58.77 -10.94 19.76
N LEU C 38 58.72 -12.07 19.04
CA LEU C 38 57.56 -12.48 18.25
C LEU C 38 56.62 -13.33 19.12
N VAL C 39 55.52 -12.73 19.58
CA VAL C 39 54.59 -13.38 20.51
C VAL C 39 53.45 -14.01 19.70
N THR C 40 53.35 -15.34 19.77
CA THR C 40 52.34 -16.12 19.05
C THR C 40 51.86 -17.27 19.95
N ASP C 41 51.09 -18.19 19.41
CA ASP C 41 50.66 -19.33 20.20
C ASP C 41 51.16 -20.63 19.58
N ALA C 42 50.97 -21.71 20.35
CA ALA C 42 51.51 -23.02 20.01
C ALA C 42 51.06 -23.48 18.63
N GLY C 43 49.79 -23.29 18.29
CA GLY C 43 49.27 -23.81 17.05
C GLY C 43 49.79 -23.07 15.83
N LEU C 44 49.91 -21.76 15.91
CA LEU C 44 50.43 -21.03 14.76
C LEU C 44 51.91 -21.30 14.59
N HIS C 45 52.61 -21.51 15.71
CA HIS C 45 54.03 -21.85 15.65
C HIS C 45 54.24 -23.16 14.88
N GLY C 46 53.54 -24.22 15.27
CA GLY C 46 53.59 -25.48 14.57
C GLY C 46 53.08 -25.45 13.15
N LEU C 47 52.38 -24.38 12.78
CA LEU C 47 51.90 -24.23 11.41
C LEU C 47 53.01 -23.79 10.47
N GLY C 48 54.02 -23.09 10.98
CA GLY C 48 55.05 -22.45 10.18
C GLY C 48 54.91 -20.95 10.02
N LEU C 49 53.81 -20.36 10.53
CA LEU C 49 53.59 -18.93 10.43
C LEU C 49 54.63 -18.15 11.22
N SER C 50 55.05 -18.70 12.36
CA SER C 50 56.07 -18.01 13.13
C SER C 50 57.33 -17.86 12.30
N GLU C 51 57.67 -18.90 11.51
CA GLU C 51 58.91 -18.91 10.76
C GLU C 51 58.81 -18.01 9.55
N LYS C 52 57.76 -18.19 8.75
CA LYS C 52 57.49 -17.32 7.60
C LYS C 52 57.63 -15.82 7.96
N ILE C 53 57.02 -15.40 9.07
CA ILE C 53 57.05 -13.98 9.43
C ILE C 53 58.47 -13.56 9.84
N SER C 54 59.12 -14.38 10.67
CA SER C 54 60.50 -14.08 11.09
C SER C 54 61.44 -13.97 9.91
N SER C 55 61.23 -14.80 8.88
CA SER C 55 62.01 -14.67 7.67
C SER C 55 61.83 -13.28 7.05
N ILE C 56 60.59 -12.76 7.03
CA ILE C 56 60.36 -11.43 6.47
C ILE C 56 61.01 -10.37 7.34
N ILE C 57 60.92 -10.51 8.66
CA ILE C 57 61.48 -9.51 9.56
C ILE C 57 63.00 -9.45 9.43
N ARG C 58 63.63 -10.63 9.28
CA ARG C 58 65.08 -10.74 9.15
C ARG C 58 65.57 -10.36 7.76
N ALA C 59 64.77 -10.61 6.72
CA ALA C 59 65.17 -10.30 5.36
C ALA C 59 65.35 -8.80 5.14
N ALA C 60 65.07 -8.00 6.16
CA ALA C 60 65.24 -6.56 6.08
C ALA C 60 65.81 -6.03 7.39
N GLY C 61 66.70 -6.80 8.01
CA GLY C 61 67.66 -6.24 8.94
C GLY C 61 67.29 -6.25 10.41
N VAL C 62 66.15 -6.80 10.79
CA VAL C 62 65.75 -6.81 12.19
C VAL C 62 65.84 -8.24 12.70
N GLU C 63 66.17 -8.35 13.98
CA GLU C 63 66.35 -9.65 14.62
C GLU C 63 65.07 -10.08 15.32
N VAL C 64 64.79 -11.38 15.25
CA VAL C 64 63.56 -12.00 15.73
C VAL C 64 63.90 -13.00 16.84
N SER C 65 63.04 -13.07 17.84
CA SER C 65 63.12 -14.13 18.84
C SER C 65 61.70 -14.60 19.12
N ILE C 66 61.42 -15.86 18.86
CA ILE C 66 60.06 -16.38 18.91
C ILE C 66 59.72 -16.82 20.32
N PHE C 67 58.65 -16.24 20.88
CA PHE C 67 58.03 -16.65 22.14
C PHE C 67 56.67 -17.27 21.79
N PRO C 68 56.58 -18.58 21.54
CA PRO C 68 55.30 -19.15 21.07
C PRO C 68 54.45 -19.74 22.17
N LYS C 69 54.27 -19.01 23.27
CA LYS C 69 53.70 -19.60 24.47
C LYS C 69 52.44 -18.90 24.95
N ALA C 70 51.90 -17.98 24.15
CA ALA C 70 50.63 -17.34 24.52
C ALA C 70 49.51 -18.38 24.43
N GLU C 71 48.71 -18.50 25.49
CA GLU C 71 47.64 -19.53 25.50
C GLU C 71 46.27 -18.87 25.38
N PRO C 72 45.28 -19.56 24.78
CA PRO C 72 43.92 -19.03 24.74
C PRO C 72 43.53 -18.51 26.12
N ASN C 73 42.98 -17.30 26.20
CA ASN C 73 42.74 -16.64 27.51
C ASN C 73 44.11 -16.50 28.18
N PRO C 74 44.98 -15.58 27.71
CA PRO C 74 46.36 -15.47 28.23
C PRO C 74 46.43 -15.27 29.74
N THR C 75 47.43 -15.87 30.39
CA THR C 75 47.44 -15.80 31.85
C THR C 75 48.52 -14.84 32.32
N ASP C 76 48.39 -14.40 33.57
CA ASP C 76 49.44 -13.59 34.18
C ASP C 76 50.78 -14.27 34.07
N LYS C 77 50.79 -15.62 34.13
CA LYS C 77 52.02 -16.40 34.02
C LYS C 77 52.62 -16.32 32.61
N ASN C 78 51.79 -16.47 31.59
CA ASN C 78 52.24 -16.22 30.22
C ASN C 78 52.96 -14.89 30.12
N VAL C 79 52.37 -13.84 30.72
CA VAL C 79 52.94 -12.50 30.63
C VAL C 79 54.27 -12.42 31.38
N ALA C 80 54.32 -13.05 32.56
CA ALA C 80 55.55 -13.18 33.34
C ALA C 80 56.63 -13.89 32.54
N GLU C 81 56.31 -15.11 32.09
CA GLU C 81 57.24 -15.91 31.30
C GLU C 81 57.72 -15.16 30.06
N GLY C 82 56.78 -14.51 29.35
CA GLY C 82 57.15 -13.73 28.19
C GLY C 82 57.94 -12.48 28.52
N LEU C 83 57.74 -11.93 29.72
CA LEU C 83 58.59 -10.82 30.13
C LEU C 83 60.01 -11.29 30.38
N GLU C 84 60.16 -12.45 31.02
CA GLU C 84 61.50 -13.02 31.21
C GLU C 84 62.16 -13.33 29.88
N ALA C 85 61.39 -13.81 28.89
CA ALA C 85 61.96 -14.03 27.56
C ALA C 85 62.36 -12.71 26.90
N TYR C 86 61.57 -11.65 27.13
CA TYR C 86 61.88 -10.35 26.53
C TYR C 86 63.25 -9.84 26.97
N ASN C 87 63.51 -9.93 28.27
CA ASN C 87 64.80 -9.50 28.83
C ASN C 87 65.91 -10.50 28.52
N ALA C 88 65.61 -11.80 28.56
CA ALA C 88 66.57 -12.85 28.22
C ALA C 88 67.25 -12.59 26.89
N GLU C 89 66.45 -12.41 25.83
CA GLU C 89 66.99 -12.10 24.52
C GLU C 89 67.24 -10.62 24.33
N ASN C 90 66.84 -9.79 25.28
CA ASN C 90 67.10 -8.34 25.29
C ASN C 90 66.53 -7.68 24.04
N CYS C 91 65.21 -7.79 23.92
CA CYS C 91 64.49 -7.23 22.79
C CYS C 91 64.19 -5.76 23.05
N ASP C 92 64.02 -5.00 21.97
CA ASP C 92 63.61 -3.60 22.07
C ASP C 92 62.20 -3.38 21.56
N SER C 93 61.46 -4.45 21.26
CA SER C 93 60.17 -4.32 20.58
C SER C 93 59.47 -5.67 20.66
N ILE C 94 58.30 -5.73 20.03
CA ILE C 94 57.42 -6.90 20.06
C ILE C 94 56.60 -6.94 18.78
N VAL C 95 56.41 -8.15 18.25
CA VAL C 95 55.54 -8.43 17.11
C VAL C 95 54.59 -9.53 17.57
N THR C 96 53.28 -9.23 17.60
CA THR C 96 52.28 -10.24 17.96
C THR C 96 51.70 -10.83 16.69
N LEU C 97 51.51 -12.15 16.67
CA LEU C 97 51.03 -12.87 15.50
C LEU C 97 49.97 -13.88 15.92
N GLY C 98 48.74 -13.69 15.44
CA GLY C 98 47.66 -14.58 15.82
C GLY C 98 46.36 -13.89 16.17
N GLY C 99 45.65 -14.43 17.18
CA GLY C 99 44.39 -13.88 17.63
C GLY C 99 44.58 -12.93 18.80
N GLY C 100 43.44 -12.58 19.43
CA GLY C 100 43.47 -11.73 20.60
C GLY C 100 44.38 -12.23 21.70
N SER C 101 44.51 -13.56 21.85
CA SER C 101 45.37 -14.08 22.90
C SER C 101 46.80 -13.64 22.69
N SER C 102 47.24 -13.64 21.44
CA SER C 102 48.60 -13.25 21.13
C SER C 102 48.77 -11.75 21.23
N HIS C 103 47.84 -10.97 20.68
CA HIS C 103 47.95 -9.52 20.79
C HIS C 103 47.97 -9.09 22.25
N ASP C 104 47.11 -9.67 23.08
CA ASP C 104 47.06 -9.18 24.46
C ASP C 104 48.26 -9.67 25.26
N ALA C 105 48.74 -10.87 24.99
CA ALA C 105 50.00 -11.31 25.59
C ALA C 105 51.09 -10.30 25.29
N GLY C 106 51.28 -9.98 24.01
CA GLY C 106 52.31 -9.03 23.63
C GLY C 106 52.12 -7.66 24.25
N LYS C 107 50.90 -7.12 24.17
CA LYS C 107 50.60 -5.82 24.78
C LYS C 107 50.92 -5.81 26.27
N ALA C 108 50.52 -6.85 26.99
CA ALA C 108 50.82 -6.94 28.41
C ALA C 108 52.34 -7.00 28.64
N ILE C 109 53.06 -7.78 27.83
CA ILE C 109 54.51 -7.83 27.97
C ILE C 109 55.11 -6.45 27.72
N ALA C 110 54.77 -5.84 26.58
CA ALA C 110 55.30 -4.52 26.22
C ALA C 110 55.07 -3.50 27.32
N LEU C 111 53.88 -3.52 27.93
CA LEU C 111 53.51 -2.50 28.91
C LEU C 111 54.25 -2.69 30.24
N VAL C 112 54.33 -3.94 30.72
CA VAL C 112 55.10 -4.20 31.95
C VAL C 112 56.58 -3.92 31.69
N ALA C 113 57.08 -4.28 30.50
CA ALA C 113 58.44 -3.88 30.10
C ALA C 113 58.65 -2.39 30.28
N ALA C 114 57.71 -1.56 29.80
CA ALA C 114 57.89 -0.12 29.82
C ALA C 114 57.58 0.54 31.16
N ASN C 115 56.80 -0.11 32.04
CA ASN C 115 56.19 0.58 33.18
C ASN C 115 56.53 -0.01 34.53
N GLY C 116 57.05 -1.22 34.61
CA GLY C 116 57.44 -1.69 35.92
C GLY C 116 56.77 -2.95 36.41
N GLY C 117 56.17 -2.90 37.59
CA GLY C 117 55.80 -4.06 38.37
C GLY C 117 55.29 -5.31 37.68
N LYS C 118 54.01 -5.61 37.89
CA LYS C 118 53.36 -6.76 37.29
C LYS C 118 52.11 -6.29 36.56
N ILE C 119 51.61 -7.14 35.66
CA ILE C 119 50.44 -6.82 34.85
C ILE C 119 49.18 -6.58 35.71
N HIS C 120 49.11 -7.13 36.93
CA HIS C 120 47.92 -6.92 37.75
C HIS C 120 47.81 -5.48 38.22
N ASP C 121 48.90 -4.71 38.15
CA ASP C 121 48.90 -3.33 38.61
C ASP C 121 47.98 -2.46 37.78
N TYR C 122 47.75 -2.84 36.52
CA TYR C 122 47.15 -1.94 35.54
C TYR C 122 45.72 -2.34 35.20
N GLU C 123 45.09 -3.20 35.99
CA GLU C 123 43.67 -3.47 35.80
C GLU C 123 42.86 -2.18 36.00
N GLY C 124 41.94 -1.91 35.09
CA GLY C 124 41.20 -0.66 35.08
C GLY C 124 41.65 0.25 33.95
N VAL C 125 41.36 1.55 34.13
CA VAL C 125 41.41 2.53 33.05
C VAL C 125 42.59 3.48 33.24
N ASP C 126 43.46 3.55 32.23
CA ASP C 126 44.54 4.53 32.20
C ASP C 126 45.41 4.48 33.45
N VAL C 127 45.67 3.26 33.93
CA VAL C 127 46.49 3.09 35.13
C VAL C 127 47.94 3.50 34.88
N SER C 128 48.52 3.07 33.76
CA SER C 128 49.97 3.12 33.57
C SER C 128 50.47 4.52 33.25
N LYS C 129 51.78 4.69 33.44
CA LYS C 129 52.45 5.98 33.26
C LYS C 129 53.20 6.12 31.94
N GLU C 130 53.56 5.03 31.27
CA GLU C 130 54.40 5.14 30.10
C GLU C 130 53.80 4.36 28.94
N PRO C 131 54.01 4.83 27.71
CA PRO C 131 53.59 4.04 26.55
C PRO C 131 54.45 2.79 26.43
N MET C 132 53.79 1.68 26.10
CA MET C 132 54.45 0.41 25.97
C MET C 132 55.47 0.46 24.84
N VAL C 133 56.37 -0.54 24.83
CA VAL C 133 57.47 -0.56 23.87
C VAL C 133 56.87 -0.79 22.49
N PRO C 134 57.57 -0.40 21.43
CA PRO C 134 57.03 -0.57 20.07
C PRO C 134 56.43 -1.95 19.84
N LEU C 135 55.31 -1.98 19.11
CA LEU C 135 54.59 -3.23 18.90
C LEU C 135 53.87 -3.17 17.56
N ILE C 136 53.98 -4.25 16.80
CA ILE C 136 53.23 -4.42 15.56
C ILE C 136 52.36 -5.68 15.70
N ALA C 137 51.04 -5.52 15.56
CA ALA C 137 50.13 -6.64 15.70
C ALA C 137 49.72 -7.16 14.32
N ILE C 138 50.01 -8.44 14.05
CA ILE C 138 49.54 -9.15 12.87
C ILE C 138 48.41 -10.07 13.32
N ASN C 139 47.23 -9.90 12.73
CA ASN C 139 46.00 -10.48 13.26
C ASN C 139 45.50 -11.61 12.37
N THR C 140 45.19 -12.76 12.95
CA THR C 140 44.80 -13.92 12.16
C THR C 140 43.40 -14.49 12.45
N THR C 141 42.60 -13.88 13.34
CA THR C 141 41.21 -14.28 13.52
C THR C 141 40.28 -13.14 13.09
N ALA C 142 39.07 -13.48 12.68
CA ALA C 142 38.16 -12.37 12.34
C ALA C 142 37.20 -12.10 13.50
N GLY C 143 37.72 -11.52 14.59
CA GLY C 143 36.82 -11.13 15.67
C GLY C 143 37.32 -10.21 16.77
N THR C 144 38.60 -10.16 17.05
CA THR C 144 39.06 -9.38 18.25
C THR C 144 39.20 -7.88 18.00
N GLY C 145 39.76 -7.45 16.88
CA GLY C 145 40.05 -6.03 16.65
C GLY C 145 41.16 -5.57 17.56
N SER C 146 41.80 -6.50 18.27
CA SER C 146 42.76 -6.07 19.28
C SER C 146 44.11 -5.62 18.70
N GLU C 147 44.36 -5.82 17.40
CA GLU C 147 45.44 -5.09 16.76
C GLU C 147 45.21 -3.58 16.76
N LEU C 148 43.96 -3.12 16.96
CA LEU C 148 43.63 -1.70 16.94
C LEU C 148 43.40 -1.08 18.29
N THR C 149 43.16 -1.86 19.35
CA THR C 149 42.53 -1.31 20.54
C THR C 149 43.52 -1.03 21.64
N LYS C 150 43.07 -0.25 22.61
CA LYS C 150 43.81 -0.01 23.83
C LYS C 150 43.38 -0.96 24.97
N PHE C 151 42.87 -2.14 24.62
CA PHE C 151 42.55 -3.18 25.59
C PHE C 151 43.61 -4.27 25.55
N THR C 152 43.85 -4.86 26.72
CA THR C 152 44.51 -6.15 26.83
C THR C 152 43.86 -6.88 27.99
N ILE C 153 43.52 -8.15 27.76
CA ILE C 153 42.70 -8.94 28.66
C ILE C 153 43.59 -10.07 29.19
N ILE C 154 44.02 -9.97 30.44
CA ILE C 154 44.94 -10.93 31.05
C ILE C 154 44.25 -11.60 32.24
N THR C 155 44.30 -12.93 32.29
CA THR C 155 43.65 -13.66 33.37
C THR C 155 44.50 -13.60 34.64
N ASP C 156 43.95 -13.02 35.71
CA ASP C 156 44.40 -13.25 37.08
C ASP C 156 44.04 -14.68 37.47
N THR C 157 45.06 -15.55 37.62
CA THR C 157 44.82 -16.97 37.83
C THR C 157 44.44 -17.30 39.26
N GLU C 158 44.82 -16.45 40.23
CA GLU C 158 44.34 -16.67 41.59
C GLU C 158 42.85 -16.37 41.69
N ARG C 159 42.41 -15.20 41.20
CA ARG C 159 41.02 -14.77 41.33
C ARG C 159 40.11 -15.40 40.30
N LYS C 160 40.66 -16.10 39.30
CA LYS C 160 39.90 -16.57 38.15
C LYS C 160 39.11 -15.42 37.51
N VAL C 161 39.81 -14.31 37.28
CA VAL C 161 39.24 -13.10 36.68
C VAL C 161 40.07 -12.75 35.44
N LYS C 162 39.44 -12.73 34.27
CA LYS C 162 40.07 -12.13 33.09
C LYS C 162 40.04 -10.62 33.29
N MET C 163 41.17 -10.05 33.66
CA MET C 163 41.21 -8.64 34.01
C MET C 163 41.23 -7.78 32.75
N ALA C 164 40.38 -6.76 32.73
CA ALA C 164 40.35 -5.82 31.62
C ALA C 164 41.29 -4.67 31.94
N ILE C 165 42.39 -4.58 31.20
CA ILE C 165 43.31 -3.44 31.26
C ILE C 165 42.99 -2.51 30.09
N VAL C 166 42.39 -1.35 30.37
CA VAL C 166 41.98 -0.39 29.35
C VAL C 166 42.89 0.83 29.46
N ASP C 167 43.80 1.01 28.51
CA ASP C 167 44.91 1.93 28.68
C ASP C 167 45.36 2.46 27.32
N LYS C 168 45.25 3.76 27.12
CA LYS C 168 45.82 4.44 25.95
C LYS C 168 47.20 3.91 25.56
N HIS C 169 48.02 3.57 26.55
CA HIS C 169 49.43 3.25 26.31
C HIS C 169 49.63 1.91 25.60
N VAL C 170 48.60 1.09 25.39
CA VAL C 170 48.80 -0.20 24.72
C VAL C 170 48.22 -0.21 23.31
N THR C 171 47.84 0.95 22.77
CA THR C 171 47.53 1.04 21.34
C THR C 171 48.75 0.61 20.54
N PRO C 172 48.64 -0.39 19.67
CA PRO C 172 49.81 -0.85 18.92
C PRO C 172 50.35 0.21 17.97
N THR C 173 51.67 0.13 17.71
CA THR C 173 52.31 1.11 16.82
C THR C 173 51.74 1.00 15.40
N LEU C 174 51.53 -0.22 14.92
CA LEU C 174 51.02 -0.46 13.58
C LEU C 174 50.32 -1.82 13.57
N SER C 175 49.26 -1.92 12.79
CA SER C 175 48.50 -3.15 12.68
C SER C 175 48.53 -3.65 11.24
N ILE C 176 48.43 -4.97 11.10
CA ILE C 176 48.35 -5.65 9.82
C ILE C 176 47.20 -6.63 9.90
N ASN C 177 46.35 -6.62 8.89
CA ASN C 177 45.12 -7.40 8.92
C ASN C 177 45.01 -8.10 7.58
N ASP C 178 45.66 -9.26 7.45
CA ASP C 178 45.83 -9.93 6.17
C ASP C 178 44.88 -11.11 6.03
N PRO C 179 43.82 -11.00 5.24
CA PRO C 179 42.85 -12.09 5.14
C PRO C 179 43.43 -13.41 4.63
N GLU C 180 44.60 -13.40 4.01
CA GLU C 180 45.16 -14.68 3.61
C GLU C 180 45.55 -15.51 4.84
N LEU C 181 46.01 -14.87 5.92
CA LEU C 181 46.32 -15.62 7.13
C LEU C 181 45.07 -16.09 7.87
N MET C 182 43.87 -15.76 7.40
CA MET C 182 42.67 -16.15 8.12
C MET C 182 41.96 -17.34 7.50
N VAL C 183 42.30 -17.72 6.27
CA VAL C 183 41.55 -18.76 5.56
C VAL C 183 41.57 -20.06 6.32
N GLY C 184 42.65 -20.33 7.06
CA GLY C 184 42.76 -21.58 7.79
C GLY C 184 41.92 -21.73 9.04
N MET C 185 41.25 -20.66 9.51
CA MET C 185 40.41 -20.78 10.69
C MET C 185 39.39 -21.91 10.52
N PRO C 186 39.35 -22.89 11.41
CA PRO C 186 38.32 -23.92 11.30
C PRO C 186 36.95 -23.33 11.61
N PRO C 187 35.87 -23.93 11.12
CA PRO C 187 34.56 -23.29 11.27
C PRO C 187 34.23 -22.89 12.69
N SER C 188 34.48 -23.73 13.69
CA SER C 188 34.12 -23.32 15.04
C SER C 188 34.82 -22.02 15.43
N LEU C 189 36.07 -21.84 14.99
CA LEU C 189 36.79 -20.64 15.40
C LEU C 189 36.30 -19.43 14.62
N THR C 190 35.99 -19.61 13.33
CA THR C 190 35.37 -18.54 12.54
C THR C 190 34.09 -18.05 13.20
N ALA C 191 33.24 -19.00 13.62
CA ALA C 191 32.00 -18.65 14.27
C ALA C 191 32.24 -17.87 15.56
N ALA C 192 33.17 -18.34 16.39
CA ALA C 192 33.34 -17.71 17.70
C ALA C 192 33.93 -16.31 17.57
N THR C 193 34.95 -16.15 16.71
CA THR C 193 35.55 -14.84 16.53
C THR C 193 34.58 -13.90 15.81
N GLY C 194 33.77 -14.43 14.90
CA GLY C 194 32.75 -13.62 14.24
C GLY C 194 31.70 -13.09 15.19
N LEU C 195 31.18 -13.94 16.08
CA LEU C 195 30.19 -13.47 17.04
C LEU C 195 30.80 -12.61 18.12
N ASP C 196 32.10 -12.77 18.40
CA ASP C 196 32.73 -11.77 19.27
C ASP C 196 32.71 -10.38 18.62
N ALA C 197 32.95 -10.29 17.31
CA ALA C 197 32.92 -9.00 16.64
C ALA C 197 31.50 -8.42 16.58
N LEU C 198 30.50 -9.28 16.38
CA LEU C 198 29.13 -8.83 16.47
C LEU C 198 28.83 -8.28 17.86
N THR C 199 29.32 -8.95 18.90
CA THR C 199 29.10 -8.45 20.25
C THR C 199 29.81 -7.12 20.43
N HIS C 200 30.93 -6.90 19.73
CA HIS C 200 31.62 -5.62 19.86
C HIS C 200 30.80 -4.48 19.24
N ALA C 201 30.26 -4.70 18.04
CA ALA C 201 29.46 -3.65 17.38
C ALA C 201 28.20 -3.34 18.17
N ILE C 202 27.50 -4.38 18.63
CA ILE C 202 26.22 -4.17 19.32
C ILE C 202 26.44 -3.44 20.63
N GLU C 203 27.35 -3.93 21.47
CA GLU C 203 27.56 -3.22 22.73
C GLU C 203 28.14 -1.82 22.48
N ALA C 204 28.89 -1.63 21.38
CA ALA C 204 29.37 -0.29 21.07
C ALA C 204 28.22 0.63 20.67
N TYR C 205 27.24 0.08 19.93
CA TYR C 205 26.11 0.89 19.48
C TYR C 205 25.18 1.30 20.62
N VAL C 206 24.98 0.43 21.63
CA VAL C 206 24.11 0.78 22.73
C VAL C 206 24.87 1.37 23.90
N SER C 207 26.20 1.40 23.85
CA SER C 207 27.02 1.94 24.93
C SER C 207 26.65 3.39 25.29
N THR C 208 26.84 3.74 26.56
CA THR C 208 26.62 5.14 26.94
C THR C 208 27.76 6.02 26.49
N GLY C 209 28.87 5.42 26.01
CA GLY C 209 30.02 6.11 25.47
C GLY C 209 30.02 6.30 23.95
N ALA C 210 28.95 5.87 23.27
CA ALA C 210 28.86 6.00 21.82
C ALA C 210 28.93 7.47 21.36
N THR C 211 29.48 7.67 20.16
CA THR C 211 29.54 8.94 19.46
C THR C 211 29.06 8.72 18.03
N PRO C 212 28.80 9.81 17.28
CA PRO C 212 28.55 9.65 15.84
C PRO C 212 29.65 8.92 15.09
N ILE C 213 30.91 9.05 15.52
CA ILE C 213 31.97 8.31 14.84
C ILE C 213 31.81 6.81 15.07
N THR C 214 31.70 6.41 16.34
CA THR C 214 31.61 4.97 16.64
C THR C 214 30.32 4.37 16.13
N ASP C 215 29.22 5.13 16.13
CA ASP C 215 27.99 4.66 15.49
C ASP C 215 28.21 4.26 14.03
N ALA C 216 28.96 5.09 13.26
CA ALA C 216 29.25 4.78 11.86
C ALA C 216 29.96 3.44 11.72
N LEU C 217 30.98 3.23 12.53
CA LEU C 217 31.74 2.01 12.42
C LEU C 217 30.88 0.79 12.82
N ALA C 218 30.20 0.88 13.97
CA ALA C 218 29.43 -0.25 14.47
C ALA C 218 28.28 -0.63 13.53
N ILE C 219 27.62 0.35 12.93
CA ILE C 219 26.50 0.00 12.04
C ILE C 219 27.03 -0.80 10.85
N GLN C 220 28.14 -0.37 10.27
CA GLN C 220 28.70 -1.09 9.14
C GLN C 220 29.07 -2.53 9.53
N ALA C 221 29.75 -2.69 10.68
CA ALA C 221 30.11 -4.02 11.16
C ALA C 221 28.90 -4.95 11.21
N ILE C 222 27.79 -4.49 11.78
CA ILE C 222 26.61 -5.33 11.94
C ILE C 222 26.10 -5.78 10.58
N LYS C 223 25.95 -4.83 9.65
CA LYS C 223 25.47 -5.19 8.33
C LYS C 223 26.39 -6.20 7.67
N ILE C 224 27.71 -6.03 7.80
CA ILE C 224 28.60 -6.93 7.07
C ILE C 224 28.60 -8.31 7.73
N ILE C 225 28.71 -8.34 9.06
CA ILE C 225 28.69 -9.61 9.80
C ILE C 225 27.45 -10.41 9.44
N SER C 226 26.29 -9.76 9.38
CA SER C 226 25.09 -10.53 9.17
C SER C 226 24.99 -11.02 7.73
N LYS C 227 25.71 -10.42 6.79
CA LYS C 227 25.70 -11.06 5.48
C LYS C 227 26.81 -12.11 5.32
N TYR C 228 28.02 -11.86 5.84
CA TYR C 228 29.17 -12.69 5.49
C TYR C 228 29.62 -13.67 6.55
N LEU C 229 29.33 -13.43 7.84
CA LEU C 229 29.74 -14.41 8.83
C LEU C 229 29.14 -15.79 8.57
N PRO C 230 27.85 -15.94 8.25
CA PRO C 230 27.37 -17.30 7.91
C PRO C 230 28.14 -17.93 6.76
N ARG C 231 28.51 -17.11 5.77
CA ARG C 231 29.26 -17.63 4.63
C ARG C 231 30.64 -18.13 5.04
N ALA C 232 31.36 -17.33 5.83
CA ALA C 232 32.69 -17.72 6.26
C ALA C 232 32.67 -19.02 7.07
N VAL C 233 31.62 -19.24 7.88
CA VAL C 233 31.49 -20.48 8.65
C VAL C 233 31.18 -21.66 7.72
N ALA C 234 30.34 -21.42 6.70
CA ALA C 234 29.90 -22.51 5.84
C ALA C 234 31.01 -22.97 4.91
N ASN C 235 31.97 -22.11 4.61
CA ASN C 235 33.00 -22.43 3.64
C ASN C 235 34.15 -21.42 3.83
N GLY C 236 35.10 -21.82 4.68
CA GLY C 236 36.24 -20.96 4.98
C GLY C 236 37.16 -20.67 3.82
N LYS C 237 36.98 -21.32 2.66
CA LYS C 237 37.76 -20.98 1.48
C LYS C 237 37.03 -19.96 0.60
N ASP C 238 35.85 -19.51 1.02
CA ASP C 238 35.14 -18.38 0.41
C ASP C 238 35.96 -17.12 0.67
N ILE C 239 36.71 -16.67 -0.34
CA ILE C 239 37.68 -15.60 -0.12
C ILE C 239 37.00 -14.26 0.09
N GLU C 240 35.87 -14.02 -0.58
CA GLU C 240 35.13 -12.76 -0.40
C GLU C 240 34.60 -12.63 1.03
N ALA C 241 33.94 -13.67 1.55
CA ALA C 241 33.50 -13.65 2.95
C ALA C 241 34.66 -13.41 3.90
N ARG C 242 35.82 -14.03 3.64
CA ARG C 242 36.96 -13.82 4.50
C ARG C 242 37.40 -12.37 4.53
N GLU C 243 37.41 -11.71 3.36
CA GLU C 243 37.86 -10.31 3.33
C GLU C 243 36.84 -9.41 4.02
N GLN C 244 35.56 -9.65 3.77
CA GLN C 244 34.53 -8.85 4.42
C GLN C 244 34.61 -9.00 5.92
N MET C 245 34.79 -10.24 6.42
CA MET C 245 34.87 -10.43 7.86
C MET C 245 36.11 -9.77 8.43
N ALA C 246 37.19 -9.65 7.66
CA ALA C 246 38.35 -8.92 8.14
C ALA C 246 38.05 -7.43 8.25
N PHE C 247 37.23 -6.89 7.35
CA PHE C 247 36.86 -5.45 7.51
C PHE C 247 35.93 -5.26 8.71
N ALA C 248 34.95 -6.14 8.89
CA ALA C 248 33.94 -6.01 9.97
C ALA C 248 34.57 -6.09 11.37
N GLN C 249 35.52 -6.99 11.58
CA GLN C 249 36.19 -7.18 12.88
C GLN C 249 36.95 -5.91 13.25
N SER C 250 37.45 -5.20 12.26
CA SER C 250 38.21 -3.95 12.49
C SER C 250 37.22 -2.80 12.70
N LEU C 251 36.13 -2.78 11.93
CA LEU C 251 35.07 -1.77 12.15
C LEU C 251 34.53 -1.93 13.58
N ALA C 252 34.31 -3.18 14.00
CA ALA C 252 33.84 -3.42 15.36
C ALA C 252 34.90 -3.09 16.39
N GLY C 253 36.16 -3.41 16.10
CA GLY C 253 37.21 -3.01 17.02
C GLY C 253 37.30 -1.51 17.18
N MET C 254 37.28 -0.77 16.05
CA MET C 254 37.26 0.68 16.14
C MET C 254 36.04 1.16 16.93
N ALA C 255 34.91 0.48 16.78
CA ALA C 255 33.71 0.94 17.46
C ALA C 255 33.85 0.76 18.98
N PHE C 256 34.04 -0.47 19.47
CA PHE C 256 34.02 -0.65 20.93
C PHE C 256 35.24 -0.04 21.58
N ASN C 257 36.38 0.01 20.88
CA ASN C 257 37.59 0.62 21.44
C ASN C 257 37.32 2.02 21.91
N ASN C 258 36.44 2.73 21.22
CA ASN C 258 36.22 4.14 21.52
C ASN C 258 34.84 4.43 22.10
N ALA C 259 33.84 3.58 21.83
CA ALA C 259 32.54 3.74 22.46
C ALA C 259 32.43 3.01 23.81
N GLY C 260 33.09 1.87 23.94
CA GLY C 260 32.91 1.09 25.17
C GLY C 260 32.08 -0.15 24.93
N LEU C 261 32.15 -1.11 25.85
CA LEU C 261 31.35 -2.35 25.75
C LEU C 261 30.26 -2.31 26.82
N GLY C 262 29.91 -3.47 27.38
CA GLY C 262 28.84 -3.53 28.39
C GLY C 262 28.87 -4.78 29.23
N TYR C 263 27.70 -5.26 29.64
CA TYR C 263 27.65 -6.41 30.58
C TYR C 263 27.84 -7.74 29.85
N VAL C 264 27.72 -7.77 28.52
CA VAL C 264 28.07 -9.05 27.88
C VAL C 264 29.54 -9.36 28.15
N HIS C 265 30.42 -8.37 27.96
CA HIS C 265 31.84 -8.59 28.17
C HIS C 265 32.17 -8.63 29.66
N ALA C 266 31.54 -7.77 30.48
CA ALA C 266 31.76 -7.88 31.92
C ALA C 266 31.47 -9.30 32.42
N ILE C 267 30.38 -9.93 31.96
CA ILE C 267 30.09 -11.25 32.50
C ILE C 267 30.93 -12.30 31.80
N ALA C 268 31.09 -12.20 30.48
CA ALA C 268 31.96 -13.14 29.76
C ALA C 268 33.36 -13.24 30.37
N HIS C 269 33.94 -12.11 30.78
CA HIS C 269 35.29 -12.17 31.35
C HIS C 269 35.35 -13.06 32.59
N GLN C 270 34.25 -13.20 33.33
CA GLN C 270 34.32 -14.04 34.52
C GLN C 270 34.11 -15.51 34.19
N LEU C 271 33.23 -15.84 33.24
CA LEU C 271 33.11 -17.24 32.84
C LEU C 271 34.38 -17.77 32.14
N GLY C 272 35.09 -16.91 31.40
CA GLY C 272 36.37 -17.31 30.85
C GLY C 272 37.48 -17.43 31.90
N GLY C 273 37.45 -16.55 32.91
CA GLY C 273 38.41 -16.67 34.00
C GLY C 273 38.16 -17.88 34.91
N PHE C 274 36.90 -18.23 35.14
CA PHE C 274 36.60 -19.38 35.99
C PHE C 274 36.75 -20.70 35.25
N TYR C 275 36.27 -20.78 34.02
CA TYR C 275 36.20 -22.06 33.32
C TYR C 275 36.98 -22.10 32.03
N ASN C 276 37.67 -21.02 31.65
CA ASN C 276 38.49 -20.97 30.43
C ASN C 276 37.73 -21.33 29.15
N PHE C 277 36.46 -20.94 29.07
CA PHE C 277 35.72 -21.10 27.80
C PHE C 277 36.26 -20.14 26.74
N PRO C 278 36.06 -20.46 25.46
CA PRO C 278 36.42 -19.48 24.42
C PRO C 278 35.56 -18.22 24.54
N HIS C 279 36.25 -17.06 24.55
CA HIS C 279 35.61 -15.78 24.79
C HIS C 279 34.41 -15.55 23.86
N GLY C 280 34.52 -15.96 22.60
CA GLY C 280 33.45 -15.72 21.65
C GLY C 280 32.21 -16.55 21.91
N VAL C 281 32.41 -17.80 22.35
CA VAL C 281 31.28 -18.64 22.76
C VAL C 281 30.61 -18.08 24.01
N CYS C 282 31.40 -17.50 24.93
CA CYS C 282 30.78 -16.87 26.09
C CYS C 282 29.90 -15.69 25.67
N ASN C 283 30.44 -14.79 24.84
CA ASN C 283 29.63 -13.67 24.37
C ASN C 283 28.36 -14.16 23.69
N ALA C 284 28.46 -15.12 22.79
CA ALA C 284 27.29 -15.51 22.04
C ALA C 284 26.18 -16.04 22.94
N VAL C 285 26.55 -16.68 24.06
CA VAL C 285 25.55 -17.22 24.97
C VAL C 285 24.87 -16.09 25.73
N LEU C 286 25.67 -15.15 26.26
CA LEU C 286 25.11 -14.08 27.06
C LEU C 286 24.39 -13.04 26.23
N LEU C 287 24.75 -12.87 24.96
CA LEU C 287 24.30 -11.73 24.16
C LEU C 287 22.79 -11.55 24.18
N PRO C 288 21.96 -12.55 23.86
CA PRO C 288 20.51 -12.31 23.94
C PRO C 288 20.04 -11.94 25.33
N TYR C 289 20.62 -12.51 26.39
CA TYR C 289 20.12 -12.19 27.72
C TYR C 289 20.40 -10.74 28.10
N VAL C 290 21.61 -10.25 27.84
CA VAL C 290 21.96 -8.89 28.21
C VAL C 290 21.21 -7.87 27.34
N CYS C 291 21.01 -8.18 26.06
CA CYS C 291 20.27 -7.26 25.20
C CYS C 291 18.85 -7.07 25.71
N ARG C 292 18.21 -8.18 26.05
CA ARG C 292 16.84 -8.12 26.55
C ARG C 292 16.78 -7.41 27.90
N PHE C 293 17.79 -7.58 28.75
CA PHE C 293 17.90 -6.76 29.96
C PHE C 293 18.07 -5.28 29.63
N ASN C 294 18.93 -4.97 28.66
CA ASN C 294 19.24 -3.58 28.31
C ASN C 294 18.11 -2.89 27.53
N LEU C 295 17.16 -3.66 27.00
CA LEU C 295 16.20 -3.19 26.01
C LEU C 295 15.56 -1.85 26.42
N ILE C 296 15.01 -1.77 27.63
CA ILE C 296 14.23 -0.59 27.96
C ILE C 296 15.06 0.67 27.92
N SER C 297 16.39 0.58 28.05
CA SER C 297 17.24 1.77 28.05
C SER C 297 17.66 2.23 26.66
N LYS C 298 17.52 1.39 25.64
CA LYS C 298 18.07 1.67 24.32
C LYS C 298 17.17 1.03 23.27
N VAL C 299 15.88 1.25 23.39
CA VAL C 299 14.95 0.47 22.58
C VAL C 299 14.98 0.95 21.13
N GLU C 300 15.19 2.25 20.89
CA GLU C 300 15.24 2.73 19.52
C GLU C 300 16.42 2.10 18.80
N ARG C 301 17.56 2.03 19.47
CA ARG C 301 18.77 1.49 18.86
C ARG C 301 18.68 -0.02 18.68
N TYR C 302 18.07 -0.73 19.62
CA TYR C 302 17.84 -2.15 19.32
C TYR C 302 16.84 -2.31 18.20
N ALA C 303 15.97 -1.34 17.96
CA ALA C 303 15.08 -1.52 16.82
C ALA C 303 15.85 -1.35 15.51
N GLU C 304 16.76 -0.38 15.46
CA GLU C 304 17.64 -0.24 14.29
C GLU C 304 18.48 -1.49 14.05
N ILE C 305 19.00 -2.10 15.12
CA ILE C 305 19.81 -3.29 14.99
C ILE C 305 19.05 -4.39 14.28
N ALA C 306 17.75 -4.51 14.54
CA ALA C 306 16.94 -5.52 13.85
C ALA C 306 16.94 -5.31 12.35
N ALA C 307 16.93 -4.06 11.89
CA ALA C 307 16.93 -3.87 10.45
C ALA C 307 18.31 -4.14 9.87
N PHE C 308 19.35 -3.69 10.59
CA PHE C 308 20.72 -4.02 10.22
C PHE C 308 20.94 -5.52 10.05
N LEU C 309 20.32 -6.34 10.90
CA LEU C 309 20.45 -7.79 10.80
C LEU C 309 19.52 -8.38 9.75
N GLY C 310 18.80 -7.56 9.00
CA GLY C 310 17.97 -8.03 7.91
C GLY C 310 16.51 -8.22 8.23
N GLU C 311 16.09 -8.09 9.50
CA GLU C 311 14.69 -8.28 9.83
C GLU C 311 13.78 -7.24 9.15
N ASN C 312 12.55 -7.67 8.87
CA ASN C 312 11.50 -6.78 8.43
C ASN C 312 10.78 -6.24 9.65
N VAL C 313 10.69 -4.91 9.77
CA VAL C 313 10.10 -4.28 10.94
C VAL C 313 8.89 -3.43 10.58
N ASP C 314 8.40 -3.51 9.33
CA ASP C 314 7.28 -2.69 8.91
C ASP C 314 6.06 -2.93 9.79
N GLY C 315 5.36 -1.85 10.17
CA GLY C 315 4.14 -1.99 10.94
C GLY C 315 4.32 -2.46 12.36
N LEU C 316 5.50 -2.27 12.93
CA LEU C 316 5.81 -2.72 14.26
C LEU C 316 6.16 -1.51 15.12
N SER C 317 5.75 -1.56 16.39
CA SER C 317 6.24 -0.62 17.38
C SER C 317 7.75 -0.74 17.52
N THR C 318 8.37 0.30 18.07
CA THR C 318 9.81 0.23 18.29
C THR C 318 10.16 -0.96 19.18
N TYR C 319 9.31 -1.24 20.16
CA TYR C 319 9.58 -2.34 21.09
C TYR C 319 9.50 -3.70 20.39
N ASP C 320 8.45 -3.95 19.62
CA ASP C 320 8.38 -5.20 18.86
C ASP C 320 9.51 -5.33 17.86
N ALA C 321 9.97 -4.20 17.31
CA ALA C 321 11.12 -4.26 16.42
C ALA C 321 12.35 -4.68 17.18
N ALA C 322 12.58 -4.06 18.34
CA ALA C 322 13.72 -4.43 19.17
C ALA C 322 13.69 -5.90 19.56
N GLU C 323 12.51 -6.48 19.77
CA GLU C 323 12.51 -7.88 20.13
C GLU C 323 12.91 -8.76 18.95
N LYS C 324 12.61 -8.32 17.73
CA LYS C 324 12.99 -9.10 16.56
C LYS C 324 14.50 -9.18 16.41
N ALA C 325 15.21 -8.13 16.81
CA ALA C 325 16.67 -8.15 16.82
C ALA C 325 17.18 -9.31 17.68
N ILE C 326 16.62 -9.46 18.87
CA ILE C 326 17.05 -10.53 19.77
C ILE C 326 16.76 -11.91 19.18
N LYS C 327 15.60 -12.07 18.54
CA LYS C 327 15.32 -13.35 17.91
C LYS C 327 16.31 -13.63 16.79
N ALA C 328 16.70 -12.60 16.04
CA ALA C 328 17.68 -12.80 14.98
C ALA C 328 19.05 -13.13 15.55
N ILE C 329 19.43 -12.47 16.65
CA ILE C 329 20.68 -12.81 17.31
C ILE C 329 20.68 -14.28 17.73
N GLU C 330 19.61 -14.73 18.42
CA GLU C 330 19.50 -16.14 18.82
C GLU C 330 19.53 -17.06 17.61
N ARG C 331 18.94 -16.63 16.49
CA ARG C 331 18.89 -17.47 15.30
C ARG C 331 20.28 -17.66 14.71
N MET C 332 21.06 -16.58 14.63
CA MET C 332 22.41 -16.72 14.08
C MET C 332 23.25 -17.65 14.95
N ALA C 333 23.18 -17.51 16.27
CA ALA C 333 23.95 -18.40 17.13
C ALA C 333 23.54 -19.85 16.92
N LYS C 334 22.24 -20.09 16.76
CA LYS C 334 21.76 -21.45 16.54
C LYS C 334 22.32 -22.01 15.23
N ASP C 335 22.41 -21.17 14.22
CA ASP C 335 22.85 -21.64 12.92
C ASP C 335 24.36 -21.89 12.90
N LEU C 336 25.12 -21.15 13.68
CA LEU C 336 26.56 -21.39 13.77
C LEU C 336 26.94 -22.34 14.91
N ASN C 337 25.99 -23.14 15.44
CA ASN C 337 26.30 -24.20 16.40
C ASN C 337 26.92 -23.68 17.70
N ILE C 338 26.48 -22.52 18.19
CA ILE C 338 26.93 -22.09 19.51
C ILE C 338 26.09 -22.80 20.58
N PRO C 339 26.69 -23.25 21.69
CA PRO C 339 25.90 -23.88 22.77
C PRO C 339 24.78 -22.98 23.26
N LYS C 340 23.69 -23.61 23.71
CA LYS C 340 22.53 -22.87 24.18
C LYS C 340 22.75 -22.25 25.55
N GLY C 341 23.52 -22.92 26.42
CA GLY C 341 23.86 -22.37 27.72
C GLY C 341 25.19 -22.87 28.25
N PHE C 342 25.51 -22.42 29.47
CA PHE C 342 26.81 -22.66 30.11
C PHE C 342 26.88 -23.93 30.97
N LYS C 343 25.75 -24.56 31.31
CA LYS C 343 25.77 -25.74 32.16
C LYS C 343 26.35 -26.96 31.42
N GLU C 344 25.88 -27.20 30.20
CA GLU C 344 26.43 -28.26 29.35
C GLU C 344 27.94 -28.10 29.13
N LEU C 345 28.47 -26.88 29.28
CA LEU C 345 29.89 -26.64 29.17
C LEU C 345 30.66 -26.95 30.45
N GLY C 346 30.00 -26.95 31.61
CA GLY C 346 30.67 -27.21 32.88
C GLY C 346 30.61 -26.09 33.91
N ALA C 347 29.90 -24.99 33.70
CA ALA C 347 29.72 -23.99 34.75
C ALA C 347 28.90 -24.58 35.89
N LYS C 348 29.12 -24.06 37.10
CA LYS C 348 28.44 -24.57 38.29
C LYS C 348 27.67 -23.47 39.01
N GLU C 349 26.44 -23.80 39.46
CA GLU C 349 25.58 -22.83 40.14
C GLU C 349 26.24 -22.19 41.35
N GLU C 350 27.06 -22.94 42.08
CA GLU C 350 27.67 -22.42 43.31
C GLU C 350 28.58 -21.23 43.03
N ASP C 351 29.04 -21.04 41.80
CA ASP C 351 29.97 -19.97 41.45
C ASP C 351 29.28 -18.67 41.04
N ILE C 352 27.97 -18.69 40.81
CA ILE C 352 27.29 -17.58 40.16
C ILE C 352 27.40 -16.30 40.97
N GLU C 353 27.25 -16.38 42.28
CA GLU C 353 27.35 -15.19 43.11
C GLU C 353 28.70 -14.50 42.96
N THR C 354 29.78 -15.27 42.93
CA THR C 354 31.09 -14.67 42.77
C THR C 354 31.32 -14.16 41.34
N LEU C 355 30.76 -14.84 40.34
CA LEU C 355 30.83 -14.36 38.96
C LEU C 355 30.19 -12.98 38.83
N ALA C 356 28.99 -12.80 39.38
CA ALA C 356 28.26 -11.54 39.24
C ALA C 356 28.96 -10.39 39.96
N LYS C 357 29.51 -10.65 41.15
CA LYS C 357 30.19 -9.59 41.88
C LYS C 357 31.41 -9.10 41.09
N ASN C 358 32.21 -10.05 40.58
CA ASN C 358 33.39 -9.68 39.81
C ASN C 358 33.00 -8.96 38.52
N ALA C 359 31.91 -9.41 37.90
CA ALA C 359 31.42 -8.76 36.69
C ALA C 359 31.15 -7.28 36.95
N MET C 360 30.69 -6.94 38.15
CA MET C 360 30.41 -5.55 38.43
C MET C 360 31.69 -4.74 38.64
N LYS C 361 32.80 -5.41 38.89
CA LYS C 361 34.05 -4.66 39.00
C LYS C 361 34.72 -4.47 37.65
N ASP C 362 34.26 -5.15 36.60
CA ASP C 362 34.90 -5.04 35.29
C ASP C 362 34.66 -3.65 34.68
N ALA C 363 35.71 -3.09 34.08
CA ALA C 363 35.62 -1.77 33.44
C ALA C 363 34.60 -1.72 32.32
N CYS C 364 34.29 -2.87 31.70
CA CYS C 364 33.31 -2.92 30.62
C CYS C 364 31.90 -2.66 31.11
N ALA C 365 31.69 -2.79 32.42
CA ALA C 365 30.38 -2.54 32.96
C ALA C 365 30.03 -1.06 32.96
N LEU C 366 31.02 -0.17 32.94
CA LEU C 366 30.71 1.24 33.16
C LEU C 366 29.88 1.84 32.06
N THR C 367 29.99 1.32 30.84
CA THR C 367 29.30 1.93 29.70
C THR C 367 28.04 1.20 29.30
N ASN C 368 27.69 0.11 30.01
CA ASN C 368 26.41 -0.56 29.81
C ASN C 368 25.26 0.42 30.00
N PRO C 369 24.28 0.46 29.11
CA PRO C 369 23.30 1.55 29.14
C PRO C 369 22.26 1.43 30.24
N ARG C 370 22.05 0.23 30.80
CA ARG C 370 21.21 0.02 31.97
C ARG C 370 22.10 -0.31 33.15
N LYS C 371 21.80 0.25 34.32
CA LYS C 371 22.63 -0.01 35.49
C LYS C 371 22.01 -1.06 36.39
N PRO C 372 22.64 -2.21 36.61
CA PRO C 372 21.98 -3.27 37.38
C PRO C 372 22.30 -3.23 38.88
N LYS C 373 21.39 -3.80 39.65
CA LYS C 373 21.74 -4.28 40.99
C LYS C 373 22.37 -5.66 40.87
N LEU C 374 23.21 -6.00 41.85
CA LEU C 374 23.80 -7.33 41.91
C LEU C 374 22.77 -8.42 41.61
N GLU C 375 21.58 -8.31 42.21
CA GLU C 375 20.57 -9.34 41.98
C GLU C 375 20.20 -9.47 40.51
N GLU C 376 20.23 -8.38 39.74
CA GLU C 376 19.90 -8.53 38.34
C GLU C 376 21.03 -9.18 37.55
N VAL C 377 22.29 -8.91 37.92
CA VAL C 377 23.40 -9.59 37.27
C VAL C 377 23.35 -11.09 37.56
N ILE C 378 22.92 -11.46 38.78
CA ILE C 378 22.76 -12.87 39.11
C ILE C 378 21.67 -13.52 38.24
N GLN C 379 20.55 -12.84 38.03
CA GLN C 379 19.49 -13.43 37.19
C GLN C 379 19.99 -13.69 35.77
N ILE C 380 20.78 -12.76 35.22
CA ILE C 380 21.30 -12.94 33.86
C ILE C 380 22.17 -14.19 33.78
N ILE C 381 23.10 -14.34 34.72
CA ILE C 381 23.97 -15.52 34.68
C ILE C 381 23.14 -16.80 34.82
N LYS C 382 22.09 -16.80 35.65
CA LYS C 382 21.27 -18.00 35.78
C LYS C 382 20.55 -18.32 34.48
N ASN C 383 19.95 -17.31 33.86
CA ASN C 383 19.34 -17.53 32.55
C ASN C 383 20.36 -18.17 31.60
N ALA C 384 21.58 -17.66 31.60
CA ALA C 384 22.59 -18.16 30.70
C ALA C 384 23.07 -19.57 31.04
N MET C 385 22.68 -20.14 32.19
CA MET C 385 23.10 -21.50 32.53
C MET C 385 22.34 -22.55 31.72
N LEU C 386 21.04 -22.34 31.54
CA LEU C 386 20.23 -23.25 30.76
C LEU C 386 20.73 -23.40 29.33
N ASN D 3 47.18 -6.01 -7.03
CA ASN D 3 46.80 -6.36 -5.66
C ASN D 3 45.63 -5.50 -5.12
N THR D 4 44.94 -6.06 -4.13
CA THR D 4 43.80 -5.47 -3.47
C THR D 4 44.13 -5.08 -2.02
N GLN D 5 45.38 -4.69 -1.76
CA GLN D 5 45.69 -4.15 -0.46
C GLN D 5 45.13 -2.73 -0.33
N SER D 6 45.20 -2.20 0.89
CA SER D 6 44.69 -0.88 1.25
C SER D 6 45.11 -0.61 2.68
N ALA D 7 45.09 0.67 3.04
CA ALA D 7 45.54 1.07 4.37
C ALA D 7 44.64 2.16 4.92
N PHE D 8 44.68 2.32 6.23
CA PHE D 8 43.90 3.35 6.89
C PHE D 8 44.80 4.15 7.82
N PHE D 9 44.96 5.44 7.55
CA PHE D 9 45.87 6.31 8.28
C PHE D 9 45.07 7.34 9.05
N MET D 10 45.57 7.68 10.26
CA MET D 10 45.08 8.81 11.05
C MET D 10 45.97 9.03 12.26
N PRO D 11 45.88 10.18 12.93
CA PRO D 11 46.63 10.36 14.17
C PRO D 11 46.18 9.35 15.22
N SER D 12 47.12 8.98 16.09
CA SER D 12 46.86 7.92 17.05
C SER D 12 45.98 8.38 18.20
N VAL D 13 45.82 9.69 18.38
CA VAL D 13 44.97 10.26 19.42
C VAL D 13 44.25 11.48 18.85
N ASN D 14 42.94 11.52 18.98
CA ASN D 14 42.18 12.66 18.48
C ASN D 14 41.17 13.07 19.52
N LEU D 15 41.15 14.36 19.85
CA LEU D 15 40.33 14.91 20.92
C LEU D 15 39.11 15.61 20.34
N PHE D 16 37.97 15.45 21.00
CA PHE D 16 36.71 16.01 20.53
C PHE D 16 35.94 16.60 21.70
N GLY D 17 34.98 17.45 21.37
CA GLY D 17 34.10 17.99 22.39
C GLY D 17 34.55 19.36 22.90
N ALA D 18 33.62 20.02 23.59
CA ALA D 18 33.79 21.40 24.02
C ALA D 18 34.83 21.50 25.14
N GLY D 19 35.82 22.35 24.95
CA GLY D 19 36.87 22.53 25.92
C GLY D 19 38.03 21.59 25.75
N SER D 20 38.01 20.73 24.76
CA SER D 20 39.13 19.82 24.55
C SER D 20 40.42 20.56 24.20
N VAL D 21 40.35 21.83 23.77
CA VAL D 21 41.56 22.60 23.48
C VAL D 21 42.37 22.85 24.75
N ASN D 22 41.71 22.86 25.92
CA ASN D 22 42.47 23.12 27.15
C ASN D 22 43.52 22.06 27.43
N GLU D 23 43.51 20.96 26.68
CA GLU D 23 44.48 19.88 26.87
C GLU D 23 45.75 20.08 26.06
N VAL D 24 45.77 21.02 25.10
CA VAL D 24 46.89 21.10 24.17
C VAL D 24 48.21 21.28 24.91
N GLY D 25 48.20 22.01 26.02
CA GLY D 25 49.41 22.28 26.74
C GLY D 25 49.94 21.04 27.42
N THR D 26 49.16 20.48 28.34
CA THR D 26 49.58 19.25 29.00
C THR D 26 49.93 18.18 27.98
N ARG D 27 49.06 18.00 26.97
CA ARG D 27 49.33 17.06 25.90
C ARG D 27 50.69 17.31 25.26
N LEU D 28 50.99 18.56 24.91
CA LEU D 28 52.26 18.88 24.26
C LEU D 28 53.45 18.51 25.12
N ALA D 29 53.39 18.86 26.40
CA ALA D 29 54.49 18.57 27.31
C ALA D 29 54.70 17.08 27.47
N ASP D 30 53.61 16.31 27.61
CA ASP D 30 53.73 14.85 27.69
C ASP D 30 54.41 14.29 26.45
N LEU D 31 54.43 15.02 25.33
CA LEU D 31 55.19 14.65 24.16
C LEU D 31 56.66 15.00 24.31
N GLY D 32 57.04 15.62 25.42
CA GLY D 32 58.41 15.97 25.70
C GLY D 32 59.01 16.89 24.66
N VAL D 33 58.38 18.03 24.45
CA VAL D 33 58.91 19.08 23.58
C VAL D 33 59.02 20.36 24.39
N LYS D 34 59.89 21.25 23.92
CA LYS D 34 60.24 22.46 24.65
C LYS D 34 59.52 23.70 24.13
N LYS D 35 59.60 23.95 22.82
CA LYS D 35 59.13 25.19 22.22
C LYS D 35 58.34 24.90 20.94
N ALA D 36 57.13 25.43 20.87
CA ALA D 36 56.25 25.25 19.73
C ALA D 36 56.16 26.52 18.90
N LEU D 37 56.39 26.40 17.59
CA LEU D 37 56.00 27.45 16.65
C LEU D 37 54.51 27.33 16.40
N LEU D 38 53.73 28.33 16.85
CA LEU D 38 52.28 28.35 16.72
C LEU D 38 51.89 28.88 15.34
N VAL D 39 51.58 27.99 14.41
CA VAL D 39 51.22 28.36 13.05
C VAL D 39 49.72 28.66 13.01
N THR D 40 49.38 29.93 12.93
CA THR D 40 47.97 30.32 12.81
C THR D 40 47.89 31.30 11.65
N ASP D 41 46.76 31.94 11.43
CA ASP D 41 46.71 32.92 10.36
C ASP D 41 46.32 34.29 10.91
N ALA D 42 46.26 35.27 10.02
CA ALA D 42 46.09 36.67 10.44
C ALA D 42 44.76 36.91 11.12
N GLY D 43 43.68 36.32 10.60
CA GLY D 43 42.37 36.57 11.19
C GLY D 43 42.27 36.09 12.62
N LEU D 44 42.58 34.82 12.85
CA LEU D 44 42.44 34.27 14.19
C LEU D 44 43.41 34.93 15.16
N HIS D 45 44.56 35.40 14.67
CA HIS D 45 45.46 36.21 15.48
C HIS D 45 44.83 37.56 15.81
N GLY D 46 44.16 38.18 14.83
CA GLY D 46 43.43 39.41 15.11
C GLY D 46 42.32 39.25 16.14
N LEU D 47 41.72 38.07 16.23
CA LEU D 47 40.62 37.85 17.14
C LEU D 47 41.07 37.50 18.55
N GLY D 48 42.37 37.38 18.79
CA GLY D 48 42.85 37.00 20.10
C GLY D 48 42.98 35.51 20.34
N LEU D 49 42.55 34.67 19.40
CA LEU D 49 42.55 33.23 19.63
C LEU D 49 43.94 32.69 19.90
N SER D 50 44.92 33.10 19.09
CA SER D 50 46.25 32.54 19.27
C SER D 50 46.91 33.03 20.55
N GLU D 51 46.21 33.81 21.37
CA GLU D 51 46.69 34.16 22.70
C GLU D 51 45.95 33.40 23.80
N LYS D 52 44.70 33.00 23.56
CA LYS D 52 44.10 31.98 24.41
C LYS D 52 44.92 30.69 24.36
N ILE D 53 45.15 30.18 23.15
CA ILE D 53 45.92 28.93 23.00
C ILE D 53 47.33 29.11 23.56
N SER D 54 47.97 30.23 23.24
CA SER D 54 49.38 30.41 23.60
C SER D 54 49.58 30.40 25.11
N SER D 55 48.65 30.95 25.87
CA SER D 55 48.80 30.92 27.31
C SER D 55 48.63 29.51 27.86
N ILE D 56 47.68 28.74 27.29
CA ILE D 56 47.45 27.37 27.75
C ILE D 56 48.73 26.56 27.61
N ILE D 57 49.41 26.68 26.48
CA ILE D 57 50.64 25.96 26.24
C ILE D 57 51.74 26.43 27.20
N ARG D 58 51.68 27.69 27.62
CA ARG D 58 52.70 28.20 28.54
C ARG D 58 52.41 27.83 29.98
N ALA D 59 51.12 27.78 30.35
CA ALA D 59 50.73 27.39 31.71
C ALA D 59 51.13 25.95 32.03
N ALA D 60 51.37 25.13 31.00
CA ALA D 60 51.87 23.77 31.20
C ALA D 60 53.37 23.69 31.01
N GLY D 61 54.06 24.82 31.05
CA GLY D 61 55.50 24.83 31.00
C GLY D 61 56.09 24.50 29.64
N VAL D 62 55.46 24.94 28.56
CA VAL D 62 56.04 24.81 27.22
C VAL D 62 55.97 26.18 26.56
N GLU D 63 56.97 26.47 25.72
CA GLU D 63 57.16 27.80 25.18
C GLU D 63 56.57 27.91 23.77
N VAL D 64 55.90 29.04 23.51
CA VAL D 64 55.22 29.26 22.25
C VAL D 64 55.79 30.47 21.54
N SER D 65 55.91 30.37 20.22
CA SER D 65 56.35 31.46 19.35
C SER D 65 55.34 31.61 18.20
N ILE D 66 54.42 32.57 18.34
CA ILE D 66 53.29 32.72 17.43
C ILE D 66 53.76 33.17 16.04
N PHE D 67 53.43 32.38 15.00
CA PHE D 67 53.71 32.71 13.60
C PHE D 67 52.39 32.88 12.85
N PRO D 68 51.75 34.06 12.95
CA PRO D 68 50.40 34.29 12.41
C PRO D 68 50.38 34.66 10.92
N LYS D 69 51.16 33.94 10.12
CA LYS D 69 51.43 34.38 8.76
C LYS D 69 51.05 33.34 7.70
N ALA D 70 50.24 32.35 8.05
CA ALA D 70 49.76 31.41 7.06
C ALA D 70 48.57 32.02 6.31
N GLU D 71 48.65 32.07 5.00
CA GLU D 71 47.57 32.78 4.27
C GLU D 71 46.57 31.78 3.73
N PRO D 72 45.29 32.17 3.56
CA PRO D 72 44.32 31.29 2.96
C PRO D 72 44.98 30.75 1.70
N ASN D 73 44.79 29.46 1.40
CA ASN D 73 45.53 28.82 0.27
C ASN D 73 47.01 29.02 0.57
N PRO D 74 47.58 28.29 1.56
CA PRO D 74 48.97 28.49 1.97
C PRO D 74 49.94 28.52 0.78
N THR D 75 51.06 29.23 0.91
CA THR D 75 51.98 29.44 -0.24
C THR D 75 53.41 28.98 0.02
N ASP D 76 54.09 28.51 -1.02
CA ASP D 76 55.50 28.17 -0.87
C ASP D 76 56.28 29.22 -0.08
N LYS D 77 55.87 30.49 -0.18
CA LYS D 77 56.55 31.58 0.54
C LYS D 77 56.24 31.54 2.03
N ASN D 78 54.96 31.34 2.41
CA ASN D 78 54.61 31.22 3.83
C ASN D 78 55.40 30.08 4.47
N VAL D 79 55.54 28.98 3.73
CA VAL D 79 56.25 27.81 4.24
C VAL D 79 57.71 28.15 4.50
N ALA D 80 58.36 28.76 3.51
CA ALA D 80 59.76 29.16 3.66
C ALA D 80 59.94 30.16 4.80
N GLU D 81 59.04 31.14 4.89
CA GLU D 81 59.15 32.17 5.91
C GLU D 81 58.84 31.63 7.30
N GLY D 82 57.93 30.66 7.40
CA GLY D 82 57.66 29.99 8.65
C GLY D 82 58.77 29.03 9.02
N LEU D 83 59.32 28.34 8.02
CA LEU D 83 60.47 27.48 8.27
C LEU D 83 61.62 28.26 8.88
N GLU D 84 61.98 29.41 8.28
CA GLU D 84 63.09 30.17 8.82
C GLU D 84 62.73 30.82 10.16
N ALA D 85 61.46 31.14 10.35
CA ALA D 85 61.01 31.50 11.70
C ALA D 85 61.24 30.34 12.65
N TYR D 86 61.00 29.11 12.18
CA TYR D 86 61.12 27.93 13.02
C TYR D 86 62.53 27.81 13.57
N ASN D 87 63.53 27.81 12.69
CA ASN D 87 64.93 27.64 13.11
C ASN D 87 65.39 28.84 13.95
N ALA D 88 65.23 30.05 13.42
CA ALA D 88 65.75 31.23 14.07
C ALA D 88 65.27 31.33 15.52
N GLU D 89 64.03 30.93 15.76
CA GLU D 89 63.42 31.02 17.09
C GLU D 89 63.70 29.79 17.96
N ASN D 90 64.34 28.76 17.41
CA ASN D 90 64.71 27.55 18.15
C ASN D 90 63.48 26.87 18.76
N CYS D 91 62.65 26.34 17.85
CA CYS D 91 61.51 25.52 18.20
C CYS D 91 61.75 24.08 17.76
N ASP D 92 61.08 23.16 18.45
CA ASP D 92 61.16 21.73 18.17
C ASP D 92 59.80 21.12 17.83
N SER D 93 58.72 21.89 17.83
CA SER D 93 57.37 21.37 17.61
C SER D 93 56.50 22.43 16.96
N ILE D 94 55.45 21.96 16.28
CA ILE D 94 54.46 22.82 15.65
C ILE D 94 53.13 22.60 16.35
N VAL D 95 52.37 23.67 16.53
CA VAL D 95 50.96 23.61 16.89
C VAL D 95 50.22 24.43 15.84
N THR D 96 49.40 23.78 15.01
CA THR D 96 48.59 24.54 14.06
C THR D 96 47.27 24.91 14.74
N LEU D 97 46.76 26.10 14.42
CA LEU D 97 45.52 26.61 14.99
C LEU D 97 44.77 27.38 13.91
N GLY D 98 43.67 26.83 13.41
CA GLY D 98 42.93 27.44 12.35
C GLY D 98 42.27 26.40 11.46
N GLY D 99 41.97 26.81 10.25
CA GLY D 99 41.38 25.93 9.27
C GLY D 99 42.43 25.11 8.58
N GLY D 100 42.06 24.59 7.41
CA GLY D 100 42.98 23.78 6.64
C GLY D 100 44.23 24.54 6.24
N SER D 101 44.11 25.84 6.01
CA SER D 101 45.29 26.64 5.68
C SER D 101 46.35 26.55 6.78
N SER D 102 45.95 26.70 8.05
CA SER D 102 46.96 26.68 9.11
C SER D 102 47.48 25.28 9.35
N HIS D 103 46.64 24.25 9.18
CA HIS D 103 47.13 22.88 9.31
C HIS D 103 48.17 22.61 8.24
N ASP D 104 47.88 23.01 7.00
CA ASP D 104 48.75 22.70 5.87
C ASP D 104 50.05 23.48 5.91
N ALA D 105 50.03 24.71 6.43
CA ALA D 105 51.28 25.43 6.61
C ALA D 105 52.17 24.74 7.63
N GLY D 106 51.60 24.35 8.76
CA GLY D 106 52.38 23.70 9.80
C GLY D 106 52.90 22.32 9.40
N LYS D 107 52.12 21.57 8.62
CA LYS D 107 52.61 20.29 8.11
C LYS D 107 53.76 20.50 7.15
N ALA D 108 53.67 21.52 6.30
CA ALA D 108 54.76 21.80 5.37
C ALA D 108 56.01 22.25 6.12
N ILE D 109 55.86 23.17 7.08
CA ILE D 109 56.99 23.61 7.89
C ILE D 109 57.60 22.43 8.62
N ALA D 110 56.77 21.59 9.26
CA ALA D 110 57.29 20.47 10.04
C ALA D 110 57.94 19.41 9.15
N LEU D 111 57.38 19.13 7.99
CA LEU D 111 57.99 18.16 7.07
C LEU D 111 59.34 18.65 6.59
N VAL D 112 59.41 19.89 6.05
CA VAL D 112 60.67 20.39 5.49
C VAL D 112 61.65 20.73 6.60
N ALA D 113 61.19 20.88 7.84
CA ALA D 113 62.09 21.04 8.97
C ALA D 113 62.79 19.75 9.40
N ALA D 114 62.45 18.61 8.78
CA ALA D 114 63.12 17.34 9.06
C ALA D 114 63.52 16.63 7.78
N ASN D 115 63.39 17.30 6.64
CA ASN D 115 63.73 16.78 5.32
C ASN D 115 64.54 17.78 4.51
N GLY D 116 65.13 18.78 5.17
CA GLY D 116 66.05 19.71 4.53
C GLY D 116 65.52 20.68 3.48
N GLY D 117 65.19 20.16 2.28
CA GLY D 117 65.02 20.93 1.06
C GLY D 117 63.96 22.02 0.98
N LYS D 118 63.05 21.90 0.01
CA LYS D 118 61.94 22.83 -0.12
C LYS D 118 60.66 22.04 -0.39
N ILE D 119 59.53 22.56 0.11
CA ILE D 119 58.25 21.84 0.03
C ILE D 119 57.94 21.39 -1.40
N HIS D 120 58.47 22.09 -2.40
CA HIS D 120 58.29 21.65 -3.78
C HIS D 120 58.82 20.23 -3.97
N ASP D 121 59.88 19.85 -3.24
CA ASP D 121 60.58 18.58 -3.39
C ASP D 121 59.74 17.38 -2.96
N TYR D 122 58.45 17.59 -2.67
CA TYR D 122 57.66 16.44 -2.27
C TYR D 122 56.28 16.40 -2.92
N GLU D 123 56.07 17.15 -4.00
CA GLU D 123 54.83 16.98 -4.73
C GLU D 123 54.68 15.51 -5.16
N GLY D 124 53.43 15.03 -5.16
CA GLY D 124 53.20 13.64 -5.52
C GLY D 124 52.69 12.74 -4.41
N VAL D 125 53.49 11.74 -4.00
CA VAL D 125 53.05 10.66 -3.11
C VAL D 125 54.23 10.06 -2.36
N ASP D 126 54.16 10.09 -1.03
CA ASP D 126 55.05 9.44 -0.07
C ASP D 126 56.53 9.71 -0.32
N VAL D 127 56.85 10.71 -1.15
CA VAL D 127 58.22 10.92 -1.55
C VAL D 127 59.12 11.38 -0.39
N SER D 128 58.54 11.89 0.70
CA SER D 128 59.35 12.23 1.87
C SER D 128 60.10 10.99 2.36
N LYS D 129 61.10 11.20 3.23
CA LYS D 129 61.90 10.12 3.78
C LYS D 129 62.08 10.24 5.29
N GLU D 130 61.13 10.85 5.98
CA GLU D 130 61.28 11.04 7.43
C GLU D 130 60.00 11.57 8.08
N PRO D 131 59.62 11.03 9.24
CA PRO D 131 58.50 11.60 10.00
C PRO D 131 58.69 13.08 10.30
N MET D 132 57.65 13.86 10.01
CA MET D 132 57.69 15.29 10.24
C MET D 132 57.79 15.59 11.73
N VAL D 133 58.20 16.81 12.03
CA VAL D 133 58.41 17.29 13.40
C VAL D 133 57.11 17.12 14.20
N PRO D 134 57.17 16.90 15.50
CA PRO D 134 55.93 16.69 16.28
C PRO D 134 54.97 17.86 16.19
N LEU D 135 53.73 17.57 15.79
CA LEU D 135 52.74 18.61 15.44
C LEU D 135 51.36 18.27 15.98
N ILE D 136 50.75 19.22 16.69
CA ILE D 136 49.39 19.06 17.19
C ILE D 136 48.49 20.03 16.45
N ALA D 137 47.46 19.50 15.77
CA ALA D 137 46.61 20.29 14.91
C ALA D 137 45.30 20.62 15.62
N ILE D 138 45.03 21.92 15.80
CA ILE D 138 43.82 22.41 16.46
C ILE D 138 42.93 23.01 15.40
N ASN D 139 41.79 22.38 15.17
CA ASN D 139 40.92 22.71 14.06
C ASN D 139 39.81 23.69 14.47
N THR D 140 39.51 24.67 13.62
CA THR D 140 38.51 25.67 13.92
C THR D 140 37.50 25.92 12.80
N THR D 141 37.63 25.26 11.67
CA THR D 141 36.55 25.31 10.70
C THR D 141 35.95 23.92 10.63
N ALA D 142 34.77 23.80 10.06
CA ALA D 142 34.22 22.45 9.93
C ALA D 142 34.21 22.01 8.46
N GLY D 143 35.39 21.70 7.91
CA GLY D 143 35.35 21.17 6.54
C GLY D 143 36.54 20.46 5.95
N THR D 144 37.78 20.74 6.35
CA THR D 144 38.94 20.18 5.59
C THR D 144 39.47 18.90 6.20
N GLY D 145 39.12 18.63 7.43
CA GLY D 145 39.70 17.55 8.24
C GLY D 145 41.20 17.42 8.10
N SER D 146 41.89 18.52 7.81
CA SER D 146 43.33 18.44 7.62
C SER D 146 44.04 18.06 8.91
N GLU D 147 43.45 18.34 10.07
CA GLU D 147 44.06 17.89 11.32
C GLU D 147 44.12 16.36 11.43
N LEU D 148 43.42 15.63 10.54
CA LEU D 148 43.42 14.15 10.51
C LEU D 148 44.28 13.53 9.40
N THR D 149 44.60 14.26 8.33
CA THR D 149 44.98 13.68 7.04
C THR D 149 46.50 13.59 6.83
N LYS D 150 46.84 12.89 5.74
CA LYS D 150 48.21 12.78 5.29
C LYS D 150 48.50 13.66 4.08
N PHE D 151 47.67 14.68 3.83
CA PHE D 151 47.83 15.64 2.75
C PHE D 151 48.36 16.95 3.29
N THR D 152 49.13 17.66 2.49
CA THR D 152 49.27 19.10 2.67
C THR D 152 49.26 19.75 1.29
N ILE D 153 48.41 20.76 1.14
CA ILE D 153 48.16 21.43 -0.15
C ILE D 153 48.87 22.78 -0.11
N ILE D 154 50.01 22.88 -0.80
CA ILE D 154 50.78 24.12 -0.85
C ILE D 154 50.70 24.71 -2.26
N THR D 155 50.26 25.98 -2.36
CA THR D 155 50.14 26.65 -3.65
C THR D 155 51.53 26.92 -4.22
N ASP D 156 51.78 26.43 -5.44
CA ASP D 156 52.97 26.80 -6.19
C ASP D 156 52.71 28.14 -6.87
N THR D 157 53.24 29.21 -6.26
CA THR D 157 53.00 30.58 -6.76
C THR D 157 53.53 30.67 -8.19
N GLU D 158 54.27 29.65 -8.63
CA GLU D 158 54.86 29.63 -9.98
C GLU D 158 53.79 29.25 -11.00
N ARG D 159 53.63 27.94 -11.22
CA ARG D 159 52.62 27.48 -12.23
C ARG D 159 51.23 27.81 -11.70
N LYS D 160 51.15 28.48 -10.53
CA LYS D 160 49.85 28.90 -9.95
C LYS D 160 48.94 27.67 -9.82
N VAL D 161 49.47 26.60 -9.23
CA VAL D 161 48.68 25.38 -9.03
C VAL D 161 48.88 24.90 -7.61
N LYS D 162 47.78 24.62 -6.92
CA LYS D 162 47.82 24.08 -5.56
C LYS D 162 48.40 22.66 -5.61
N MET D 163 49.63 22.53 -5.11
CA MET D 163 50.35 21.23 -5.20
C MET D 163 49.91 20.28 -4.09
N ALA D 164 50.20 18.99 -4.24
CA ALA D 164 49.82 17.97 -3.24
C ALA D 164 51.04 17.21 -2.73
N ILE D 165 51.25 17.21 -1.42
CA ILE D 165 52.37 16.43 -0.82
C ILE D 165 51.75 15.29 0.00
N VAL D 166 51.19 14.28 -0.66
CA VAL D 166 50.51 13.14 0.05
C VAL D 166 51.56 12.22 0.68
N ASP D 167 51.91 12.47 1.94
CA ASP D 167 52.94 11.67 2.62
C ASP D 167 52.44 11.22 3.99
N LYS D 168 52.68 9.96 4.35
CA LYS D 168 52.30 9.43 5.67
C LYS D 168 52.98 10.21 6.78
N HIS D 169 54.05 10.93 6.44
CA HIS D 169 54.84 11.64 7.48
C HIS D 169 54.13 12.93 7.92
N VAL D 170 53.09 13.33 7.20
CA VAL D 170 52.37 14.59 7.53
C VAL D 170 51.14 14.30 8.40
N THR D 171 50.89 13.03 8.74
CA THR D 171 49.79 12.77 9.66
C THR D 171 50.15 13.45 10.97
N PRO D 172 49.34 14.40 11.46
CA PRO D 172 49.68 15.09 12.71
C PRO D 172 49.84 14.10 13.86
N THR D 173 50.65 14.50 14.84
CA THR D 173 50.86 13.64 16.01
C THR D 173 49.55 13.40 16.75
N LEU D 174 48.78 14.45 16.94
CA LEU D 174 47.55 14.40 17.71
C LEU D 174 46.69 15.57 17.25
N SER D 175 45.38 15.33 17.11
CA SER D 175 44.46 16.36 16.64
C SER D 175 43.47 16.72 17.73
N ILE D 176 43.02 17.97 17.72
CA ILE D 176 42.07 18.50 18.68
C ILE D 176 40.94 19.18 17.91
N ASN D 177 39.70 18.96 18.34
CA ASN D 177 38.55 19.26 17.53
C ASN D 177 37.43 19.84 18.40
N ASP D 178 37.61 21.10 18.84
CA ASP D 178 36.83 21.74 19.89
C ASP D 178 35.79 22.62 19.25
N PRO D 179 34.51 22.23 19.27
CA PRO D 179 33.48 23.05 18.60
C PRO D 179 33.27 24.41 19.22
N GLU D 180 33.74 24.64 20.44
CA GLU D 180 33.66 25.99 20.98
C GLU D 180 34.48 26.96 20.14
N LEU D 181 35.67 26.53 19.70
CA LEU D 181 36.49 27.32 18.77
C LEU D 181 35.82 27.49 17.42
N MET D 182 34.79 26.73 17.11
CA MET D 182 34.17 26.84 15.80
C MET D 182 33.00 27.80 15.77
N VAL D 183 32.51 28.25 16.94
CA VAL D 183 31.29 29.05 17.00
C VAL D 183 31.48 30.38 16.26
N GLY D 184 32.71 30.91 16.25
CA GLY D 184 32.97 32.22 15.68
C GLY D 184 32.88 32.29 14.17
N MET D 185 32.86 31.15 13.48
CA MET D 185 32.80 31.15 12.03
C MET D 185 31.58 31.93 11.52
N PRO D 186 31.74 32.90 10.62
CA PRO D 186 30.55 33.62 10.06
C PRO D 186 29.80 32.75 9.08
N PRO D 187 28.52 33.03 8.85
CA PRO D 187 27.69 32.13 8.03
C PRO D 187 28.35 31.62 6.74
N SER D 188 28.98 32.49 5.96
CA SER D 188 29.46 32.03 4.65
C SER D 188 30.70 31.14 4.77
N LEU D 189 31.52 31.34 5.80
CA LEU D 189 32.60 30.40 6.10
C LEU D 189 32.03 29.08 6.64
N THR D 190 30.94 29.14 7.42
CA THR D 190 30.31 27.91 7.86
C THR D 190 29.80 27.11 6.67
N ALA D 191 29.13 27.79 5.72
CA ALA D 191 28.58 27.11 4.55
C ALA D 191 29.66 26.48 3.69
N ALA D 192 30.78 27.20 3.49
CA ALA D 192 31.74 26.73 2.50
C ALA D 192 32.59 25.61 3.07
N THR D 193 33.01 25.71 4.34
CA THR D 193 33.73 24.58 4.92
C THR D 193 32.80 23.37 5.07
N GLY D 194 31.51 23.63 5.33
CA GLY D 194 30.54 22.55 5.44
C GLY D 194 30.31 21.81 4.13
N LEU D 195 30.23 22.54 3.02
CA LEU D 195 30.03 21.91 1.72
C LEU D 195 31.31 21.27 1.18
N ASP D 196 32.47 21.73 1.64
CA ASP D 196 33.71 21.02 1.37
C ASP D 196 33.76 19.69 2.13
N ALA D 197 33.30 19.69 3.39
CA ALA D 197 33.12 18.43 4.10
C ALA D 197 32.15 17.52 3.36
N LEU D 198 31.06 18.07 2.83
CA LEU D 198 30.10 17.23 2.13
C LEU D 198 30.70 16.73 0.82
N THR D 199 31.54 17.55 0.18
CA THR D 199 32.23 17.10 -1.03
C THR D 199 33.19 15.97 -0.72
N HIS D 200 34.00 16.15 0.31
CA HIS D 200 34.83 15.06 0.80
C HIS D 200 34.04 13.76 0.91
N ALA D 201 32.91 13.81 1.62
CA ALA D 201 32.16 12.59 1.90
C ALA D 201 31.61 11.95 0.63
N ILE D 202 31.17 12.77 -0.35
CA ILE D 202 30.58 12.22 -1.57
C ILE D 202 31.67 11.67 -2.49
N GLU D 203 32.76 12.40 -2.67
CA GLU D 203 33.83 11.91 -3.51
C GLU D 203 34.44 10.63 -2.92
N ALA D 204 34.59 10.59 -1.59
CA ALA D 204 35.08 9.36 -0.98
C ALA D 204 34.13 8.20 -1.25
N TYR D 205 32.82 8.46 -1.17
CA TYR D 205 31.84 7.40 -1.36
C TYR D 205 31.83 6.87 -2.80
N VAL D 206 32.13 7.70 -3.81
CA VAL D 206 32.15 7.21 -5.19
C VAL D 206 33.56 6.91 -5.67
N SER D 207 34.59 7.11 -4.84
CA SER D 207 35.96 6.89 -5.26
C SER D 207 36.23 5.42 -5.52
N THR D 208 37.05 5.15 -6.56
CA THR D 208 37.54 3.79 -6.80
C THR D 208 38.45 3.32 -5.69
N GLY D 209 38.88 4.20 -4.80
CA GLY D 209 39.68 3.83 -3.65
C GLY D 209 38.86 3.49 -2.42
N ALA D 210 37.54 3.38 -2.55
CA ALA D 210 36.67 3.16 -1.42
C ALA D 210 36.86 1.75 -0.83
N THR D 211 36.36 1.60 0.38
CA THR D 211 36.56 0.53 1.35
C THR D 211 35.27 0.44 2.13
N PRO D 212 34.92 -0.73 2.69
CA PRO D 212 33.83 -0.74 3.69
C PRO D 212 34.06 0.23 4.85
N ILE D 213 35.30 0.51 5.23
CA ILE D 213 35.55 1.41 6.35
C ILE D 213 35.28 2.84 5.94
N THR D 214 35.88 3.29 4.84
CA THR D 214 35.62 4.65 4.38
C THR D 214 34.15 4.81 4.05
N ASP D 215 33.50 3.78 3.50
CA ASP D 215 32.07 3.85 3.25
C ASP D 215 31.30 4.20 4.53
N ALA D 216 31.65 3.57 5.66
CA ALA D 216 30.89 3.78 6.87
C ALA D 216 30.97 5.22 7.34
N LEU D 217 32.18 5.78 7.32
CA LEU D 217 32.39 7.17 7.73
C LEU D 217 31.69 8.14 6.78
N ALA D 218 31.81 7.94 5.45
CA ALA D 218 31.20 8.87 4.49
C ALA D 218 29.69 8.88 4.61
N ILE D 219 29.07 7.71 4.79
CA ILE D 219 27.61 7.69 4.92
C ILE D 219 27.17 8.53 6.11
N GLN D 220 27.86 8.40 7.26
CA GLN D 220 27.49 9.22 8.41
C GLN D 220 27.66 10.71 8.13
N ALA D 221 28.83 11.10 7.59
CA ALA D 221 29.05 12.52 7.32
C ALA D 221 27.97 13.09 6.40
N ILE D 222 27.58 12.35 5.37
CA ILE D 222 26.54 12.86 4.48
C ILE D 222 25.25 13.08 5.26
N LYS D 223 24.86 12.10 6.08
CA LYS D 223 23.61 12.19 6.84
C LYS D 223 23.64 13.35 7.84
N ILE D 224 24.73 13.49 8.58
CA ILE D 224 24.82 14.56 9.57
C ILE D 224 24.78 15.92 8.88
N ILE D 225 25.58 16.11 7.84
CA ILE D 225 25.65 17.42 7.19
C ILE D 225 24.29 17.80 6.65
N SER D 226 23.54 16.81 6.15
CA SER D 226 22.26 17.12 5.54
C SER D 226 21.28 17.66 6.58
N LYS D 227 21.44 17.29 7.84
CA LYS D 227 20.51 17.73 8.87
C LYS D 227 20.98 19.01 9.55
N TYR D 228 22.29 19.12 9.82
CA TYR D 228 22.81 20.18 10.69
C TYR D 228 23.56 21.31 10.00
N LEU D 229 24.10 21.11 8.79
CA LEU D 229 24.81 22.23 8.17
C LEU D 229 23.88 23.42 7.93
N PRO D 230 22.66 23.25 7.38
CA PRO D 230 21.76 24.41 7.29
C PRO D 230 21.49 25.07 8.65
N ARG D 231 21.37 24.28 9.71
CA ARG D 231 21.22 24.86 11.04
C ARG D 231 22.45 25.66 11.44
N ALA D 232 23.63 25.10 11.18
CA ALA D 232 24.85 25.80 11.53
C ALA D 232 24.98 27.12 10.79
N VAL D 233 24.50 27.18 9.54
CA VAL D 233 24.58 28.42 8.75
C VAL D 233 23.57 29.43 9.26
N ALA D 234 22.33 28.98 9.51
CA ALA D 234 21.26 29.84 9.99
C ALA D 234 21.56 30.47 11.35
N ASN D 235 22.30 29.79 12.23
CA ASN D 235 22.55 30.30 13.59
C ASN D 235 23.86 29.71 14.09
N GLY D 236 24.95 30.46 14.02
CA GLY D 236 26.27 29.94 14.44
C GLY D 236 26.33 29.64 15.93
N LYS D 237 25.29 30.01 16.67
CA LYS D 237 25.28 29.81 18.13
C LYS D 237 24.46 28.56 18.48
N ASP D 238 24.03 27.79 17.48
CA ASP D 238 23.38 26.48 17.72
C ASP D 238 24.52 25.50 18.03
N ILE D 239 24.82 25.31 19.31
CA ILE D 239 25.95 24.45 19.74
C ILE D 239 25.73 23.02 19.25
N GLU D 240 24.50 22.53 19.33
CA GLU D 240 24.28 21.19 18.80
C GLU D 240 24.78 21.08 17.36
N ALA D 241 24.31 21.98 16.48
CA ALA D 241 24.71 21.93 15.08
C ALA D 241 26.21 22.15 14.90
N ARG D 242 26.82 22.98 15.75
CA ARG D 242 28.27 23.10 15.75
C ARG D 242 28.95 21.79 16.07
N GLU D 243 28.44 21.07 17.09
CA GLU D 243 29.05 19.81 17.52
C GLU D 243 28.87 18.72 16.47
N GLN D 244 27.67 18.62 15.90
CA GLN D 244 27.45 17.66 14.83
C GLN D 244 28.35 17.94 13.64
N MET D 245 28.50 19.23 13.27
CA MET D 245 29.35 19.56 12.13
C MET D 245 30.83 19.25 12.42
N ALA D 246 31.30 19.46 13.65
CA ALA D 246 32.64 18.99 13.99
C ALA D 246 32.77 17.48 13.78
N PHE D 247 31.74 16.70 14.13
CA PHE D 247 31.83 15.26 13.89
C PHE D 247 31.79 14.96 12.39
N ALA D 248 30.87 15.59 11.66
CA ALA D 248 30.75 15.33 10.23
C ALA D 248 32.06 15.65 9.52
N GLN D 249 32.64 16.78 9.88
CA GLN D 249 33.94 17.23 9.42
C GLN D 249 34.98 16.11 9.51
N SER D 250 35.05 15.43 10.67
CA SER D 250 36.04 14.36 10.88
C SER D 250 35.66 13.08 10.15
N LEU D 251 34.39 12.71 10.13
CA LEU D 251 34.01 11.54 9.32
C LEU D 251 34.39 11.76 7.86
N ALA D 252 34.12 12.94 7.30
CA ALA D 252 34.47 13.19 5.92
C ALA D 252 36.00 13.19 5.72
N GLY D 253 36.73 13.77 6.67
CA GLY D 253 38.18 13.73 6.59
C GLY D 253 38.70 12.32 6.62
N MET D 254 38.29 11.53 7.61
CA MET D 254 38.75 10.13 7.70
C MET D 254 38.39 9.34 6.44
N ALA D 255 37.25 9.63 5.82
CA ALA D 255 36.84 8.87 4.65
C ALA D 255 37.66 9.24 3.41
N PHE D 256 37.80 10.53 3.14
CA PHE D 256 38.52 10.91 1.92
C PHE D 256 40.02 10.70 2.06
N ASN D 257 40.57 10.83 3.28
CA ASN D 257 41.99 10.63 3.51
C ASN D 257 42.41 9.22 3.13
N ASN D 258 41.48 8.27 3.18
CA ASN D 258 41.83 6.88 2.91
C ASN D 258 41.09 6.27 1.73
N ALA D 259 40.15 6.97 1.13
CA ALA D 259 39.60 6.50 -0.12
C ALA D 259 40.02 7.33 -1.32
N GLY D 260 40.45 8.57 -1.08
CA GLY D 260 40.73 9.49 -2.15
C GLY D 260 39.51 10.30 -2.54
N LEU D 261 39.76 11.34 -3.36
CA LEU D 261 38.76 12.28 -3.82
C LEU D 261 38.35 12.00 -5.27
N GLY D 262 38.15 13.04 -6.07
CA GLY D 262 37.81 12.89 -7.49
C GLY D 262 37.95 14.20 -8.25
N TYR D 263 37.17 14.41 -9.31
CA TYR D 263 37.41 15.60 -10.12
C TYR D 263 36.84 16.89 -9.54
N VAL D 264 35.98 16.84 -8.52
CA VAL D 264 35.61 18.07 -7.82
C VAL D 264 36.84 18.74 -7.26
N HIS D 265 37.61 18.02 -6.43
CA HIS D 265 38.83 18.60 -5.87
C HIS D 265 39.90 18.81 -6.95
N ALA D 266 40.01 17.90 -7.93
CA ALA D 266 41.04 18.04 -8.95
C ALA D 266 40.89 19.36 -9.71
N ILE D 267 39.66 19.73 -10.08
CA ILE D 267 39.42 21.01 -10.74
C ILE D 267 39.51 22.16 -9.73
N ALA D 268 38.92 22.00 -8.54
CA ALA D 268 38.90 23.12 -7.61
C ALA D 268 40.30 23.56 -7.21
N HIS D 269 41.25 22.63 -7.18
CA HIS D 269 42.64 23.01 -6.88
C HIS D 269 43.23 23.91 -7.96
N GLN D 270 42.78 23.75 -9.21
CA GLN D 270 43.25 24.64 -10.27
C GLN D 270 42.66 26.04 -10.13
N LEU D 271 41.35 26.12 -9.85
CA LEU D 271 40.74 27.43 -9.65
C LEU D 271 41.31 28.14 -8.44
N GLY D 272 41.75 27.39 -7.44
CA GLY D 272 42.31 28.02 -6.25
C GLY D 272 43.75 28.46 -6.42
N GLY D 273 44.49 27.82 -7.31
CA GLY D 273 45.84 28.26 -7.58
C GLY D 273 45.86 29.47 -8.50
N PHE D 274 44.93 29.50 -9.45
CA PHE D 274 44.90 30.60 -10.40
C PHE D 274 44.30 31.87 -9.81
N TYR D 275 43.22 31.76 -9.03
CA TYR D 275 42.47 32.94 -8.60
C TYR D 275 42.44 33.16 -7.11
N ASN D 276 43.02 32.26 -6.31
CA ASN D 276 42.96 32.30 -4.85
C ASN D 276 41.53 32.29 -4.31
N PHE D 277 40.56 31.78 -5.10
CA PHE D 277 39.19 31.62 -4.61
C PHE D 277 39.19 30.84 -3.30
N PRO D 278 38.14 30.97 -2.48
CA PRO D 278 38.04 30.10 -1.30
C PRO D 278 37.81 28.64 -1.72
N HIS D 279 38.65 27.75 -1.18
CA HIS D 279 38.60 26.32 -1.51
C HIS D 279 37.20 25.73 -1.37
N GLY D 280 36.54 26.06 -0.24
CA GLY D 280 35.21 25.53 0.02
C GLY D 280 34.18 25.96 -1.01
N VAL D 281 34.25 27.22 -1.45
CA VAL D 281 33.32 27.71 -2.46
C VAL D 281 33.52 27.00 -3.80
N CYS D 282 34.79 26.83 -4.20
CA CYS D 282 35.09 26.12 -5.45
C CYS D 282 34.42 24.76 -5.48
N ASN D 283 34.61 23.95 -4.44
CA ASN D 283 33.97 22.65 -4.39
C ASN D 283 32.44 22.80 -4.50
N ALA D 284 31.86 23.74 -3.75
CA ALA D 284 30.40 23.91 -3.73
C ALA D 284 29.82 24.10 -5.12
N VAL D 285 30.43 24.99 -5.92
CA VAL D 285 29.94 25.27 -7.28
C VAL D 285 30.19 24.06 -8.18
N LEU D 286 31.34 23.40 -8.03
CA LEU D 286 31.72 22.31 -8.95
C LEU D 286 30.91 21.05 -8.69
N LEU D 287 30.57 20.79 -7.42
CA LEU D 287 30.03 19.49 -6.99
C LEU D 287 28.90 18.95 -7.87
N PRO D 288 27.82 19.68 -8.15
CA PRO D 288 26.74 19.04 -8.90
C PRO D 288 27.12 18.70 -10.34
N TYR D 289 28.01 19.48 -10.97
CA TYR D 289 28.39 19.21 -12.36
C TYR D 289 29.24 17.95 -12.48
N VAL D 290 30.20 17.77 -11.58
CA VAL D 290 30.98 16.54 -11.59
C VAL D 290 30.09 15.33 -11.26
N CYS D 291 29.20 15.46 -10.26
CA CYS D 291 28.35 14.34 -9.91
C CYS D 291 27.48 13.93 -11.08
N ARG D 292 26.98 14.91 -11.85
CA ARG D 292 26.28 14.61 -13.09
C ARG D 292 27.14 13.82 -14.05
N PHE D 293 28.37 14.29 -14.28
CA PHE D 293 29.28 13.61 -15.19
C PHE D 293 29.59 12.20 -14.70
N ASN D 294 29.91 12.06 -13.40
CA ASN D 294 30.20 10.78 -12.79
C ASN D 294 29.02 9.81 -12.76
N LEU D 295 27.81 10.24 -13.06
CA LEU D 295 26.63 9.48 -12.66
C LEU D 295 26.62 8.06 -13.24
N ILE D 296 26.84 7.92 -14.54
CA ILE D 296 26.66 6.60 -15.15
C ILE D 296 27.68 5.59 -14.67
N SER D 297 28.78 6.03 -14.04
CA SER D 297 29.75 5.09 -13.50
C SER D 297 29.36 4.57 -12.12
N LYS D 298 28.42 5.23 -11.43
CA LYS D 298 28.18 5.00 -10.02
C LYS D 298 26.70 5.21 -9.67
N VAL D 299 25.79 4.69 -10.49
CA VAL D 299 24.41 5.16 -10.41
C VAL D 299 23.74 4.69 -9.12
N GLU D 300 24.02 3.47 -8.67
CA GLU D 300 23.41 2.99 -7.43
C GLU D 300 23.91 3.80 -6.23
N ARG D 301 25.18 4.16 -6.22
CA ARG D 301 25.69 4.91 -5.08
C ARG D 301 25.17 6.35 -5.04
N TYR D 302 25.02 7.02 -6.20
CA TYR D 302 24.36 8.34 -6.15
C TYR D 302 22.90 8.21 -5.73
N ALA D 303 22.23 7.10 -6.06
CA ALA D 303 20.86 6.89 -5.57
C ALA D 303 20.84 6.76 -4.04
N GLU D 304 21.81 6.03 -3.48
CA GLU D 304 21.92 5.93 -2.04
C GLU D 304 22.20 7.29 -1.40
N ILE D 305 23.03 8.10 -2.06
CA ILE D 305 23.30 9.44 -1.56
C ILE D 305 22.01 10.27 -1.53
N ALA D 306 21.18 10.15 -2.58
CA ALA D 306 19.88 10.83 -2.56
C ALA D 306 19.11 10.53 -1.26
N ALA D 307 19.09 9.26 -0.84
CA ALA D 307 18.36 8.93 0.39
C ALA D 307 19.10 9.42 1.64
N PHE D 308 20.44 9.41 1.64
CA PHE D 308 21.16 9.99 2.77
C PHE D 308 20.83 11.46 2.93
N LEU D 309 20.54 12.16 1.83
CA LEU D 309 20.27 13.58 1.85
C LEU D 309 18.79 13.92 2.08
N GLY D 310 17.97 12.92 2.41
CA GLY D 310 16.59 13.15 2.75
C GLY D 310 15.58 12.94 1.65
N GLU D 311 16.02 12.63 0.43
CA GLU D 311 15.06 12.51 -0.65
C GLU D 311 14.25 11.24 -0.51
N ASN D 312 12.99 11.29 -0.90
CA ASN D 312 12.13 10.13 -0.90
C ASN D 312 12.26 9.48 -2.27
N VAL D 313 12.66 8.21 -2.31
CA VAL D 313 12.97 7.57 -3.58
C VAL D 313 12.06 6.38 -3.88
N ASP D 314 10.99 6.19 -3.10
CA ASP D 314 10.04 5.10 -3.38
C ASP D 314 9.56 5.16 -4.82
N GLY D 315 9.54 4.00 -5.47
CA GLY D 315 8.94 3.90 -6.79
C GLY D 315 9.77 4.51 -7.91
N LEU D 316 10.99 4.91 -7.63
CA LEU D 316 11.88 5.45 -8.64
C LEU D 316 12.85 4.39 -9.13
N SER D 317 13.21 4.47 -10.41
CA SER D 317 14.36 3.74 -10.87
C SER D 317 15.59 4.21 -10.13
N THR D 318 16.64 3.39 -10.15
CA THR D 318 17.93 3.82 -9.62
C THR D 318 18.41 5.08 -10.33
N TYR D 319 18.17 5.17 -11.65
CA TYR D 319 18.54 6.38 -12.40
C TYR D 319 17.85 7.61 -11.83
N ASP D 320 16.53 7.55 -11.67
CA ASP D 320 15.76 8.71 -11.18
C ASP D 320 16.09 9.04 -9.74
N ALA D 321 16.31 8.02 -8.92
CA ALA D 321 16.76 8.30 -7.56
C ALA D 321 18.08 9.06 -7.61
N ALA D 322 19.02 8.63 -8.46
CA ALA D 322 20.32 9.26 -8.48
C ALA D 322 20.22 10.71 -8.96
N GLU D 323 19.23 10.99 -9.80
CA GLU D 323 18.93 12.35 -10.20
C GLU D 323 18.55 13.23 -9.01
N LYS D 324 17.77 12.71 -8.07
CA LYS D 324 17.37 13.55 -6.94
C LYS D 324 18.54 13.88 -6.01
N ALA D 325 19.61 13.09 -6.04
CA ALA D 325 20.80 13.47 -5.28
C ALA D 325 21.37 14.76 -5.82
N ILE D 326 21.27 14.96 -7.13
CA ILE D 326 21.84 16.16 -7.72
C ILE D 326 20.93 17.35 -7.50
N LYS D 327 19.60 17.15 -7.67
CA LYS D 327 18.70 18.23 -7.33
C LYS D 327 18.88 18.67 -5.88
N ALA D 328 18.97 17.71 -4.96
CA ALA D 328 19.13 18.05 -3.53
C ALA D 328 20.44 18.77 -3.26
N ILE D 329 21.54 18.36 -3.89
CA ILE D 329 22.79 19.11 -3.73
C ILE D 329 22.65 20.55 -4.24
N GLU D 330 22.01 20.74 -5.39
CA GLU D 330 21.77 22.10 -5.88
C GLU D 330 20.91 22.91 -4.91
N ARG D 331 19.80 22.32 -4.44
CA ARG D 331 18.94 23.03 -3.50
C ARG D 331 19.71 23.46 -2.28
N MET D 332 20.58 22.59 -1.77
CA MET D 332 21.36 22.98 -0.60
C MET D 332 22.36 24.06 -0.93
N ALA D 333 22.93 24.05 -2.12
CA ALA D 333 23.83 25.15 -2.47
C ALA D 333 23.06 26.46 -2.59
N LYS D 334 21.86 26.41 -3.17
CA LYS D 334 21.04 27.62 -3.27
C LYS D 334 20.69 28.18 -1.89
N ASP D 335 20.28 27.32 -0.95
CA ASP D 335 19.86 27.84 0.35
C ASP D 335 21.01 28.37 1.18
N LEU D 336 22.25 28.02 0.89
CA LEU D 336 23.35 28.61 1.65
C LEU D 336 24.02 29.77 0.91
N ASN D 337 23.43 30.26 -0.18
CA ASN D 337 23.91 31.46 -0.87
C ASN D 337 25.35 31.25 -1.38
N ILE D 338 25.53 30.16 -2.09
CA ILE D 338 26.79 29.84 -2.75
C ILE D 338 26.74 30.61 -4.06
N PRO D 339 27.85 31.11 -4.58
CA PRO D 339 27.84 31.72 -5.92
C PRO D 339 27.31 30.75 -6.95
N LYS D 340 26.61 31.29 -7.96
CA LYS D 340 25.97 30.45 -8.98
C LYS D 340 26.95 29.92 -10.04
N GLY D 341 28.13 30.53 -10.17
CA GLY D 341 29.14 30.08 -11.11
C GLY D 341 30.42 30.83 -10.84
N PHE D 342 31.45 30.50 -11.63
CA PHE D 342 32.78 31.09 -11.38
C PHE D 342 33.01 32.42 -12.08
N LYS D 343 32.27 32.71 -13.17
CA LYS D 343 32.52 33.97 -13.88
C LYS D 343 32.32 35.18 -12.98
N GLU D 344 31.25 35.15 -12.16
CA GLU D 344 31.01 36.25 -11.23
C GLU D 344 32.05 36.30 -10.13
N LEU D 345 32.87 35.28 -9.99
CA LEU D 345 33.98 35.28 -9.03
C LEU D 345 35.26 35.84 -9.61
N GLY D 346 35.42 35.81 -10.95
CA GLY D 346 36.58 36.36 -11.61
C GLY D 346 37.32 35.37 -12.49
N ALA D 347 36.71 34.22 -12.72
CA ALA D 347 37.29 33.23 -13.63
C ALA D 347 37.27 33.77 -15.05
N LYS D 348 38.34 33.49 -15.81
CA LYS D 348 38.53 34.02 -17.16
C LYS D 348 38.33 32.93 -18.20
N GLU D 349 37.55 33.24 -19.26
CA GLU D 349 37.27 32.28 -20.33
C GLU D 349 38.55 31.70 -20.92
N GLU D 350 39.59 32.52 -21.04
CA GLU D 350 40.82 32.10 -21.69
C GLU D 350 41.65 31.17 -20.83
N ASP D 351 41.20 30.81 -19.64
CA ASP D 351 42.00 29.94 -18.79
C ASP D 351 41.48 28.53 -18.72
N ILE D 352 40.31 28.25 -19.30
CA ILE D 352 39.65 26.96 -19.11
C ILE D 352 40.52 25.81 -19.61
N GLU D 353 41.28 26.01 -20.68
CA GLU D 353 42.12 24.92 -21.20
C GLU D 353 43.27 24.57 -20.25
N THR D 354 44.07 25.57 -19.87
CA THR D 354 45.11 25.34 -18.87
C THR D 354 44.54 24.70 -17.61
N LEU D 355 43.38 25.22 -17.15
CA LEU D 355 42.76 24.74 -15.92
C LEU D 355 42.38 23.26 -16.04
N ALA D 356 41.85 22.85 -17.20
CA ALA D 356 41.46 21.46 -17.38
C ALA D 356 42.68 20.54 -17.53
N LYS D 357 43.67 20.96 -18.33
CA LYS D 357 44.89 20.16 -18.45
C LYS D 357 45.56 19.97 -17.09
N ASN D 358 45.56 21.02 -16.27
CA ASN D 358 46.21 20.92 -14.97
C ASN D 358 45.40 20.04 -14.03
N ALA D 359 44.06 20.10 -14.11
CA ALA D 359 43.21 19.22 -13.33
C ALA D 359 43.52 17.75 -13.61
N MET D 360 43.82 17.42 -14.88
CA MET D 360 44.10 16.04 -15.26
C MET D 360 45.41 15.53 -14.65
N LYS D 361 46.31 16.41 -14.25
CA LYS D 361 47.55 15.99 -13.59
C LYS D 361 47.44 15.95 -12.08
N ASP D 362 46.27 16.27 -11.53
CA ASP D 362 46.09 16.28 -10.07
C ASP D 362 45.94 14.86 -9.55
N ALA D 363 46.62 14.57 -8.43
CA ALA D 363 46.53 13.27 -7.80
C ALA D 363 45.08 12.82 -7.61
N CYS D 364 44.22 13.73 -7.13
CA CYS D 364 42.82 13.42 -6.84
C CYS D 364 42.08 12.90 -8.06
N ALA D 365 42.50 13.30 -9.26
CA ALA D 365 41.86 12.80 -10.48
C ALA D 365 41.91 11.28 -10.56
N LEU D 366 42.90 10.66 -9.91
CA LEU D 366 43.19 9.24 -10.11
C LEU D 366 42.08 8.33 -9.62
N THR D 367 41.32 8.74 -8.60
CA THR D 367 40.28 7.88 -8.04
C THR D 367 38.88 8.28 -8.46
N ASN D 368 38.74 9.25 -9.36
CA ASN D 368 37.40 9.62 -9.84
C ASN D 368 36.79 8.43 -10.59
N PRO D 369 35.52 8.11 -10.35
CA PRO D 369 34.97 6.85 -10.94
C PRO D 369 34.77 6.91 -12.45
N ARG D 370 34.55 8.08 -13.04
CA ARG D 370 34.48 8.20 -14.50
C ARG D 370 35.76 8.83 -15.01
N LYS D 371 36.29 8.29 -16.11
CA LYS D 371 37.59 8.71 -16.59
C LYS D 371 37.41 9.63 -17.80
N PRO D 372 37.71 10.92 -17.68
CA PRO D 372 37.35 11.86 -18.73
C PRO D 372 38.47 12.08 -19.73
N LYS D 373 38.08 12.34 -20.97
CA LYS D 373 39.06 12.95 -21.85
C LYS D 373 39.05 14.46 -21.64
N LEU D 374 40.11 15.11 -22.15
CA LEU D 374 40.32 16.54 -21.89
C LEU D 374 39.13 17.41 -22.32
N GLU D 375 38.47 17.06 -23.42
CA GLU D 375 37.32 17.85 -23.80
C GLU D 375 36.22 17.77 -22.75
N GLU D 376 36.16 16.64 -22.03
CA GLU D 376 35.12 16.46 -21.03
C GLU D 376 35.37 17.29 -19.78
N VAL D 377 36.61 17.36 -19.31
CA VAL D 377 36.92 18.25 -18.19
C VAL D 377 36.60 19.68 -18.57
N ILE D 378 36.90 20.07 -19.82
CA ILE D 378 36.70 21.44 -20.25
C ILE D 378 35.23 21.81 -20.21
N GLN D 379 34.36 20.88 -20.59
CA GLN D 379 32.92 21.17 -20.50
C GLN D 379 32.43 21.35 -19.06
N ILE D 380 32.92 20.53 -18.13
CA ILE D 380 32.59 20.70 -16.71
C ILE D 380 32.92 22.13 -16.27
N ILE D 381 34.10 22.61 -16.63
CA ILE D 381 34.51 23.97 -16.27
C ILE D 381 33.64 25.01 -16.96
N LYS D 382 33.12 24.72 -18.15
CA LYS D 382 32.23 25.67 -18.80
C LYS D 382 30.89 25.77 -18.09
N ASN D 383 30.34 24.62 -17.71
CA ASN D 383 29.01 24.62 -17.04
C ASN D 383 29.09 25.39 -15.71
N ALA D 384 30.24 25.37 -15.05
CA ALA D 384 30.38 26.02 -13.72
C ALA D 384 30.76 27.50 -13.87
N MET D 385 30.63 28.05 -15.07
CA MET D 385 30.95 29.48 -15.32
C MET D 385 29.67 30.29 -15.16
N LEU D 386 28.55 29.76 -15.65
CA LEU D 386 27.23 30.44 -15.51
C LEU D 386 27.26 31.40 -14.32
N ASN E 3 -31.86 27.66 21.39
CA ASN E 3 -31.79 26.33 21.97
C ASN E 3 -31.48 25.21 20.95
N THR E 4 -31.77 23.97 21.32
CA THR E 4 -31.45 22.77 20.54
C THR E 4 -32.70 21.93 20.27
N GLN E 5 -33.88 22.56 20.29
CA GLN E 5 -35.09 21.87 19.87
C GLN E 5 -35.16 21.85 18.35
N SER E 6 -35.87 20.87 17.81
CA SER E 6 -36.02 20.72 16.37
C SER E 6 -37.20 19.80 16.12
N ALA E 7 -37.76 19.89 14.93
CA ALA E 7 -38.97 19.14 14.64
C ALA E 7 -38.87 18.52 13.26
N PHE E 8 -39.62 17.44 13.08
CA PHE E 8 -39.64 16.72 11.81
C PHE E 8 -41.07 16.71 11.29
N PHE E 9 -41.27 17.31 10.12
CA PHE E 9 -42.58 17.43 9.51
C PHE E 9 -42.65 16.57 8.26
N MET E 10 -43.80 15.95 8.04
CA MET E 10 -44.07 15.15 6.84
C MET E 10 -45.54 14.75 6.78
N PRO E 11 -46.08 14.53 5.59
CA PRO E 11 -47.39 13.89 5.50
C PRO E 11 -47.40 12.58 6.26
N SER E 12 -48.48 12.31 6.98
CA SER E 12 -48.48 11.05 7.74
C SER E 12 -48.71 9.81 6.87
N VAL E 13 -48.99 9.98 5.57
CA VAL E 13 -49.08 8.86 4.64
C VAL E 13 -48.48 9.31 3.32
N ASN E 14 -47.52 8.52 2.82
CA ASN E 14 -46.79 8.82 1.59
C ASN E 14 -46.71 7.53 0.79
N LEU E 15 -47.04 7.61 -0.51
CA LEU E 15 -47.21 6.44 -1.36
C LEU E 15 -46.17 6.46 -2.47
N PHE E 16 -45.58 5.30 -2.76
CA PHE E 16 -44.46 5.16 -3.69
C PHE E 16 -44.69 3.97 -4.63
N GLY E 17 -44.01 4.02 -5.76
CA GLY E 17 -44.00 2.89 -6.67
C GLY E 17 -44.98 3.04 -7.82
N ALA E 18 -44.69 2.32 -8.91
CA ALA E 18 -45.57 2.25 -10.07
C ALA E 18 -47.00 1.89 -9.67
N GLY E 19 -47.96 2.64 -10.21
CA GLY E 19 -49.35 2.42 -9.93
C GLY E 19 -49.86 3.08 -8.66
N SER E 20 -49.00 3.85 -7.98
CA SER E 20 -49.39 4.59 -6.79
C SER E 20 -50.67 5.35 -7.00
N VAL E 21 -50.78 6.03 -8.15
CA VAL E 21 -51.86 6.97 -8.36
C VAL E 21 -53.21 6.30 -8.38
N ASN E 22 -53.27 5.01 -8.70
CA ASN E 22 -54.56 4.35 -8.74
C ASN E 22 -55.21 4.22 -7.37
N GLU E 23 -54.57 4.71 -6.30
CA GLU E 23 -55.20 4.77 -4.99
C GLU E 23 -55.77 6.15 -4.65
N VAL E 24 -55.55 7.17 -5.50
CA VAL E 24 -55.90 8.53 -5.11
C VAL E 24 -57.39 8.66 -4.86
N GLY E 25 -58.21 7.94 -5.63
CA GLY E 25 -59.65 8.08 -5.47
C GLY E 25 -60.14 7.54 -4.13
N THR E 26 -59.72 6.33 -3.77
CA THR E 26 -60.15 5.78 -2.49
C THR E 26 -59.59 6.58 -1.31
N ARG E 27 -58.38 7.14 -1.46
CA ARG E 27 -57.78 7.98 -0.44
C ARG E 27 -58.70 9.13 -0.09
N LEU E 28 -58.90 10.04 -1.04
CA LEU E 28 -59.90 11.12 -0.94
C LEU E 28 -61.19 10.62 -0.30
N ALA E 29 -61.72 9.50 -0.79
CA ALA E 29 -62.96 8.96 -0.24
C ALA E 29 -62.83 8.68 1.26
N ASP E 30 -61.65 8.22 1.69
CA ASP E 30 -61.48 7.96 3.11
C ASP E 30 -61.28 9.23 3.92
N LEU E 31 -60.74 10.29 3.33
CA LEU E 31 -60.72 11.58 4.03
C LEU E 31 -62.10 12.17 4.23
N GLY E 32 -63.14 11.60 3.62
CA GLY E 32 -64.50 12.09 3.72
C GLY E 32 -64.82 13.36 2.95
N VAL E 33 -63.91 13.85 2.10
CA VAL E 33 -64.22 15.03 1.30
C VAL E 33 -65.20 14.67 0.19
N LYS E 34 -65.84 15.68 -0.37
CA LYS E 34 -66.93 15.46 -1.31
C LYS E 34 -66.61 15.89 -2.75
N LYS E 35 -66.00 17.06 -2.93
CA LYS E 35 -65.61 17.58 -4.25
C LYS E 35 -64.24 18.22 -4.17
N ALA E 36 -63.33 17.83 -5.06
CA ALA E 36 -61.97 18.35 -5.05
C ALA E 36 -61.70 19.24 -6.25
N LEU E 37 -60.92 20.29 -6.01
CA LEU E 37 -60.35 21.11 -7.07
C LEU E 37 -58.99 20.52 -7.46
N LEU E 38 -58.94 19.80 -8.59
CA LEU E 38 -57.67 19.27 -9.07
C LEU E 38 -56.85 20.40 -9.70
N VAL E 39 -55.75 20.78 -9.06
CA VAL E 39 -54.89 21.85 -9.57
C VAL E 39 -53.78 21.25 -10.43
N THR E 40 -53.50 21.87 -11.57
CA THR E 40 -52.46 21.37 -12.47
C THR E 40 -52.09 22.51 -13.43
N ASP E 41 -51.19 22.22 -14.38
CA ASP E 41 -50.75 23.24 -15.32
C ASP E 41 -51.26 22.90 -16.72
N ALA E 42 -50.87 23.75 -17.68
CA ALA E 42 -51.44 23.66 -19.02
C ALA E 42 -50.92 22.44 -19.77
N GLY E 43 -49.61 22.24 -19.80
CA GLY E 43 -49.06 21.15 -20.59
C GLY E 43 -49.50 19.78 -20.09
N LEU E 44 -49.55 19.60 -18.76
CA LEU E 44 -50.02 18.35 -18.22
C LEU E 44 -51.51 18.17 -18.50
N HIS E 45 -52.25 19.27 -18.57
CA HIS E 45 -53.66 19.20 -18.93
C HIS E 45 -53.82 18.78 -20.40
N GLY E 46 -53.02 19.37 -21.28
CA GLY E 46 -52.98 19.09 -22.70
C GLY E 46 -52.32 17.79 -23.07
N LEU E 47 -51.77 17.08 -22.10
CA LEU E 47 -51.41 15.68 -22.24
C LEU E 47 -52.52 14.77 -21.74
N GLY E 48 -53.65 15.34 -21.34
CA GLY E 48 -54.81 14.56 -20.94
C GLY E 48 -54.57 13.77 -19.69
N LEU E 49 -53.48 14.07 -18.97
CA LEU E 49 -53.21 13.40 -17.70
C LEU E 49 -54.17 13.88 -16.62
N SER E 50 -54.64 15.12 -16.70
CA SER E 50 -55.60 15.63 -15.74
C SER E 50 -56.92 14.88 -15.84
N GLU E 51 -57.33 14.49 -17.05
CA GLU E 51 -58.56 13.70 -17.20
C GLU E 51 -58.37 12.25 -16.80
N LYS E 52 -57.14 11.74 -16.82
CA LYS E 52 -56.84 10.42 -16.28
C LYS E 52 -57.11 10.37 -14.77
N ILE E 53 -56.51 11.30 -14.02
CA ILE E 53 -56.60 11.23 -12.58
C ILE E 53 -58.05 11.38 -12.15
N SER E 54 -58.78 12.25 -12.84
CA SER E 54 -60.17 12.55 -12.48
C SER E 54 -61.08 11.37 -12.70
N SER E 55 -60.74 10.46 -13.63
CA SER E 55 -61.54 9.24 -13.72
C SER E 55 -61.39 8.38 -12.47
N ILE E 56 -60.17 8.27 -11.93
CA ILE E 56 -59.97 7.52 -10.70
C ILE E 56 -60.70 8.18 -9.54
N ILE E 57 -60.54 9.50 -9.40
CA ILE E 57 -61.21 10.20 -8.31
C ILE E 57 -62.73 10.12 -8.47
N ARG E 58 -63.21 10.27 -9.70
CA ARG E 58 -64.67 10.23 -9.94
C ARG E 58 -65.20 8.83 -9.65
N ALA E 59 -64.43 7.80 -10.01
CA ALA E 59 -64.88 6.40 -9.85
C ALA E 59 -64.89 5.98 -8.38
N ALA E 60 -64.81 6.94 -7.47
CA ALA E 60 -64.75 6.62 -6.04
C ALA E 60 -65.84 7.41 -5.32
N GLY E 61 -66.56 8.24 -6.06
CA GLY E 61 -67.64 8.98 -5.44
C GLY E 61 -67.30 10.39 -5.06
N VAL E 62 -66.21 10.94 -5.57
CA VAL E 62 -65.81 12.31 -5.27
C VAL E 62 -65.84 13.09 -6.59
N GLU E 63 -66.49 14.26 -6.56
CA GLU E 63 -66.52 15.12 -7.71
C GLU E 63 -65.15 15.77 -7.93
N VAL E 64 -64.93 16.26 -9.16
CA VAL E 64 -63.66 16.84 -9.53
C VAL E 64 -63.90 18.06 -10.40
N SER E 65 -63.18 19.14 -10.11
CA SER E 65 -63.13 20.31 -10.99
C SER E 65 -61.68 20.65 -11.30
N ILE E 66 -61.29 20.57 -12.57
CA ILE E 66 -59.90 20.76 -12.99
C ILE E 66 -59.60 22.25 -13.14
N PHE E 67 -58.62 22.73 -12.38
CA PHE E 67 -58.12 24.10 -12.43
C PHE E 67 -56.75 24.11 -13.11
N PRO E 68 -56.70 23.99 -14.43
CA PRO E 68 -55.40 23.81 -15.11
C PRO E 68 -54.61 25.10 -15.30
N LYS E 69 -54.66 26.02 -14.33
CA LYS E 69 -54.15 27.38 -14.49
C LYS E 69 -52.89 27.69 -13.69
N ALA E 70 -52.21 26.69 -13.13
CA ALA E 70 -50.97 26.93 -12.40
C ALA E 70 -49.82 27.10 -13.38
N GLU E 71 -49.11 28.22 -13.27
CA GLU E 71 -48.03 28.44 -14.24
C GLU E 71 -46.68 28.11 -13.63
N PRO E 72 -45.70 27.72 -14.45
CA PRO E 72 -44.31 27.62 -13.96
C PRO E 72 -43.93 28.89 -13.22
N ASN E 73 -43.39 28.69 -12.01
CA ASN E 73 -43.16 29.73 -11.03
C ASN E 73 -44.51 30.35 -10.74
N PRO E 74 -45.37 29.63 -10.01
CA PRO E 74 -46.78 30.01 -9.92
C PRO E 74 -46.96 31.37 -9.24
N THR E 75 -47.66 32.26 -9.93
CA THR E 75 -47.88 33.62 -9.50
C THR E 75 -49.04 33.72 -8.51
N ASP E 76 -49.18 34.90 -7.91
CA ASP E 76 -50.28 35.19 -6.99
C ASP E 76 -51.60 35.44 -7.71
N LYS E 77 -51.56 35.83 -9.00
CA LYS E 77 -52.80 35.88 -9.79
C LYS E 77 -53.36 34.47 -10.00
N ASN E 78 -52.46 33.48 -10.21
CA ASN E 78 -52.87 32.08 -10.20
C ASN E 78 -53.66 31.75 -8.94
N VAL E 79 -53.05 31.99 -7.78
CA VAL E 79 -53.65 31.62 -6.50
C VAL E 79 -55.01 32.29 -6.34
N ALA E 80 -55.11 33.55 -6.76
CA ALA E 80 -56.38 34.28 -6.67
C ALA E 80 -57.45 33.64 -7.56
N GLU E 81 -57.16 33.56 -8.86
CA GLU E 81 -58.06 32.89 -9.80
C GLU E 81 -58.48 31.49 -9.34
N GLY E 82 -57.59 30.78 -8.64
CA GLY E 82 -57.89 29.42 -8.20
C GLY E 82 -58.75 29.35 -6.96
N LEU E 83 -58.62 30.32 -6.05
CA LEU E 83 -59.57 30.42 -4.94
C LEU E 83 -60.95 30.80 -5.46
N GLU E 84 -61.01 31.68 -6.47
CA GLU E 84 -62.27 31.94 -7.15
C GLU E 84 -62.92 30.64 -7.59
N ALA E 85 -62.17 29.79 -8.30
CA ALA E 85 -62.68 28.49 -8.75
C ALA E 85 -63.10 27.62 -7.57
N TYR E 86 -62.21 27.50 -6.57
CA TYR E 86 -62.49 26.66 -5.40
C TYR E 86 -63.86 26.96 -4.82
N ASN E 87 -64.15 28.24 -4.59
CA ASN E 87 -65.43 28.68 -4.04
C ASN E 87 -66.57 28.52 -5.06
N ALA E 88 -66.35 28.97 -6.30
CA ALA E 88 -67.38 28.87 -7.32
C ALA E 88 -67.87 27.44 -7.47
N GLU E 89 -66.96 26.46 -7.38
CA GLU E 89 -67.32 25.06 -7.57
C GLU E 89 -67.73 24.37 -6.28
N ASN E 90 -67.69 25.07 -5.14
CA ASN E 90 -67.98 24.48 -3.84
C ASN E 90 -67.06 23.28 -3.57
N CYS E 91 -65.77 23.57 -3.52
CA CYS E 91 -64.81 22.53 -3.22
C CYS E 91 -64.47 22.53 -1.73
N ASP E 92 -64.21 21.33 -1.22
CA ASP E 92 -63.80 21.12 0.17
C ASP E 92 -62.41 20.49 0.29
N SER E 93 -61.86 19.97 -0.81
CA SER E 93 -60.53 19.41 -0.83
C SER E 93 -59.81 19.90 -2.08
N ILE E 94 -58.52 19.67 -2.13
CA ILE E 94 -57.70 20.00 -3.29
C ILE E 94 -56.79 18.81 -3.59
N VAL E 95 -56.55 18.56 -4.88
CA VAL E 95 -55.58 17.58 -5.34
C VAL E 95 -54.62 18.30 -6.29
N THR E 96 -53.34 18.36 -5.93
CA THR E 96 -52.35 18.85 -6.88
C THR E 96 -51.81 17.69 -7.71
N LEU E 97 -51.47 17.99 -8.96
CA LEU E 97 -51.00 17.00 -9.92
C LEU E 97 -49.93 17.65 -10.80
N GLY E 98 -48.70 17.16 -10.71
CA GLY E 98 -47.66 17.72 -11.52
C GLY E 98 -46.42 18.06 -10.72
N GLY E 99 -45.66 19.05 -11.18
CA GLY E 99 -44.41 19.44 -10.55
C GLY E 99 -44.62 20.38 -9.37
N GLY E 100 -43.53 21.03 -8.98
CA GLY E 100 -43.58 21.90 -7.82
C GLY E 100 -44.48 23.12 -8.00
N SER E 101 -44.64 23.58 -9.24
CA SER E 101 -45.55 24.69 -9.48
C SER E 101 -46.98 24.30 -9.14
N SER E 102 -47.37 23.06 -9.44
CA SER E 102 -48.74 22.63 -9.17
C SER E 102 -48.99 22.42 -7.67
N HIS E 103 -48.02 21.81 -6.97
CA HIS E 103 -48.19 21.61 -5.53
C HIS E 103 -48.23 22.94 -4.79
N ASP E 104 -47.38 23.90 -5.20
CA ASP E 104 -47.31 25.17 -4.50
C ASP E 104 -48.59 25.99 -4.68
N ALA E 105 -49.03 26.20 -5.93
CA ALA E 105 -50.28 26.92 -6.15
C ALA E 105 -51.44 26.25 -5.43
N GLY E 106 -51.52 24.92 -5.49
CA GLY E 106 -52.57 24.22 -4.78
C GLY E 106 -52.46 24.35 -3.28
N LYS E 107 -51.23 24.39 -2.76
CA LYS E 107 -51.03 24.67 -1.35
C LYS E 107 -51.50 26.07 -1.00
N ALA E 108 -51.03 27.06 -1.77
CA ALA E 108 -51.41 28.44 -1.53
C ALA E 108 -52.92 28.62 -1.54
N ILE E 109 -53.59 28.12 -2.59
CA ILE E 109 -55.05 28.15 -2.65
C ILE E 109 -55.66 27.52 -1.40
N ALA E 110 -55.13 26.38 -0.98
CA ALA E 110 -55.72 25.66 0.16
C ALA E 110 -55.57 26.42 1.47
N LEU E 111 -54.56 27.30 1.56
CA LEU E 111 -54.33 28.06 2.77
C LEU E 111 -55.33 29.21 2.89
N VAL E 112 -55.36 30.09 1.88
CA VAL E 112 -56.22 31.27 1.89
C VAL E 112 -57.69 30.85 2.03
N ALA E 113 -57.95 29.58 1.74
CA ALA E 113 -59.33 29.06 1.85
C ALA E 113 -59.62 28.63 3.29
N ALA E 114 -58.64 28.78 4.18
CA ALA E 114 -58.82 28.42 5.61
C ALA E 114 -58.48 29.65 6.46
N ASN E 115 -57.53 30.45 6.00
CA ASN E 115 -57.18 31.70 6.72
C ASN E 115 -58.11 32.80 6.20
N GLY E 116 -57.83 33.37 5.02
CA GLY E 116 -58.78 34.34 4.43
C GLY E 116 -58.11 35.49 3.71
N GLY E 117 -56.92 35.87 4.15
CA GLY E 117 -56.24 37.01 3.56
C GLY E 117 -55.75 36.82 2.14
N LYS E 118 -54.61 37.38 1.80
CA LYS E 118 -53.96 37.13 0.53
C LYS E 118 -52.73 36.26 0.74
N ILE E 119 -52.32 35.57 -0.32
CA ILE E 119 -51.11 34.76 -0.27
C ILE E 119 -49.89 35.59 0.10
N HIS E 120 -49.98 36.92 0.01
CA HIS E 120 -48.86 37.77 0.40
C HIS E 120 -48.73 37.93 1.91
N ASP E 121 -49.82 37.70 2.65
CA ASP E 121 -49.79 37.83 4.11
C ASP E 121 -48.74 36.92 4.73
N TYR E 122 -48.68 35.67 4.26
CA TYR E 122 -47.98 34.59 4.92
C TYR E 122 -46.57 34.35 4.39
N GLU E 123 -46.02 35.29 3.63
CA GLU E 123 -44.60 35.21 3.27
C GLU E 123 -43.76 35.23 4.54
N GLY E 124 -42.63 34.53 4.51
CA GLY E 124 -41.78 34.39 5.68
C GLY E 124 -41.95 33.04 6.32
N VAL E 125 -41.76 32.93 7.63
CA VAL E 125 -41.67 31.62 8.29
C VAL E 125 -42.82 31.51 9.31
N ASP E 126 -43.78 30.62 9.03
CA ASP E 126 -44.76 30.13 9.99
C ASP E 126 -45.75 31.22 10.38
N VAL E 127 -46.33 31.85 9.36
CA VAL E 127 -47.15 33.06 9.54
C VAL E 127 -48.63 32.77 9.80
N SER E 128 -49.17 31.69 9.23
CA SER E 128 -50.61 31.49 9.24
C SER E 128 -51.08 30.93 10.57
N LYS E 129 -52.40 31.00 10.77
CA LYS E 129 -53.04 30.56 11.99
C LYS E 129 -53.97 29.36 11.80
N GLU E 130 -54.14 28.87 10.58
CA GLU E 130 -55.04 27.74 10.37
C GLU E 130 -54.44 26.69 9.43
N PRO E 131 -54.72 25.41 9.67
CA PRO E 131 -54.33 24.38 8.70
C PRO E 131 -55.12 24.53 7.40
N MET E 132 -54.42 24.43 6.28
CA MET E 132 -55.07 24.53 4.98
C MET E 132 -56.09 23.40 4.79
N VAL E 133 -56.97 23.59 3.82
CA VAL E 133 -58.01 22.61 3.49
C VAL E 133 -57.33 21.30 3.14
N PRO E 134 -58.00 20.15 3.26
CA PRO E 134 -57.39 18.87 2.87
C PRO E 134 -56.76 18.94 1.46
N LEU E 135 -55.59 18.34 1.33
CA LEU E 135 -54.88 18.36 0.06
C LEU E 135 -54.12 17.04 -0.12
N ILE E 136 -54.22 16.48 -1.33
CA ILE E 136 -53.43 15.33 -1.75
C ILE E 136 -52.55 15.78 -2.91
N ALA E 137 -51.26 15.47 -2.84
CA ALA E 137 -50.31 15.95 -3.83
C ALA E 137 -49.80 14.76 -4.63
N ILE E 138 -50.07 14.78 -5.94
CA ILE E 138 -49.64 13.74 -6.88
C ILE E 138 -48.46 14.32 -7.66
N ASN E 139 -47.27 13.81 -7.37
CA ASN E 139 -46.04 14.40 -7.90
C ASN E 139 -45.65 13.73 -9.22
N THR E 140 -45.26 14.56 -10.20
CA THR E 140 -44.85 14.05 -11.51
C THR E 140 -43.47 14.56 -11.96
N THR E 141 -42.80 15.30 -11.10
CA THR E 141 -41.40 15.72 -11.41
C THR E 141 -40.47 15.01 -10.43
N ALA E 142 -39.21 14.91 -10.78
CA ALA E 142 -38.23 14.27 -9.90
C ALA E 142 -37.31 15.34 -9.34
N GLY E 143 -37.86 16.25 -8.53
CA GLY E 143 -36.97 17.23 -7.89
C GLY E 143 -37.54 18.00 -6.73
N THR E 144 -38.75 18.52 -6.85
CA THR E 144 -39.26 19.47 -5.82
C THR E 144 -39.46 18.83 -4.45
N GLY E 145 -40.03 17.64 -4.38
CA GLY E 145 -40.37 17.05 -3.08
C GLY E 145 -41.47 17.88 -2.44
N SER E 146 -42.08 18.79 -3.19
CA SER E 146 -43.03 19.68 -2.53
C SER E 146 -44.30 18.95 -2.08
N GLU E 147 -44.60 17.80 -2.64
CA GLU E 147 -45.67 16.95 -2.13
C GLU E 147 -45.44 16.55 -0.68
N LEU E 148 -44.27 16.91 -0.12
CA LEU E 148 -43.86 16.55 1.23
C LEU E 148 -43.57 17.73 2.11
N THR E 149 -43.20 18.87 1.53
CA THR E 149 -42.68 19.97 2.31
C THR E 149 -43.78 20.89 2.82
N LYS E 150 -43.44 21.67 3.85
CA LYS E 150 -44.25 22.79 4.30
C LYS E 150 -43.80 24.12 3.70
N PHE E 151 -43.10 24.10 2.57
CA PHE E 151 -42.78 25.28 1.78
C PHE E 151 -43.85 25.50 0.72
N THR E 152 -44.06 26.76 0.33
CA THR E 152 -44.84 27.05 -0.87
C THR E 152 -44.35 28.36 -1.49
N ILE E 153 -43.80 28.28 -2.69
CA ILE E 153 -43.11 29.38 -3.33
C ILE E 153 -44.06 30.03 -4.33
N ILE E 154 -44.58 31.21 -3.98
CA ILE E 154 -45.55 31.94 -4.81
C ILE E 154 -44.91 33.23 -5.29
N THR E 155 -44.96 33.47 -6.61
CA THR E 155 -44.32 34.65 -7.19
C THR E 155 -45.17 35.89 -7.01
N ASP E 156 -44.53 36.97 -6.53
CA ASP E 156 -45.21 38.29 -6.41
C ASP E 156 -44.80 39.07 -7.65
N THR E 157 -45.71 39.23 -8.60
CA THR E 157 -45.37 39.87 -9.90
C THR E 157 -44.97 41.33 -9.71
N GLU E 158 -45.67 42.07 -8.83
CA GLU E 158 -45.39 43.53 -8.68
C GLU E 158 -43.94 43.74 -8.21
N ARG E 159 -43.32 42.73 -7.61
CA ARG E 159 -41.96 42.92 -7.03
C ARG E 159 -40.97 41.96 -7.71
N LYS E 160 -41.42 41.16 -8.67
CA LYS E 160 -40.52 40.25 -9.42
C LYS E 160 -39.75 39.36 -8.43
N VAL E 161 -40.36 39.07 -7.29
CA VAL E 161 -39.69 38.22 -6.25
C VAL E 161 -40.57 37.01 -5.93
N LYS E 162 -40.04 35.80 -6.15
CA LYS E 162 -40.79 34.57 -5.79
C LYS E 162 -40.81 34.47 -4.27
N MET E 163 -41.94 34.75 -3.63
CA MET E 163 -42.01 34.78 -2.14
C MET E 163 -41.98 33.38 -1.56
N ALA E 164 -41.04 33.10 -0.66
CA ALA E 164 -40.98 31.84 0.05
C ALA E 164 -41.89 31.91 1.27
N ILE E 165 -42.96 31.12 1.25
CA ILE E 165 -43.79 30.86 2.43
C ILE E 165 -43.31 29.54 3.04
N VAL E 166 -43.06 29.53 4.35
CA VAL E 166 -42.60 28.34 5.04
C VAL E 166 -43.43 28.16 6.30
N ASP E 167 -44.65 27.71 6.13
CA ASP E 167 -45.57 27.54 7.25
C ASP E 167 -45.88 26.07 7.46
N LYS E 168 -46.08 25.71 8.74
CA LYS E 168 -46.37 24.35 9.16
C LYS E 168 -47.72 23.85 8.68
N HIS E 169 -48.56 24.75 8.15
CA HIS E 169 -49.96 24.35 7.80
C HIS E 169 -50.13 23.98 6.31
N VAL E 170 -49.11 24.21 5.50
CA VAL E 170 -49.16 23.83 4.06
C VAL E 170 -48.53 22.46 3.88
N THR E 171 -48.63 21.60 4.89
CA THR E 171 -48.10 20.22 4.77
C THR E 171 -49.23 19.34 4.24
N PRO E 172 -49.04 18.71 3.06
CA PRO E 172 -50.08 17.89 2.46
C PRO E 172 -50.63 16.79 3.36
N THR E 173 -51.93 16.52 3.26
CA THR E 173 -52.56 15.46 4.05
C THR E 173 -51.95 14.11 3.71
N LEU E 174 -51.59 13.92 2.44
CA LEU E 174 -51.19 12.65 1.88
C LEU E 174 -50.52 12.93 0.53
N SER E 175 -49.48 12.16 0.22
CA SER E 175 -48.70 12.37 -1.00
C SER E 175 -48.62 11.07 -1.78
N ILE E 176 -48.40 11.21 -3.09
CA ILE E 176 -48.33 10.10 -4.02
C ILE E 176 -47.17 10.36 -4.97
N ASN E 177 -46.26 9.39 -5.05
CA ASN E 177 -45.01 9.50 -5.80
C ASN E 177 -44.95 8.29 -6.74
N ASP E 178 -45.64 8.40 -7.87
CA ASP E 178 -45.79 7.30 -8.81
C ASP E 178 -44.78 7.48 -9.94
N PRO E 179 -43.73 6.66 -10.00
CA PRO E 179 -42.70 6.86 -11.04
C PRO E 179 -43.20 6.66 -12.45
N GLU E 180 -44.31 5.95 -12.63
CA GLU E 180 -44.90 5.83 -13.98
C GLU E 180 -45.27 7.20 -14.54
N LEU E 181 -45.84 8.09 -13.71
CA LEU E 181 -46.20 9.41 -14.18
C LEU E 181 -44.99 10.24 -14.58
N MET E 182 -43.80 9.86 -14.15
CA MET E 182 -42.61 10.67 -14.41
C MET E 182 -41.88 10.27 -15.68
N VAL E 183 -42.30 9.18 -16.33
CA VAL E 183 -41.58 8.70 -17.51
C VAL E 183 -41.65 9.68 -18.65
N GLY E 184 -42.65 10.57 -18.63
CA GLY E 184 -42.89 11.56 -19.69
C GLY E 184 -42.02 12.81 -19.65
N MET E 185 -41.29 13.05 -18.57
CA MET E 185 -40.42 14.21 -18.54
C MET E 185 -39.44 14.14 -19.69
N PRO E 186 -39.38 15.15 -20.55
CA PRO E 186 -38.31 15.23 -21.55
C PRO E 186 -36.94 15.34 -20.89
N PRO E 187 -35.86 15.15 -21.65
CA PRO E 187 -34.53 15.15 -21.02
C PRO E 187 -34.17 16.41 -20.24
N SER E 188 -34.32 17.61 -20.83
CA SER E 188 -33.89 18.75 -20.06
C SER E 188 -34.84 19.09 -18.91
N LEU E 189 -36.04 18.51 -18.86
CA LEU E 189 -36.81 18.57 -17.62
C LEU E 189 -36.25 17.61 -16.59
N THR E 190 -35.89 16.39 -17.02
CA THR E 190 -35.25 15.43 -16.12
C THR E 190 -33.99 16.03 -15.50
N ALA E 191 -33.12 16.59 -16.33
CA ALA E 191 -31.90 17.21 -15.84
C ALA E 191 -32.19 18.32 -14.84
N ALA E 192 -33.20 19.15 -15.14
CA ALA E 192 -33.43 20.35 -14.35
C ALA E 192 -33.96 19.99 -12.96
N THR E 193 -35.02 19.18 -12.92
CA THR E 193 -35.59 18.82 -11.64
C THR E 193 -34.62 17.94 -10.85
N GLY E 194 -33.85 17.10 -11.55
CA GLY E 194 -32.87 16.27 -10.88
C GLY E 194 -31.79 17.09 -10.21
N LEU E 195 -31.29 18.11 -10.89
CA LEU E 195 -30.28 18.97 -10.29
C LEU E 195 -30.88 19.89 -9.23
N ASP E 196 -32.18 20.12 -9.28
CA ASP E 196 -32.79 20.82 -8.16
C ASP E 196 -32.79 19.92 -6.93
N ALA E 197 -33.08 18.64 -7.13
CA ALA E 197 -33.08 17.71 -6.01
C ALA E 197 -31.69 17.60 -5.39
N LEU E 198 -30.66 17.61 -6.24
CA LEU E 198 -29.28 17.56 -5.77
C LEU E 198 -28.96 18.80 -4.95
N THR E 199 -29.48 19.96 -5.38
CA THR E 199 -29.32 21.20 -4.62
C THR E 199 -30.00 21.11 -3.26
N HIS E 200 -31.18 20.49 -3.21
CA HIS E 200 -31.86 20.35 -1.94
C HIS E 200 -30.99 19.58 -0.96
N ALA E 201 -30.45 18.43 -1.39
CA ALA E 201 -29.70 17.59 -0.47
C ALA E 201 -28.35 18.22 -0.11
N ILE E 202 -27.62 18.74 -1.09
CA ILE E 202 -26.38 19.43 -0.75
C ILE E 202 -26.65 20.56 0.26
N GLU E 203 -27.58 21.47 -0.06
CA GLU E 203 -27.83 22.57 0.86
C GLU E 203 -28.35 22.07 2.22
N ALA E 204 -29.25 21.09 2.23
CA ALA E 204 -29.66 20.51 3.51
C ALA E 204 -28.48 19.97 4.28
N TYR E 205 -27.50 19.37 3.59
CA TYR E 205 -26.42 18.74 4.32
C TYR E 205 -25.51 19.78 4.95
N VAL E 206 -25.31 20.92 4.29
CA VAL E 206 -24.36 21.93 4.78
C VAL E 206 -25.08 23.00 5.61
N SER E 207 -26.37 22.84 5.84
CA SER E 207 -27.16 23.89 6.47
C SER E 207 -27.05 23.85 7.99
N THR E 208 -27.05 25.05 8.60
CA THR E 208 -26.96 25.21 10.06
C THR E 208 -28.11 24.55 10.80
N GLY E 209 -29.19 24.21 10.11
CA GLY E 209 -30.27 23.54 10.78
C GLY E 209 -30.30 22.04 10.54
N ALA E 210 -29.17 21.47 10.10
CA ALA E 210 -29.05 20.03 9.87
C ALA E 210 -29.26 19.24 11.17
N THR E 211 -29.89 18.08 11.05
CA THR E 211 -29.90 17.17 12.20
C THR E 211 -29.30 15.84 11.78
N PRO E 212 -29.08 14.89 12.70
CA PRO E 212 -28.74 13.53 12.27
C PRO E 212 -29.81 12.88 11.41
N ILE E 213 -31.08 13.25 11.59
CA ILE E 213 -32.15 12.68 10.77
C ILE E 213 -32.06 13.20 9.33
N THR E 214 -32.03 14.52 9.17
CA THR E 214 -31.91 15.07 7.82
C THR E 214 -30.59 14.70 7.18
N ASP E 215 -29.53 14.54 7.97
CA ASP E 215 -28.26 14.11 7.40
C ASP E 215 -28.41 12.75 6.72
N ALA E 216 -28.94 11.78 7.47
CA ALA E 216 -29.25 10.46 6.93
C ALA E 216 -29.88 10.53 5.54
N LEU E 217 -30.93 11.36 5.42
CA LEU E 217 -31.69 11.39 4.17
C LEU E 217 -30.96 12.15 3.06
N ALA E 218 -30.24 13.23 3.40
CA ALA E 218 -29.52 13.97 2.36
C ALA E 218 -28.40 13.12 1.78
N ILE E 219 -27.74 12.31 2.61
CA ILE E 219 -26.61 11.50 2.14
C ILE E 219 -27.09 10.47 1.11
N GLN E 220 -28.11 9.69 1.47
CA GLN E 220 -28.67 8.75 0.50
C GLN E 220 -29.05 9.47 -0.80
N ALA E 221 -29.71 10.63 -0.68
CA ALA E 221 -30.20 11.35 -1.86
C ALA E 221 -29.06 11.68 -2.81
N ILE E 222 -27.90 12.07 -2.27
CA ILE E 222 -26.80 12.49 -3.13
C ILE E 222 -26.22 11.30 -3.86
N LYS E 223 -26.11 10.15 -3.17
CA LYS E 223 -25.54 8.96 -3.78
C LYS E 223 -26.42 8.49 -4.92
N ILE E 224 -27.72 8.34 -4.66
CA ILE E 224 -28.65 7.92 -5.70
C ILE E 224 -28.57 8.86 -6.89
N ILE E 225 -28.70 10.16 -6.64
CA ILE E 225 -28.68 11.12 -7.74
C ILE E 225 -27.41 10.94 -8.57
N SER E 226 -26.28 10.70 -7.88
CA SER E 226 -24.99 10.57 -8.55
C SER E 226 -24.99 9.42 -9.55
N LYS E 227 -25.56 8.28 -9.18
CA LYS E 227 -25.61 7.13 -10.09
C LYS E 227 -26.72 7.27 -11.13
N TYR E 228 -27.92 7.67 -10.72
CA TYR E 228 -29.09 7.45 -11.57
C TYR E 228 -29.57 8.67 -12.34
N LEU E 229 -29.29 9.90 -11.92
CA LEU E 229 -29.80 11.02 -12.69
C LEU E 229 -29.22 11.06 -14.10
N PRO E 230 -27.93 10.83 -14.33
CA PRO E 230 -27.45 10.85 -15.71
C PRO E 230 -28.12 9.80 -16.57
N ARG E 231 -28.52 8.67 -15.99
CA ARG E 231 -29.14 7.62 -16.77
C ARG E 231 -30.61 7.95 -17.10
N ALA E 232 -31.32 8.60 -16.17
CA ALA E 232 -32.69 9.05 -16.46
C ALA E 232 -32.70 10.13 -17.54
N VAL E 233 -31.74 11.04 -17.50
CA VAL E 233 -31.62 12.05 -18.55
C VAL E 233 -31.40 11.36 -19.89
N ALA E 234 -30.42 10.46 -19.96
CA ALA E 234 -30.01 9.86 -21.23
C ALA E 234 -31.04 8.90 -21.80
N ASN E 235 -31.95 8.37 -20.97
CA ASN E 235 -33.02 7.52 -21.48
C ASN E 235 -34.14 7.59 -20.44
N GLY E 236 -35.15 8.39 -20.74
CA GLY E 236 -36.27 8.57 -19.83
C GLY E 236 -37.17 7.38 -19.71
N LYS E 237 -36.81 6.30 -20.41
CA LYS E 237 -37.63 5.06 -20.35
C LYS E 237 -36.93 4.01 -19.49
N ASP E 238 -35.80 4.35 -18.88
CA ASP E 238 -35.14 3.44 -17.92
C ASP E 238 -35.97 3.49 -16.63
N ILE E 239 -36.91 2.56 -16.48
CA ILE E 239 -37.84 2.55 -15.33
C ILE E 239 -37.04 2.56 -14.02
N GLU E 240 -35.91 1.86 -13.99
CA GLU E 240 -35.08 1.80 -12.77
C GLU E 240 -34.57 3.19 -12.43
N ALA E 241 -33.88 3.85 -13.37
CA ALA E 241 -33.45 5.21 -13.09
C ALA E 241 -34.60 6.10 -12.64
N ARG E 242 -35.79 5.91 -13.22
CA ARG E 242 -36.92 6.75 -12.84
C ARG E 242 -37.38 6.44 -11.43
N GLU E 243 -37.50 5.16 -11.06
CA GLU E 243 -37.91 4.83 -9.70
C GLU E 243 -36.87 5.32 -8.68
N GLN E 244 -35.58 5.25 -9.05
CA GLN E 244 -34.52 5.72 -8.16
C GLN E 244 -34.60 7.21 -7.94
N MET E 245 -34.81 8.00 -9.03
CA MET E 245 -34.97 9.45 -8.90
C MET E 245 -36.24 9.81 -8.13
N ALA E 246 -37.33 9.05 -8.29
CA ALA E 246 -38.49 9.25 -7.43
C ALA E 246 -38.11 9.18 -5.95
N PHE E 247 -37.27 8.22 -5.57
CA PHE E 247 -36.85 8.11 -4.18
C PHE E 247 -35.92 9.26 -3.78
N ALA E 248 -34.86 9.48 -4.58
CA ALA E 248 -33.93 10.60 -4.39
C ALA E 248 -34.61 11.91 -4.07
N GLN E 249 -35.61 12.29 -4.88
CA GLN E 249 -36.22 13.61 -4.73
C GLN E 249 -37.14 13.67 -3.52
N SER E 250 -37.67 12.52 -3.08
CA SER E 250 -38.38 12.49 -1.79
C SER E 250 -37.40 12.61 -0.63
N LEU E 251 -36.31 11.84 -0.67
CA LEU E 251 -35.25 11.97 0.34
C LEU E 251 -34.75 13.40 0.43
N ALA E 252 -34.41 14.01 -0.72
CA ALA E 252 -33.96 15.40 -0.70
C ALA E 252 -35.03 16.32 -0.11
N GLY E 253 -36.29 16.10 -0.51
CA GLY E 253 -37.41 16.83 0.05
C GLY E 253 -37.49 16.78 1.57
N MET E 254 -37.55 15.57 2.14
CA MET E 254 -37.64 15.44 3.59
C MET E 254 -36.45 16.10 4.27
N ALA E 255 -35.26 15.95 3.69
CA ALA E 255 -34.07 16.55 4.28
C ALA E 255 -34.22 18.08 4.38
N PHE E 256 -34.35 18.77 3.24
CA PHE E 256 -34.34 20.23 3.29
C PHE E 256 -35.60 20.82 3.95
N ASN E 257 -36.75 20.16 3.81
CA ASN E 257 -37.94 20.60 4.53
C ASN E 257 -37.67 20.82 6.01
N ASN E 258 -36.79 20.00 6.60
CA ASN E 258 -36.56 20.01 8.03
C ASN E 258 -35.19 20.48 8.44
N ALA E 259 -34.32 20.82 7.49
CA ALA E 259 -32.98 21.33 7.75
C ALA E 259 -32.79 22.77 7.32
N GLY E 260 -33.47 23.22 6.28
CA GLY E 260 -33.25 24.52 5.70
C GLY E 260 -32.53 24.41 4.37
N LEU E 261 -32.47 25.53 3.65
CA LEU E 261 -31.66 25.56 2.43
C LEU E 261 -30.54 26.57 2.57
N GLY E 262 -30.11 27.17 1.47
CA GLY E 262 -29.04 28.13 1.57
C GLY E 262 -29.07 29.16 0.46
N TYR E 263 -27.95 29.83 0.23
CA TYR E 263 -27.96 30.92 -0.71
C TYR E 263 -28.08 30.49 -2.16
N VAL E 264 -28.05 29.18 -2.47
CA VAL E 264 -28.38 28.79 -3.84
C VAL E 264 -29.85 29.07 -4.11
N HIS E 265 -30.74 28.70 -3.18
CA HIS E 265 -32.15 28.99 -3.38
C HIS E 265 -32.49 30.45 -3.12
N ALA E 266 -31.82 31.09 -2.16
CA ALA E 266 -32.09 32.51 -1.91
C ALA E 266 -31.83 33.33 -3.16
N ILE E 267 -30.75 33.03 -3.87
CA ILE E 267 -30.49 33.72 -5.14
C ILE E 267 -31.39 33.20 -6.25
N ALA E 268 -31.51 31.88 -6.39
CA ALA E 268 -32.27 31.35 -7.51
C ALA E 268 -33.68 31.89 -7.54
N HIS E 269 -34.27 32.13 -6.36
CA HIS E 269 -35.63 32.66 -6.26
C HIS E 269 -35.72 34.09 -6.82
N GLN E 270 -34.61 34.82 -6.84
CA GLN E 270 -34.63 36.17 -7.38
C GLN E 270 -34.47 36.18 -8.89
N LEU E 271 -33.59 35.34 -9.43
CA LEU E 271 -33.47 35.27 -10.88
C LEU E 271 -34.68 34.61 -11.54
N GLY E 272 -35.50 33.90 -10.77
CA GLY E 272 -36.68 33.24 -11.28
C GLY E 272 -37.93 34.10 -11.19
N GLY E 273 -37.87 35.15 -10.37
CA GLY E 273 -38.90 36.16 -10.39
C GLY E 273 -38.61 37.16 -11.49
N PHE E 274 -37.40 37.72 -11.48
CA PHE E 274 -37.04 38.75 -12.45
C PHE E 274 -37.17 38.25 -13.88
N TYR E 275 -36.79 37.00 -14.12
CA TYR E 275 -36.68 36.51 -15.48
C TYR E 275 -37.56 35.31 -15.77
N ASN E 276 -38.18 34.71 -14.76
CA ASN E 276 -38.98 33.49 -14.92
C ASN E 276 -38.16 32.34 -15.53
N PHE E 277 -36.86 32.28 -15.23
CA PHE E 277 -36.06 31.13 -15.67
C PHE E 277 -36.52 29.86 -14.96
N PRO E 278 -36.30 28.70 -15.58
CA PRO E 278 -36.68 27.43 -14.93
C PRO E 278 -35.89 27.20 -13.64
N HIS E 279 -36.62 27.04 -12.55
CA HIS E 279 -36.02 27.08 -11.21
C HIS E 279 -34.84 26.12 -11.05
N GLY E 280 -34.99 24.90 -11.57
CA GLY E 280 -33.93 23.93 -11.44
C GLY E 280 -32.69 24.30 -12.21
N VAL E 281 -32.85 24.99 -13.34
CA VAL E 281 -31.68 25.50 -14.07
C VAL E 281 -30.96 26.55 -13.24
N CYS E 282 -31.73 27.39 -12.53
CA CYS E 282 -31.13 28.45 -11.73
C CYS E 282 -30.24 27.88 -10.64
N ASN E 283 -30.70 26.82 -9.95
CA ASN E 283 -29.86 26.16 -8.98
C ASN E 283 -28.60 25.59 -9.61
N ALA E 284 -28.74 24.97 -10.79
CA ALA E 284 -27.60 24.26 -11.36
C ALA E 284 -26.50 25.22 -11.78
N VAL E 285 -26.85 26.44 -12.18
CA VAL E 285 -25.83 27.39 -12.57
C VAL E 285 -25.12 27.95 -11.34
N LEU E 286 -25.87 28.17 -10.25
CA LEU E 286 -25.33 28.82 -9.06
C LEU E 286 -24.65 27.86 -8.11
N LEU E 287 -25.10 26.60 -8.10
CA LEU E 287 -24.69 25.63 -7.10
C LEU E 287 -23.19 25.59 -6.88
N PRO E 288 -22.33 25.52 -7.91
CA PRO E 288 -20.88 25.52 -7.62
C PRO E 288 -20.37 26.88 -7.16
N TYR E 289 -21.03 27.97 -7.52
CA TYR E 289 -20.55 29.28 -7.05
C TYR E 289 -20.83 29.47 -5.57
N VAL E 290 -22.00 29.04 -5.09
CA VAL E 290 -22.31 29.16 -3.67
C VAL E 290 -21.51 28.14 -2.86
N CYS E 291 -21.20 26.98 -3.45
CA CYS E 291 -20.37 25.98 -2.76
C CYS E 291 -18.93 26.47 -2.57
N ARG E 292 -18.31 27.02 -3.62
CA ARG E 292 -17.02 27.68 -3.43
C ARG E 292 -17.09 28.65 -2.28
N PHE E 293 -18.14 29.48 -2.25
CA PHE E 293 -18.25 30.53 -1.25
C PHE E 293 -18.40 29.94 0.15
N ASN E 294 -19.24 28.90 0.29
CA ASN E 294 -19.49 28.26 1.57
C ASN E 294 -18.33 27.38 2.05
N LEU E 295 -17.34 27.10 1.19
CA LEU E 295 -16.37 26.04 1.45
C LEU E 295 -15.78 26.13 2.85
N ILE E 296 -15.25 27.29 3.23
CA ILE E 296 -14.55 27.39 4.50
C ILE E 296 -15.46 27.12 5.70
N SER E 297 -16.77 27.26 5.55
CA SER E 297 -17.63 27.07 6.71
C SER E 297 -17.95 25.61 6.97
N LYS E 298 -17.76 24.75 5.98
CA LYS E 298 -18.23 23.38 6.06
C LYS E 298 -17.30 22.47 5.25
N VAL E 299 -15.99 22.66 5.42
CA VAL E 299 -15.03 21.95 4.58
C VAL E 299 -15.14 20.45 4.79
N GLU E 300 -15.37 20.00 6.02
CA GLU E 300 -15.43 18.57 6.26
C GLU E 300 -16.61 17.95 5.54
N ARG E 301 -17.75 18.63 5.55
CA ARG E 301 -18.94 18.08 4.92
C ARG E 301 -18.87 18.17 3.39
N TYR E 302 -18.14 19.14 2.82
CA TYR E 302 -17.99 19.11 1.37
C TYR E 302 -17.04 18.00 0.97
N ALA E 303 -16.06 17.70 1.83
CA ALA E 303 -15.15 16.59 1.56
C ALA E 303 -15.90 15.26 1.50
N GLU E 304 -16.89 15.09 2.38
CA GLU E 304 -17.74 13.92 2.30
C GLU E 304 -18.64 13.94 1.05
N ILE E 305 -19.16 15.12 0.67
CA ILE E 305 -19.97 15.18 -0.55
C ILE E 305 -19.19 14.74 -1.77
N ALA E 306 -17.88 14.97 -1.77
CA ALA E 306 -17.07 14.56 -2.89
C ALA E 306 -17.06 13.03 -3.02
N ALA E 307 -17.11 12.31 -1.91
CA ALA E 307 -17.13 10.85 -2.01
C ALA E 307 -18.51 10.35 -2.36
N PHE E 308 -19.56 10.94 -1.75
CA PHE E 308 -20.93 10.66 -2.18
C PHE E 308 -21.08 10.82 -3.69
N LEU E 309 -20.36 11.76 -4.31
CA LEU E 309 -20.48 11.96 -5.74
C LEU E 309 -19.59 11.03 -6.55
N GLY E 310 -18.98 10.02 -5.92
CA GLY E 310 -18.16 9.05 -6.61
C GLY E 310 -16.69 9.39 -6.75
N GLU E 311 -16.21 10.51 -6.20
CA GLU E 311 -14.82 10.90 -6.40
C GLU E 311 -13.90 10.06 -5.52
N ASN E 312 -12.65 9.97 -5.95
CA ASN E 312 -11.59 9.34 -5.18
C ASN E 312 -10.82 10.42 -4.45
N VAL E 313 -10.85 10.39 -3.13
CA VAL E 313 -10.16 11.43 -2.39
C VAL E 313 -9.00 10.83 -1.62
N ASP E 314 -8.47 9.71 -2.11
CA ASP E 314 -7.37 9.02 -1.44
C ASP E 314 -6.13 9.89 -1.41
N GLY E 315 -5.55 10.05 -0.22
CA GLY E 315 -4.33 10.82 -0.05
C GLY E 315 -4.51 12.33 -0.19
N LEU E 316 -5.71 12.83 0.05
CA LEU E 316 -6.00 14.24 -0.17
C LEU E 316 -6.35 14.93 1.13
N SER E 317 -5.83 16.13 1.31
CA SER E 317 -6.29 17.00 2.36
C SER E 317 -7.80 17.19 2.26
N THR E 318 -8.41 17.55 3.39
CA THR E 318 -9.84 17.78 3.39
C THR E 318 -10.19 18.94 2.44
N TYR E 319 -9.38 19.99 2.45
CA TYR E 319 -9.60 21.10 1.52
C TYR E 319 -9.61 20.64 0.07
N ASP E 320 -8.57 19.87 -0.34
CA ASP E 320 -8.48 19.35 -1.70
C ASP E 320 -9.63 18.39 -2.01
N ALA E 321 -10.06 17.60 -1.03
CA ALA E 321 -11.19 16.74 -1.31
C ALA E 321 -12.48 17.54 -1.46
N ALA E 322 -12.61 18.65 -0.71
CA ALA E 322 -13.79 19.51 -0.88
C ALA E 322 -13.85 20.10 -2.28
N GLU E 323 -12.70 20.47 -2.83
CA GLU E 323 -12.71 21.10 -4.14
C GLU E 323 -12.97 20.11 -5.25
N LYS E 324 -12.78 18.81 -4.99
CA LYS E 324 -13.21 17.81 -5.95
C LYS E 324 -14.72 17.69 -6.00
N ALA E 325 -15.40 18.07 -4.91
CA ALA E 325 -16.86 18.01 -4.93
C ALA E 325 -17.42 19.09 -5.86
N ILE E 326 -16.87 20.29 -5.79
CA ILE E 326 -17.28 21.35 -6.69
C ILE E 326 -16.94 21.01 -8.13
N LYS E 327 -15.84 20.29 -8.35
CA LYS E 327 -15.51 19.95 -9.73
C LYS E 327 -16.43 18.85 -10.26
N ALA E 328 -16.89 17.94 -9.39
CA ALA E 328 -17.86 16.93 -9.82
C ALA E 328 -19.24 17.53 -10.06
N ILE E 329 -19.64 18.49 -9.22
CA ILE E 329 -20.90 19.21 -9.46
C ILE E 329 -20.85 19.90 -10.82
N GLU E 330 -19.71 20.52 -11.15
CA GLU E 330 -19.60 21.19 -12.45
C GLU E 330 -19.69 20.19 -13.59
N ARG E 331 -18.88 19.12 -13.54
CA ARG E 331 -18.87 18.14 -14.63
C ARG E 331 -20.26 17.55 -14.87
N MET E 332 -20.99 17.25 -13.80
CA MET E 332 -22.32 16.66 -13.98
C MET E 332 -23.24 17.64 -14.69
N ALA E 333 -23.16 18.92 -14.35
CA ALA E 333 -24.04 19.92 -14.96
C ALA E 333 -23.70 20.12 -16.44
N LYS E 334 -22.40 20.14 -16.78
CA LYS E 334 -22.00 20.14 -18.18
C LYS E 334 -22.57 18.94 -18.91
N ASP E 335 -22.52 17.75 -18.30
CA ASP E 335 -23.00 16.53 -18.95
C ASP E 335 -24.51 16.53 -19.16
N LEU E 336 -25.26 17.18 -18.26
CA LEU E 336 -26.69 17.31 -18.45
C LEU E 336 -27.05 18.54 -19.27
N ASN E 337 -26.06 19.20 -19.87
CA ASN E 337 -26.28 20.28 -20.81
C ASN E 337 -26.97 21.49 -20.15
N ILE E 338 -26.42 21.89 -19.00
CA ILE E 338 -26.83 23.09 -18.26
C ILE E 338 -26.01 24.27 -18.72
N PRO E 339 -26.63 25.42 -18.97
CA PRO E 339 -25.88 26.59 -19.46
C PRO E 339 -24.86 27.05 -18.44
N LYS E 340 -23.72 27.53 -18.95
CA LYS E 340 -22.63 27.94 -18.05
C LYS E 340 -22.94 29.27 -17.38
N GLY E 341 -23.67 30.15 -18.07
CA GLY E 341 -23.87 31.50 -17.59
C GLY E 341 -25.34 31.87 -17.58
N PHE E 342 -25.59 33.06 -17.02
CA PHE E 342 -26.91 33.66 -16.98
C PHE E 342 -27.07 34.78 -17.99
N LYS E 343 -25.98 35.39 -18.44
CA LYS E 343 -26.07 36.43 -19.47
C LYS E 343 -26.59 35.86 -20.78
N GLU E 344 -26.27 34.60 -21.07
CA GLU E 344 -26.78 33.92 -22.26
C GLU E 344 -28.26 33.58 -22.16
N LEU E 345 -28.80 33.49 -20.95
CA LEU E 345 -30.23 33.25 -20.77
C LEU E 345 -31.05 34.55 -20.80
N GLY E 346 -30.39 35.71 -20.79
CA GLY E 346 -31.07 37.00 -20.85
C GLY E 346 -30.90 37.88 -19.63
N ALA E 347 -30.13 37.50 -18.62
CA ALA E 347 -29.97 38.34 -17.43
C ALA E 347 -29.27 39.64 -17.80
N LYS E 348 -29.70 40.73 -17.16
CA LYS E 348 -29.12 42.05 -17.37
C LYS E 348 -28.25 42.42 -16.17
N GLU E 349 -27.09 43.03 -16.46
CA GLU E 349 -26.15 43.45 -15.42
C GLU E 349 -26.73 44.53 -14.49
N GLU E 350 -27.72 45.30 -14.95
CA GLU E 350 -28.23 46.39 -14.13
C GLU E 350 -29.03 45.88 -12.94
N ASP E 351 -29.51 44.64 -12.99
CA ASP E 351 -30.40 44.10 -11.98
C ASP E 351 -29.67 43.49 -10.79
N ILE E 352 -28.34 43.25 -10.92
CA ILE E 352 -27.62 42.38 -9.98
C ILE E 352 -27.84 42.84 -8.53
N GLU E 353 -27.74 44.15 -8.30
CA GLU E 353 -27.80 44.65 -6.92
C GLU E 353 -29.19 44.48 -6.33
N THR E 354 -30.22 44.67 -7.15
CA THR E 354 -31.58 44.42 -6.67
C THR E 354 -31.75 42.95 -6.29
N LEU E 355 -31.29 42.05 -7.17
CA LEU E 355 -31.31 40.62 -6.89
C LEU E 355 -30.59 40.31 -5.58
N ALA E 356 -29.34 40.78 -5.46
CA ALA E 356 -28.58 40.60 -4.23
C ALA E 356 -29.36 41.07 -3.00
N LYS E 357 -29.79 42.34 -3.01
CA LYS E 357 -30.55 42.86 -1.87
C LYS E 357 -31.75 41.97 -1.56
N ASN E 358 -32.37 41.41 -2.60
CA ASN E 358 -33.56 40.59 -2.41
C ASN E 358 -33.22 39.15 -2.02
N ALA E 359 -32.05 38.66 -2.42
CA ALA E 359 -31.61 37.35 -1.97
C ALA E 359 -31.46 37.32 -0.45
N MET E 360 -30.81 38.33 0.12
CA MET E 360 -30.54 38.34 1.56
C MET E 360 -31.80 38.37 2.41
N LYS E 361 -32.96 38.64 1.82
CA LYS E 361 -34.22 38.71 2.55
C LYS E 361 -35.01 37.41 2.46
N ASP E 362 -34.66 36.54 1.51
CA ASP E 362 -35.29 35.24 1.41
C ASP E 362 -35.05 34.44 2.68
N ALA E 363 -36.08 33.71 3.13
CA ALA E 363 -35.96 32.87 4.31
C ALA E 363 -34.91 31.76 4.14
N CYS E 364 -34.62 31.37 2.90
CA CYS E 364 -33.60 30.36 2.69
C CYS E 364 -32.23 30.82 3.13
N ALA E 365 -31.91 32.11 2.97
CA ALA E 365 -30.62 32.61 3.41
C ALA E 365 -30.38 32.36 4.90
N LEU E 366 -31.44 32.13 5.67
CA LEU E 366 -31.31 32.06 7.13
C LEU E 366 -30.40 30.92 7.58
N THR E 367 -30.44 29.77 6.86
CA THR E 367 -29.67 28.61 7.29
C THR E 367 -28.39 28.40 6.49
N ASN E 368 -28.05 29.30 5.58
CA ASN E 368 -26.79 29.16 4.86
C ASN E 368 -25.63 29.17 5.83
N PRO E 369 -24.67 28.25 5.71
CA PRO E 369 -23.63 28.14 6.75
C PRO E 369 -22.65 29.30 6.79
N ARG E 370 -22.45 30.03 5.68
CA ARG E 370 -21.66 31.25 5.69
C ARG E 370 -22.58 32.47 5.59
N LYS E 371 -22.30 33.50 6.40
CA LYS E 371 -23.11 34.71 6.45
C LYS E 371 -22.47 35.81 5.63
N PRO E 372 -23.01 36.15 4.46
CA PRO E 372 -22.36 37.16 3.60
C PRO E 372 -22.78 38.58 3.91
N LYS E 373 -21.87 39.50 3.58
CA LYS E 373 -22.23 40.89 3.31
C LYS E 373 -22.84 40.99 1.92
N LEU E 374 -23.63 42.05 1.71
CA LEU E 374 -24.22 42.31 0.39
C LEU E 374 -23.18 42.25 -0.73
N GLU E 375 -22.01 42.87 -0.52
CA GLU E 375 -21.00 42.88 -1.57
C GLU E 375 -20.64 41.47 -2.02
N GLU E 376 -20.66 40.50 -1.10
CA GLU E 376 -20.34 39.13 -1.49
C GLU E 376 -21.49 38.45 -2.23
N VAL E 377 -22.75 38.82 -1.92
CA VAL E 377 -23.88 38.28 -2.67
C VAL E 377 -23.91 38.83 -4.09
N ILE E 378 -23.61 40.11 -4.26
CA ILE E 378 -23.45 40.67 -5.60
C ILE E 378 -22.40 39.88 -6.38
N GLN E 379 -21.21 39.71 -5.78
CA GLN E 379 -20.10 39.06 -6.47
C GLN E 379 -20.43 37.64 -6.90
N ILE E 380 -21.21 36.91 -6.09
CA ILE E 380 -21.65 35.56 -6.46
C ILE E 380 -22.49 35.62 -7.73
N ILE E 381 -23.45 36.54 -7.78
CA ILE E 381 -24.30 36.67 -8.97
C ILE E 381 -23.48 37.16 -10.17
N LYS E 382 -22.48 38.02 -9.94
CA LYS E 382 -21.58 38.40 -11.02
C LYS E 382 -20.84 37.19 -11.58
N ASN E 383 -20.51 36.21 -10.72
CA ASN E 383 -19.76 35.05 -11.17
C ASN E 383 -20.60 34.12 -12.03
N ALA E 384 -21.92 34.12 -11.83
CA ALA E 384 -22.80 33.24 -12.57
C ALA E 384 -23.24 33.86 -13.90
N MET E 385 -22.73 35.04 -14.26
CA MET E 385 -23.07 35.63 -15.55
C MET E 385 -22.28 35.00 -16.69
N LEU E 386 -21.11 34.44 -16.39
CA LEU E 386 -20.22 33.88 -17.41
C LEU E 386 -19.88 32.42 -17.11
N ASN F 3 -46.80 -5.95 -7.26
CA ASN F 3 -46.34 -4.58 -7.42
C ASN F 3 -45.10 -4.24 -6.57
N THR F 4 -44.27 -3.37 -7.12
CA THR F 4 -43.17 -2.73 -6.40
C THR F 4 -43.64 -1.40 -5.77
N GLN F 5 -44.78 -1.45 -5.09
CA GLN F 5 -45.32 -0.30 -4.39
C GLN F 5 -44.88 -0.33 -2.93
N SER F 6 -44.83 0.86 -2.31
CA SER F 6 -44.55 0.94 -0.88
C SER F 6 -45.09 2.26 -0.32
N ALA F 7 -45.03 2.36 1.01
CA ALA F 7 -45.58 3.49 1.75
C ALA F 7 -44.68 3.81 2.93
N PHE F 8 -44.56 5.10 3.23
CA PHE F 8 -43.86 5.61 4.40
C PHE F 8 -44.87 6.31 5.33
N PHE F 9 -44.99 5.80 6.57
CA PHE F 9 -45.86 6.34 7.60
C PHE F 9 -45.04 6.91 8.75
N MET F 10 -45.54 8.01 9.32
CA MET F 10 -45.08 8.52 10.61
C MET F 10 -45.98 9.69 11.03
N PRO F 11 -45.96 10.09 12.30
CA PRO F 11 -46.78 11.25 12.70
C PRO F 11 -46.33 12.47 11.91
N SER F 12 -47.26 13.40 11.70
CA SER F 12 -46.96 14.52 10.81
C SER F 12 -46.12 15.58 11.49
N VAL F 13 -46.17 15.63 12.81
CA VAL F 13 -45.35 16.53 13.59
C VAL F 13 -44.66 15.69 14.65
N ASN F 14 -43.33 15.69 14.62
CA ASN F 14 -42.49 14.99 15.60
C ASN F 14 -41.51 15.98 16.19
N LEU F 15 -41.52 16.10 17.52
CA LEU F 15 -40.71 17.05 18.26
C LEU F 15 -39.50 16.38 18.91
N PHE F 16 -38.35 17.03 18.78
CA PHE F 16 -37.07 16.57 19.31
C PHE F 16 -36.42 17.69 20.13
N GLY F 17 -35.45 17.32 20.95
CA GLY F 17 -34.63 18.32 21.60
C GLY F 17 -35.01 18.50 23.06
N ALA F 18 -34.04 18.94 23.85
CA ALA F 18 -34.24 19.09 25.28
C ALA F 18 -35.31 20.14 25.57
N GLY F 19 -36.29 19.76 26.38
CA GLY F 19 -37.37 20.63 26.79
C GLY F 19 -38.65 20.50 26.00
N SER F 20 -38.65 19.74 24.91
CA SER F 20 -39.79 19.74 23.99
C SER F 20 -41.05 19.13 24.58
N VAL F 21 -40.98 18.49 25.75
CA VAL F 21 -42.20 18.03 26.43
C VAL F 21 -43.06 19.20 26.84
N ASN F 22 -42.46 20.39 26.91
CA ASN F 22 -43.18 21.57 27.39
C ASN F 22 -44.19 22.08 26.39
N GLU F 23 -44.26 21.48 25.21
CA GLU F 23 -45.32 21.77 24.26
C GLU F 23 -46.48 20.77 24.30
N VAL F 24 -46.44 19.78 25.20
CA VAL F 24 -47.47 18.75 25.15
C VAL F 24 -48.84 19.36 25.37
N GLY F 25 -48.95 20.31 26.33
CA GLY F 25 -50.23 20.92 26.64
C GLY F 25 -50.77 21.78 25.51
N THR F 26 -49.97 22.74 25.04
CA THR F 26 -50.46 23.61 23.97
C THR F 26 -50.83 22.78 22.73
N ARG F 27 -49.95 21.88 22.30
CA ARG F 27 -50.26 21.02 21.15
C ARG F 27 -51.55 20.24 21.36
N LEU F 28 -51.77 19.72 22.57
CA LEU F 28 -52.97 18.93 22.82
C LEU F 28 -54.22 19.77 22.66
N ALA F 29 -54.17 21.04 23.04
CA ALA F 29 -55.34 21.91 22.93
C ALA F 29 -55.56 22.40 21.50
N ASP F 30 -54.50 22.49 20.68
CA ASP F 30 -54.63 22.75 19.25
C ASP F 30 -55.37 21.65 18.49
N LEU F 31 -55.68 20.52 19.13
CA LEU F 31 -56.54 19.51 18.55
C LEU F 31 -58.00 19.74 18.91
N GLY F 32 -58.26 20.53 19.96
CA GLY F 32 -59.58 20.73 20.50
C GLY F 32 -60.04 19.66 21.46
N VAL F 33 -59.17 18.72 21.84
CA VAL F 33 -59.59 17.71 22.81
C VAL F 33 -59.70 18.33 24.18
N LYS F 34 -60.50 17.71 25.04
CA LYS F 34 -60.85 18.33 26.32
C LYS F 34 -60.29 17.60 27.52
N LYS F 35 -60.35 16.27 27.55
CA LYS F 35 -59.89 15.52 28.71
C LYS F 35 -59.03 14.35 28.24
N ALA F 36 -57.79 14.31 28.69
CA ALA F 36 -56.82 13.32 28.23
C ALA F 36 -56.60 12.26 29.30
N LEU F 37 -56.61 11.00 28.89
CA LEU F 37 -56.13 9.92 29.74
C LEU F 37 -54.61 9.84 29.59
N LEU F 38 -53.87 10.07 30.69
CA LEU F 38 -52.40 10.03 30.67
C LEU F 38 -52.00 8.60 31.00
N VAL F 39 -51.58 7.86 29.97
CA VAL F 39 -51.19 6.47 30.11
C VAL F 39 -49.69 6.42 30.38
N THR F 40 -49.33 5.92 31.55
CA THR F 40 -47.96 5.75 31.95
C THR F 40 -47.89 4.48 32.78
N ASP F 41 -46.77 4.25 33.44
CA ASP F 41 -46.60 3.02 34.18
C ASP F 41 -46.24 3.37 35.61
N ALA F 42 -46.28 2.36 36.49
CA ALA F 42 -46.15 2.62 37.92
C ALA F 42 -44.81 3.28 38.26
N GLY F 43 -43.72 2.83 37.63
CA GLY F 43 -42.41 3.37 37.94
C GLY F 43 -42.33 4.87 37.71
N LEU F 44 -42.72 5.33 36.52
CA LEU F 44 -42.59 6.75 36.19
C LEU F 44 -43.54 7.60 37.00
N HIS F 45 -44.70 7.04 37.35
CA HIS F 45 -45.65 7.69 38.25
C HIS F 45 -45.08 7.79 39.66
N GLY F 46 -44.41 6.74 40.12
CA GLY F 46 -43.73 6.81 41.41
C GLY F 46 -42.61 7.84 41.41
N LEU F 47 -41.88 7.95 40.31
CA LEU F 47 -40.78 8.91 40.22
C LEU F 47 -41.25 10.35 40.11
N GLY F 48 -42.56 10.59 40.02
CA GLY F 48 -43.09 11.93 39.96
C GLY F 48 -43.39 12.45 38.57
N LEU F 49 -43.05 11.68 37.52
CA LEU F 49 -43.08 12.19 36.16
C LEU F 49 -44.52 12.45 35.68
N SER F 50 -45.43 11.51 35.97
CA SER F 50 -46.83 11.66 35.55
C SER F 50 -47.42 12.95 36.10
N GLU F 51 -47.04 13.32 37.32
CA GLU F 51 -47.48 14.61 37.82
C GLU F 51 -46.87 15.77 37.03
N LYS F 52 -45.60 15.66 36.64
CA LYS F 52 -44.96 16.75 35.91
C LYS F 52 -45.69 17.04 34.60
N ILE F 53 -46.22 16.01 33.96
CA ILE F 53 -46.85 16.24 32.67
C ILE F 53 -48.28 16.73 32.86
N SER F 54 -49.03 16.16 33.81
CA SER F 54 -50.41 16.58 34.05
C SER F 54 -50.50 18.07 34.27
N SER F 55 -49.61 18.58 35.13
CA SER F 55 -49.48 20.02 35.34
C SER F 55 -49.29 20.78 34.02
N ILE F 56 -48.48 20.25 33.10
CA ILE F 56 -48.28 20.95 31.83
C ILE F 56 -49.54 20.93 31.00
N ILE F 57 -50.28 19.82 31.06
CA ILE F 57 -51.49 19.68 30.24
C ILE F 57 -52.62 20.56 30.81
N ARG F 58 -52.84 20.49 32.12
CA ARG F 58 -53.88 21.32 32.74
C ARG F 58 -53.63 22.80 32.48
N ALA F 59 -52.37 23.23 32.59
CA ALA F 59 -52.05 24.64 32.41
C ALA F 59 -52.33 25.14 30.99
N ALA F 60 -52.70 24.27 30.06
CA ALA F 60 -53.12 24.67 28.72
C ALA F 60 -54.63 24.55 28.54
N GLY F 61 -55.36 24.20 29.58
CA GLY F 61 -56.80 24.15 29.51
C GLY F 61 -57.36 22.83 29.10
N VAL F 62 -56.64 21.75 29.35
CA VAL F 62 -57.10 20.40 29.08
C VAL F 62 -57.02 19.63 30.38
N GLU F 63 -58.06 18.86 30.69
CA GLU F 63 -58.05 18.09 31.93
C GLU F 63 -57.31 16.77 31.75
N VAL F 64 -56.95 16.16 32.89
CA VAL F 64 -56.13 14.96 32.88
C VAL F 64 -56.70 13.96 33.88
N SER F 65 -56.96 12.74 33.41
CA SER F 65 -57.08 11.59 34.27
C SER F 65 -55.84 10.72 34.07
N ILE F 66 -55.18 10.33 35.17
CA ILE F 66 -53.90 9.65 35.14
C ILE F 66 -54.11 8.16 35.29
N PHE F 67 -53.43 7.37 34.45
CA PHE F 67 -53.55 5.91 34.42
C PHE F 67 -52.18 5.27 34.56
N PRO F 68 -51.66 5.16 35.78
CA PRO F 68 -50.29 4.62 35.98
C PRO F 68 -50.25 3.09 36.08
N LYS F 69 -50.76 2.42 35.05
CA LYS F 69 -50.96 0.98 35.15
C LYS F 69 -50.54 0.16 33.93
N ALA F 70 -49.99 0.76 32.89
CA ALA F 70 -49.34 -0.05 31.86
C ALA F 70 -48.21 -0.82 32.52
N GLU F 71 -48.13 -2.10 32.25
CA GLU F 71 -47.02 -2.83 32.85
C GLU F 71 -45.99 -3.16 31.78
N PRO F 72 -44.74 -3.37 32.16
CA PRO F 72 -43.73 -3.77 31.16
C PRO F 72 -44.15 -5.04 30.45
N ASN F 73 -44.07 -5.00 29.12
CA ASN F 73 -44.83 -5.89 28.24
C ASN F 73 -46.30 -5.75 28.61
N PRO F 74 -47.00 -4.74 28.12
CA PRO F 74 -48.37 -4.49 28.59
C PRO F 74 -49.32 -5.60 28.15
N THR F 75 -50.23 -5.94 29.05
CA THR F 75 -51.15 -7.07 28.88
C THR F 75 -52.49 -6.61 28.31
N ASP F 76 -53.32 -7.58 27.94
CA ASP F 76 -54.70 -7.26 27.54
C ASP F 76 -55.54 -6.86 28.74
N LYS F 77 -55.18 -7.33 29.94
CA LYS F 77 -55.80 -6.83 31.17
C LYS F 77 -55.57 -5.34 31.33
N ASN F 78 -54.31 -4.90 31.20
CA ASN F 78 -54.02 -3.47 31.23
C ASN F 78 -54.84 -2.71 30.20
N VAL F 79 -54.99 -3.28 29.01
CA VAL F 79 -55.75 -2.59 27.98
C VAL F 79 -57.22 -2.50 28.39
N ALA F 80 -57.76 -3.59 28.92
CA ALA F 80 -59.16 -3.57 29.34
C ALA F 80 -59.38 -2.57 30.46
N GLU F 81 -58.52 -2.62 31.49
CA GLU F 81 -58.69 -1.72 32.62
C GLU F 81 -58.57 -0.26 32.20
N GLY F 82 -57.61 0.05 31.33
CA GLY F 82 -57.48 1.41 30.85
C GLY F 82 -58.64 1.85 29.99
N LEU F 83 -59.18 0.94 29.18
CA LEU F 83 -60.38 1.28 28.43
C LEU F 83 -61.50 1.71 29.37
N GLU F 84 -61.64 1.03 30.50
CA GLU F 84 -62.72 1.41 31.42
C GLU F 84 -62.45 2.76 32.07
N ALA F 85 -61.19 3.00 32.49
CA ALA F 85 -60.85 4.31 33.03
C ALA F 85 -61.07 5.41 31.99
N TYR F 86 -60.73 5.15 30.74
CA TYR F 86 -60.90 6.17 29.68
C TYR F 86 -62.35 6.59 29.57
N ASN F 87 -63.28 5.67 29.84
CA ASN F 87 -64.73 5.96 29.64
C ASN F 87 -65.35 6.51 30.92
N ALA F 88 -65.03 5.89 32.06
CA ALA F 88 -65.58 6.35 33.35
C ALA F 88 -65.02 7.72 33.72
N GLU F 89 -64.20 8.29 32.84
CA GLU F 89 -63.61 9.63 33.09
C GLU F 89 -63.95 10.53 31.91
N ASN F 90 -64.72 10.02 30.94
CA ASN F 90 -65.17 10.89 29.86
C ASN F 90 -64.00 11.53 29.12
N CYS F 91 -62.92 10.76 28.91
CA CYS F 91 -61.78 11.25 28.15
C CYS F 91 -62.09 11.19 26.66
N ASP F 92 -61.55 12.16 25.92
CA ASP F 92 -61.64 12.13 24.47
C ASP F 92 -60.27 12.05 23.79
N SER F 93 -59.21 11.72 24.54
CA SER F 93 -57.88 11.63 23.96
C SER F 93 -56.96 10.92 24.94
N ILE F 94 -55.80 10.49 24.40
CA ILE F 94 -54.79 9.79 25.20
C ILE F 94 -53.43 10.46 25.04
N VAL F 95 -52.70 10.52 26.15
CA VAL F 95 -51.31 10.95 26.18
C VAL F 95 -50.53 9.79 26.80
N THR F 96 -49.58 9.25 26.04
CA THR F 96 -48.69 8.22 26.56
C THR F 96 -47.40 8.86 27.06
N LEU F 97 -46.86 8.33 28.16
CA LEU F 97 -45.68 8.90 28.82
C LEU F 97 -44.82 7.76 29.35
N GLY F 98 -43.74 7.45 28.65
CA GLY F 98 -42.86 6.36 29.05
C GLY F 98 -42.18 5.76 27.84
N GLY F 99 -41.92 4.47 27.93
CA GLY F 99 -41.33 3.73 26.85
C GLY F 99 -42.37 3.06 25.99
N GLY F 100 -41.96 2.00 25.30
CA GLY F 100 -42.88 1.29 24.42
C GLY F 100 -44.05 0.66 25.14
N SER F 101 -43.86 0.25 26.40
CA SER F 101 -44.96 -0.29 27.19
C SER F 101 -46.09 0.72 27.30
N SER F 102 -45.76 1.96 27.65
CA SER F 102 -46.81 2.96 27.81
C SER F 102 -47.39 3.35 26.45
N HIS F 103 -46.53 3.54 25.45
CA HIS F 103 -47.05 3.94 24.14
C HIS F 103 -48.00 2.89 23.60
N ASP F 104 -47.69 1.61 23.82
CA ASP F 104 -48.52 0.53 23.29
C ASP F 104 -49.80 0.36 24.10
N ALA F 105 -49.73 0.49 25.41
CA ALA F 105 -50.94 0.38 26.22
C ALA F 105 -51.96 1.43 25.80
N GLY F 106 -51.53 2.69 25.69
CA GLY F 106 -52.41 3.76 25.25
C GLY F 106 -52.77 3.70 23.78
N LYS F 107 -51.85 3.20 22.94
CA LYS F 107 -52.17 2.94 21.55
C LYS F 107 -53.30 1.93 21.44
N ALA F 108 -53.22 0.85 22.23
CA ALA F 108 -54.26 -0.18 22.22
C ALA F 108 -55.61 0.39 22.66
N ILE F 109 -55.61 1.19 23.73
CA ILE F 109 -56.85 1.80 24.20
C ILE F 109 -57.40 2.73 23.14
N ALA F 110 -56.55 3.62 22.61
CA ALA F 110 -56.98 4.54 21.57
C ALA F 110 -57.66 3.83 20.42
N LEU F 111 -57.22 2.61 20.10
CA LEU F 111 -57.82 1.86 19.00
C LEU F 111 -59.11 1.20 19.42
N VAL F 112 -59.14 0.58 20.62
CA VAL F 112 -60.36 -0.10 21.05
C VAL F 112 -61.49 0.90 21.30
N ALA F 113 -61.17 2.13 21.70
CA ALA F 113 -62.22 3.14 21.87
C ALA F 113 -62.87 3.48 20.53
N ALA F 114 -62.06 3.73 19.51
CA ALA F 114 -62.62 4.10 18.22
C ALA F 114 -63.35 2.94 17.53
N ASN F 115 -62.92 1.68 17.78
CA ASN F 115 -63.33 0.53 16.96
C ASN F 115 -64.13 -0.55 17.69
N GLY F 116 -64.11 -0.60 19.01
CA GLY F 116 -64.91 -1.60 19.69
C GLY F 116 -64.22 -2.95 19.78
N GLY F 117 -64.99 -3.93 20.23
CA GLY F 117 -64.37 -5.23 20.46
C GLY F 117 -63.32 -5.13 21.54
N LYS F 118 -62.35 -6.06 21.50
CA LYS F 118 -61.21 -6.04 22.41
C LYS F 118 -59.91 -6.12 21.58
N ILE F 119 -58.76 -6.06 22.27
CA ILE F 119 -57.51 -5.80 21.58
C ILE F 119 -57.08 -6.98 20.72
N HIS F 120 -57.36 -8.22 21.17
CA HIS F 120 -56.98 -9.42 20.40
C HIS F 120 -57.59 -9.41 19.01
N ASP F 121 -58.77 -8.79 18.85
CA ASP F 121 -59.48 -8.77 17.59
C ASP F 121 -58.70 -8.11 16.46
N TYR F 122 -57.60 -7.43 16.75
CA TYR F 122 -56.90 -6.67 15.73
C TYR F 122 -55.47 -7.14 15.52
N GLU F 123 -55.04 -8.22 16.19
CA GLU F 123 -53.76 -8.85 15.90
C GLU F 123 -53.70 -9.22 14.43
N GLY F 124 -52.55 -8.90 13.81
CA GLY F 124 -52.40 -8.97 12.36
C GLY F 124 -52.10 -7.59 11.79
N VAL F 125 -52.47 -7.43 10.52
CA VAL F 125 -52.08 -6.26 9.72
C VAL F 125 -53.34 -5.57 9.20
N ASP F 126 -53.49 -4.28 9.53
CA ASP F 126 -54.57 -3.41 9.05
C ASP F 126 -55.95 -4.02 9.23
N VAL F 127 -56.17 -4.62 10.41
CA VAL F 127 -57.48 -5.18 10.74
C VAL F 127 -58.51 -4.08 10.99
N SER F 128 -58.08 -2.88 11.35
CA SER F 128 -58.99 -1.85 11.83
C SER F 128 -59.75 -1.18 10.71
N LYS F 129 -61.00 -0.78 11.03
CA LYS F 129 -61.84 0.07 10.20
C LYS F 129 -61.58 1.55 10.45
N GLU F 130 -61.41 1.96 11.72
CA GLU F 130 -61.45 3.39 11.99
C GLU F 130 -60.18 3.86 12.72
N PRO F 131 -59.72 5.09 12.45
CA PRO F 131 -58.48 5.56 13.09
C PRO F 131 -58.67 5.75 14.59
N MET F 132 -57.58 5.59 15.33
CA MET F 132 -57.68 5.61 16.78
C MET F 132 -57.89 7.04 17.27
N VAL F 133 -58.37 7.15 18.51
CA VAL F 133 -58.66 8.43 19.16
C VAL F 133 -57.40 9.29 19.13
N PRO F 134 -57.50 10.61 19.27
CA PRO F 134 -56.29 11.45 19.28
C PRO F 134 -55.28 10.97 20.33
N LEU F 135 -54.01 10.87 19.93
CA LEU F 135 -52.98 10.37 20.83
C LEU F 135 -51.69 11.14 20.61
N ILE F 136 -51.10 11.60 21.72
CA ILE F 136 -49.81 12.26 21.73
C ILE F 136 -48.89 11.42 22.61
N ALA F 137 -47.75 11.03 22.04
CA ALA F 137 -46.83 10.07 22.66
C ALA F 137 -45.57 10.78 23.09
N ILE F 138 -45.30 10.77 24.40
CA ILE F 138 -44.10 11.34 25.00
C ILE F 138 -43.15 10.20 25.27
N ASN F 139 -42.05 10.12 24.50
CA ASN F 139 -41.12 9.02 24.64
C ASN F 139 -40.01 9.30 25.66
N THR F 140 -39.79 8.34 26.57
CA THR F 140 -38.79 8.48 27.62
C THR F 140 -37.77 7.34 27.69
N THR F 141 -37.74 6.42 26.72
CA THR F 141 -36.58 5.53 26.60
C THR F 141 -35.97 5.66 25.21
N ALA F 142 -34.78 5.09 25.06
CA ALA F 142 -34.09 5.22 23.77
C ALA F 142 -34.02 3.83 23.15
N GLY F 143 -35.21 3.32 22.84
CA GLY F 143 -35.44 2.25 21.90
C GLY F 143 -36.92 2.23 21.56
N THR F 144 -37.35 1.16 20.90
CA THR F 144 -38.74 0.94 20.47
C THR F 144 -39.15 1.91 19.35
N GLY F 145 -38.95 3.22 19.54
CA GLY F 145 -39.46 4.18 18.58
C GLY F 145 -40.97 4.18 18.46
N SER F 146 -41.66 3.63 19.46
CA SER F 146 -43.09 3.35 19.36
C SER F 146 -43.93 4.61 19.26
N GLU F 147 -43.42 5.76 19.72
CA GLU F 147 -44.10 7.02 19.49
C GLU F 147 -44.13 7.41 18.01
N LEU F 148 -43.49 6.64 17.12
CA LEU F 148 -43.55 6.88 15.69
C LEU F 148 -44.25 5.78 14.91
N THR F 149 -44.44 4.61 15.49
CA THR F 149 -44.76 3.44 14.68
C THR F 149 -46.26 3.19 14.59
N LYS F 150 -46.62 2.29 13.68
CA LYS F 150 -47.97 1.76 13.59
C LYS F 150 -48.05 0.35 14.21
N PHE F 151 -47.26 0.12 15.24
CA PHE F 151 -47.21 -1.15 15.96
C PHE F 151 -47.69 -0.93 17.37
N THR F 152 -48.45 -1.89 17.89
CA THR F 152 -48.63 -1.99 19.33
C THR F 152 -48.56 -3.47 19.69
N ILE F 153 -47.83 -3.77 20.75
CA ILE F 153 -47.52 -5.13 21.15
C ILE F 153 -48.20 -5.34 22.50
N ILE F 154 -49.32 -6.07 22.50
CA ILE F 154 -50.12 -6.33 23.69
C ILE F 154 -50.19 -7.83 23.93
N THR F 155 -49.96 -8.23 25.18
CA THR F 155 -49.90 -9.64 25.54
C THR F 155 -51.29 -10.25 25.66
N ASP F 156 -51.54 -11.34 24.94
CA ASP F 156 -52.59 -12.29 25.29
C ASP F 156 -52.16 -13.06 26.54
N THR F 157 -52.79 -12.78 27.68
CA THR F 157 -52.44 -13.51 28.90
C THR F 157 -52.83 -14.98 28.80
N GLU F 158 -53.88 -15.30 28.04
CA GLU F 158 -54.27 -16.70 27.88
C GLU F 158 -53.18 -17.51 27.19
N ARG F 159 -52.66 -16.99 26.07
CA ARG F 159 -51.73 -17.70 25.20
C ARG F 159 -50.26 -17.45 25.52
N LYS F 160 -49.94 -16.54 26.46
CA LYS F 160 -48.55 -16.14 26.72
C LYS F 160 -47.85 -15.67 25.44
N VAL F 161 -48.59 -14.97 24.60
CA VAL F 161 -48.10 -14.48 23.32
C VAL F 161 -48.14 -12.95 23.32
N LYS F 162 -47.00 -12.32 23.06
CA LYS F 162 -46.96 -10.89 22.80
C LYS F 162 -47.42 -10.68 21.36
N MET F 163 -48.65 -10.18 21.18
CA MET F 163 -49.23 -10.00 19.84
C MET F 163 -48.66 -8.78 19.14
N ALA F 164 -48.67 -8.84 17.81
CA ALA F 164 -48.27 -7.73 16.97
C ALA F 164 -49.53 -7.16 16.32
N ILE F 165 -49.85 -5.91 16.62
CA ILE F 165 -50.95 -5.20 15.98
C ILE F 165 -50.30 -4.16 15.08
N VAL F 166 -50.25 -4.47 13.80
CA VAL F 166 -49.61 -3.64 12.78
C VAL F 166 -50.71 -2.94 12.00
N ASP F 167 -51.01 -1.70 12.38
CA ASP F 167 -52.17 -0.99 11.77
C ASP F 167 -51.86 0.49 11.58
N LYS F 168 -52.12 1.00 10.37
CA LYS F 168 -51.89 2.42 10.07
C LYS F 168 -52.74 3.32 10.97
N HIS F 169 -53.69 2.74 11.70
CA HIS F 169 -54.62 3.57 12.51
C HIS F 169 -54.02 3.86 13.89
N VAL F 170 -52.83 3.36 14.16
CA VAL F 170 -52.20 3.55 15.50
C VAL F 170 -51.03 4.53 15.39
N THR F 171 -50.70 5.00 14.20
CA THR F 171 -49.72 6.09 14.10
C THR F 171 -50.15 7.21 15.04
N PRO F 172 -49.35 7.53 16.06
CA PRO F 172 -49.75 8.63 16.95
C PRO F 172 -49.98 9.93 16.20
N THR F 173 -50.85 10.78 16.76
CA THR F 173 -51.15 12.07 16.15
C THR F 173 -49.91 12.94 16.12
N LEU F 174 -49.17 12.95 17.21
CA LEU F 174 -47.98 13.76 17.38
C LEU F 174 -47.03 13.02 18.32
N SER F 175 -45.72 13.13 18.06
CA SER F 175 -44.70 12.53 18.92
C SER F 175 -43.84 13.59 19.59
N ILE F 176 -43.50 13.36 20.85
CA ILE F 176 -42.51 14.18 21.55
C ILE F 176 -41.39 13.27 22.03
N ASN F 177 -40.16 13.67 21.71
CA ASN F 177 -38.95 12.90 22.03
C ASN F 177 -38.00 13.83 22.77
N ASP F 178 -38.12 13.88 24.11
CA ASP F 178 -37.36 14.86 24.87
C ASP F 178 -36.20 14.18 25.56
N PRO F 179 -34.96 14.41 25.11
CA PRO F 179 -33.80 13.74 25.75
C PRO F 179 -33.65 14.08 27.23
N GLU F 180 -34.24 15.18 27.73
CA GLU F 180 -34.13 15.45 29.15
C GLU F 180 -34.88 14.41 29.99
N LEU F 181 -35.90 13.78 29.43
CA LEU F 181 -36.65 12.79 30.18
C LEU F 181 -35.94 11.45 30.20
N MET F 182 -34.89 11.29 29.39
CA MET F 182 -34.20 10.02 29.22
C MET F 182 -32.99 9.89 30.13
N VAL F 183 -32.62 10.98 30.82
CA VAL F 183 -31.41 10.98 31.62
C VAL F 183 -31.50 9.99 32.77
N GLY F 184 -32.71 9.79 33.32
CA GLY F 184 -32.92 8.95 34.47
C GLY F 184 -32.86 7.45 34.22
N MET F 185 -32.84 7.01 32.96
CA MET F 185 -32.71 5.59 32.68
C MET F 185 -31.46 5.00 33.35
N PRO F 186 -31.61 4.02 34.22
CA PRO F 186 -30.44 3.32 34.74
C PRO F 186 -29.69 2.62 33.62
N PRO F 187 -28.44 2.20 33.87
CA PRO F 187 -27.61 1.65 32.77
C PRO F 187 -28.21 0.44 32.07
N SER F 188 -28.78 -0.50 32.82
CA SER F 188 -29.27 -1.72 32.19
C SER F 188 -30.48 -1.46 31.31
N LEU F 189 -31.34 -0.51 31.69
CA LEU F 189 -32.42 -0.12 30.80
C LEU F 189 -31.86 0.62 29.59
N THR F 190 -30.89 1.52 29.82
CA THR F 190 -30.26 2.21 28.70
C THR F 190 -29.67 1.21 27.73
N ALA F 191 -28.99 0.19 28.27
CA ALA F 191 -28.37 -0.83 27.42
C ALA F 191 -29.42 -1.63 26.66
N ALA F 192 -30.46 -2.11 27.36
CA ALA F 192 -31.43 -2.97 26.71
C ALA F 192 -32.24 -2.20 25.67
N THR F 193 -32.64 -0.95 25.97
CA THR F 193 -33.40 -0.24 24.95
C THR F 193 -32.50 0.19 23.78
N GLY F 194 -31.24 0.51 24.06
CA GLY F 194 -30.31 0.82 22.98
C GLY F 194 -30.12 -0.36 22.06
N LEU F 195 -30.05 -1.57 22.62
CA LEU F 195 -29.88 -2.75 21.79
C LEU F 195 -31.17 -3.13 21.06
N ASP F 196 -32.33 -2.84 21.66
CA ASP F 196 -33.59 -2.90 20.92
C ASP F 196 -33.49 -2.05 19.67
N ALA F 197 -33.02 -0.81 19.81
CA ALA F 197 -32.91 0.07 18.66
C ALA F 197 -31.93 -0.50 17.63
N LEU F 198 -30.76 -0.97 18.08
CA LEU F 198 -29.83 -1.59 17.16
C LEU F 198 -30.49 -2.79 16.45
N THR F 199 -31.32 -3.55 17.17
CA THR F 199 -32.03 -4.64 16.50
C THR F 199 -33.03 -4.10 15.48
N HIS F 200 -33.73 -3.02 15.79
CA HIS F 200 -34.65 -2.44 14.83
C HIS F 200 -33.92 -2.04 13.57
N ALA F 201 -32.80 -1.35 13.71
CA ALA F 201 -32.10 -0.87 12.53
C ALA F 201 -31.51 -2.00 11.71
N ILE F 202 -31.10 -3.10 12.35
CA ILE F 202 -30.47 -4.18 11.59
C ILE F 202 -31.51 -5.01 10.86
N GLU F 203 -32.58 -5.44 11.54
CA GLU F 203 -33.64 -6.15 10.83
C GLU F 203 -34.24 -5.27 9.73
N ALA F 204 -34.47 -3.98 10.01
CA ALA F 204 -34.92 -3.06 8.96
C ALA F 204 -33.96 -3.06 7.77
N TYR F 205 -32.66 -3.05 8.03
CA TYR F 205 -31.71 -3.01 6.93
C TYR F 205 -31.74 -4.28 6.09
N VAL F 206 -31.89 -5.46 6.70
CA VAL F 206 -31.84 -6.71 5.92
C VAL F 206 -33.23 -7.22 5.55
N SER F 207 -34.28 -6.43 5.76
CA SER F 207 -35.64 -6.90 5.55
C SER F 207 -36.00 -6.95 4.06
N THR F 208 -36.90 -7.88 3.72
CA THR F 208 -37.38 -7.94 2.33
C THR F 208 -38.26 -6.73 2.00
N GLY F 209 -38.78 -6.02 3.01
CA GLY F 209 -39.46 -4.78 2.79
C GLY F 209 -38.60 -3.52 2.79
N ALA F 210 -37.28 -3.65 2.74
CA ALA F 210 -36.44 -2.45 2.79
C ALA F 210 -36.68 -1.56 1.56
N THR F 211 -36.22 -0.32 1.67
CA THR F 211 -36.46 0.76 0.73
C THR F 211 -35.22 1.64 0.74
N PRO F 212 -34.90 2.34 -0.35
CA PRO F 212 -33.81 3.33 -0.24
C PRO F 212 -34.04 4.37 0.86
N ILE F 213 -35.30 4.60 1.25
CA ILE F 213 -35.58 5.54 2.33
C ILE F 213 -35.33 4.89 3.69
N THR F 214 -35.89 3.70 3.92
CA THR F 214 -35.59 3.02 5.18
C THR F 214 -34.11 2.69 5.28
N ASP F 215 -33.45 2.37 4.16
CA ASP F 215 -32.02 2.09 4.18
C ASP F 215 -31.24 3.27 4.74
N ALA F 216 -31.63 4.49 4.36
CA ALA F 216 -30.88 5.68 4.78
C ALA F 216 -31.02 5.88 6.27
N LEU F 217 -32.21 5.68 6.78
CA LEU F 217 -32.42 5.85 8.21
C LEU F 217 -31.69 4.75 8.99
N ALA F 218 -31.76 3.51 8.50
CA ALA F 218 -31.22 2.41 9.28
C ALA F 218 -29.69 2.50 9.34
N ILE F 219 -29.07 2.93 8.23
CA ILE F 219 -27.62 3.06 8.21
C ILE F 219 -27.18 4.05 9.26
N GLN F 220 -27.91 5.17 9.37
CA GLN F 220 -27.52 6.22 10.29
C GLN F 220 -27.70 5.78 11.74
N ALA F 221 -28.79 5.07 12.06
CA ALA F 221 -29.01 4.68 13.45
C ALA F 221 -27.89 3.75 13.92
N ILE F 222 -27.39 2.89 13.02
CA ILE F 222 -26.34 1.95 13.39
C ILE F 222 -25.02 2.68 13.66
N LYS F 223 -24.63 3.59 12.78
CA LYS F 223 -23.41 4.35 13.05
C LYS F 223 -23.50 5.09 14.38
N ILE F 224 -24.66 5.68 14.69
CA ILE F 224 -24.78 6.51 15.89
C ILE F 224 -24.80 5.65 17.14
N ILE F 225 -25.58 4.57 17.12
CA ILE F 225 -25.64 3.64 18.23
C ILE F 225 -24.25 3.07 18.53
N SER F 226 -23.52 2.68 17.48
CA SER F 226 -22.23 2.06 17.73
C SER F 226 -21.28 3.04 18.43
N LYS F 227 -21.37 4.33 18.12
CA LYS F 227 -20.53 5.30 18.81
C LYS F 227 -21.11 5.73 20.16
N TYR F 228 -22.41 5.94 20.25
CA TYR F 228 -22.92 6.62 21.44
C TYR F 228 -23.56 5.70 22.46
N LEU F 229 -24.07 4.53 22.06
CA LEU F 229 -24.72 3.66 23.03
C LEU F 229 -23.81 3.29 24.19
N PRO F 230 -22.57 2.82 23.99
CA PRO F 230 -21.73 2.52 25.17
C PRO F 230 -21.43 3.75 26.03
N ARG F 231 -21.45 4.94 25.46
CA ARG F 231 -21.26 6.13 26.28
C ARG F 231 -22.49 6.37 27.15
N ALA F 232 -23.68 6.18 26.58
CA ALA F 232 -24.90 6.38 27.34
C ALA F 232 -24.96 5.41 28.51
N VAL F 233 -24.57 4.14 28.29
CA VAL F 233 -24.59 3.14 29.35
C VAL F 233 -23.57 3.48 30.44
N ALA F 234 -22.37 3.91 30.03
CA ALA F 234 -21.30 4.16 30.99
C ALA F 234 -21.59 5.36 31.88
N ASN F 235 -22.23 6.40 31.32
CA ASN F 235 -22.53 7.65 32.03
C ASN F 235 -23.88 8.18 31.58
N GLY F 236 -24.91 7.97 32.39
CA GLY F 236 -26.26 8.39 32.05
C GLY F 236 -26.44 9.90 32.00
N LYS F 237 -25.53 10.66 32.60
CA LYS F 237 -25.59 12.12 32.56
C LYS F 237 -24.70 12.70 31.46
N ASP F 238 -24.21 11.86 30.55
CA ASP F 238 -23.51 12.30 29.33
C ASP F 238 -24.59 12.80 28.38
N ILE F 239 -24.76 14.13 28.32
CA ILE F 239 -25.92 14.72 27.67
C ILE F 239 -25.85 14.56 26.16
N GLU F 240 -24.65 14.67 25.58
CA GLU F 240 -24.51 14.44 24.14
C GLU F 240 -24.85 13.00 23.76
N ALA F 241 -24.42 12.01 24.57
CA ALA F 241 -24.79 10.63 24.30
C ALA F 241 -26.30 10.41 24.38
N ARG F 242 -26.97 11.04 25.36
CA ARG F 242 -28.42 10.92 25.46
C ARG F 242 -29.11 11.53 24.24
N GLU F 243 -28.64 12.69 23.81
CA GLU F 243 -29.27 13.32 22.66
C GLU F 243 -29.08 12.49 21.41
N GLN F 244 -27.88 11.97 21.20
CA GLN F 244 -27.65 11.15 20.01
C GLN F 244 -28.45 9.85 20.06
N MET F 245 -28.53 9.21 21.24
CA MET F 245 -29.30 7.97 21.36
C MET F 245 -30.79 8.20 21.14
N ALA F 246 -31.27 9.45 21.35
CA ALA F 246 -32.66 9.77 21.04
C ALA F 246 -32.88 9.85 19.53
N PHE F 247 -32.00 10.53 18.81
CA PHE F 247 -32.08 10.53 17.35
C PHE F 247 -32.01 9.11 16.81
N ALA F 248 -31.09 8.30 17.32
CA ALA F 248 -30.88 6.96 16.79
C ALA F 248 -32.10 6.10 17.02
N GLN F 249 -32.71 6.25 18.19
CA GLN F 249 -33.95 5.56 18.53
C GLN F 249 -35.06 5.87 17.51
N SER F 250 -35.14 7.12 17.06
CA SER F 250 -36.18 7.54 16.12
C SER F 250 -35.84 7.11 14.71
N LEU F 251 -34.58 7.27 14.29
CA LEU F 251 -34.15 6.77 12.98
C LEU F 251 -34.42 5.28 12.85
N ALA F 252 -34.10 4.50 13.89
CA ALA F 252 -34.37 3.07 13.84
C ALA F 252 -35.88 2.81 13.82
N GLY F 253 -36.67 3.61 14.52
CA GLY F 253 -38.10 3.39 14.53
C GLY F 253 -38.73 3.69 13.18
N MET F 254 -38.42 4.85 12.62
CA MET F 254 -38.91 5.19 11.30
C MET F 254 -38.53 4.13 10.28
N ALA F 255 -37.37 3.50 10.48
CA ALA F 255 -36.84 2.52 9.52
C ALA F 255 -37.61 1.21 9.59
N PHE F 256 -37.70 0.60 10.77
CA PHE F 256 -38.38 -0.70 10.83
C PHE F 256 -39.88 -0.55 10.66
N ASN F 257 -40.43 0.60 11.05
CA ASN F 257 -41.86 0.86 10.87
C ASN F 257 -42.26 0.67 9.42
N ASN F 258 -41.40 1.10 8.50
CA ASN F 258 -41.73 1.08 7.10
C ASN F 258 -41.02 -0.03 6.31
N ALA F 259 -40.05 -0.71 6.90
CA ALA F 259 -39.37 -1.83 6.26
C ALA F 259 -39.81 -3.19 6.78
N GLY F 260 -40.18 -3.28 8.06
CA GLY F 260 -40.47 -4.52 8.72
C GLY F 260 -39.29 -5.01 9.57
N LEU F 261 -39.58 -5.98 10.45
CA LEU F 261 -38.54 -6.57 11.26
C LEU F 261 -38.22 -7.98 10.76
N GLY F 262 -37.92 -8.91 11.66
CA GLY F 262 -37.60 -10.26 11.23
C GLY F 262 -37.74 -11.25 12.38
N TYR F 263 -36.98 -12.34 12.28
CA TYR F 263 -37.18 -13.40 13.26
C TYR F 263 -36.63 -13.05 14.63
N VAL F 264 -35.73 -12.09 14.76
CA VAL F 264 -35.32 -11.67 16.10
C VAL F 264 -36.54 -11.27 16.91
N HIS F 265 -37.38 -10.42 16.31
CA HIS F 265 -38.55 -9.90 17.00
C HIS F 265 -39.65 -10.94 17.10
N ALA F 266 -39.85 -11.75 16.05
CA ALA F 266 -40.80 -12.86 16.13
C ALA F 266 -40.50 -13.77 17.31
N ILE F 267 -39.22 -14.18 17.46
CA ILE F 267 -38.87 -15.07 18.55
C ILE F 267 -38.89 -14.32 19.88
N ALA F 268 -38.47 -13.07 19.88
CA ALA F 268 -38.43 -12.30 21.13
C ALA F 268 -39.83 -12.12 21.73
N HIS F 269 -40.83 -11.89 20.88
CA HIS F 269 -42.18 -11.66 21.37
C HIS F 269 -42.74 -12.88 22.09
N GLN F 270 -42.26 -14.09 21.76
CA GLN F 270 -42.73 -15.29 22.44
C GLN F 270 -42.00 -15.54 23.75
N LEU F 271 -40.71 -15.22 23.82
CA LEU F 271 -39.98 -15.37 25.08
C LEU F 271 -40.44 -14.34 26.11
N GLY F 272 -40.75 -13.13 25.66
CA GLY F 272 -41.31 -12.13 26.58
C GLY F 272 -42.76 -12.41 26.95
N GLY F 273 -43.52 -13.05 26.06
CA GLY F 273 -44.85 -13.49 26.42
C GLY F 273 -44.84 -14.64 27.42
N PHE F 274 -43.90 -15.57 27.29
CA PHE F 274 -43.85 -16.73 28.18
C PHE F 274 -43.22 -16.39 29.52
N TYR F 275 -42.14 -15.61 29.51
CA TYR F 275 -41.31 -15.42 30.69
C TYR F 275 -41.24 -13.99 31.17
N ASN F 276 -41.82 -13.03 30.44
CA ASN F 276 -41.83 -11.62 30.82
C ASN F 276 -40.42 -11.02 30.91
N PHE F 277 -39.45 -11.60 30.18
CA PHE F 277 -38.13 -10.99 30.07
C PHE F 277 -38.25 -9.59 29.43
N PRO F 278 -37.30 -8.69 29.70
CA PRO F 278 -37.34 -7.38 29.03
C PRO F 278 -37.10 -7.53 27.55
N HIS F 279 -37.94 -6.85 26.76
CA HIS F 279 -37.92 -6.98 25.30
C HIS F 279 -36.50 -6.78 24.73
N GLY F 280 -35.81 -5.73 25.16
CA GLY F 280 -34.51 -5.43 24.59
C GLY F 280 -33.46 -6.49 24.92
N VAL F 281 -33.54 -7.07 26.12
CA VAL F 281 -32.62 -8.15 26.47
C VAL F 281 -32.82 -9.34 25.55
N CYS F 282 -34.07 -9.72 25.30
CA CYS F 282 -34.35 -10.81 24.36
C CYS F 282 -33.75 -10.53 22.98
N ASN F 283 -33.92 -9.30 22.46
CA ASN F 283 -33.35 -8.99 21.17
C ASN F 283 -31.83 -9.12 21.20
N ALA F 284 -31.21 -8.68 22.30
CA ALA F 284 -29.75 -8.73 22.35
C ALA F 284 -29.26 -10.17 22.35
N VAL F 285 -29.89 -11.05 23.13
CA VAL F 285 -29.48 -12.46 23.15
C VAL F 285 -29.70 -13.10 21.77
N LEU F 286 -30.85 -12.86 21.16
CA LEU F 286 -31.18 -13.53 19.90
C LEU F 286 -30.45 -12.97 18.69
N LEU F 287 -30.03 -11.71 18.73
CA LEU F 287 -29.61 -11.03 17.50
C LEU F 287 -28.43 -11.72 16.80
N PRO F 288 -27.36 -12.13 17.49
CA PRO F 288 -26.29 -12.86 16.78
C PRO F 288 -26.74 -14.18 16.16
N TYR F 289 -27.70 -14.87 16.77
CA TYR F 289 -28.14 -16.15 16.24
C TYR F 289 -28.98 -15.97 14.99
N VAL F 290 -29.94 -15.04 15.03
CA VAL F 290 -30.76 -14.82 13.84
C VAL F 290 -29.92 -14.24 12.72
N CYS F 291 -28.86 -13.50 13.06
CA CYS F 291 -28.01 -12.95 12.00
C CYS F 291 -27.20 -14.04 11.31
N ARG F 292 -26.69 -15.02 12.07
CA ARG F 292 -25.95 -16.10 11.42
C ARG F 292 -26.86 -16.93 10.55
N PHE F 293 -28.12 -17.10 10.95
CA PHE F 293 -29.07 -17.81 10.11
C PHE F 293 -29.37 -17.03 8.83
N ASN F 294 -29.65 -15.72 8.96
CA ASN F 294 -29.99 -14.92 7.78
C ASN F 294 -28.81 -14.67 6.86
N LEU F 295 -27.58 -14.82 7.34
CA LEU F 295 -26.38 -14.43 6.60
C LEU F 295 -26.37 -14.75 5.11
N ILE F 296 -26.81 -15.95 4.71
CA ILE F 296 -26.66 -16.34 3.30
C ILE F 296 -27.64 -15.57 2.41
N SER F 297 -28.76 -15.09 2.96
CA SER F 297 -29.70 -14.29 2.19
C SER F 297 -29.28 -12.85 1.99
N LYS F 298 -28.37 -12.33 2.82
CA LYS F 298 -28.12 -10.90 2.83
C LYS F 298 -26.64 -10.59 3.08
N VAL F 299 -25.74 -11.41 2.53
CA VAL F 299 -24.35 -11.37 2.97
C VAL F 299 -23.72 -10.00 2.68
N GLU F 300 -24.13 -9.35 1.58
CA GLU F 300 -23.51 -8.06 1.26
C GLU F 300 -23.91 -7.01 2.29
N ARG F 301 -25.16 -7.08 2.74
CA ARG F 301 -25.66 -6.06 3.65
C ARG F 301 -25.07 -6.26 5.04
N TYR F 302 -24.91 -7.51 5.47
CA TYR F 302 -24.23 -7.76 6.73
C TYR F 302 -22.79 -7.29 6.67
N ALA F 303 -22.14 -7.39 5.51
CA ALA F 303 -20.76 -6.93 5.41
C ALA F 303 -20.71 -5.41 5.55
N GLU F 304 -21.77 -4.73 5.12
CA GLU F 304 -21.84 -3.28 5.31
C GLU F 304 -22.08 -2.92 6.77
N ILE F 305 -22.94 -3.71 7.45
CA ILE F 305 -23.14 -3.53 8.88
C ILE F 305 -21.84 -3.64 9.65
N ALA F 306 -20.91 -4.48 9.17
CA ALA F 306 -19.60 -4.60 9.80
C ALA F 306 -18.86 -3.27 9.80
N ALA F 307 -18.85 -2.60 8.64
CA ALA F 307 -18.20 -1.30 8.55
C ALA F 307 -18.94 -0.23 9.37
N PHE F 308 -20.28 -0.22 9.32
CA PHE F 308 -21.07 0.74 10.10
C PHE F 308 -20.80 0.63 11.59
N LEU F 309 -20.45 -0.56 12.07
CA LEU F 309 -20.15 -0.76 13.47
C LEU F 309 -18.70 -0.49 13.79
N GLY F 310 -17.96 0.08 12.85
CA GLY F 310 -16.58 0.45 13.08
C GLY F 310 -15.55 -0.61 12.81
N GLU F 311 -15.94 -1.76 12.27
CA GLU F 311 -14.95 -2.82 12.05
C GLU F 311 -14.13 -2.56 10.80
N ASN F 312 -12.91 -3.07 10.80
CA ASN F 312 -12.03 -2.97 9.64
C ASN F 312 -12.19 -4.23 8.79
N VAL F 313 -12.67 -4.05 7.57
CA VAL F 313 -12.97 -5.15 6.65
C VAL F 313 -12.07 -5.12 5.41
N ASP F 314 -10.94 -4.41 5.48
CA ASP F 314 -10.02 -4.37 4.35
C ASP F 314 -9.49 -5.77 4.07
N GLY F 315 -9.36 -6.09 2.79
CA GLY F 315 -8.72 -7.33 2.39
C GLY F 315 -9.49 -8.58 2.73
N LEU F 316 -10.78 -8.47 3.00
CA LEU F 316 -11.60 -9.62 3.35
C LEU F 316 -12.57 -9.94 2.23
N SER F 317 -13.00 -11.20 2.18
CA SER F 317 -14.19 -11.56 1.42
C SER F 317 -15.42 -10.93 2.05
N THR F 318 -16.41 -10.63 1.21
CA THR F 318 -17.71 -10.17 1.70
C THR F 318 -18.20 -11.05 2.84
N TYR F 319 -18.07 -12.37 2.67
CA TYR F 319 -18.54 -13.30 3.68
C TYR F 319 -17.80 -13.12 5.01
N ASP F 320 -16.48 -12.99 4.96
CA ASP F 320 -15.72 -12.83 6.19
C ASP F 320 -16.03 -11.50 6.87
N ALA F 321 -16.19 -10.44 6.08
CA ALA F 321 -16.68 -9.16 6.60
C ALA F 321 -18.03 -9.32 7.30
N ALA F 322 -18.96 -10.07 6.70
CA ALA F 322 -20.25 -10.27 7.37
C ALA F 322 -20.06 -10.99 8.69
N GLU F 323 -19.08 -11.90 8.77
CA GLU F 323 -18.87 -12.60 10.02
C GLU F 323 -18.36 -11.64 11.09
N LYS F 324 -17.50 -10.71 10.72
CA LYS F 324 -17.08 -9.67 11.67
C LYS F 324 -18.26 -8.85 12.19
N ALA F 325 -19.31 -8.67 11.39
CA ALA F 325 -20.45 -7.91 11.88
C ALA F 325 -21.06 -8.59 13.10
N ILE F 326 -21.35 -9.90 13.00
CA ILE F 326 -21.90 -10.65 14.12
C ILE F 326 -20.98 -10.56 15.33
N LYS F 327 -19.66 -10.70 15.11
CA LYS F 327 -18.75 -10.67 16.24
C LYS F 327 -18.79 -9.32 16.93
N ALA F 328 -18.95 -8.25 16.15
CA ALA F 328 -19.06 -6.92 16.73
C ALA F 328 -20.34 -6.79 17.55
N ILE F 329 -21.47 -7.33 17.07
CA ILE F 329 -22.68 -7.32 17.87
C ILE F 329 -22.47 -8.05 19.18
N GLU F 330 -21.92 -9.27 19.11
CA GLU F 330 -21.65 -10.06 20.30
C GLU F 330 -20.80 -9.30 21.31
N ARG F 331 -19.78 -8.57 20.81
CA ARG F 331 -18.89 -7.83 21.69
C ARG F 331 -19.61 -6.67 22.37
N MET F 332 -20.57 -6.03 21.68
CA MET F 332 -21.30 -4.94 22.29
C MET F 332 -22.24 -5.45 23.39
N ALA F 333 -22.98 -6.53 23.11
CA ALA F 333 -23.76 -7.18 24.17
C ALA F 333 -22.88 -7.56 25.36
N LYS F 334 -21.71 -8.16 25.11
CA LYS F 334 -20.84 -8.55 26.22
C LYS F 334 -20.41 -7.35 27.03
N ASP F 335 -20.07 -6.24 26.35
CA ASP F 335 -19.55 -5.07 27.03
C ASP F 335 -20.65 -4.26 27.71
N LEU F 336 -21.91 -4.43 27.30
CA LEU F 336 -23.00 -3.77 28.00
C LEU F 336 -23.71 -4.73 28.94
N ASN F 337 -23.04 -5.83 29.30
CA ASN F 337 -23.45 -6.73 30.37
C ASN F 337 -24.76 -7.48 30.04
N ILE F 338 -24.95 -7.83 28.79
CA ILE F 338 -26.17 -8.54 28.41
C ILE F 338 -25.98 -10.03 28.63
N PRO F 339 -27.01 -10.71 29.15
CA PRO F 339 -26.93 -12.17 29.36
C PRO F 339 -26.47 -12.89 28.09
N LYS F 340 -25.77 -14.02 28.31
CA LYS F 340 -25.27 -14.80 27.18
C LYS F 340 -26.39 -15.61 26.53
N GLY F 341 -27.13 -16.36 27.33
CA GLY F 341 -28.22 -17.18 26.84
C GLY F 341 -29.44 -17.05 27.72
N PHE F 342 -30.49 -17.77 27.34
CA PHE F 342 -31.79 -17.62 27.99
C PHE F 342 -32.00 -18.58 29.14
N LYS F 343 -31.31 -19.72 29.15
CA LYS F 343 -31.54 -20.68 30.23
C LYS F 343 -31.23 -20.06 31.57
N GLU F 344 -30.22 -19.20 31.62
CA GLU F 344 -29.76 -18.58 32.85
C GLU F 344 -30.74 -17.54 33.38
N LEU F 345 -31.80 -17.21 32.64
CA LEU F 345 -32.79 -16.22 33.05
C LEU F 345 -34.12 -16.82 33.48
N GLY F 346 -34.34 -18.12 33.23
CA GLY F 346 -35.54 -18.78 33.71
C GLY F 346 -36.22 -19.64 32.66
N ALA F 347 -35.69 -19.64 31.43
CA ALA F 347 -36.31 -20.39 30.35
C ALA F 347 -36.28 -21.89 30.66
N LYS F 348 -37.15 -22.63 29.97
CA LYS F 348 -37.35 -24.06 30.17
C LYS F 348 -37.30 -24.78 28.83
N GLU F 349 -36.56 -25.89 28.79
CA GLU F 349 -36.33 -26.61 27.55
C GLU F 349 -37.65 -27.10 26.91
N GLU F 350 -38.64 -27.46 27.72
CA GLU F 350 -39.81 -28.09 27.13
C GLU F 350 -40.70 -27.11 26.37
N ASP F 351 -40.56 -25.80 26.64
CA ASP F 351 -41.43 -24.81 26.00
C ASP F 351 -41.09 -24.55 24.53
N ILE F 352 -39.92 -25.02 24.05
CA ILE F 352 -39.34 -24.51 22.82
C ILE F 352 -40.24 -24.75 21.60
N GLU F 353 -40.84 -25.94 21.52
CA GLU F 353 -41.67 -26.29 20.37
C GLU F 353 -42.82 -25.30 20.23
N THR F 354 -43.48 -24.96 21.35
CA THR F 354 -44.59 -24.02 21.32
C THR F 354 -44.12 -22.59 21.03
N LEU F 355 -43.02 -22.16 21.67
CA LEU F 355 -42.40 -20.88 21.35
C LEU F 355 -42.11 -20.76 19.85
N ALA F 356 -41.43 -21.75 19.27
CA ALA F 356 -41.09 -21.65 17.85
C ALA F 356 -42.34 -21.65 16.96
N LYS F 357 -43.45 -22.21 17.44
CA LYS F 357 -44.64 -22.26 16.59
C LYS F 357 -45.43 -20.97 16.65
N ASN F 358 -45.45 -20.31 17.80
CA ASN F 358 -45.99 -18.96 17.86
C ASN F 358 -45.09 -17.95 17.13
N ALA F 359 -43.77 -18.16 17.15
CA ALA F 359 -42.87 -17.25 16.46
C ALA F 359 -43.17 -17.21 14.97
N MET F 360 -43.50 -18.36 14.37
CA MET F 360 -43.82 -18.39 12.94
C MET F 360 -45.16 -17.72 12.64
N LYS F 361 -46.04 -17.51 13.64
CA LYS F 361 -47.27 -16.80 13.39
C LYS F 361 -47.11 -15.29 13.49
N ASP F 362 -45.98 -14.80 14.00
CA ASP F 362 -45.83 -13.37 14.26
C ASP F 362 -45.62 -12.61 12.95
N ALA F 363 -46.29 -11.46 12.84
CA ALA F 363 -46.22 -10.68 11.60
C ALA F 363 -44.82 -10.18 11.32
N CYS F 364 -43.96 -10.06 12.33
CA CYS F 364 -42.57 -9.71 12.10
C CYS F 364 -41.84 -10.75 11.26
N ALA F 365 -42.28 -12.01 11.33
CA ALA F 365 -41.64 -13.09 10.57
C ALA F 365 -41.73 -12.86 9.08
N LEU F 366 -42.76 -12.15 8.61
CA LEU F 366 -43.05 -12.12 7.19
C LEU F 366 -41.99 -11.38 6.36
N THR F 367 -41.25 -10.44 6.95
CA THR F 367 -40.22 -9.75 6.19
C THR F 367 -38.81 -10.26 6.48
N ASN F 368 -38.64 -11.31 7.31
CA ASN F 368 -37.32 -11.85 7.52
C ASN F 368 -36.74 -12.36 6.20
N PRO F 369 -35.47 -12.05 5.89
CA PRO F 369 -35.00 -12.30 4.52
C PRO F 369 -34.76 -13.78 4.22
N ARG F 370 -34.59 -14.63 5.24
CA ARG F 370 -34.50 -16.06 5.05
C ARG F 370 -35.76 -16.73 5.60
N LYS F 371 -36.30 -17.68 4.84
CA LYS F 371 -37.61 -18.23 5.13
C LYS F 371 -37.46 -19.58 5.85
N PRO F 372 -37.58 -19.64 7.17
CA PRO F 372 -37.26 -20.87 7.87
C PRO F 372 -38.38 -21.88 7.84
N LYS F 373 -38.00 -23.15 7.97
CA LYS F 373 -38.98 -24.16 8.35
C LYS F 373 -38.99 -24.27 9.88
N LEU F 374 -40.07 -24.87 10.41
CA LEU F 374 -40.25 -24.88 11.86
C LEU F 374 -39.04 -25.49 12.55
N GLU F 375 -38.44 -26.53 11.94
CA GLU F 375 -37.27 -27.14 12.55
C GLU F 375 -36.12 -26.14 12.70
N GLU F 376 -36.00 -25.21 11.74
CA GLU F 376 -34.90 -24.24 11.80
C GLU F 376 -35.16 -23.16 12.85
N VAL F 377 -36.41 -22.77 13.08
CA VAL F 377 -36.72 -21.86 14.18
C VAL F 377 -36.39 -22.52 15.52
N ILE F 378 -36.76 -23.81 15.66
CA ILE F 378 -36.44 -24.56 16.88
C ILE F 378 -34.94 -24.54 17.15
N GLN F 379 -34.13 -24.64 16.09
CA GLN F 379 -32.69 -24.67 16.29
C GLN F 379 -32.15 -23.31 16.73
N ILE F 380 -32.73 -22.22 16.23
CA ILE F 380 -32.30 -20.89 16.68
C ILE F 380 -32.63 -20.70 18.15
N ILE F 381 -33.86 -21.04 18.56
CA ILE F 381 -34.22 -20.91 19.97
C ILE F 381 -33.33 -21.80 20.82
N LYS F 382 -33.03 -23.01 20.35
CA LYS F 382 -32.21 -23.92 21.14
C LYS F 382 -30.83 -23.34 21.42
N ASN F 383 -30.18 -22.76 20.39
CA ASN F 383 -28.84 -22.21 20.57
C ASN F 383 -28.84 -21.04 21.55
N ALA F 384 -29.97 -20.34 21.68
CA ALA F 384 -30.07 -19.21 22.57
C ALA F 384 -30.33 -19.63 24.04
N MET F 385 -30.24 -20.93 24.36
CA MET F 385 -30.22 -21.42 25.73
C MET F 385 -28.81 -21.45 26.30
N LEU F 386 -27.84 -21.93 25.52
CA LEU F 386 -26.40 -21.86 25.82
C LEU F 386 -25.97 -20.58 26.54
N ASN G 3 42.95 -17.96 -10.38
CA ASN G 3 42.25 -16.91 -11.10
C ASN G 3 40.74 -17.21 -11.21
N THR G 4 40.13 -16.71 -12.29
CA THR G 4 38.68 -16.74 -12.43
C THR G 4 38.27 -17.18 -13.83
N GLN G 5 39.09 -18.00 -14.46
CA GLN G 5 38.70 -18.59 -15.73
C GLN G 5 37.53 -19.56 -15.53
N SER G 6 36.72 -19.72 -16.56
CA SER G 6 35.67 -20.73 -16.54
C SER G 6 35.45 -21.21 -17.98
N ALA G 7 34.70 -22.28 -18.12
CA ALA G 7 34.49 -22.85 -19.45
C ALA G 7 33.03 -23.27 -19.62
N PHE G 8 32.53 -23.14 -20.85
CA PHE G 8 31.22 -23.64 -21.21
C PHE G 8 31.36 -24.70 -22.29
N PHE G 9 30.96 -25.92 -21.95
CA PHE G 9 30.96 -27.09 -22.83
C PHE G 9 29.53 -27.46 -23.18
N MET G 10 29.38 -28.03 -24.38
CA MET G 10 28.07 -28.35 -24.95
C MET G 10 28.24 -29.02 -26.32
N PRO G 11 27.33 -29.94 -26.73
CA PRO G 11 27.39 -30.43 -28.12
C PRO G 11 27.11 -29.30 -29.08
N SER G 12 27.82 -29.29 -30.19
CA SER G 12 27.78 -28.16 -31.11
C SER G 12 26.51 -28.09 -31.95
N VAL G 13 25.69 -29.15 -31.93
CA VAL G 13 24.42 -29.18 -32.63
C VAL G 13 23.45 -29.97 -31.75
N ASN G 14 22.34 -29.34 -31.39
CA ASN G 14 21.33 -29.96 -30.52
C ASN G 14 19.97 -29.72 -31.15
N LEU G 15 19.23 -30.79 -31.38
CA LEU G 15 17.94 -30.70 -32.05
C LEU G 15 16.81 -30.78 -31.03
N PHE G 16 15.76 -29.98 -31.26
CA PHE G 16 14.62 -29.84 -30.36
C PHE G 16 13.34 -29.90 -31.16
N GLY G 17 12.26 -30.34 -30.50
CA GLY G 17 10.94 -30.18 -31.08
C GLY G 17 10.35 -31.49 -31.59
N ALA G 18 9.02 -31.48 -31.70
CA ALA G 18 8.27 -32.65 -32.15
C ALA G 18 8.72 -33.10 -33.53
N GLY G 19 9.07 -34.37 -33.63
CA GLY G 19 9.53 -34.93 -34.87
C GLY G 19 10.98 -34.71 -35.18
N SER G 20 11.78 -34.28 -34.21
CA SER G 20 13.19 -33.99 -34.52
C SER G 20 14.03 -35.26 -34.63
N VAL G 21 13.53 -36.40 -34.15
CA VAL G 21 14.27 -37.67 -34.24
C VAL G 21 14.27 -38.25 -35.65
N ASN G 22 13.44 -37.70 -36.55
CA ASN G 22 13.44 -38.15 -37.92
C ASN G 22 14.69 -37.72 -38.68
N GLU G 23 15.55 -36.93 -38.06
CA GLU G 23 16.79 -36.48 -38.67
C GLU G 23 17.99 -37.30 -38.25
N VAL G 24 17.82 -38.24 -37.32
CA VAL G 24 18.99 -38.95 -36.81
C VAL G 24 19.68 -39.71 -37.95
N GLY G 25 18.89 -40.17 -38.91
CA GLY G 25 19.48 -40.88 -40.05
C GLY G 25 20.33 -39.97 -40.92
N THR G 26 19.77 -38.84 -41.36
CA THR G 26 20.58 -37.91 -42.18
C THR G 26 21.81 -37.46 -41.40
N ARG G 27 21.63 -36.97 -40.17
CA ARG G 27 22.75 -36.42 -39.39
C ARG G 27 23.86 -37.43 -39.21
N LEU G 28 23.51 -38.72 -39.01
CA LEU G 28 24.53 -39.76 -38.96
C LEU G 28 25.22 -39.93 -40.31
N ALA G 29 24.46 -39.84 -41.40
CA ALA G 29 25.09 -39.88 -42.72
C ALA G 29 26.11 -38.76 -42.88
N ASP G 30 25.73 -37.52 -42.55
CA ASP G 30 26.63 -36.38 -42.74
C ASP G 30 27.89 -36.47 -41.90
N LEU G 31 27.89 -37.26 -40.83
CA LEU G 31 29.11 -37.42 -40.06
C LEU G 31 30.13 -38.34 -40.71
N GLY G 32 29.70 -39.16 -41.68
CA GLY G 32 30.58 -40.12 -42.30
C GLY G 32 30.71 -41.43 -41.57
N VAL G 33 29.81 -41.73 -40.62
CA VAL G 33 29.84 -43.04 -39.98
C VAL G 33 29.13 -44.04 -40.88
N LYS G 34 29.34 -45.30 -40.61
CA LYS G 34 28.85 -46.37 -41.47
C LYS G 34 27.97 -47.36 -40.73
N LYS G 35 28.34 -47.74 -39.51
CA LYS G 35 27.56 -48.68 -38.72
C LYS G 35 27.63 -48.26 -37.26
N ALA G 36 26.48 -48.03 -36.65
CA ALA G 36 26.42 -47.55 -35.28
C ALA G 36 25.89 -48.63 -34.35
N LEU G 37 26.39 -48.64 -33.11
CA LEU G 37 25.79 -49.42 -32.04
C LEU G 37 24.67 -48.60 -31.39
N LEU G 38 23.47 -49.16 -31.35
CA LEU G 38 22.30 -48.50 -30.78
C LEU G 38 22.13 -48.92 -29.33
N VAL G 39 22.57 -48.06 -28.41
CA VAL G 39 22.55 -48.38 -26.98
C VAL G 39 21.23 -47.90 -26.41
N THR G 40 20.46 -48.82 -25.85
CA THR G 40 19.21 -48.49 -25.20
C THR G 40 19.02 -49.47 -24.03
N ASP G 41 17.85 -49.42 -23.40
CA ASP G 41 17.56 -50.29 -22.27
C ASP G 41 16.53 -51.32 -22.70
N ALA G 42 16.28 -52.29 -21.82
CA ALA G 42 15.34 -53.36 -22.14
C ALA G 42 13.92 -52.85 -22.32
N GLY G 43 13.49 -51.91 -21.45
CA GLY G 43 12.12 -51.45 -21.50
C GLY G 43 11.74 -50.81 -22.82
N LEU G 44 12.52 -49.80 -23.25
CA LEU G 44 12.22 -49.15 -24.52
C LEU G 44 12.30 -50.15 -25.67
N HIS G 45 13.26 -51.08 -25.60
CA HIS G 45 13.35 -52.17 -26.55
C HIS G 45 12.07 -52.99 -26.59
N GLY G 46 11.56 -53.40 -25.42
CA GLY G 46 10.28 -54.08 -25.38
C GLY G 46 9.19 -53.32 -26.13
N LEU G 47 9.08 -52.02 -25.86
CA LEU G 47 8.08 -51.17 -26.51
C LEU G 47 8.37 -50.90 -27.98
N GLY G 48 9.48 -51.43 -28.50
CA GLY G 48 9.80 -51.32 -29.90
C GLY G 48 10.37 -50.01 -30.38
N LEU G 49 10.80 -49.14 -29.46
CA LEU G 49 11.33 -47.83 -29.87
C LEU G 49 12.65 -47.98 -30.59
N SER G 50 13.49 -48.92 -30.12
CA SER G 50 14.78 -49.19 -30.74
C SER G 50 14.61 -49.52 -32.22
N GLU G 51 13.64 -50.38 -32.53
CA GLU G 51 13.40 -50.76 -33.92
C GLU G 51 12.86 -49.58 -34.73
N LYS G 52 11.99 -48.76 -34.12
CA LYS G 52 11.48 -47.56 -34.80
C LYS G 52 12.62 -46.63 -35.20
N ILE G 53 13.54 -46.37 -34.27
CA ILE G 53 14.64 -45.47 -34.58
C ILE G 53 15.60 -46.11 -35.57
N SER G 54 15.87 -47.42 -35.39
CA SER G 54 16.70 -48.17 -36.35
C SER G 54 16.22 -47.99 -37.78
N SER G 55 14.90 -48.05 -37.99
CA SER G 55 14.35 -47.87 -39.33
C SER G 55 14.74 -46.52 -39.91
N ILE G 56 14.80 -45.48 -39.07
CA ILE G 56 15.14 -44.14 -39.56
C ILE G 56 16.62 -44.04 -39.89
N ILE G 57 17.47 -44.74 -39.13
CA ILE G 57 18.90 -44.71 -39.40
C ILE G 57 19.23 -45.47 -40.69
N ARG G 58 18.73 -46.71 -40.80
CA ARG G 58 18.97 -47.50 -42.00
C ARG G 58 18.47 -46.78 -43.25
N ALA G 59 17.28 -46.19 -43.18
CA ALA G 59 16.71 -45.47 -44.31
C ALA G 59 17.64 -44.43 -44.93
N ALA G 60 18.69 -44.01 -44.22
CA ALA G 60 19.67 -43.08 -44.75
C ALA G 60 21.00 -43.76 -45.02
N GLY G 61 21.00 -45.08 -45.11
CA GLY G 61 22.18 -45.79 -45.52
C GLY G 61 23.23 -45.98 -44.45
N VAL G 62 22.85 -45.90 -43.18
CA VAL G 62 23.77 -46.21 -42.08
C VAL G 62 23.33 -47.52 -41.45
N GLU G 63 24.30 -48.37 -41.11
CA GLU G 63 24.02 -49.67 -40.54
C GLU G 63 23.82 -49.55 -39.03
N VAL G 64 22.96 -50.40 -38.50
CA VAL G 64 22.56 -50.40 -37.10
C VAL G 64 22.78 -51.79 -36.53
N SER G 65 23.39 -51.86 -35.34
CA SER G 65 23.36 -53.05 -34.50
C SER G 65 22.82 -52.68 -33.13
N ILE G 66 21.70 -53.30 -32.72
CA ILE G 66 21.02 -52.96 -31.48
C ILE G 66 21.72 -53.62 -30.30
N PHE G 67 21.85 -52.86 -29.21
CA PHE G 67 22.39 -53.34 -27.92
C PHE G 67 21.45 -52.84 -26.83
N PRO G 68 20.43 -53.59 -26.50
CA PRO G 68 19.42 -53.11 -25.54
C PRO G 68 19.69 -53.61 -24.14
N LYS G 69 20.94 -53.46 -23.69
CA LYS G 69 21.40 -54.09 -22.47
C LYS G 69 21.81 -53.06 -21.41
N ALA G 70 21.54 -51.77 -21.64
CA ALA G 70 21.89 -50.76 -20.65
C ALA G 70 20.83 -50.71 -19.55
N GLU G 71 21.24 -50.77 -18.30
CA GLU G 71 20.23 -50.92 -17.23
C GLU G 71 19.97 -49.63 -16.45
N PRO G 72 18.74 -49.38 -15.98
CA PRO G 72 18.49 -48.26 -15.10
C PRO G 72 19.58 -48.36 -14.05
N ASN G 73 20.37 -47.30 -13.88
CA ASN G 73 21.57 -47.35 -12.99
C ASN G 73 22.59 -48.18 -13.77
N PRO G 74 23.17 -47.64 -14.86
CA PRO G 74 24.10 -48.39 -15.71
C PRO G 74 25.31 -48.93 -14.96
N THR G 75 25.82 -50.09 -15.37
CA THR G 75 26.90 -50.75 -14.59
C THR G 75 28.13 -51.09 -15.41
N ASP G 76 29.28 -51.21 -14.75
CA ASP G 76 30.49 -51.69 -15.42
C ASP G 76 30.22 -52.96 -16.25
N LYS G 77 29.35 -53.84 -15.77
CA LYS G 77 29.01 -55.04 -16.53
C LYS G 77 28.42 -54.66 -17.88
N ASN G 78 27.44 -53.73 -17.88
CA ASN G 78 26.87 -53.22 -19.12
C ASN G 78 27.95 -52.70 -20.07
N VAL G 79 28.92 -51.96 -19.55
CA VAL G 79 29.86 -51.26 -20.44
C VAL G 79 30.84 -52.24 -21.05
N ALA G 80 31.32 -53.21 -20.27
CA ALA G 80 32.20 -54.23 -20.84
C ALA G 80 31.48 -54.99 -21.94
N GLU G 81 30.28 -55.48 -21.64
CA GLU G 81 29.50 -56.21 -22.64
C GLU G 81 29.21 -55.35 -23.87
N GLY G 82 28.93 -54.07 -23.68
CA GLY G 82 28.67 -53.21 -24.82
C GLY G 82 29.89 -52.97 -25.70
N LEU G 83 31.07 -52.85 -25.10
CA LEU G 83 32.30 -52.66 -25.91
C LEU G 83 32.57 -53.93 -26.73
N GLU G 84 32.23 -55.10 -26.17
CA GLU G 84 32.37 -56.36 -26.95
C GLU G 84 31.63 -56.19 -28.28
N ALA G 85 30.33 -55.97 -28.22
CA ALA G 85 29.51 -55.84 -29.44
C ALA G 85 29.99 -54.67 -30.31
N TYR G 86 30.41 -53.57 -29.70
CA TYR G 86 30.92 -52.46 -30.50
C TYR G 86 32.05 -52.93 -31.41
N ASN G 87 32.94 -53.76 -30.86
CA ASN G 87 34.06 -54.28 -31.63
C ASN G 87 33.64 -55.47 -32.49
N ALA G 88 32.92 -56.42 -31.89
CA ALA G 88 32.45 -57.60 -32.61
C ALA G 88 31.65 -57.20 -33.84
N GLU G 89 30.58 -56.43 -33.64
CA GLU G 89 29.73 -56.01 -34.75
C GLU G 89 30.40 -54.99 -35.65
N ASN G 90 31.65 -54.64 -35.36
CA ASN G 90 32.42 -53.70 -36.18
C ASN G 90 31.64 -52.42 -36.47
N CYS G 91 31.28 -51.71 -35.40
CA CYS G 91 30.64 -50.41 -35.49
C CYS G 91 31.68 -49.31 -35.36
N ASP G 92 31.41 -48.18 -36.00
CA ASP G 92 32.32 -47.04 -35.94
C ASP G 92 31.74 -45.84 -35.19
N SER G 93 30.58 -46.00 -34.55
CA SER G 93 29.91 -44.90 -33.86
C SER G 93 28.79 -45.47 -32.99
N ILE G 94 28.20 -44.58 -32.19
CA ILE G 94 27.20 -44.98 -31.19
C ILE G 94 25.99 -44.05 -31.27
N VAL G 95 24.80 -44.62 -31.16
CA VAL G 95 23.58 -43.86 -30.92
C VAL G 95 22.95 -44.35 -29.62
N THR G 96 22.84 -43.46 -28.61
CA THR G 96 22.07 -43.76 -27.39
C THR G 96 20.61 -43.38 -27.60
N LEU G 97 19.71 -44.18 -27.06
CA LEU G 97 18.27 -43.97 -27.19
C LEU G 97 17.63 -44.28 -25.84
N GLY G 98 17.12 -43.25 -25.18
CA GLY G 98 16.45 -43.44 -23.90
C GLY G 98 16.74 -42.39 -22.88
N GLY G 99 16.72 -42.79 -21.61
CA GLY G 99 17.04 -41.91 -20.49
C GLY G 99 18.53 -41.80 -20.24
N GLY G 100 18.86 -41.32 -19.05
CA GLY G 100 20.26 -41.09 -18.71
C GLY G 100 21.04 -42.36 -18.55
N SER G 101 20.37 -43.46 -18.21
CA SER G 101 21.06 -44.75 -18.18
C SER G 101 21.63 -45.14 -19.55
N SER G 102 20.86 -44.89 -20.63
CA SER G 102 21.33 -45.25 -21.97
C SER G 102 22.38 -44.26 -22.47
N HIS G 103 22.20 -42.97 -22.20
CA HIS G 103 23.21 -42.00 -22.62
C HIS G 103 24.53 -42.29 -21.95
N ASP G 104 24.50 -42.74 -20.69
CA ASP G 104 25.75 -42.90 -19.95
C ASP G 104 26.48 -44.20 -20.33
N ALA G 105 25.75 -45.30 -20.43
CA ALA G 105 26.33 -46.52 -21.01
C ALA G 105 27.00 -46.21 -22.34
N GLY G 106 26.31 -45.53 -23.25
CA GLY G 106 26.87 -45.27 -24.56
C GLY G 106 28.11 -44.39 -24.52
N LYS G 107 28.06 -43.30 -23.75
CA LYS G 107 29.25 -42.50 -23.51
C LYS G 107 30.40 -43.35 -23.02
N ALA G 108 30.14 -44.17 -22.00
CA ALA G 108 31.18 -45.00 -21.41
C ALA G 108 31.77 -45.96 -22.44
N ILE G 109 30.90 -46.70 -23.14
CA ILE G 109 31.38 -47.59 -24.19
C ILE G 109 32.22 -46.80 -25.20
N ALA G 110 31.71 -45.64 -25.62
CA ALA G 110 32.43 -44.86 -26.62
C ALA G 110 33.78 -44.38 -26.10
N LEU G 111 33.88 -44.09 -24.80
CA LEU G 111 35.15 -43.60 -24.26
C LEU G 111 36.15 -44.74 -24.14
N VAL G 112 35.76 -45.84 -23.48
CA VAL G 112 36.66 -46.98 -23.31
C VAL G 112 37.06 -47.57 -24.67
N ALA G 113 36.21 -47.40 -25.68
CA ALA G 113 36.53 -47.79 -27.06
C ALA G 113 37.57 -46.91 -27.72
N ALA G 114 38.02 -45.84 -27.09
CA ALA G 114 39.02 -44.96 -27.69
C ALA G 114 40.13 -44.60 -26.72
N ASN G 115 40.12 -45.18 -25.53
CA ASN G 115 41.12 -44.92 -24.51
C ASN G 115 41.68 -46.18 -23.87
N GLY G 116 40.93 -47.30 -23.88
CA GLY G 116 41.52 -48.62 -23.72
C GLY G 116 41.19 -49.44 -22.49
N GLY G 117 41.52 -48.93 -21.31
CA GLY G 117 41.45 -49.70 -20.07
C GLY G 117 40.06 -50.20 -19.74
N LYS G 118 39.40 -49.55 -18.79
CA LYS G 118 38.04 -49.90 -18.42
C LYS G 118 37.40 -48.70 -17.73
N ILE G 119 36.07 -48.74 -17.65
CA ILE G 119 35.35 -47.55 -17.22
C ILE G 119 35.72 -47.13 -15.79
N HIS G 120 36.22 -48.05 -14.97
CA HIS G 120 36.60 -47.66 -13.60
C HIS G 120 37.78 -46.69 -13.60
N ASP G 121 38.54 -46.64 -14.70
CA ASP G 121 39.78 -45.88 -14.71
C ASP G 121 39.53 -44.37 -14.78
N TYR G 122 38.55 -43.93 -15.56
CA TYR G 122 38.38 -42.50 -15.80
C TYR G 122 37.40 -41.85 -14.82
N GLU G 123 37.02 -42.56 -13.76
CA GLU G 123 36.26 -41.94 -12.69
C GLU G 123 36.97 -40.68 -12.24
N GLY G 124 36.19 -39.68 -11.83
CA GLY G 124 36.73 -38.40 -11.41
C GLY G 124 36.54 -37.32 -12.48
N VAL G 125 37.63 -36.62 -12.82
CA VAL G 125 37.56 -35.40 -13.63
C VAL G 125 38.66 -35.40 -14.69
N ASP G 126 38.26 -35.33 -15.96
CA ASP G 126 39.15 -35.09 -17.10
C ASP G 126 40.34 -36.06 -17.09
N VAL G 127 40.03 -37.34 -16.92
CA VAL G 127 41.05 -38.36 -16.70
C VAL G 127 41.58 -38.93 -18.02
N SER G 128 40.69 -39.18 -18.98
CA SER G 128 41.05 -39.76 -20.26
C SER G 128 41.94 -38.81 -21.06
N LYS G 129 42.55 -39.36 -22.11
CA LYS G 129 43.36 -38.57 -23.00
C LYS G 129 42.85 -38.53 -24.43
N GLU G 130 41.74 -39.20 -24.72
CA GLU G 130 41.26 -39.30 -26.09
C GLU G 130 39.76 -39.01 -26.19
N PRO G 131 39.32 -38.28 -27.24
CA PRO G 131 37.89 -38.13 -27.49
C PRO G 131 37.23 -39.49 -27.76
N MET G 132 35.99 -39.64 -27.28
CA MET G 132 35.25 -40.85 -27.52
C MET G 132 34.82 -40.93 -28.99
N VAL G 133 34.43 -42.12 -29.42
CA VAL G 133 33.99 -42.30 -30.81
C VAL G 133 32.74 -41.44 -31.04
N PRO G 134 32.41 -41.09 -32.28
CA PRO G 134 31.22 -40.26 -32.53
C PRO G 134 29.97 -40.86 -31.90
N LEU G 135 29.19 -40.00 -31.22
CA LEU G 135 27.97 -40.45 -30.58
C LEU G 135 26.86 -39.44 -30.82
N ILE G 136 25.65 -39.94 -31.08
CA ILE G 136 24.44 -39.12 -31.13
C ILE G 136 23.50 -39.62 -30.04
N ALA G 137 22.98 -38.70 -29.24
CA ALA G 137 22.15 -39.05 -28.09
C ALA G 137 20.72 -38.61 -28.33
N ILE G 138 19.79 -39.57 -28.24
CA ILE G 138 18.35 -39.34 -28.43
C ILE G 138 17.69 -39.47 -27.07
N ASN G 139 17.47 -38.33 -26.44
CA ASN G 139 16.93 -38.27 -25.08
C ASN G 139 15.43 -38.58 -25.08
N THR G 140 14.99 -39.46 -24.17
CA THR G 140 13.56 -39.77 -24.05
C THR G 140 12.99 -39.61 -22.64
N THR G 141 13.73 -39.03 -21.69
CA THR G 141 13.15 -38.58 -20.43
C THR G 141 13.39 -37.10 -20.25
N ALA G 142 12.57 -36.46 -19.40
CA ALA G 142 12.77 -35.03 -19.12
C ALA G 142 13.42 -34.84 -17.75
N GLY G 143 14.69 -35.22 -17.64
CA GLY G 143 15.37 -34.95 -16.37
C GLY G 143 16.89 -35.04 -16.37
N THR G 144 17.50 -35.86 -17.21
CA THR G 144 18.97 -36.05 -17.06
C THR G 144 19.80 -34.95 -17.71
N GLY G 145 19.57 -34.65 -18.99
CA GLY G 145 20.39 -33.67 -19.72
C GLY G 145 21.69 -34.30 -20.20
N SER G 146 21.82 -35.61 -20.04
CA SER G 146 23.08 -36.30 -20.41
C SER G 146 23.36 -36.13 -21.91
N GLU G 147 22.30 -36.10 -22.72
CA GLU G 147 22.51 -35.84 -24.12
C GLU G 147 23.32 -34.56 -24.36
N LEU G 148 23.49 -33.72 -23.33
CA LEU G 148 24.32 -32.53 -23.40
C LEU G 148 25.54 -32.54 -22.50
N THR G 149 25.56 -33.33 -21.43
CA THR G 149 26.61 -33.14 -20.44
C THR G 149 27.90 -33.85 -20.83
N LYS G 150 28.95 -33.55 -20.07
CA LYS G 150 30.21 -34.29 -20.11
C LYS G 150 30.33 -35.22 -18.90
N PHE G 151 29.19 -35.74 -18.45
CA PHE G 151 29.05 -36.67 -17.34
C PHE G 151 28.58 -38.02 -17.87
N THR G 152 29.13 -39.10 -17.32
CA THR G 152 28.56 -40.43 -17.46
C THR G 152 28.63 -41.13 -16.11
N ILE G 153 27.48 -41.52 -15.58
CA ILE G 153 27.38 -42.08 -14.24
C ILE G 153 27.26 -43.59 -14.35
N ILE G 154 28.36 -44.29 -14.02
CA ILE G 154 28.49 -45.73 -14.20
C ILE G 154 28.63 -46.41 -12.83
N THR G 155 27.65 -47.24 -12.48
CA THR G 155 27.68 -47.96 -11.22
C THR G 155 28.83 -48.96 -11.19
N ASP G 156 29.49 -49.04 -10.03
CA ASP G 156 30.50 -50.02 -9.75
C ASP G 156 29.87 -51.11 -8.89
N THR G 157 29.92 -52.36 -9.36
CA THR G 157 29.20 -53.45 -8.69
C THR G 157 29.82 -53.82 -7.35
N GLU G 158 31.15 -53.96 -7.31
CA GLU G 158 31.78 -54.29 -6.05
C GLU G 158 31.58 -53.18 -5.02
N ARG G 159 31.95 -51.94 -5.37
CA ARG G 159 31.91 -50.82 -4.44
C ARG G 159 30.51 -50.27 -4.16
N LYS G 160 29.51 -50.69 -4.94
CA LYS G 160 28.12 -50.21 -4.78
C LYS G 160 28.05 -48.68 -4.78
N VAL G 161 28.87 -48.10 -5.66
CA VAL G 161 28.93 -46.62 -5.79
C VAL G 161 28.61 -46.26 -7.25
N LYS G 162 27.68 -45.35 -7.47
CA LYS G 162 27.42 -44.89 -8.84
C LYS G 162 28.55 -43.92 -9.17
N MET G 163 29.65 -44.44 -9.73
CA MET G 163 30.85 -43.60 -10.00
C MET G 163 30.52 -42.52 -11.04
N ALA G 164 31.12 -41.35 -10.88
CA ALA G 164 30.83 -40.23 -11.80
C ALA G 164 32.08 -39.92 -12.62
N ILE G 165 31.91 -39.90 -13.94
CA ILE G 165 33.02 -39.67 -14.85
C ILE G 165 32.73 -38.36 -15.56
N VAL G 166 33.49 -37.31 -15.21
CA VAL G 166 33.30 -35.98 -15.76
C VAL G 166 34.48 -35.73 -16.70
N ASP G 167 34.21 -35.69 -18.00
CA ASP G 167 35.28 -35.65 -18.98
C ASP G 167 34.83 -34.86 -20.20
N LYS G 168 35.65 -33.90 -20.64
CA LYS G 168 35.27 -33.11 -21.80
C LYS G 168 35.03 -34.00 -23.02
N HIS G 169 35.74 -35.13 -23.11
CA HIS G 169 35.72 -36.04 -24.24
C HIS G 169 34.43 -36.87 -24.35
N VAL G 170 33.48 -36.78 -23.41
CA VAL G 170 32.23 -37.54 -23.54
C VAL G 170 31.05 -36.63 -23.89
N THR G 171 31.31 -35.37 -24.21
CA THR G 171 30.31 -34.48 -24.79
C THR G 171 29.81 -35.10 -26.08
N PRO G 172 28.53 -35.51 -26.16
CA PRO G 172 28.00 -36.07 -27.40
C PRO G 172 28.25 -35.19 -28.61
N THR G 173 28.35 -35.83 -29.78
CA THR G 173 28.58 -35.11 -31.04
C THR G 173 27.36 -34.27 -31.40
N LEU G 174 26.19 -34.88 -31.34
CA LEU G 174 24.93 -34.24 -31.66
C LEU G 174 23.91 -34.79 -30.68
N SER G 175 22.90 -33.98 -30.35
CA SER G 175 21.83 -34.41 -29.47
C SER G 175 20.49 -34.18 -30.12
N ILE G 176 19.53 -35.00 -29.72
CA ILE G 176 18.18 -34.97 -30.26
C ILE G 176 17.22 -35.09 -29.08
N ASN G 177 16.31 -34.10 -28.96
CA ASN G 177 15.39 -33.97 -27.83
C ASN G 177 13.97 -33.83 -28.38
N ASP G 178 13.33 -34.98 -28.66
CA ASP G 178 12.05 -35.01 -29.35
C ASP G 178 10.94 -35.26 -28.34
N PRO G 179 10.15 -34.23 -27.98
CA PRO G 179 9.09 -34.43 -26.97
C PRO G 179 8.10 -35.54 -27.32
N GLU G 180 7.95 -35.87 -28.60
CA GLU G 180 7.03 -36.93 -28.98
C GLU G 180 7.38 -38.26 -28.32
N LEU G 181 8.69 -38.55 -28.15
CA LEU G 181 9.11 -39.80 -27.51
C LEU G 181 8.90 -39.77 -26.01
N MET G 182 8.83 -38.56 -25.42
CA MET G 182 8.66 -38.41 -23.99
C MET G 182 7.21 -38.62 -23.56
N VAL G 183 6.27 -38.45 -24.48
CA VAL G 183 4.84 -38.58 -24.19
C VAL G 183 4.48 -39.90 -23.51
N GLY G 184 5.35 -40.90 -23.59
CA GLY G 184 5.04 -42.21 -23.05
C GLY G 184 5.52 -42.55 -21.66
N MET G 185 6.26 -41.65 -20.99
CA MET G 185 6.64 -41.90 -19.61
C MET G 185 5.41 -41.97 -18.72
N PRO G 186 5.28 -43.01 -17.90
CA PRO G 186 4.23 -43.03 -16.88
C PRO G 186 4.47 -41.96 -15.83
N PRO G 187 3.47 -41.66 -15.00
CA PRO G 187 3.59 -40.50 -14.10
C PRO G 187 4.72 -40.60 -13.09
N SER G 188 4.93 -41.75 -12.45
CA SER G 188 6.01 -41.83 -11.47
C SER G 188 7.35 -41.53 -12.11
N LEU G 189 7.53 -41.90 -13.37
CA LEU G 189 8.79 -41.59 -14.04
C LEU G 189 8.87 -40.12 -14.44
N THR G 190 7.76 -39.59 -14.97
CA THR G 190 7.70 -38.17 -15.29
C THR G 190 8.04 -37.33 -14.08
N ALA G 191 7.48 -37.69 -12.93
CA ALA G 191 7.78 -36.99 -11.69
C ALA G 191 9.27 -37.06 -11.36
N ALA G 192 9.81 -38.28 -11.32
CA ALA G 192 11.18 -38.48 -10.83
C ALA G 192 12.20 -37.80 -11.73
N THR G 193 12.05 -37.92 -13.06
CA THR G 193 13.00 -37.24 -13.93
C THR G 193 12.80 -35.73 -13.87
N GLY G 194 11.54 -35.29 -13.76
CA GLY G 194 11.28 -33.87 -13.54
C GLY G 194 11.92 -33.31 -12.28
N LEU G 195 11.86 -34.04 -11.18
CA LEU G 195 12.50 -33.57 -9.96
C LEU G 195 14.01 -33.70 -10.02
N ASP G 196 14.51 -34.64 -10.83
CA ASP G 196 15.93 -34.70 -11.10
C ASP G 196 16.40 -33.41 -11.78
N ALA G 197 15.61 -32.93 -12.76
CA ALA G 197 15.96 -31.68 -13.44
C ALA G 197 15.86 -30.50 -12.48
N LEU G 198 14.79 -30.44 -11.67
CA LEU G 198 14.72 -29.41 -10.65
C LEU G 198 15.97 -29.40 -9.78
N THR G 199 16.43 -30.60 -9.38
CA THR G 199 17.64 -30.69 -8.54
C THR G 199 18.88 -30.17 -9.26
N HIS G 200 18.97 -30.40 -10.57
CA HIS G 200 20.09 -29.87 -11.33
C HIS G 200 20.10 -28.36 -11.29
N ALA G 201 18.97 -27.74 -11.64
CA ALA G 201 18.87 -26.28 -11.67
C ALA G 201 19.25 -25.68 -10.32
N ILE G 202 18.66 -26.20 -9.23
CA ILE G 202 18.88 -25.60 -7.93
C ILE G 202 20.35 -25.74 -7.53
N GLU G 203 20.91 -26.94 -7.66
CA GLU G 203 22.32 -27.11 -7.31
C GLU G 203 23.23 -26.27 -8.22
N ALA G 204 22.93 -26.23 -9.53
CA ALA G 204 23.63 -25.28 -10.39
C ALA G 204 23.53 -23.84 -9.87
N TYR G 205 22.34 -23.42 -9.43
CA TYR G 205 22.18 -22.02 -9.03
C TYR G 205 23.03 -21.69 -7.79
N VAL G 206 23.14 -22.62 -6.84
CA VAL G 206 23.87 -22.33 -5.60
C VAL G 206 25.27 -22.91 -5.60
N SER G 207 25.71 -23.51 -6.71
CA SER G 207 27.05 -24.08 -6.80
C SER G 207 28.14 -23.01 -6.71
N THR G 208 29.26 -23.34 -6.05
CA THR G 208 30.37 -22.41 -6.04
C THR G 208 30.93 -22.18 -7.44
N GLY G 209 30.56 -22.99 -8.42
CA GLY G 209 31.04 -22.83 -9.78
C GLY G 209 30.08 -22.13 -10.72
N ALA G 210 29.00 -21.54 -10.21
CA ALA G 210 28.03 -20.88 -11.08
C ALA G 210 28.65 -19.66 -11.79
N THR G 211 28.10 -19.32 -12.94
CA THR G 211 28.49 -18.16 -13.74
C THR G 211 27.22 -17.44 -14.14
N PRO G 212 27.34 -16.18 -14.60
CA PRO G 212 26.17 -15.52 -15.20
C PRO G 212 25.52 -16.35 -16.30
N ILE G 213 26.28 -17.22 -16.97
CA ILE G 213 25.67 -18.01 -18.05
C ILE G 213 24.86 -19.17 -17.48
N THR G 214 25.45 -19.95 -16.58
CA THR G 214 24.70 -21.03 -15.94
C THR G 214 23.50 -20.50 -15.17
N ASP G 215 23.67 -19.38 -14.45
CA ASP G 215 22.56 -18.75 -13.73
C ASP G 215 21.39 -18.52 -14.68
N ALA G 216 21.65 -17.87 -15.82
CA ALA G 216 20.58 -17.58 -16.76
C ALA G 216 19.78 -18.84 -17.12
N LEU G 217 20.43 -20.00 -17.16
CA LEU G 217 19.74 -21.22 -17.58
C LEU G 217 19.08 -21.96 -16.42
N ALA G 218 19.70 -21.95 -15.23
CA ALA G 218 19.06 -22.55 -14.06
C ALA G 218 17.76 -21.80 -13.70
N ILE G 219 17.80 -20.47 -13.72
CA ILE G 219 16.61 -19.67 -13.39
C ILE G 219 15.45 -20.03 -14.30
N GLN G 220 15.71 -20.03 -15.61
CA GLN G 220 14.65 -20.36 -16.55
C GLN G 220 14.13 -21.77 -16.33
N ALA G 221 15.01 -22.71 -15.96
CA ALA G 221 14.56 -24.08 -15.74
C ALA G 221 13.61 -24.16 -14.55
N ILE G 222 13.97 -23.50 -13.44
CA ILE G 222 13.14 -23.58 -12.24
C ILE G 222 11.75 -23.01 -12.50
N LYS G 223 11.69 -21.85 -13.15
CA LYS G 223 10.40 -21.24 -13.46
C LYS G 223 9.51 -22.19 -14.26
N ILE G 224 10.09 -22.92 -15.23
CA ILE G 224 9.33 -23.79 -16.12
C ILE G 224 8.91 -25.07 -15.42
N ILE G 225 9.85 -25.76 -14.78
CA ILE G 225 9.53 -26.93 -13.97
C ILE G 225 8.41 -26.60 -12.98
N SER G 226 8.45 -25.40 -12.41
CA SER G 226 7.50 -25.04 -11.38
C SER G 226 6.08 -25.01 -11.92
N LYS G 227 5.90 -24.55 -13.16
CA LYS G 227 4.57 -24.49 -13.76
C LYS G 227 4.16 -25.81 -14.41
N TYR G 228 5.04 -26.42 -15.21
CA TYR G 228 4.64 -27.50 -16.11
C TYR G 228 4.90 -28.91 -15.60
N LEU G 229 5.90 -29.13 -14.75
CA LEU G 229 6.09 -30.47 -14.20
C LEU G 229 4.82 -31.06 -13.61
N PRO G 230 4.07 -30.37 -12.73
CA PRO G 230 2.87 -31.03 -12.18
C PRO G 230 1.82 -31.33 -13.23
N ARG G 231 1.66 -30.45 -14.23
CA ARG G 231 0.77 -30.73 -15.35
C ARG G 231 1.18 -32.00 -16.11
N ALA G 232 2.48 -32.16 -16.37
CA ALA G 232 2.97 -33.32 -17.11
C ALA G 232 2.81 -34.62 -16.32
N VAL G 233 2.86 -34.56 -14.99
CA VAL G 233 2.59 -35.75 -14.18
C VAL G 233 1.12 -36.08 -14.20
N ALA G 234 0.26 -35.06 -14.16
CA ALA G 234 -1.18 -35.29 -14.03
C ALA G 234 -1.81 -35.74 -15.35
N ASN G 235 -1.25 -35.32 -16.48
CA ASN G 235 -1.71 -35.78 -17.79
C ASN G 235 -0.47 -35.91 -18.68
N GLY G 236 0.01 -37.14 -18.85
CA GLY G 236 1.16 -37.42 -19.69
C GLY G 236 0.96 -37.06 -21.15
N LYS G 237 -0.26 -36.73 -21.55
CA LYS G 237 -0.57 -36.37 -22.93
C LYS G 237 -0.73 -34.87 -23.17
N ASP G 238 -0.56 -34.05 -22.13
CA ASP G 238 -0.47 -32.60 -22.32
C ASP G 238 0.82 -32.32 -23.10
N ILE G 239 0.67 -32.06 -24.41
CA ILE G 239 1.82 -31.88 -25.29
C ILE G 239 2.62 -30.66 -24.86
N GLU G 240 1.93 -29.55 -24.59
CA GLU G 240 2.63 -28.32 -24.18
C GLU G 240 3.49 -28.56 -22.94
N ALA G 241 2.95 -29.30 -21.96
CA ALA G 241 3.73 -29.65 -20.79
C ALA G 241 4.93 -30.50 -21.15
N ARG G 242 4.76 -31.46 -22.07
CA ARG G 242 5.88 -32.31 -22.45
C ARG G 242 6.96 -31.49 -23.15
N GLU G 243 6.56 -30.57 -24.02
CA GLU G 243 7.52 -29.74 -24.75
C GLU G 243 8.28 -28.80 -23.81
N GLN G 244 7.58 -28.29 -22.78
CA GLN G 244 8.19 -27.37 -21.82
C GLN G 244 9.11 -28.10 -20.86
N MET G 245 8.67 -29.24 -20.35
CA MET G 245 9.58 -30.07 -19.57
C MET G 245 10.82 -30.45 -20.39
N ALA G 246 10.63 -30.72 -21.69
CA ALA G 246 11.78 -31.04 -22.54
C ALA G 246 12.76 -29.87 -22.63
N PHE G 247 12.26 -28.63 -22.79
CA PHE G 247 13.15 -27.47 -22.70
C PHE G 247 13.76 -27.34 -21.32
N ALA G 248 12.98 -27.60 -20.26
CA ALA G 248 13.47 -27.44 -18.88
C ALA G 248 14.65 -28.36 -18.57
N GLN G 249 14.52 -29.65 -18.92
CA GLN G 249 15.58 -30.61 -18.59
C GLN G 249 16.88 -30.27 -19.32
N SER G 250 16.81 -29.70 -20.52
CA SER G 250 18.01 -29.26 -21.23
C SER G 250 18.61 -28.02 -20.57
N LEU G 251 17.77 -27.06 -20.16
CA LEU G 251 18.29 -25.89 -19.46
C LEU G 251 19.00 -26.32 -18.19
N ALA G 252 18.37 -27.20 -17.40
CA ALA G 252 19.03 -27.68 -16.19
C ALA G 252 20.35 -28.39 -16.52
N GLY G 253 20.37 -29.16 -17.62
CA GLY G 253 21.57 -29.87 -17.99
C GLY G 253 22.70 -28.96 -18.42
N MET G 254 22.42 -28.00 -19.32
CA MET G 254 23.40 -26.97 -19.63
C MET G 254 23.88 -26.28 -18.36
N ALA G 255 22.95 -25.97 -17.44
CA ALA G 255 23.32 -25.26 -16.22
C ALA G 255 24.25 -26.09 -15.33
N PHE G 256 23.80 -27.30 -14.94
CA PHE G 256 24.65 -28.07 -14.03
C PHE G 256 25.92 -28.58 -14.72
N ASN G 257 25.85 -28.93 -16.01
CA ASN G 257 27.04 -29.43 -16.69
C ASN G 257 28.19 -28.44 -16.54
N ASN G 258 27.91 -27.15 -16.69
CA ASN G 258 28.96 -26.15 -16.63
C ASN G 258 29.12 -25.46 -15.28
N ALA G 259 28.26 -25.72 -14.30
CA ALA G 259 28.34 -25.07 -13.00
C ALA G 259 28.79 -25.99 -11.90
N GLY G 260 28.41 -27.25 -11.94
CA GLY G 260 28.59 -28.17 -10.84
C GLY G 260 27.25 -28.55 -10.20
N LEU G 261 27.27 -29.64 -9.43
CA LEU G 261 26.18 -30.06 -8.58
C LEU G 261 26.62 -29.88 -7.12
N GLY G 262 26.07 -30.67 -6.21
CA GLY G 262 26.38 -30.53 -4.80
C GLY G 262 26.03 -31.79 -4.05
N TYR G 263 25.70 -31.64 -2.76
CA TYR G 263 25.58 -32.84 -1.96
C TYR G 263 24.30 -33.61 -2.21
N VAL G 264 23.28 -33.02 -2.81
CA VAL G 264 22.13 -33.83 -3.24
C VAL G 264 22.59 -34.96 -4.15
N HIS G 265 23.42 -34.64 -5.16
CA HIS G 265 23.89 -35.67 -6.08
C HIS G 265 24.97 -36.54 -5.45
N ALA G 266 25.87 -35.94 -4.67
CA ALA G 266 26.91 -36.71 -4.01
C ALA G 266 26.32 -37.82 -3.14
N ILE G 267 25.20 -37.55 -2.48
CA ILE G 267 24.60 -38.55 -1.60
C ILE G 267 23.65 -39.48 -2.36
N ALA G 268 22.89 -38.96 -3.34
CA ALA G 268 21.96 -39.82 -4.07
C ALA G 268 22.69 -40.88 -4.89
N HIS G 269 23.88 -40.54 -5.40
CA HIS G 269 24.71 -41.52 -6.08
C HIS G 269 25.02 -42.71 -5.19
N GLN G 270 25.21 -42.48 -3.89
CA GLN G 270 25.49 -43.57 -2.97
C GLN G 270 24.26 -44.42 -2.72
N LEU G 271 23.14 -43.78 -2.38
CA LEU G 271 21.90 -44.50 -2.13
C LEU G 271 21.52 -45.38 -3.32
N GLY G 272 21.76 -44.92 -4.56
CA GLY G 272 21.36 -45.64 -5.75
C GLY G 272 22.36 -46.69 -6.21
N GLY G 273 23.63 -46.53 -5.83
CA GLY G 273 24.59 -47.61 -6.00
C GLY G 273 24.38 -48.71 -5.00
N PHE G 274 23.85 -48.38 -3.84
CA PHE G 274 23.63 -49.34 -2.76
C PHE G 274 22.31 -50.07 -2.87
N TYR G 275 21.26 -49.44 -3.41
CA TYR G 275 19.93 -50.02 -3.41
C TYR G 275 19.23 -49.99 -4.76
N ASN G 276 19.85 -49.41 -5.79
CA ASN G 276 19.26 -49.31 -7.12
C ASN G 276 17.96 -48.52 -7.14
N PHE G 277 17.71 -47.69 -6.13
CA PHE G 277 16.55 -46.81 -6.17
C PHE G 277 16.63 -45.88 -7.39
N PRO G 278 15.50 -45.45 -7.93
CA PRO G 278 15.53 -44.47 -9.03
C PRO G 278 16.20 -43.18 -8.59
N HIS G 279 17.29 -42.84 -9.27
CA HIS G 279 18.08 -41.62 -9.09
C HIS G 279 17.22 -40.37 -8.86
N GLY G 280 16.16 -40.21 -9.66
CA GLY G 280 15.30 -39.06 -9.50
C GLY G 280 14.60 -39.04 -8.15
N VAL G 281 14.09 -40.18 -7.70
CA VAL G 281 13.45 -40.24 -6.38
C VAL G 281 14.48 -40.03 -5.28
N CYS G 282 15.73 -40.48 -5.49
CA CYS G 282 16.75 -40.19 -4.49
C CYS G 282 16.95 -38.69 -4.34
N ASN G 283 17.12 -37.98 -5.46
CA ASN G 283 17.27 -36.53 -5.41
C ASN G 283 16.10 -35.86 -4.69
N ALA G 284 14.87 -36.31 -4.95
CA ALA G 284 13.70 -35.64 -4.40
C ALA G 284 13.58 -35.82 -2.90
N VAL G 285 14.00 -36.97 -2.37
CA VAL G 285 13.98 -37.16 -0.92
C VAL G 285 15.00 -36.25 -0.26
N LEU G 286 16.22 -36.22 -0.81
CA LEU G 286 17.34 -35.51 -0.21
C LEU G 286 17.26 -34.00 -0.39
N LEU G 287 16.64 -33.53 -1.48
CA LEU G 287 16.70 -32.11 -1.86
C LEU G 287 16.31 -31.16 -0.75
N PRO G 288 15.20 -31.34 -0.03
CA PRO G 288 14.94 -30.44 1.11
C PRO G 288 16.04 -30.45 2.16
N TYR G 289 16.57 -31.62 2.48
CA TYR G 289 17.47 -31.65 3.62
C TYR G 289 18.82 -31.05 3.29
N VAL G 290 19.24 -31.12 2.03
CA VAL G 290 20.52 -30.50 1.67
C VAL G 290 20.36 -28.98 1.52
N CYS G 291 19.19 -28.54 1.03
CA CYS G 291 18.91 -27.10 0.95
C CYS G 291 18.91 -26.46 2.33
N ARG G 292 18.27 -27.09 3.31
CA ARG G 292 18.32 -26.59 4.67
C ARG G 292 19.75 -26.48 5.17
N PHE G 293 20.56 -27.49 4.87
CA PHE G 293 21.94 -27.48 5.35
C PHE G 293 22.74 -26.37 4.68
N ASN G 294 22.53 -26.16 3.36
CA ASN G 294 23.28 -25.15 2.60
C ASN G 294 22.82 -23.73 2.86
N LEU G 295 21.67 -23.55 3.51
CA LEU G 295 20.96 -22.28 3.57
C LEU G 295 21.85 -21.13 4.02
N ILE G 296 22.57 -21.29 5.14
CA ILE G 296 23.39 -20.18 5.65
C ILE G 296 24.46 -19.74 4.66
N SER G 297 24.87 -20.61 3.72
CA SER G 297 25.87 -20.21 2.76
C SER G 297 25.28 -19.46 1.56
N LYS G 298 24.01 -19.67 1.23
CA LYS G 298 23.45 -19.13 -0.02
C LYS G 298 22.05 -18.55 0.20
N VAL G 299 21.88 -17.70 1.22
CA VAL G 299 20.53 -17.35 1.66
C VAL G 299 19.84 -16.43 0.67
N GLU G 300 20.59 -15.51 0.03
CA GLU G 300 20.00 -14.66 -1.00
C GLU G 300 19.52 -15.47 -2.18
N ARG G 301 20.27 -16.52 -2.54
CA ARG G 301 19.93 -17.29 -3.73
C ARG G 301 18.76 -18.26 -3.48
N TYR G 302 18.75 -18.95 -2.33
CA TYR G 302 17.53 -19.70 -1.98
C TYR G 302 16.31 -18.77 -1.87
N ALA G 303 16.51 -17.51 -1.50
CA ALA G 303 15.36 -16.60 -1.46
C ALA G 303 14.88 -16.29 -2.87
N GLU G 304 15.79 -16.18 -3.84
CA GLU G 304 15.37 -16.02 -5.23
C GLU G 304 14.63 -17.27 -5.73
N ILE G 305 15.13 -18.46 -5.36
CA ILE G 305 14.46 -19.70 -5.75
C ILE G 305 13.02 -19.74 -5.25
N ALA G 306 12.77 -19.20 -4.05
CA ALA G 306 11.41 -19.16 -3.51
C ALA G 306 10.47 -18.40 -4.46
N ALA G 307 10.92 -17.25 -4.97
CA ALA G 307 10.11 -16.52 -5.93
C ALA G 307 10.01 -17.27 -7.26
N PHE G 308 11.12 -17.88 -7.73
CA PHE G 308 11.03 -18.70 -8.94
C PHE G 308 10.02 -19.83 -8.79
N LEU G 309 9.83 -20.35 -7.59
CA LEU G 309 8.85 -21.40 -7.38
C LEU G 309 7.45 -20.85 -7.14
N GLY G 310 7.21 -19.57 -7.44
CA GLY G 310 5.90 -18.98 -7.31
C GLY G 310 5.47 -18.56 -5.92
N GLU G 311 6.37 -18.58 -4.94
CA GLU G 311 6.02 -18.11 -3.61
C GLU G 311 5.94 -16.59 -3.61
N ASN G 312 5.05 -16.08 -2.77
CA ASN G 312 5.06 -14.67 -2.43
C ASN G 312 6.03 -14.44 -1.29
N VAL G 313 6.97 -13.52 -1.49
CA VAL G 313 8.02 -13.24 -0.51
C VAL G 313 7.89 -11.83 0.07
N ASP G 314 6.80 -11.13 -0.25
CA ASP G 314 6.58 -9.76 0.20
C ASP G 314 6.69 -9.63 1.72
N GLY G 315 7.44 -8.62 2.17
CA GLY G 315 7.56 -8.32 3.58
C GLY G 315 8.29 -9.36 4.40
N LEU G 316 9.07 -10.21 3.76
CA LEU G 316 9.82 -11.25 4.45
C LEU G 316 11.30 -10.90 4.44
N SER G 317 11.95 -11.13 5.57
CA SER G 317 13.42 -11.15 5.58
C SER G 317 13.91 -12.15 4.55
N THR G 318 15.14 -11.92 4.07
CA THR G 318 15.76 -12.85 3.12
C THR G 318 15.80 -14.26 3.69
N TYR G 319 16.06 -14.38 4.99
CA TYR G 319 16.01 -15.67 5.64
C TYR G 319 14.62 -16.31 5.51
N ASP G 320 13.56 -15.56 5.85
CA ASP G 320 12.22 -16.14 5.80
C ASP G 320 11.80 -16.44 4.37
N ALA G 321 12.25 -15.66 3.40
CA ALA G 321 12.02 -15.99 2.00
C ALA G 321 12.68 -17.31 1.64
N ALA G 322 13.94 -17.49 2.04
CA ALA G 322 14.65 -18.74 1.78
C ALA G 322 13.94 -19.96 2.39
N GLU G 323 13.35 -19.81 3.57
CA GLU G 323 12.64 -20.95 4.17
C GLU G 323 11.39 -21.32 3.37
N LYS G 324 10.77 -20.34 2.72
CA LYS G 324 9.61 -20.63 1.89
C LYS G 324 9.99 -21.47 0.68
N ALA G 325 11.20 -21.26 0.13
CA ALA G 325 11.67 -22.06 -0.99
C ALA G 325 11.75 -23.53 -0.60
N ILE G 326 12.28 -23.81 0.58
CA ILE G 326 12.37 -25.19 1.04
C ILE G 326 10.98 -25.78 1.20
N LYS G 327 10.04 -25.02 1.79
CA LYS G 327 8.69 -25.55 1.97
C LYS G 327 7.93 -25.67 0.65
N ALA G 328 8.27 -24.88 -0.35
CA ALA G 328 7.68 -25.08 -1.66
C ALA G 328 8.24 -26.34 -2.31
N ILE G 329 9.51 -26.63 -2.06
CA ILE G 329 10.11 -27.85 -2.59
C ILE G 329 9.44 -29.08 -1.99
N GLU G 330 9.18 -29.07 -0.68
CA GLU G 330 8.56 -30.22 -0.05
C GLU G 330 7.13 -30.41 -0.54
N ARG G 331 6.41 -29.32 -0.77
CA ARG G 331 5.02 -29.46 -1.16
C ARG G 331 4.91 -30.11 -2.54
N MET G 332 5.78 -29.67 -3.46
CA MET G 332 5.81 -30.26 -4.80
C MET G 332 6.10 -31.76 -4.73
N ALA G 333 7.10 -32.16 -3.93
CA ALA G 333 7.42 -33.58 -3.78
C ALA G 333 6.24 -34.38 -3.22
N LYS G 334 5.53 -33.82 -2.24
CA LYS G 334 4.38 -34.52 -1.69
C LYS G 334 3.29 -34.67 -2.73
N ASP G 335 3.05 -33.61 -3.51
CA ASP G 335 2.00 -33.65 -4.51
C ASP G 335 2.30 -34.65 -5.63
N LEU G 336 3.57 -34.83 -5.97
CA LEU G 336 3.99 -35.81 -6.97
C LEU G 336 4.27 -37.20 -6.37
N ASN G 337 3.84 -37.45 -5.14
CA ASN G 337 3.98 -38.74 -4.46
C ASN G 337 5.43 -39.23 -4.42
N ILE G 338 6.32 -38.34 -4.02
CA ILE G 338 7.67 -38.75 -3.66
C ILE G 338 7.64 -39.31 -2.23
N PRO G 339 8.24 -40.47 -1.98
CA PRO G 339 8.36 -40.97 -0.60
C PRO G 339 9.02 -39.93 0.29
N LYS G 340 8.49 -39.78 1.51
CA LYS G 340 9.05 -38.79 2.43
C LYS G 340 10.35 -39.27 3.06
N GLY G 341 10.60 -40.58 3.07
CA GLY G 341 11.80 -41.11 3.69
C GLY G 341 12.43 -42.23 2.87
N PHE G 342 13.70 -42.44 3.13
CA PHE G 342 14.43 -43.52 2.48
C PHE G 342 14.21 -44.86 3.17
N LYS G 343 13.91 -44.86 4.47
CA LYS G 343 13.79 -46.14 5.15
C LYS G 343 12.62 -46.95 4.60
N GLU G 344 11.54 -46.27 4.21
CA GLU G 344 10.36 -46.97 3.70
C GLU G 344 10.64 -47.72 2.40
N LEU G 345 11.70 -47.35 1.68
CA LEU G 345 12.13 -48.04 0.47
C LEU G 345 13.09 -49.18 0.75
N GLY G 346 13.50 -49.38 2.00
CA GLY G 346 14.36 -50.49 2.37
C GLY G 346 15.85 -50.13 2.46
N ALA G 347 16.16 -48.97 3.01
CA ALA G 347 17.52 -48.59 3.36
C ALA G 347 17.76 -48.90 4.82
N LYS G 348 19.02 -49.14 5.17
CA LYS G 348 19.38 -49.68 6.47
C LYS G 348 20.37 -48.77 7.18
N GLU G 349 20.10 -48.50 8.46
CA GLU G 349 20.92 -47.58 9.24
C GLU G 349 22.39 -48.00 9.30
N GLU G 350 22.66 -49.29 9.25
CA GLU G 350 24.03 -49.78 9.36
C GLU G 350 24.90 -49.36 8.19
N ASP G 351 24.30 -48.90 7.10
CA ASP G 351 25.05 -48.44 5.96
C ASP G 351 25.32 -46.94 5.98
N ILE G 352 24.67 -46.17 6.86
CA ILE G 352 24.71 -44.72 6.77
C ILE G 352 26.15 -44.19 6.84
N GLU G 353 26.94 -44.66 7.80
CA GLU G 353 28.34 -44.25 7.89
C GLU G 353 29.08 -44.49 6.58
N THR G 354 28.84 -45.65 5.95
CA THR G 354 29.48 -45.98 4.68
C THR G 354 28.98 -45.06 3.57
N LEU G 355 27.65 -44.86 3.53
CA LEU G 355 27.03 -43.95 2.56
C LEU G 355 27.65 -42.56 2.63
N ALA G 356 27.84 -42.05 3.85
CA ALA G 356 28.36 -40.69 4.03
C ALA G 356 29.78 -40.56 3.50
N LYS G 357 30.65 -41.51 3.87
CA LYS G 357 32.05 -41.49 3.44
C LYS G 357 32.15 -41.56 1.92
N ASN G 358 31.29 -42.36 1.30
CA ASN G 358 31.35 -42.46 -0.15
C ASN G 358 30.85 -41.17 -0.80
N ALA G 359 29.92 -40.47 -0.14
CA ALA G 359 29.45 -39.21 -0.70
C ALA G 359 30.54 -38.14 -0.67
N MET G 360 31.38 -38.14 0.37
CA MET G 360 32.42 -37.13 0.44
C MET G 360 33.47 -37.27 -0.65
N LYS G 361 33.54 -38.43 -1.31
CA LYS G 361 34.50 -38.65 -2.38
C LYS G 361 33.94 -38.30 -3.75
N ASP G 362 32.62 -38.17 -3.88
CA ASP G 362 31.98 -37.90 -5.15
C ASP G 362 32.35 -36.50 -5.67
N ALA G 363 32.61 -36.40 -6.97
CA ALA G 363 33.03 -35.11 -7.53
C ALA G 363 31.94 -34.05 -7.42
N CYS G 364 30.67 -34.46 -7.32
CA CYS G 364 29.61 -33.50 -7.11
C CYS G 364 29.78 -32.73 -5.80
N ALA G 365 30.34 -33.37 -4.76
CA ALA G 365 30.53 -32.67 -3.49
C ALA G 365 31.38 -31.42 -3.64
N LEU G 366 32.32 -31.45 -4.58
CA LEU G 366 33.30 -30.37 -4.73
C LEU G 366 32.67 -28.99 -4.85
N THR G 367 31.51 -28.87 -5.48
CA THR G 367 30.92 -27.58 -5.77
C THR G 367 29.80 -27.17 -4.80
N ASN G 368 29.46 -28.02 -3.85
CA ASN G 368 28.50 -27.64 -2.82
C ASN G 368 28.93 -26.34 -2.13
N PRO G 369 28.00 -25.41 -1.91
CA PRO G 369 28.40 -24.13 -1.29
C PRO G 369 28.78 -24.23 0.19
N ARG G 370 28.30 -25.24 0.94
CA ARG G 370 28.77 -25.44 2.31
C ARG G 370 29.65 -26.68 2.40
N LYS G 371 30.79 -26.55 3.07
CA LYS G 371 31.74 -27.66 3.19
C LYS G 371 31.46 -28.45 4.47
N PRO G 372 30.93 -29.67 4.39
CA PRO G 372 30.56 -30.41 5.60
C PRO G 372 31.67 -31.21 6.26
N LYS G 373 31.52 -31.37 7.58
CA LYS G 373 32.11 -32.46 8.32
C LYS G 373 31.41 -33.78 7.98
N LEU G 374 32.14 -34.89 8.09
CA LEU G 374 31.52 -36.20 8.00
C LEU G 374 30.30 -36.32 8.93
N GLU G 375 30.44 -35.81 10.15
CA GLU G 375 29.34 -35.80 11.12
C GLU G 375 28.05 -35.30 10.50
N GLU G 376 28.15 -34.20 9.72
CA GLU G 376 26.99 -33.50 9.16
C GLU G 376 26.41 -34.22 7.94
N VAL G 377 27.25 -34.84 7.12
CA VAL G 377 26.77 -35.69 6.04
C VAL G 377 25.93 -36.85 6.60
N ILE G 378 26.39 -37.48 7.69
CA ILE G 378 25.60 -38.52 8.34
C ILE G 378 24.27 -37.97 8.82
N GLN G 379 24.28 -36.76 9.38
CA GLN G 379 23.07 -36.16 9.89
C GLN G 379 22.04 -35.95 8.78
N ILE G 380 22.47 -35.41 7.65
CA ILE G 380 21.60 -35.27 6.48
C ILE G 380 20.97 -36.60 6.09
N ILE G 381 21.77 -37.67 6.06
CA ILE G 381 21.28 -38.97 5.61
C ILE G 381 20.34 -39.58 6.64
N LYS G 382 20.66 -39.43 7.94
CA LYS G 382 19.71 -39.85 8.99
C LYS G 382 18.36 -39.14 8.86
N ASN G 383 18.38 -37.81 8.62
CA ASN G 383 17.15 -37.05 8.44
C ASN G 383 16.30 -37.59 7.30
N ALA G 384 16.96 -38.06 6.26
CA ALA G 384 16.28 -38.53 5.07
C ALA G 384 15.80 -39.97 5.19
N MET G 385 16.11 -40.66 6.30
CA MET G 385 15.59 -42.01 6.47
C MET G 385 14.09 -41.96 6.78
N LEU G 386 13.69 -41.14 7.74
CA LEU G 386 12.29 -40.97 8.09
C LEU G 386 11.70 -39.74 7.39
N ASN H 3 6.35 -26.84 -39.10
CA ASN H 3 6.52 -27.64 -37.89
C ASN H 3 6.85 -26.78 -36.65
N THR H 4 7.24 -27.44 -35.55
CA THR H 4 7.63 -26.76 -34.32
C THR H 4 9.08 -27.09 -33.92
N GLN H 5 9.86 -27.68 -34.81
CA GLN H 5 11.22 -28.04 -34.46
C GLN H 5 12.09 -26.79 -34.29
N SER H 6 13.22 -26.97 -33.60
CA SER H 6 14.18 -25.90 -33.37
C SER H 6 15.55 -26.50 -33.03
N ALA H 7 16.57 -25.67 -33.06
CA ALA H 7 17.93 -26.17 -32.93
C ALA H 7 18.78 -25.13 -32.19
N PHE H 8 19.82 -25.62 -31.50
CA PHE H 8 20.73 -24.76 -30.76
C PHE H 8 22.16 -25.09 -31.15
N PHE H 9 22.85 -24.11 -31.71
CA PHE H 9 24.22 -24.25 -32.18
C PHE H 9 25.13 -23.37 -31.35
N MET H 10 26.33 -23.88 -31.05
CA MET H 10 27.43 -23.06 -30.57
C MET H 10 28.68 -23.92 -30.62
N PRO H 11 29.87 -23.35 -30.46
CA PRO H 11 31.08 -24.18 -30.40
C PRO H 11 31.03 -25.12 -29.21
N SER H 12 31.70 -26.25 -29.33
CA SER H 12 31.61 -27.26 -28.30
C SER H 12 32.52 -27.00 -27.10
N VAL H 13 33.49 -26.10 -27.24
CA VAL H 13 34.35 -25.69 -26.13
C VAL H 13 34.52 -24.18 -26.21
N ASN H 14 34.11 -23.47 -25.15
CA ASN H 14 34.17 -22.02 -25.08
C ASN H 14 34.81 -21.61 -23.75
N LEU H 15 35.97 -20.94 -23.82
CA LEU H 15 36.71 -20.53 -22.63
C LEU H 15 36.42 -19.08 -22.27
N PHE H 16 36.47 -18.78 -20.97
CA PHE H 16 36.12 -17.48 -20.41
C PHE H 16 37.10 -17.08 -19.32
N GLY H 17 37.09 -15.80 -18.98
CA GLY H 17 37.82 -15.29 -17.83
C GLY H 17 39.22 -14.82 -18.17
N ALA H 18 39.79 -14.08 -17.22
CA ALA H 18 41.11 -13.48 -17.36
C ALA H 18 42.19 -14.55 -17.58
N GLY H 19 42.99 -14.35 -18.62
CA GLY H 19 44.13 -15.21 -18.89
C GLY H 19 43.83 -16.47 -19.67
N SER H 20 42.62 -16.64 -20.16
CA SER H 20 42.29 -17.83 -20.93
C SER H 20 42.86 -17.79 -22.33
N VAL H 21 43.39 -16.65 -22.78
CA VAL H 21 44.08 -16.63 -24.06
C VAL H 21 45.39 -17.40 -23.97
N ASN H 22 45.94 -17.56 -22.77
CA ASN H 22 47.16 -18.33 -22.61
C ASN H 22 47.01 -19.72 -23.22
N GLU H 23 45.82 -20.30 -23.11
CA GLU H 23 45.61 -21.67 -23.53
C GLU H 23 45.61 -21.85 -25.04
N VAL H 24 45.53 -20.77 -25.82
CA VAL H 24 45.44 -20.91 -27.28
C VAL H 24 46.62 -21.72 -27.80
N GLY H 25 47.72 -21.71 -27.05
CA GLY H 25 48.84 -22.58 -27.31
C GLY H 25 48.42 -24.04 -27.30
N THR H 26 48.27 -24.61 -26.10
CA THR H 26 48.05 -26.04 -25.98
C THR H 26 46.76 -26.48 -26.69
N ARG H 27 45.71 -25.64 -26.66
CA ARG H 27 44.47 -26.01 -27.34
C ARG H 27 44.73 -26.30 -28.81
N LEU H 28 45.47 -25.40 -29.47
CA LEU H 28 45.72 -25.53 -30.90
C LEU H 28 46.58 -26.75 -31.20
N ALA H 29 47.45 -27.15 -30.27
CA ALA H 29 48.23 -28.37 -30.44
C ALA H 29 47.31 -29.59 -30.49
N ASP H 30 46.35 -29.66 -29.56
CA ASP H 30 45.51 -30.84 -29.43
C ASP H 30 44.56 -31.01 -30.61
N LEU H 31 44.31 -29.96 -31.38
CA LEU H 31 43.60 -30.12 -32.64
C LEU H 31 44.45 -30.79 -33.71
N GLY H 32 45.76 -30.93 -33.48
CA GLY H 32 46.64 -31.56 -34.43
C GLY H 32 46.94 -30.77 -35.67
N VAL H 33 46.59 -29.48 -35.71
CA VAL H 33 46.92 -28.61 -36.84
C VAL H 33 48.38 -28.21 -36.74
N LYS H 34 48.95 -27.66 -37.82
CA LYS H 34 50.37 -27.40 -37.92
C LYS H 34 50.73 -25.93 -38.12
N LYS H 35 50.08 -25.25 -39.07
CA LYS H 35 50.42 -23.87 -39.45
C LYS H 35 49.14 -23.06 -39.49
N ALA H 36 49.03 -22.09 -38.57
CA ALA H 36 47.82 -21.28 -38.40
C ALA H 36 48.02 -19.91 -39.02
N LEU H 37 47.03 -19.47 -39.80
CA LEU H 37 46.97 -18.12 -40.34
C LEU H 37 46.19 -17.23 -39.35
N LEU H 38 46.89 -16.30 -38.71
CA LEU H 38 46.31 -15.48 -37.62
C LEU H 38 45.61 -14.27 -38.22
N VAL H 39 44.31 -14.39 -38.46
CA VAL H 39 43.52 -13.32 -39.06
C VAL H 39 43.20 -12.27 -38.01
N THR H 40 43.53 -11.02 -38.31
CA THR H 40 43.33 -9.89 -37.41
C THR H 40 43.20 -8.65 -38.28
N ASP H 41 43.36 -7.46 -37.71
CA ASP H 41 43.19 -6.23 -38.48
C ASP H 41 44.38 -5.31 -38.26
N ALA H 42 44.35 -4.17 -38.96
CA ALA H 42 45.48 -3.25 -38.92
C ALA H 42 45.74 -2.75 -37.51
N GLY H 43 44.71 -2.21 -36.86
CA GLY H 43 44.84 -1.65 -35.52
C GLY H 43 45.38 -2.57 -34.45
N LEU H 44 44.73 -3.71 -34.21
CA LEU H 44 45.20 -4.63 -33.18
C LEU H 44 46.63 -5.06 -33.46
N HIS H 45 46.93 -5.32 -34.73
CA HIS H 45 48.26 -5.77 -35.13
C HIS H 45 49.30 -4.67 -34.94
N GLY H 46 48.92 -3.43 -35.21
CA GLY H 46 49.80 -2.32 -34.91
C GLY H 46 50.03 -2.11 -33.42
N LEU H 47 49.00 -2.39 -32.60
CA LEU H 47 49.15 -2.26 -31.16
C LEU H 47 50.01 -3.34 -30.55
N GLY H 48 50.43 -4.34 -31.32
CA GLY H 48 51.30 -5.39 -30.84
C GLY H 48 50.61 -6.62 -30.33
N LEU H 49 49.28 -6.72 -30.50
CA LEU H 49 48.53 -7.85 -29.99
C LEU H 49 48.75 -9.09 -30.85
N SER H 50 48.81 -8.91 -32.18
CA SER H 50 49.06 -10.04 -33.08
C SER H 50 50.35 -10.74 -32.73
N GLU H 51 51.41 -9.98 -32.46
CA GLU H 51 52.69 -10.60 -32.12
C GLU H 51 52.63 -11.28 -30.76
N LYS H 52 51.79 -10.77 -29.85
CA LYS H 52 51.62 -11.38 -28.54
C LYS H 52 50.99 -12.77 -28.64
N ILE H 53 49.91 -12.90 -29.40
CA ILE H 53 49.21 -14.18 -29.52
C ILE H 53 50.05 -15.15 -30.35
N SER H 54 50.73 -14.65 -31.38
CA SER H 54 51.66 -15.48 -32.16
C SER H 54 52.69 -16.13 -31.26
N SER H 55 53.22 -15.36 -30.31
CA SER H 55 54.23 -15.87 -29.39
C SER H 55 53.78 -17.19 -28.76
N ILE H 56 52.58 -17.24 -28.18
CA ILE H 56 52.19 -18.45 -27.45
C ILE H 56 51.74 -19.57 -28.41
N ILE H 57 51.12 -19.22 -29.54
CA ILE H 57 50.80 -20.23 -30.54
C ILE H 57 52.09 -20.92 -31.00
N ARG H 58 53.12 -20.13 -31.28
CA ARG H 58 54.41 -20.72 -31.63
C ARG H 58 55.01 -21.47 -30.45
N ALA H 59 54.88 -20.91 -29.24
CA ALA H 59 55.49 -21.52 -28.06
C ALA H 59 54.88 -22.85 -27.67
N ALA H 60 53.76 -23.25 -28.27
CA ALA H 60 53.25 -24.60 -28.14
C ALA H 60 53.50 -25.41 -29.39
N GLY H 61 54.47 -24.99 -30.20
CA GLY H 61 54.91 -25.76 -31.33
C GLY H 61 54.00 -25.73 -32.54
N VAL H 62 53.36 -24.60 -32.80
CA VAL H 62 52.50 -24.46 -33.98
C VAL H 62 52.97 -23.26 -34.79
N GLU H 63 53.04 -23.43 -36.11
CA GLU H 63 53.51 -22.37 -36.99
C GLU H 63 52.40 -21.32 -37.16
N VAL H 64 52.83 -20.07 -37.33
CA VAL H 64 51.91 -18.94 -37.39
C VAL H 64 52.31 -18.03 -38.53
N SER H 65 51.34 -17.65 -39.37
CA SER H 65 51.51 -16.60 -40.38
C SER H 65 50.45 -15.54 -40.15
N ILE H 66 50.88 -14.35 -39.73
CA ILE H 66 49.95 -13.27 -39.41
C ILE H 66 49.33 -12.71 -40.69
N PHE H 67 48.08 -12.27 -40.61
CA PHE H 67 47.40 -11.64 -41.73
C PHE H 67 46.57 -10.46 -41.23
N PRO H 68 47.18 -9.28 -41.12
CA PRO H 68 46.49 -8.12 -40.53
C PRO H 68 45.75 -7.24 -41.55
N LYS H 69 44.91 -7.85 -42.39
CA LYS H 69 44.24 -7.14 -43.47
C LYS H 69 42.72 -7.20 -43.40
N ALA H 70 42.15 -7.64 -42.28
CA ALA H 70 40.69 -7.56 -42.11
C ALA H 70 40.29 -6.12 -41.80
N GLU H 71 39.15 -5.72 -42.32
CA GLU H 71 38.76 -4.32 -42.23
C GLU H 71 37.37 -4.21 -41.63
N PRO H 72 37.07 -3.11 -40.95
CA PRO H 72 35.72 -2.95 -40.38
C PRO H 72 34.66 -3.07 -41.46
N ASN H 73 33.63 -3.90 -41.18
CA ASN H 73 32.72 -4.40 -42.20
C ASN H 73 33.55 -5.09 -43.28
N PRO H 74 34.16 -6.24 -42.97
CA PRO H 74 35.17 -6.80 -43.88
C PRO H 74 34.60 -7.16 -45.24
N THR H 75 35.40 -6.94 -46.27
CA THR H 75 34.96 -7.01 -47.66
C THR H 75 35.31 -8.34 -48.30
N ASP H 76 34.62 -8.64 -49.41
CA ASP H 76 34.88 -9.86 -50.17
C ASP H 76 36.32 -9.93 -50.68
N LYS H 77 36.88 -8.77 -51.04
CA LYS H 77 38.30 -8.70 -51.42
C LYS H 77 39.17 -9.23 -50.29
N ASN H 78 38.88 -8.79 -49.07
CA ASN H 78 39.64 -9.21 -47.90
C ASN H 78 39.70 -10.72 -47.80
N VAL H 79 38.58 -11.38 -48.09
CA VAL H 79 38.56 -12.84 -48.00
C VAL H 79 39.49 -13.45 -49.05
N ALA H 80 39.54 -12.84 -50.24
CA ALA H 80 40.37 -13.36 -51.31
C ALA H 80 41.85 -13.21 -50.97
N GLU H 81 42.28 -11.97 -50.70
CA GLU H 81 43.66 -11.74 -50.29
C GLU H 81 44.04 -12.62 -49.12
N GLY H 82 43.09 -12.83 -48.20
CA GLY H 82 43.34 -13.72 -47.08
C GLY H 82 43.54 -15.15 -47.53
N LEU H 83 42.65 -15.64 -48.40
CA LEU H 83 42.78 -17.02 -48.89
C LEU H 83 44.09 -17.21 -49.66
N GLU H 84 44.57 -16.15 -50.34
CA GLU H 84 45.85 -16.22 -51.04
C GLU H 84 47.00 -16.42 -50.06
N ALA H 85 47.11 -15.56 -49.05
CA ALA H 85 48.16 -15.73 -48.05
C ALA H 85 47.98 -17.02 -47.26
N TYR H 86 46.77 -17.60 -47.26
CA TYR H 86 46.51 -18.85 -46.55
C TYR H 86 47.11 -20.04 -47.30
N ASN H 87 46.78 -20.17 -48.59
CA ASN H 87 47.35 -21.20 -49.44
C ASN H 87 48.85 -20.98 -49.63
N ALA H 88 49.24 -19.76 -50.00
CA ALA H 88 50.63 -19.39 -50.22
C ALA H 88 51.43 -19.38 -48.92
N GLU H 89 51.11 -20.32 -48.02
CA GLU H 89 51.79 -20.45 -46.74
C GLU H 89 51.67 -21.86 -46.19
N ASN H 90 50.91 -22.71 -46.90
CA ASN H 90 50.61 -24.08 -46.46
C ASN H 90 49.98 -24.08 -45.06
N CYS H 91 48.98 -23.22 -44.89
CA CYS H 91 48.25 -23.11 -43.64
C CYS H 91 47.07 -24.06 -43.64
N ASP H 92 46.88 -24.76 -42.52
CA ASP H 92 45.74 -25.64 -42.34
C ASP H 92 44.72 -25.12 -41.34
N SER H 93 45.05 -24.08 -40.57
CA SER H 93 44.18 -23.61 -39.50
C SER H 93 44.17 -22.08 -39.47
N ILE H 94 43.03 -21.52 -39.07
CA ILE H 94 42.84 -20.09 -38.94
C ILE H 94 42.56 -19.77 -37.48
N VAL H 95 43.26 -18.79 -36.95
CA VAL H 95 42.96 -18.22 -35.63
C VAL H 95 42.63 -16.75 -35.83
N THR H 96 41.39 -16.39 -35.52
CA THR H 96 40.95 -15.01 -35.59
C THR H 96 41.16 -14.31 -34.26
N LEU H 97 41.52 -13.03 -34.31
CA LEU H 97 41.86 -12.25 -33.12
C LEU H 97 41.36 -10.84 -33.35
N GLY H 98 40.31 -10.46 -32.64
CA GLY H 98 39.73 -9.13 -32.79
C GLY H 98 38.23 -9.16 -32.55
N GLY H 99 37.56 -8.18 -33.13
CA GLY H 99 36.12 -8.11 -33.12
C GLY H 99 35.48 -8.94 -34.20
N GLY H 100 34.22 -8.63 -34.51
CA GLY H 100 33.45 -9.43 -35.45
C GLY H 100 33.98 -9.41 -36.87
N SER H 101 34.74 -8.38 -37.25
CA SER H 101 35.35 -8.36 -38.58
C SER H 101 36.45 -9.41 -38.68
N SER H 102 37.32 -9.47 -37.68
CA SER H 102 38.36 -10.49 -37.68
C SER H 102 37.78 -11.90 -37.59
N HIS H 103 36.66 -12.08 -36.87
CA HIS H 103 36.05 -13.41 -36.86
C HIS H 103 35.40 -13.71 -38.21
N ASP H 104 34.63 -12.76 -38.74
CA ASP H 104 33.85 -13.04 -39.97
C ASP H 104 34.78 -13.26 -41.17
N ALA H 105 35.90 -12.55 -41.22
CA ALA H 105 36.87 -12.75 -42.31
C ALA H 105 37.42 -14.17 -42.27
N GLY H 106 38.17 -14.52 -41.24
CA GLY H 106 38.78 -15.86 -41.13
C GLY H 106 37.75 -16.96 -41.26
N LYS H 107 36.53 -16.70 -40.79
CA LYS H 107 35.46 -17.70 -40.94
C LYS H 107 35.22 -17.87 -42.44
N ALA H 108 34.92 -16.78 -43.12
CA ALA H 108 34.67 -16.84 -44.57
C ALA H 108 35.87 -17.50 -45.28
N ILE H 109 37.08 -17.04 -44.99
CA ILE H 109 38.27 -17.69 -45.57
C ILE H 109 38.16 -19.19 -45.35
N ALA H 110 37.94 -19.62 -44.10
CA ALA H 110 37.93 -21.06 -43.84
C ALA H 110 36.81 -21.78 -44.59
N LEU H 111 35.80 -21.06 -45.08
CA LEU H 111 34.72 -21.70 -45.82
C LEU H 111 35.06 -21.81 -47.31
N VAL H 112 35.48 -20.72 -47.93
CA VAL H 112 35.96 -20.77 -49.32
C VAL H 112 37.33 -21.43 -49.41
N ALA H 113 37.92 -21.82 -48.30
CA ALA H 113 39.05 -22.73 -48.30
C ALA H 113 38.65 -24.15 -47.93
N ALA H 114 37.41 -24.54 -48.22
CA ALA H 114 36.93 -25.89 -47.92
C ALA H 114 35.57 -26.15 -48.59
N ASN H 115 35.10 -25.22 -49.44
CA ASN H 115 33.87 -25.35 -50.23
C ASN H 115 34.06 -24.99 -51.70
N GLY H 116 34.92 -24.03 -52.01
CA GLY H 116 35.24 -23.78 -53.40
C GLY H 116 34.97 -22.37 -53.89
N GLY H 117 33.74 -22.11 -54.34
CA GLY H 117 33.36 -20.91 -55.07
C GLY H 117 33.89 -19.57 -54.57
N LYS H 118 33.03 -18.80 -53.92
CA LYS H 118 33.41 -17.47 -53.45
C LYS H 118 32.50 -17.11 -52.28
N ILE H 119 32.71 -15.90 -51.77
CA ILE H 119 31.96 -15.50 -50.59
C ILE H 119 30.58 -14.97 -50.95
N HIS H 120 30.41 -14.42 -52.14
CA HIS H 120 29.09 -14.02 -52.62
C HIS H 120 28.26 -15.21 -53.06
N ASP H 121 28.77 -16.42 -52.84
CA ASP H 121 28.04 -17.64 -53.17
C ASP H 121 26.96 -17.96 -52.14
N TYR H 122 27.25 -17.72 -50.87
CA TYR H 122 26.51 -18.37 -49.81
C TYR H 122 25.74 -17.38 -48.94
N GLU H 123 25.15 -16.36 -49.55
CA GLU H 123 24.23 -15.53 -48.79
C GLU H 123 23.01 -16.34 -48.37
N GLY H 124 22.37 -15.95 -47.28
CA GLY H 124 21.14 -16.66 -46.87
C GLY H 124 21.39 -17.80 -45.89
N VAL H 125 20.42 -18.71 -45.75
CA VAL H 125 20.50 -19.79 -44.72
C VAL H 125 21.06 -21.08 -45.32
N ASP H 126 21.89 -21.80 -44.55
CA ASP H 126 22.41 -23.11 -44.98
C ASP H 126 22.52 -23.12 -46.51
N VAL H 127 23.45 -22.36 -47.04
CA VAL H 127 23.60 -22.25 -48.52
C VAL H 127 24.96 -22.82 -48.92
N SER H 128 25.50 -23.72 -48.09
CA SER H 128 26.80 -24.35 -48.41
C SER H 128 26.75 -25.86 -48.16
N LYS H 129 27.90 -26.53 -48.25
CA LYS H 129 28.01 -27.99 -48.20
C LYS H 129 28.99 -28.51 -47.17
N GLU H 130 30.14 -27.87 -46.98
CA GLU H 130 31.16 -28.54 -46.20
C GLU H 130 31.57 -27.73 -44.98
N PRO H 131 31.73 -28.38 -43.82
CA PRO H 131 32.33 -27.70 -42.67
C PRO H 131 33.69 -27.10 -42.98
N MET H 132 33.89 -25.85 -42.53
CA MET H 132 35.08 -25.06 -42.78
C MET H 132 36.29 -25.65 -42.04
N VAL H 133 37.46 -25.12 -42.36
CA VAL H 133 38.73 -25.59 -41.79
C VAL H 133 38.68 -25.30 -40.29
N PRO H 134 39.37 -26.07 -39.46
CA PRO H 134 39.35 -25.79 -38.02
C PRO H 134 39.79 -24.36 -37.71
N LEU H 135 39.19 -23.78 -36.67
CA LEU H 135 39.34 -22.35 -36.37
C LEU H 135 39.11 -22.11 -34.88
N ILE H 136 40.00 -21.32 -34.26
CA ILE H 136 39.78 -20.82 -32.91
C ILE H 136 39.62 -19.31 -32.98
N ALA H 137 38.49 -18.80 -32.49
CA ALA H 137 38.21 -17.37 -32.47
C ALA H 137 38.53 -16.80 -31.09
N ILE H 138 39.41 -15.80 -31.05
CA ILE H 138 39.80 -15.10 -29.83
C ILE H 138 39.20 -13.70 -29.89
N ASN H 139 38.29 -13.41 -28.96
CA ASN H 139 37.40 -12.26 -29.06
C ASN H 139 37.92 -11.11 -28.21
N THR H 140 37.93 -9.90 -28.80
CA THR H 140 38.48 -8.75 -28.11
C THR H 140 37.52 -7.56 -28.05
N THR H 141 36.26 -7.72 -28.45
CA THR H 141 35.23 -6.71 -28.26
C THR H 141 34.06 -7.29 -27.47
N ALA H 142 33.24 -6.42 -26.90
CA ALA H 142 32.09 -6.88 -26.09
C ALA H 142 30.81 -6.72 -26.91
N GLY H 143 30.81 -7.25 -28.13
CA GLY H 143 29.61 -7.27 -28.97
C GLY H 143 29.74 -8.38 -29.98
N THR H 144 28.81 -8.49 -30.93
CA THR H 144 28.87 -9.48 -32.04
C THR H 144 28.58 -10.91 -31.55
N GLY H 145 29.44 -11.46 -30.69
CA GLY H 145 29.27 -12.88 -30.31
C GLY H 145 29.66 -13.77 -31.46
N SER H 146 30.29 -13.19 -32.50
CA SER H 146 30.66 -13.93 -33.73
C SER H 146 31.48 -15.17 -33.40
N GLU H 147 32.29 -15.11 -32.34
CA GLU H 147 33.16 -16.23 -31.94
C GLU H 147 32.34 -17.48 -31.65
N LEU H 148 31.01 -17.39 -31.77
CA LEU H 148 30.14 -18.54 -31.41
C LEU H 148 29.00 -18.71 -32.40
N THR H 149 28.88 -17.83 -33.39
CA THR H 149 27.71 -17.94 -34.25
C THR H 149 28.02 -18.67 -35.57
N LYS H 150 26.95 -19.19 -36.17
CA LYS H 150 26.97 -19.69 -37.53
C LYS H 150 26.76 -18.57 -38.57
N PHE H 151 27.02 -17.32 -38.18
CA PHE H 151 26.90 -16.13 -39.01
C PHE H 151 28.29 -15.68 -39.44
N THR H 152 28.38 -15.13 -40.63
CA THR H 152 29.58 -14.37 -41.00
C THR H 152 29.16 -13.32 -42.01
N ILE H 153 29.14 -12.07 -41.57
CA ILE H 153 28.72 -10.95 -42.40
C ILE H 153 29.91 -10.53 -43.24
N ILE H 154 29.77 -10.65 -44.57
CA ILE H 154 30.81 -10.24 -45.51
C ILE H 154 30.21 -9.30 -46.54
N THR H 155 30.79 -8.12 -46.68
CA THR H 155 30.22 -7.11 -47.57
C THR H 155 30.61 -7.38 -49.03
N ASP H 156 29.70 -7.01 -49.93
CA ASP H 156 29.85 -7.16 -51.38
C ASP H 156 30.14 -5.78 -51.98
N THR H 157 31.40 -5.57 -52.35
CA THR H 157 31.81 -4.26 -52.94
C THR H 157 31.05 -4.08 -54.25
N GLU H 158 29.90 -4.73 -54.37
CA GLU H 158 29.06 -4.55 -55.58
C GLU H 158 27.83 -3.73 -55.20
N ARG H 159 26.75 -4.39 -54.79
CA ARG H 159 25.49 -3.66 -54.50
C ARG H 159 25.61 -2.83 -53.22
N LYS H 160 26.79 -2.78 -52.62
CA LYS H 160 26.97 -2.04 -51.34
C LYS H 160 26.06 -2.66 -50.28
N VAL H 161 25.93 -4.00 -50.29
CA VAL H 161 25.08 -4.70 -49.33
C VAL H 161 25.94 -5.65 -48.52
N LYS H 162 26.06 -5.39 -47.20
CA LYS H 162 26.61 -6.37 -46.27
C LYS H 162 25.77 -7.63 -46.36
N MET H 163 26.36 -8.70 -46.88
CA MET H 163 25.65 -9.98 -47.00
C MET H 163 25.82 -10.79 -45.73
N ALA H 164 24.73 -11.40 -45.28
CA ALA H 164 24.73 -12.30 -44.13
C ALA H 164 24.85 -13.74 -44.64
N ILE H 165 25.94 -14.41 -44.30
CA ILE H 165 26.10 -15.84 -44.54
C ILE H 165 25.70 -16.54 -43.25
N VAL H 166 24.61 -17.29 -43.30
CA VAL H 166 24.28 -18.25 -42.26
C VAL H 166 24.76 -19.62 -42.70
N ASP H 167 25.44 -20.33 -41.81
CA ASP H 167 25.77 -21.73 -42.10
C ASP H 167 26.23 -22.48 -40.86
N LYS H 168 25.63 -23.66 -40.62
CA LYS H 168 26.14 -24.59 -39.61
C LYS H 168 27.65 -24.77 -39.72
N HIS H 169 28.21 -24.55 -40.90
CA HIS H 169 29.58 -24.92 -41.14
C HIS H 169 30.60 -23.86 -40.70
N VAL H 170 30.15 -22.67 -40.31
CA VAL H 170 31.07 -21.62 -39.89
C VAL H 170 31.07 -21.43 -38.36
N THR H 171 30.51 -22.39 -37.62
CA THR H 171 30.65 -22.38 -36.17
C THR H 171 32.10 -22.63 -35.80
N PRO H 172 32.79 -21.70 -35.14
CA PRO H 172 34.18 -21.93 -34.76
C PRO H 172 34.37 -23.26 -34.04
N THR H 173 35.58 -23.82 -34.15
CA THR H 173 35.87 -25.02 -33.39
C THR H 173 35.85 -24.73 -31.90
N LEU H 174 36.67 -23.77 -31.47
CA LEU H 174 36.78 -23.34 -30.08
C LEU H 174 36.77 -21.81 -30.05
N SER H 175 36.28 -21.25 -28.92
CA SER H 175 36.22 -19.80 -28.70
C SER H 175 36.90 -19.42 -27.38
N ILE H 176 37.47 -18.20 -27.36
CA ILE H 176 38.21 -17.69 -26.20
C ILE H 176 37.73 -16.27 -25.91
N ASN H 177 37.19 -16.05 -24.72
CA ASN H 177 36.69 -14.75 -24.29
C ASN H 177 37.53 -14.25 -23.12
N ASP H 178 38.68 -13.66 -23.43
CA ASP H 178 39.58 -13.22 -22.37
C ASP H 178 39.32 -11.75 -22.07
N PRO H 179 38.61 -11.41 -21.00
CA PRO H 179 38.28 -10.00 -20.75
C PRO H 179 39.49 -9.12 -20.53
N GLU H 180 40.65 -9.70 -20.22
CA GLU H 180 41.87 -8.90 -20.16
C GLU H 180 42.15 -8.22 -21.49
N LEU H 181 41.88 -8.91 -22.60
CA LEU H 181 42.10 -8.35 -23.92
C LEU H 181 41.13 -7.24 -24.27
N MET H 182 40.10 -7.01 -23.43
CA MET H 182 39.10 -6.00 -23.70
C MET H 182 39.34 -4.67 -23.00
N VAL H 183 40.23 -4.64 -22.00
CA VAL H 183 40.52 -3.42 -21.25
C VAL H 183 40.85 -2.26 -22.17
N GLY H 184 41.33 -2.55 -23.38
CA GLY H 184 41.83 -1.55 -24.30
C GLY H 184 40.78 -0.89 -25.18
N MET H 185 39.61 -1.49 -25.33
CA MET H 185 38.60 -0.82 -26.13
C MET H 185 38.40 0.59 -25.57
N PRO H 186 38.64 1.63 -26.35
CA PRO H 186 38.36 2.98 -25.88
C PRO H 186 36.86 3.18 -25.72
N PRO H 187 36.45 4.26 -25.07
CA PRO H 187 35.04 4.39 -24.66
C PRO H 187 34.04 4.34 -25.81
N SER H 188 34.32 4.96 -26.96
CA SER H 188 33.32 4.94 -28.02
C SER H 188 33.20 3.55 -28.65
N LEU H 189 34.28 2.77 -28.61
CA LEU H 189 34.20 1.39 -29.07
C LEU H 189 33.44 0.53 -28.08
N THR H 190 33.66 0.76 -26.77
CA THR H 190 32.93 0.05 -25.73
C THR H 190 31.42 0.34 -25.84
N ALA H 191 31.06 1.62 -25.98
CA ALA H 191 29.65 1.97 -26.12
C ALA H 191 29.02 1.26 -27.31
N ALA H 192 29.73 1.29 -28.46
CA ALA H 192 29.16 0.80 -29.71
C ALA H 192 28.99 -0.72 -29.68
N THR H 193 30.05 -1.44 -29.31
CA THR H 193 29.94 -2.90 -29.26
C THR H 193 28.93 -3.32 -28.19
N GLY H 194 28.93 -2.62 -27.05
CA GLY H 194 27.94 -2.91 -26.01
C GLY H 194 26.51 -2.77 -26.49
N LEU H 195 26.21 -1.67 -27.18
CA LEU H 195 24.85 -1.49 -27.70
C LEU H 195 24.56 -2.48 -28.82
N ASP H 196 25.58 -2.89 -29.58
CA ASP H 196 25.40 -4.00 -30.51
C ASP H 196 24.90 -5.23 -29.75
N ALA H 197 25.59 -5.58 -28.66
CA ALA H 197 25.16 -6.69 -27.81
C ALA H 197 23.72 -6.54 -27.35
N LEU H 198 23.37 -5.36 -26.82
CA LEU H 198 22.01 -5.12 -26.35
C LEU H 198 21.00 -5.32 -27.48
N THR H 199 21.33 -4.86 -28.68
CA THR H 199 20.43 -5.04 -29.82
C THR H 199 20.18 -6.52 -30.08
N HIS H 200 21.22 -7.35 -29.86
CA HIS H 200 21.08 -8.78 -30.11
C HIS H 200 20.08 -9.40 -29.13
N ALA H 201 20.19 -9.06 -27.85
CA ALA H 201 19.29 -9.65 -26.88
C ALA H 201 17.87 -9.15 -27.09
N ILE H 202 17.71 -7.87 -27.44
CA ILE H 202 16.35 -7.38 -27.62
C ILE H 202 15.72 -7.98 -28.87
N GLU H 203 16.47 -8.02 -29.98
CA GLU H 203 15.87 -8.61 -31.18
C GLU H 203 15.67 -10.10 -30.99
N ALA H 204 16.61 -10.79 -30.33
CA ALA H 204 16.38 -12.19 -29.97
C ALA H 204 15.11 -12.34 -29.15
N TYR H 205 14.90 -11.45 -28.16
CA TYR H 205 13.79 -11.63 -27.23
C TYR H 205 12.43 -11.52 -27.94
N VAL H 206 12.29 -10.60 -28.89
CA VAL H 206 11.02 -10.45 -29.61
C VAL H 206 11.00 -11.16 -30.97
N SER H 207 12.09 -11.87 -31.33
CA SER H 207 12.14 -12.62 -32.57
C SER H 207 11.06 -13.69 -32.64
N THR H 208 10.56 -13.95 -33.84
CA THR H 208 9.59 -15.01 -34.02
C THR H 208 10.23 -16.40 -33.90
N GLY H 209 11.55 -16.49 -33.86
CA GLY H 209 12.21 -17.75 -33.59
C GLY H 209 12.76 -17.85 -32.19
N ALA H 210 12.22 -17.04 -31.28
CA ALA H 210 12.62 -17.10 -29.88
C ALA H 210 12.19 -18.42 -29.28
N THR H 211 13.02 -18.96 -28.39
CA THR H 211 12.81 -20.24 -27.75
C THR H 211 13.00 -20.02 -26.26
N PRO H 212 12.51 -20.93 -25.40
CA PRO H 212 12.77 -20.76 -23.97
C PRO H 212 14.24 -20.69 -23.63
N ILE H 213 15.10 -21.34 -24.41
CA ILE H 213 16.53 -21.31 -24.13
C ILE H 213 17.12 -19.96 -24.50
N THR H 214 16.73 -19.44 -25.66
CA THR H 214 17.23 -18.13 -26.07
C THR H 214 16.65 -17.02 -25.20
N ASP H 215 15.38 -17.16 -24.76
CA ASP H 215 14.83 -16.22 -23.80
C ASP H 215 15.69 -16.16 -22.54
N ALA H 216 16.09 -17.34 -22.03
CA ALA H 216 16.87 -17.36 -20.81
C ALA H 216 18.16 -16.58 -20.98
N LEU H 217 18.77 -16.70 -22.15
CA LEU H 217 20.03 -16.02 -22.37
C LEU H 217 19.84 -14.53 -22.62
N ALA H 218 18.85 -14.15 -23.43
CA ALA H 218 18.66 -12.75 -23.74
C ALA H 218 18.31 -11.95 -22.50
N ILE H 219 17.45 -12.52 -21.64
CA ILE H 219 17.03 -11.84 -20.42
C ILE H 219 18.24 -11.47 -19.58
N GLN H 220 19.13 -12.45 -19.37
CA GLN H 220 20.34 -12.21 -18.60
C GLN H 220 21.23 -11.18 -19.26
N ALA H 221 21.27 -11.16 -20.59
CA ALA H 221 22.12 -10.20 -21.30
C ALA H 221 21.60 -8.77 -21.08
N ILE H 222 20.30 -8.56 -21.28
CA ILE H 222 19.72 -7.24 -21.09
C ILE H 222 19.92 -6.77 -19.65
N LYS H 223 19.73 -7.68 -18.68
CA LYS H 223 19.92 -7.29 -17.29
C LYS H 223 21.37 -6.87 -17.05
N ILE H 224 22.33 -7.68 -17.51
CA ILE H 224 23.74 -7.40 -17.22
C ILE H 224 24.18 -6.10 -17.89
N ILE H 225 23.81 -5.91 -19.17
CA ILE H 225 24.25 -4.74 -19.91
C ILE H 225 23.73 -3.47 -19.24
N SER H 226 22.46 -3.53 -18.80
CA SER H 226 21.82 -2.39 -18.16
C SER H 226 22.64 -1.84 -17.01
N LYS H 227 23.25 -2.73 -16.24
CA LYS H 227 24.07 -2.33 -15.11
C LYS H 227 25.53 -2.05 -15.50
N TYR H 228 26.13 -2.86 -16.35
CA TYR H 228 27.58 -2.82 -16.48
C TYR H 228 28.09 -2.05 -17.69
N LEU H 229 27.28 -1.90 -18.76
CA LEU H 229 27.73 -1.18 -19.94
C LEU H 229 28.14 0.25 -19.60
N PRO H 230 27.30 1.08 -18.94
CA PRO H 230 27.75 2.45 -18.61
C PRO H 230 29.02 2.48 -17.77
N ARG H 231 29.30 1.45 -16.97
CA ARG H 231 30.52 1.43 -16.17
C ARG H 231 31.74 1.13 -17.01
N ALA H 232 31.60 0.21 -17.98
CA ALA H 232 32.68 -0.08 -18.90
C ALA H 232 33.04 1.16 -19.72
N VAL H 233 32.03 1.88 -20.21
CA VAL H 233 32.25 3.11 -20.96
C VAL H 233 32.95 4.14 -20.09
N ALA H 234 32.42 4.37 -18.88
CA ALA H 234 32.96 5.42 -18.01
C ALA H 234 34.38 5.11 -17.58
N ASN H 235 34.72 3.84 -17.45
CA ASN H 235 36.06 3.48 -17.02
C ASN H 235 36.41 2.12 -17.60
N GLY H 236 37.34 2.10 -18.56
CA GLY H 236 37.66 0.86 -19.25
C GLY H 236 38.57 -0.07 -18.48
N LYS H 237 39.31 0.46 -17.52
CA LYS H 237 40.12 -0.32 -16.61
C LYS H 237 39.34 -0.79 -15.38
N ASP H 238 38.00 -0.85 -15.48
CA ASP H 238 37.14 -1.38 -14.42
C ASP H 238 36.96 -2.87 -14.68
N ILE H 239 37.75 -3.68 -13.99
CA ILE H 239 37.90 -5.09 -14.35
C ILE H 239 36.57 -5.85 -14.25
N GLU H 240 35.77 -5.57 -13.22
CA GLU H 240 34.49 -6.27 -13.07
C GLU H 240 33.50 -5.90 -14.19
N ALA H 241 33.44 -4.63 -14.59
CA ALA H 241 32.54 -4.28 -15.68
C ALA H 241 32.97 -4.97 -16.99
N ARG H 242 34.29 -5.07 -17.22
CA ARG H 242 34.78 -5.73 -18.43
C ARG H 242 34.36 -7.21 -18.46
N GLU H 243 34.57 -7.91 -17.35
CA GLU H 243 34.21 -9.32 -17.24
C GLU H 243 32.71 -9.53 -17.44
N GLN H 244 31.90 -8.67 -16.81
CA GLN H 244 30.46 -8.77 -16.94
C GLN H 244 30.00 -8.52 -18.38
N MET H 245 30.60 -7.54 -19.06
CA MET H 245 30.23 -7.32 -20.45
C MET H 245 30.71 -8.47 -21.36
N ALA H 246 31.83 -9.11 -21.04
CA ALA H 246 32.23 -10.30 -21.79
C ALA H 246 31.14 -11.39 -21.73
N PHE H 247 30.64 -11.69 -20.52
CA PHE H 247 29.52 -12.63 -20.39
C PHE H 247 28.29 -12.13 -21.14
N ALA H 248 27.93 -10.86 -20.95
CA ALA H 248 26.73 -10.33 -21.60
C ALA H 248 26.81 -10.53 -23.09
N GLN H 249 27.92 -10.12 -23.68
CA GLN H 249 28.11 -10.23 -25.12
C GLN H 249 27.93 -11.66 -25.60
N SER H 250 28.43 -12.64 -24.83
CA SER H 250 28.26 -14.04 -25.19
C SER H 250 26.83 -14.50 -25.05
N LEU H 251 26.16 -14.09 -23.96
CA LEU H 251 24.75 -14.43 -23.79
C LEU H 251 23.93 -13.89 -24.95
N ALA H 252 24.19 -12.64 -25.32
CA ALA H 252 23.51 -12.06 -26.48
C ALA H 252 23.82 -12.85 -27.74
N GLY H 253 25.09 -13.23 -27.93
CA GLY H 253 25.47 -14.02 -29.09
C GLY H 253 24.74 -15.35 -29.18
N MET H 254 24.78 -16.14 -28.09
CA MET H 254 24.05 -17.41 -28.06
C MET H 254 22.58 -17.21 -28.33
N ALA H 255 22.02 -16.08 -27.90
CA ALA H 255 20.57 -15.93 -27.96
C ALA H 255 20.12 -15.64 -29.38
N PHE H 256 20.75 -14.67 -30.05
CA PHE H 256 20.28 -14.33 -31.38
C PHE H 256 20.76 -15.33 -32.41
N ASN H 257 21.87 -16.04 -32.13
CA ASN H 257 22.35 -17.07 -33.04
C ASN H 257 21.26 -18.08 -33.30
N ASN H 258 20.44 -18.33 -32.28
CA ASN H 258 19.49 -19.42 -32.33
C ASN H 258 18.07 -18.96 -32.30
N ALA H 259 17.83 -17.66 -32.27
CA ALA H 259 16.49 -17.10 -32.38
C ALA H 259 16.31 -16.20 -33.59
N GLY H 260 17.34 -15.50 -34.01
CA GLY H 260 17.21 -14.56 -35.11
C GLY H 260 17.22 -13.12 -34.62
N LEU H 261 17.42 -12.21 -35.57
CA LEU H 261 17.41 -10.80 -35.27
C LEU H 261 16.11 -10.20 -35.83
N GLY H 262 16.15 -8.96 -36.26
CA GLY H 262 15.00 -8.32 -36.85
C GLY H 262 15.43 -7.18 -37.75
N TYR H 263 14.55 -6.19 -37.89
CA TYR H 263 14.78 -5.12 -38.84
C TYR H 263 15.81 -4.09 -38.39
N VAL H 264 16.12 -4.01 -37.08
CA VAL H 264 17.28 -3.22 -36.68
C VAL H 264 18.50 -3.69 -37.46
N HIS H 265 18.74 -5.00 -37.48
CA HIS H 265 19.91 -5.56 -38.14
C HIS H 265 19.75 -5.59 -39.67
N ALA H 266 18.57 -5.99 -40.15
CA ALA H 266 18.29 -5.92 -41.58
C ALA H 266 18.59 -4.53 -42.15
N ILE H 267 18.12 -3.48 -41.47
CA ILE H 267 18.35 -2.12 -41.94
C ILE H 267 19.79 -1.67 -41.67
N ALA H 268 20.34 -2.03 -40.50
CA ALA H 268 21.71 -1.58 -40.18
C ALA H 268 22.76 -2.25 -41.05
N HIS H 269 22.48 -3.41 -41.64
CA HIS H 269 23.39 -4.04 -42.58
C HIS H 269 23.44 -3.29 -43.91
N GLN H 270 22.43 -2.47 -44.20
CA GLN H 270 22.42 -1.73 -45.45
C GLN H 270 23.05 -0.36 -45.31
N LEU H 271 23.02 0.24 -44.12
CA LEU H 271 23.74 1.48 -43.89
C LEU H 271 25.21 1.26 -43.61
N GLY H 272 25.59 0.07 -43.16
CA GLY H 272 27.00 -0.29 -43.15
C GLY H 272 27.50 -0.57 -44.55
N GLY H 273 26.64 -1.17 -45.39
CA GLY H 273 26.99 -1.36 -46.79
C GLY H 273 27.25 -0.06 -47.51
N PHE H 274 26.35 0.92 -47.37
CA PHE H 274 26.51 2.19 -48.06
C PHE H 274 27.60 3.05 -47.43
N TYR H 275 27.40 3.46 -46.19
CA TYR H 275 28.15 4.55 -45.59
C TYR H 275 29.26 4.08 -44.65
N ASN H 276 29.47 2.77 -44.56
CA ASN H 276 30.59 2.22 -43.80
C ASN H 276 30.57 2.64 -42.33
N PHE H 277 29.38 2.74 -41.78
CA PHE H 277 29.27 3.23 -40.40
C PHE H 277 29.57 2.12 -39.41
N PRO H 278 30.02 2.46 -38.20
CA PRO H 278 30.23 1.42 -37.16
C PRO H 278 28.94 0.63 -36.92
N HIS H 279 29.09 -0.69 -36.86
CA HIS H 279 27.93 -1.56 -36.82
C HIS H 279 27.04 -1.26 -35.60
N GLY H 280 27.65 -1.09 -34.43
CA GLY H 280 26.88 -0.84 -33.22
C GLY H 280 26.24 0.53 -33.19
N VAL H 281 26.86 1.52 -33.85
CA VAL H 281 26.22 2.83 -33.91
C VAL H 281 25.01 2.78 -34.84
N CYS H 282 25.03 1.90 -35.84
CA CYS H 282 23.85 1.74 -36.68
C CYS H 282 22.69 1.20 -35.85
N ASN H 283 22.94 0.12 -35.11
CA ASN H 283 21.92 -0.44 -34.23
C ASN H 283 21.50 0.57 -33.16
N ALA H 284 22.48 1.26 -32.55
CA ALA H 284 22.15 2.20 -31.48
C ALA H 284 21.17 3.27 -31.98
N VAL H 285 21.39 3.79 -33.18
CA VAL H 285 20.49 4.81 -33.71
C VAL H 285 19.15 4.22 -34.15
N LEU H 286 19.15 2.99 -34.67
CA LEU H 286 17.93 2.40 -35.24
C LEU H 286 17.04 1.73 -34.18
N LEU H 287 17.65 1.12 -33.16
CA LEU H 287 16.94 0.29 -32.18
C LEU H 287 15.62 0.88 -31.68
N PRO H 288 15.56 2.12 -31.17
CA PRO H 288 14.28 2.63 -30.67
C PRO H 288 13.24 2.81 -31.76
N TYR H 289 13.63 3.12 -33.00
CA TYR H 289 12.62 3.33 -34.02
C TYR H 289 11.98 2.00 -34.44
N VAL H 290 12.77 0.91 -34.46
CA VAL H 290 12.24 -0.40 -34.81
C VAL H 290 11.41 -1.00 -33.68
N CYS H 291 11.79 -0.71 -32.42
CA CYS H 291 10.98 -1.16 -31.28
C CYS H 291 9.62 -0.48 -31.26
N ARG H 292 9.59 0.83 -31.54
CA ARG H 292 8.31 1.51 -31.65
C ARG H 292 7.45 0.87 -32.74
N PHE H 293 8.09 0.43 -33.84
CA PHE H 293 7.37 -0.23 -34.93
C PHE H 293 6.81 -1.59 -34.48
N ASN H 294 7.60 -2.38 -33.75
CA ASN H 294 7.17 -3.77 -33.41
C ASN H 294 6.27 -3.82 -32.17
N LEU H 295 6.16 -2.73 -31.42
CA LEU H 295 5.38 -2.71 -30.15
C LEU H 295 4.08 -3.52 -30.25
N ILE H 296 3.18 -3.17 -31.16
CA ILE H 296 1.84 -3.84 -31.22
C ILE H 296 1.96 -5.35 -31.40
N SER H 297 3.11 -5.85 -31.84
CA SER H 297 3.27 -7.31 -32.11
C SER H 297 3.80 -8.02 -30.88
N LYS H 298 4.44 -7.29 -30.00
CA LYS H 298 5.14 -7.93 -28.89
C LYS H 298 5.05 -7.08 -27.61
N VAL H 299 3.83 -6.67 -27.24
CA VAL H 299 3.75 -5.60 -26.25
C VAL H 299 4.15 -6.10 -24.87
N GLU H 300 3.80 -7.34 -24.54
CA GLU H 300 4.20 -7.91 -23.27
C GLU H 300 5.72 -7.98 -23.12
N ARG H 301 6.41 -8.39 -24.18
CA ARG H 301 7.84 -8.63 -24.02
C ARG H 301 8.61 -7.33 -23.91
N TYR H 302 8.13 -6.27 -24.58
CA TYR H 302 8.77 -4.97 -24.39
C TYR H 302 8.49 -4.41 -22.99
N ALA H 303 7.31 -4.70 -22.44
CA ALA H 303 7.05 -4.33 -21.05
C ALA H 303 8.01 -5.04 -20.11
N GLU H 304 8.26 -6.34 -20.34
CA GLU H 304 9.26 -7.06 -19.56
C GLU H 304 10.64 -6.47 -19.75
N ILE H 305 10.97 -6.08 -20.98
CA ILE H 305 12.27 -5.47 -21.25
C ILE H 305 12.45 -4.16 -20.47
N ALA H 306 11.36 -3.41 -20.27
CA ALA H 306 11.42 -2.23 -19.41
C ALA H 306 11.85 -2.56 -17.99
N ALA H 307 11.31 -3.65 -17.43
CA ALA H 307 11.71 -4.06 -16.10
C ALA H 307 13.16 -4.55 -16.09
N PHE H 308 13.56 -5.33 -17.10
CA PHE H 308 14.96 -5.75 -17.19
C PHE H 308 15.90 -4.57 -17.25
N LEU H 309 15.53 -3.51 -17.98
CA LEU H 309 16.35 -2.31 -18.06
C LEU H 309 16.29 -1.48 -16.81
N GLY H 310 15.49 -1.89 -15.83
CA GLY H 310 15.48 -1.26 -14.55
C GLY H 310 14.42 -0.21 -14.35
N GLU H 311 13.46 -0.08 -15.27
CA GLU H 311 12.35 0.85 -15.10
C GLU H 311 11.37 0.34 -14.06
N ASN H 312 10.83 1.26 -13.27
CA ASN H 312 9.68 0.95 -12.45
C ASN H 312 8.43 0.96 -13.32
N VAL H 313 7.66 -0.14 -13.28
CA VAL H 313 6.46 -0.24 -14.10
C VAL H 313 5.18 -0.33 -13.27
N ASP H 314 5.27 -0.20 -11.94
CA ASP H 314 4.09 -0.34 -11.10
C ASP H 314 2.99 0.61 -11.54
N GLY H 315 1.76 0.08 -11.61
CA GLY H 315 0.59 0.86 -11.94
C GLY H 315 0.36 1.16 -13.40
N LEU H 316 1.11 0.52 -14.30
CA LEU H 316 1.07 0.83 -15.73
C LEU H 316 0.38 -0.27 -16.52
N SER H 317 -0.45 0.14 -17.47
CA SER H 317 -0.86 -0.79 -18.51
C SER H 317 0.37 -1.40 -19.17
N THR H 318 0.19 -2.60 -19.73
CA THR H 318 1.23 -3.22 -20.54
C THR H 318 1.76 -2.25 -21.58
N TYR H 319 0.85 -1.53 -22.23
CA TYR H 319 1.24 -0.63 -23.31
C TYR H 319 2.13 0.50 -22.79
N ASP H 320 1.80 1.05 -21.62
CA ASP H 320 2.56 2.19 -21.12
C ASP H 320 3.90 1.75 -20.57
N ALA H 321 4.01 0.49 -20.13
CA ALA H 321 5.29 -0.02 -19.66
C ALA H 321 6.23 -0.30 -20.83
N ALA H 322 5.73 -1.01 -21.86
CA ALA H 322 6.47 -1.19 -23.11
C ALA H 322 7.01 0.13 -23.65
N GLU H 323 6.23 1.21 -23.55
CA GLU H 323 6.72 2.51 -23.98
C GLU H 323 7.92 2.94 -23.17
N LYS H 324 7.93 2.66 -21.87
CA LYS H 324 9.05 3.05 -21.03
C LYS H 324 10.34 2.36 -21.41
N ALA H 325 10.25 1.13 -21.92
CA ALA H 325 11.44 0.45 -22.41
C ALA H 325 12.13 1.29 -23.47
N ILE H 326 11.37 1.77 -24.45
CA ILE H 326 11.95 2.54 -25.55
C ILE H 326 12.56 3.83 -25.04
N LYS H 327 11.99 4.42 -23.99
CA LYS H 327 12.62 5.61 -23.42
C LYS H 327 13.93 5.25 -22.72
N ALA H 328 13.99 4.08 -22.09
CA ALA H 328 15.23 3.68 -21.42
C ALA H 328 16.32 3.30 -22.42
N ILE H 329 15.94 2.69 -23.55
CA ILE H 329 16.90 2.48 -24.62
C ILE H 329 17.43 3.82 -25.11
N GLU H 330 16.52 4.79 -25.33
CA GLU H 330 16.90 6.13 -25.77
C GLU H 330 17.84 6.81 -24.77
N ARG H 331 17.46 6.79 -23.48
CA ARG H 331 18.28 7.42 -22.46
C ARG H 331 19.68 6.81 -22.42
N MET H 332 19.78 5.49 -22.57
CA MET H 332 21.09 4.87 -22.52
C MET H 332 21.97 5.33 -23.68
N ALA H 333 21.41 5.34 -24.91
CA ALA H 333 22.18 5.79 -26.06
C ALA H 333 22.64 7.23 -25.87
N LYS H 334 21.76 8.09 -25.38
CA LYS H 334 22.14 9.48 -25.11
C LYS H 334 23.29 9.55 -24.11
N ASP H 335 23.17 8.82 -23.01
CA ASP H 335 24.19 8.92 -21.93
C ASP H 335 25.53 8.37 -22.41
N LEU H 336 25.53 7.45 -23.38
CA LEU H 336 26.81 6.82 -23.80
C LEU H 336 27.30 7.47 -25.10
N ASN H 337 27.09 8.77 -25.27
CA ASN H 337 27.57 9.51 -26.46
C ASN H 337 27.29 8.72 -27.73
N ILE H 338 26.04 8.72 -28.18
CA ILE H 338 25.69 8.01 -29.44
C ILE H 338 24.93 8.98 -30.34
N PRO H 339 25.34 9.17 -31.61
CA PRO H 339 24.69 10.11 -32.52
C PRO H 339 23.18 9.92 -32.54
N LYS H 340 22.43 10.97 -32.86
CA LYS H 340 20.98 10.86 -32.79
C LYS H 340 20.33 10.50 -34.13
N GLY H 341 20.97 10.84 -35.25
CA GLY H 341 20.42 10.51 -36.55
C GLY H 341 21.49 10.04 -37.51
N PHE H 342 21.12 9.82 -38.77
CA PHE H 342 22.08 9.42 -39.79
C PHE H 342 22.45 10.54 -40.73
N LYS H 343 21.55 11.52 -40.96
CA LYS H 343 21.87 12.63 -41.83
C LYS H 343 23.15 13.33 -41.38
N GLU H 344 23.44 13.30 -40.08
CA GLU H 344 24.63 13.95 -39.55
C GLU H 344 25.87 13.09 -39.70
N LEU H 345 25.73 11.77 -39.66
CA LEU H 345 26.88 10.90 -39.92
C LEU H 345 27.24 10.87 -41.39
N GLY H 346 26.31 11.26 -42.27
CA GLY H 346 26.59 11.32 -43.69
C GLY H 346 25.55 10.70 -44.61
N ALA H 347 24.58 9.97 -44.05
CA ALA H 347 23.55 9.33 -44.88
C ALA H 347 22.80 10.37 -45.72
N LYS H 348 22.18 9.89 -46.80
CA LYS H 348 21.55 10.76 -47.79
C LYS H 348 20.19 10.21 -48.22
N GLU H 349 19.19 11.11 -48.30
CA GLU H 349 17.79 10.76 -48.44
C GLU H 349 17.42 10.17 -49.80
N GLU H 350 18.36 10.09 -50.74
CA GLU H 350 18.10 9.51 -52.06
C GLU H 350 18.29 8.01 -52.08
N ASP H 351 19.06 7.46 -51.14
CA ASP H 351 19.38 6.05 -51.09
C ASP H 351 18.34 5.24 -50.31
N ILE H 352 17.40 5.92 -49.64
CA ILE H 352 16.48 5.25 -48.70
C ILE H 352 15.75 4.11 -49.38
N GLU H 353 15.27 4.34 -50.60
CA GLU H 353 14.46 3.34 -51.29
C GLU H 353 15.27 2.09 -51.60
N THR H 354 16.53 2.26 -52.01
CA THR H 354 17.39 1.11 -52.26
C THR H 354 17.82 0.48 -50.95
N LEU H 355 17.92 1.28 -49.88
CA LEU H 355 18.22 0.74 -48.57
C LEU H 355 17.05 -0.09 -48.04
N ALA H 356 15.84 0.47 -48.09
CA ALA H 356 14.66 -0.30 -47.71
C ALA H 356 14.49 -1.55 -48.56
N LYS H 357 14.93 -1.51 -49.82
CA LYS H 357 14.85 -2.67 -50.71
C LYS H 357 15.80 -3.77 -50.27
N ASN H 358 17.08 -3.45 -50.10
CA ASN H 358 18.05 -4.45 -49.68
C ASN H 358 17.71 -5.01 -48.30
N ALA H 359 17.11 -4.18 -47.44
CA ALA H 359 16.81 -4.55 -46.06
C ALA H 359 15.77 -5.67 -45.99
N MET H 360 14.72 -5.57 -46.82
CA MET H 360 13.74 -6.65 -46.89
C MET H 360 14.32 -7.92 -47.51
N LYS H 361 15.47 -7.83 -48.19
CA LYS H 361 16.13 -9.01 -48.74
C LYS H 361 17.03 -9.70 -47.72
N ASP H 362 17.60 -8.94 -46.79
CA ASP H 362 18.36 -9.50 -45.67
C ASP H 362 17.56 -10.61 -44.99
N ALA H 363 18.25 -11.70 -44.61
CA ALA H 363 17.56 -12.80 -43.94
C ALA H 363 17.15 -12.41 -42.53
N CYS H 364 17.89 -11.48 -41.91
CA CYS H 364 17.57 -11.02 -40.56
C CYS H 364 16.17 -10.45 -40.47
N ALA H 365 15.61 -9.97 -41.57
CA ALA H 365 14.23 -9.48 -41.54
C ALA H 365 13.21 -10.60 -41.39
N LEU H 366 13.61 -11.87 -41.52
CA LEU H 366 12.63 -12.95 -41.55
C LEU H 366 12.07 -13.28 -40.17
N THR H 367 12.83 -13.05 -39.10
CA THR H 367 12.36 -13.34 -37.75
C THR H 367 11.82 -12.11 -37.03
N ASN H 368 11.85 -10.93 -37.68
CA ASN H 368 11.24 -9.75 -37.10
C ASN H 368 9.76 -10.02 -36.84
N PRO H 369 9.20 -9.51 -35.71
CA PRO H 369 7.85 -9.94 -35.31
C PRO H 369 6.73 -9.18 -35.99
N ARG H 370 6.97 -7.98 -36.50
CA ARG H 370 5.97 -7.27 -37.30
C ARG H 370 6.42 -7.28 -38.76
N LYS H 371 5.49 -7.59 -39.66
CA LYS H 371 5.82 -7.81 -41.06
C LYS H 371 5.56 -6.54 -41.87
N PRO H 372 6.59 -5.82 -42.29
CA PRO H 372 6.39 -4.49 -42.88
C PRO H 372 6.10 -4.50 -44.38
N LYS H 373 5.29 -3.51 -44.80
CA LYS H 373 5.29 -3.07 -46.18
C LYS H 373 6.57 -2.28 -46.45
N LEU H 374 7.02 -2.29 -47.70
CA LEU H 374 8.21 -1.51 -48.04
C LEU H 374 8.04 -0.06 -47.60
N GLU H 375 6.84 0.50 -47.79
CA GLU H 375 6.59 1.88 -47.39
C GLU H 375 6.89 2.09 -45.91
N GLU H 376 6.59 1.09 -45.08
CA GLU H 376 6.85 1.20 -43.64
C GLU H 376 8.35 1.09 -43.33
N VAL H 377 9.07 0.24 -44.07
CA VAL H 377 10.54 0.20 -43.94
C VAL H 377 11.14 1.51 -44.40
N ILE H 378 10.47 2.21 -45.32
CA ILE H 378 10.98 3.50 -45.80
C ILE H 378 10.83 4.56 -44.71
N GLN H 379 9.72 4.52 -43.98
CA GLN H 379 9.53 5.54 -42.96
C GLN H 379 10.54 5.38 -41.84
N ILE H 380 10.86 4.14 -41.45
CA ILE H 380 11.79 3.91 -40.35
C ILE H 380 13.17 4.47 -40.70
N ILE H 381 13.61 4.32 -41.95
CA ILE H 381 14.88 4.91 -42.31
C ILE H 381 14.78 6.43 -42.25
N LYS H 382 13.58 6.97 -42.51
CA LYS H 382 13.38 8.42 -42.51
C LYS H 382 13.37 9.00 -41.09
N ASN H 383 12.62 8.37 -40.18
CA ASN H 383 12.64 8.80 -38.78
C ASN H 383 14.05 8.84 -38.21
N ALA H 384 14.92 7.92 -38.63
CA ALA H 384 16.28 7.81 -38.12
C ALA H 384 17.23 8.82 -38.74
N MET H 385 16.74 9.75 -39.56
CA MET H 385 17.56 10.80 -40.14
C MET H 385 17.61 12.06 -39.27
N LEU H 386 16.42 12.56 -38.89
CA LEU H 386 16.16 13.78 -38.08
C LEU H 386 17.39 14.61 -37.65
N ASN I 3 -42.69 -7.42 -20.14
CA ASN I 3 -42.09 -8.66 -19.65
C ASN I 3 -40.56 -8.66 -19.75
N THR I 4 -39.94 -9.45 -18.89
CA THR I 4 -38.49 -9.57 -18.89
C THR I 4 -37.98 -10.58 -19.91
N GLN I 5 -38.82 -11.01 -20.86
CA GLN I 5 -38.46 -12.13 -21.73
C GLN I 5 -37.35 -11.77 -22.68
N SER I 6 -36.53 -12.76 -22.99
CA SER I 6 -35.48 -12.66 -24.00
C SER I 6 -35.34 -14.01 -24.66
N ALA I 7 -34.47 -14.07 -25.67
CA ALA I 7 -34.33 -15.29 -26.44
C ALA I 7 -32.96 -15.31 -27.06
N PHE I 8 -32.38 -16.50 -27.12
CA PHE I 8 -31.05 -16.69 -27.67
C PHE I 8 -31.17 -17.53 -28.94
N PHE I 9 -30.65 -17.01 -30.06
CA PHE I 9 -30.67 -17.68 -31.36
C PHE I 9 -29.25 -17.97 -31.83
N MET I 10 -29.10 -19.13 -32.49
CA MET I 10 -27.77 -19.57 -32.94
C MET I 10 -27.88 -20.77 -33.86
N PRO I 11 -27.03 -20.89 -34.89
CA PRO I 11 -26.96 -22.16 -35.63
C PRO I 11 -26.67 -23.31 -34.67
N SER I 12 -27.45 -24.39 -34.82
CA SER I 12 -27.42 -25.50 -33.86
C SER I 12 -26.18 -26.39 -34.00
N VAL I 13 -25.40 -26.24 -35.05
CA VAL I 13 -24.10 -26.87 -35.18
C VAL I 13 -23.15 -25.83 -35.72
N ASN I 14 -21.97 -25.71 -35.11
CA ASN I 14 -20.96 -24.72 -35.50
C ASN I 14 -19.58 -25.31 -35.33
N LEU I 15 -18.75 -25.22 -36.36
CA LEU I 15 -17.47 -25.91 -36.40
C LEU I 15 -16.34 -24.90 -36.32
N PHE I 16 -15.42 -25.12 -35.38
CA PHE I 16 -14.27 -24.24 -35.17
C PHE I 16 -12.99 -25.05 -35.33
N GLY I 17 -11.92 -24.35 -35.66
CA GLY I 17 -10.60 -24.95 -35.68
C GLY I 17 -10.07 -25.12 -37.10
N ALA I 18 -8.74 -25.21 -37.18
CA ALA I 18 -8.07 -25.37 -38.46
C ALA I 18 -8.46 -26.68 -39.13
N GLY I 19 -8.69 -26.61 -40.44
CA GLY I 19 -9.13 -27.75 -41.20
C GLY I 19 -10.62 -28.02 -41.20
N SER I 20 -11.41 -27.30 -40.40
CA SER I 20 -12.82 -27.60 -40.27
C SER I 20 -13.60 -27.47 -41.58
N VAL I 21 -13.05 -26.85 -42.62
CA VAL I 21 -13.82 -26.60 -43.83
C VAL I 21 -14.04 -27.88 -44.64
N ASN I 22 -13.18 -28.88 -44.48
CA ASN I 22 -13.28 -30.14 -45.20
C ASN I 22 -14.58 -30.90 -44.91
N GLU I 23 -15.33 -30.49 -43.89
CA GLU I 23 -16.58 -31.16 -43.59
C GLU I 23 -17.78 -30.61 -44.37
N VAL I 24 -17.62 -29.50 -45.12
CA VAL I 24 -18.81 -28.87 -45.69
C VAL I 24 -19.52 -29.79 -46.67
N GLY I 25 -18.77 -30.65 -47.36
CA GLY I 25 -19.40 -31.57 -48.30
C GLY I 25 -20.15 -32.68 -47.60
N THR I 26 -19.48 -33.35 -46.64
CA THR I 26 -20.16 -34.38 -45.86
C THR I 26 -21.38 -33.81 -45.15
N ARG I 27 -21.27 -32.57 -44.65
CA ARG I 27 -22.35 -31.94 -43.88
C ARG I 27 -23.55 -31.57 -44.75
N LEU I 28 -23.28 -31.11 -45.99
CA LEU I 28 -24.36 -30.81 -46.93
C LEU I 28 -25.13 -32.07 -47.30
N ALA I 29 -24.41 -33.18 -47.50
CA ALA I 29 -25.02 -34.42 -47.91
C ALA I 29 -26.06 -34.88 -46.91
N ASP I 30 -25.73 -34.85 -45.61
CA ASP I 30 -26.60 -35.41 -44.58
C ASP I 30 -27.90 -34.63 -44.45
N LEU I 31 -27.94 -33.38 -44.92
CA LEU I 31 -29.21 -32.67 -44.99
C LEU I 31 -30.16 -33.32 -45.99
N GLY I 32 -29.62 -33.81 -47.11
CA GLY I 32 -30.43 -34.35 -48.19
C GLY I 32 -30.57 -33.43 -49.38
N VAL I 33 -29.73 -32.41 -49.47
CA VAL I 33 -29.80 -31.45 -50.57
C VAL I 33 -28.92 -31.95 -51.71
N LYS I 34 -29.20 -31.47 -52.92
CA LYS I 34 -28.55 -31.99 -54.11
C LYS I 34 -27.72 -30.94 -54.83
N LYS I 35 -28.29 -29.80 -55.20
CA LYS I 35 -27.56 -28.76 -55.92
C LYS I 35 -27.53 -27.49 -55.08
N ALA I 36 -26.32 -27.08 -54.68
CA ALA I 36 -26.14 -25.88 -53.87
C ALA I 36 -25.57 -24.76 -54.72
N LEU I 37 -26.01 -23.54 -54.41
CA LEU I 37 -25.49 -22.33 -55.05
C LEU I 37 -24.39 -21.75 -54.17
N LEU I 38 -23.15 -21.81 -54.64
CA LEU I 38 -22.00 -21.29 -53.90
C LEU I 38 -21.91 -19.79 -54.12
N VAL I 39 -22.15 -19.01 -53.06
CA VAL I 39 -22.19 -17.55 -53.11
C VAL I 39 -20.90 -17.02 -52.48
N THR I 40 -20.14 -16.27 -53.25
CA THR I 40 -18.87 -15.70 -52.80
C THR I 40 -18.72 -14.35 -53.49
N ASP I 41 -17.54 -13.74 -53.37
CA ASP I 41 -17.30 -12.47 -54.02
C ASP I 41 -16.21 -12.62 -55.08
N ALA I 42 -16.06 -11.56 -55.89
CA ALA I 42 -15.13 -11.60 -57.01
C ALA I 42 -13.69 -11.83 -56.55
N GLY I 43 -13.31 -11.25 -55.41
CA GLY I 43 -11.95 -11.41 -54.92
C GLY I 43 -11.66 -12.81 -54.43
N LEU I 44 -12.60 -13.42 -53.71
CA LEU I 44 -12.38 -14.78 -53.23
C LEU I 44 -12.39 -15.77 -54.39
N HIS I 45 -13.35 -15.61 -55.31
CA HIS I 45 -13.35 -16.39 -56.54
C HIS I 45 -12.04 -16.22 -57.29
N GLY I 46 -11.55 -14.98 -57.37
CA GLY I 46 -10.29 -14.73 -58.06
C GLY I 46 -9.11 -15.46 -57.45
N LEU I 47 -8.98 -15.42 -56.12
CA LEU I 47 -7.92 -16.18 -55.48
C LEU I 47 -8.11 -17.68 -55.62
N GLY I 48 -9.28 -18.11 -56.11
CA GLY I 48 -9.54 -19.49 -56.43
C GLY I 48 -10.06 -20.31 -55.27
N LEU I 49 -10.29 -19.68 -54.12
CA LEU I 49 -10.87 -20.39 -52.98
C LEU I 49 -12.14 -21.13 -53.39
N SER I 50 -13.05 -20.44 -54.09
CA SER I 50 -14.34 -21.01 -54.47
C SER I 50 -14.21 -22.36 -55.17
N GLU I 51 -13.16 -22.54 -55.97
CA GLU I 51 -12.95 -23.82 -56.64
C GLU I 51 -12.42 -24.87 -55.67
N LYS I 52 -11.37 -24.51 -54.91
CA LYS I 52 -10.85 -25.43 -53.88
C LYS I 52 -11.94 -25.83 -52.89
N ILE I 53 -12.85 -24.92 -52.56
CA ILE I 53 -14.06 -25.29 -51.82
C ILE I 53 -14.88 -26.31 -52.61
N SER I 54 -15.29 -25.94 -53.84
CA SER I 54 -16.12 -26.81 -54.68
C SER I 54 -15.56 -28.23 -54.80
N SER I 55 -14.24 -28.39 -54.76
CA SER I 55 -13.63 -29.72 -54.85
C SER I 55 -14.07 -30.62 -53.70
N ILE I 56 -14.34 -30.02 -52.53
CA ILE I 56 -14.77 -30.73 -51.34
C ILE I 56 -16.29 -31.00 -51.35
N ILE I 57 -17.08 -30.11 -51.94
CA ILE I 57 -18.54 -30.29 -52.00
C ILE I 57 -18.95 -31.29 -53.09
N ARG I 58 -18.18 -31.33 -54.17
CA ARG I 58 -18.49 -32.28 -55.26
C ARG I 58 -18.15 -33.70 -54.79
N ALA I 59 -17.02 -33.88 -54.10
CA ALA I 59 -16.57 -35.23 -53.68
C ALA I 59 -17.47 -35.78 -52.58
N ALA I 60 -18.77 -35.70 -52.77
CA ALA I 60 -19.74 -36.16 -51.74
C ALA I 60 -21.13 -36.19 -52.38
N GLY I 61 -21.20 -35.88 -53.67
CA GLY I 61 -22.48 -36.00 -54.38
C GLY I 61 -23.33 -34.75 -54.29
N VAL I 62 -22.69 -33.59 -54.20
CA VAL I 62 -23.47 -32.36 -54.20
C VAL I 62 -23.04 -31.50 -55.36
N GLU I 63 -24.01 -30.98 -56.10
CA GLU I 63 -23.77 -30.04 -57.18
C GLU I 63 -23.45 -28.66 -56.61
N VAL I 64 -22.47 -27.99 -57.21
CA VAL I 64 -22.16 -26.62 -56.83
C VAL I 64 -22.11 -25.77 -58.09
N SER I 65 -23.03 -24.84 -58.19
CA SER I 65 -23.01 -23.78 -59.20
C SER I 65 -22.40 -22.55 -58.54
N ILE I 66 -21.19 -22.17 -58.97
CA ILE I 66 -20.51 -21.01 -58.38
C ILE I 66 -21.19 -19.72 -58.85
N PHE I 67 -21.29 -18.75 -57.94
CA PHE I 67 -21.96 -17.48 -58.21
C PHE I 67 -21.17 -16.37 -57.54
N PRO I 68 -20.00 -16.02 -58.09
CA PRO I 68 -19.11 -15.09 -57.40
C PRO I 68 -19.47 -13.62 -57.55
N LYS I 69 -20.74 -13.26 -57.44
CA LYS I 69 -21.16 -11.91 -57.76
C LYS I 69 -21.74 -11.19 -56.54
N ALA I 70 -21.14 -11.39 -55.37
CA ALA I 70 -21.49 -10.62 -54.18
C ALA I 70 -20.45 -9.52 -54.00
N GLU I 71 -20.93 -8.28 -53.86
CA GLU I 71 -20.03 -7.14 -53.74
C GLU I 71 -19.87 -6.73 -52.28
N PRO I 72 -18.68 -6.24 -51.91
CA PRO I 72 -18.55 -5.52 -50.63
C PRO I 72 -19.64 -4.49 -50.40
N ASN I 73 -20.38 -4.62 -49.29
CA ASN I 73 -21.66 -3.96 -49.01
C ASN I 73 -22.65 -4.46 -50.05
N PRO I 74 -23.15 -5.69 -49.91
CA PRO I 74 -23.89 -6.31 -51.02
C PRO I 74 -25.20 -5.60 -51.32
N THR I 75 -25.60 -5.64 -52.59
CA THR I 75 -26.67 -4.81 -53.12
C THR I 75 -27.95 -5.61 -53.31
N ASP I 76 -29.09 -4.90 -53.24
CA ASP I 76 -30.38 -5.49 -53.59
C ASP I 76 -30.39 -6.02 -55.00
N LYS I 77 -29.53 -5.48 -55.87
CA LYS I 77 -29.39 -5.99 -57.22
C LYS I 77 -28.72 -7.36 -57.22
N ASN I 78 -27.66 -7.53 -56.43
CA ASN I 78 -26.94 -8.80 -56.40
C ASN I 78 -27.83 -9.96 -55.96
N VAL I 79 -28.79 -9.69 -55.07
CA VAL I 79 -29.62 -10.76 -54.50
C VAL I 79 -30.62 -11.26 -55.51
N ALA I 80 -31.28 -10.34 -56.23
CA ALA I 80 -32.27 -10.74 -57.23
C ALA I 80 -31.61 -11.47 -58.38
N GLU I 81 -30.40 -11.04 -58.78
CA GLU I 81 -29.62 -11.84 -59.71
C GLU I 81 -29.26 -13.19 -59.12
N GLY I 82 -28.95 -13.22 -57.82
CA GLY I 82 -28.62 -14.49 -57.18
C GLY I 82 -29.74 -15.49 -57.25
N LEU I 83 -30.97 -15.00 -57.07
CA LEU I 83 -32.14 -15.85 -57.27
C LEU I 83 -32.18 -16.39 -58.69
N GLU I 84 -31.76 -15.58 -59.68
CA GLU I 84 -31.79 -16.00 -61.08
C GLU I 84 -30.84 -17.16 -61.33
N ALA I 85 -29.59 -17.05 -60.87
CA ALA I 85 -28.70 -18.20 -60.96
C ALA I 85 -29.16 -19.35 -60.08
N TYR I 86 -29.92 -19.05 -59.02
CA TYR I 86 -30.42 -20.09 -58.13
C TYR I 86 -31.45 -20.95 -58.84
N ASN I 87 -32.51 -20.32 -59.38
CA ASN I 87 -33.59 -21.04 -60.04
C ASN I 87 -33.14 -21.64 -61.36
N ALA I 88 -32.44 -20.84 -62.19
CA ALA I 88 -32.05 -21.32 -63.52
C ALA I 88 -31.20 -22.58 -63.44
N GLU I 89 -30.27 -22.62 -62.49
CA GLU I 89 -29.41 -23.80 -62.32
C GLU I 89 -30.15 -24.82 -61.45
N ASN I 90 -31.39 -24.49 -61.07
CA ASN I 90 -32.19 -25.41 -60.21
C ASN I 90 -31.35 -25.83 -58.99
N CYS I 91 -31.31 -24.99 -57.96
CA CYS I 91 -30.53 -25.28 -56.73
C CYS I 91 -31.48 -25.45 -55.54
N ASP I 92 -31.16 -26.34 -54.59
CA ASP I 92 -32.08 -26.63 -53.45
C ASP I 92 -31.42 -26.22 -52.14
N SER I 93 -30.25 -25.61 -52.21
CA SER I 93 -29.51 -25.21 -51.03
C SER I 93 -28.49 -24.16 -51.45
N ILE I 94 -27.92 -23.48 -50.45
CA ILE I 94 -26.97 -22.40 -50.68
C ILE I 94 -25.81 -22.58 -49.71
N VAL I 95 -24.61 -22.28 -50.18
CA VAL I 95 -23.43 -22.27 -49.34
C VAL I 95 -22.72 -20.94 -49.54
N THR I 96 -22.48 -20.21 -48.44
CA THR I 96 -21.79 -18.94 -48.50
C THR I 96 -20.33 -19.15 -48.13
N LEU I 97 -19.45 -18.35 -48.73
CA LEU I 97 -18.02 -18.56 -48.60
C LEU I 97 -17.34 -17.18 -48.68
N GLY I 98 -16.95 -16.66 -47.52
CA GLY I 98 -16.31 -15.36 -47.47
C GLY I 98 -16.74 -14.48 -46.31
N GLY I 99 -16.71 -13.18 -46.54
CA GLY I 99 -17.00 -12.21 -45.50
C GLY I 99 -18.50 -12.08 -45.28
N GLY I 100 -18.86 -11.05 -44.50
CA GLY I 100 -20.25 -10.79 -44.21
C GLY I 100 -21.07 -10.47 -45.44
N SER I 101 -20.42 -10.05 -46.53
CA SER I 101 -21.15 -9.76 -47.77
C SER I 101 -21.70 -11.03 -48.40
N SER I 102 -20.84 -12.04 -48.59
CA SER I 102 -21.31 -13.33 -49.05
C SER I 102 -22.37 -13.90 -48.12
N HIS I 103 -22.18 -13.75 -46.82
CA HIS I 103 -23.14 -14.33 -45.89
C HIS I 103 -24.52 -13.69 -46.04
N ASP I 104 -24.56 -12.36 -46.14
CA ASP I 104 -25.86 -11.69 -46.25
C ASP I 104 -26.47 -11.88 -47.63
N ALA I 105 -25.64 -11.84 -48.68
CA ALA I 105 -26.14 -12.10 -50.03
C ALA I 105 -26.74 -13.50 -50.12
N GLY I 106 -26.04 -14.50 -49.58
CA GLY I 106 -26.62 -15.83 -49.49
C GLY I 106 -27.85 -15.90 -48.60
N LYS I 107 -27.82 -15.19 -47.47
CA LYS I 107 -28.96 -15.19 -46.56
C LYS I 107 -30.21 -14.67 -47.26
N ALA I 108 -30.06 -13.61 -48.03
CA ALA I 108 -31.21 -12.98 -48.68
C ALA I 108 -31.72 -13.83 -49.85
N ILE I 109 -30.81 -14.40 -50.66
CA ILE I 109 -31.22 -15.30 -51.74
C ILE I 109 -32.02 -16.46 -51.20
N ALA I 110 -31.50 -17.12 -50.17
CA ALA I 110 -32.21 -18.26 -49.60
C ALA I 110 -33.54 -17.87 -48.99
N LEU I 111 -33.67 -16.64 -48.47
CA LEU I 111 -34.96 -16.25 -47.90
C LEU I 111 -36.02 -16.19 -48.99
N VAL I 112 -35.79 -15.35 -50.02
CA VAL I 112 -36.76 -15.19 -51.10
C VAL I 112 -36.93 -16.46 -51.93
N ALA I 113 -36.08 -17.46 -51.73
CA ALA I 113 -36.24 -18.80 -52.30
C ALA I 113 -37.17 -19.69 -51.45
N ALA I 114 -38.03 -19.07 -50.65
CA ALA I 114 -39.04 -19.78 -49.88
C ALA I 114 -40.14 -18.79 -49.50
N ASN I 115 -39.89 -17.49 -49.77
CA ASN I 115 -40.83 -16.43 -49.43
C ASN I 115 -41.14 -15.51 -50.61
N GLY I 116 -40.74 -15.88 -51.83
CA GLY I 116 -41.24 -15.23 -53.04
C GLY I 116 -40.83 -13.81 -53.35
N GLY I 117 -41.28 -12.85 -52.53
CA GLY I 117 -41.27 -11.43 -52.87
C GLY I 117 -39.94 -10.73 -53.03
N LYS I 118 -39.94 -9.41 -52.85
CA LYS I 118 -38.71 -8.63 -52.96
C LYS I 118 -37.92 -8.70 -51.66
N ILE I 119 -36.60 -8.55 -51.78
CA ILE I 119 -35.77 -8.51 -50.59
C ILE I 119 -36.11 -7.27 -49.76
N HIS I 120 -36.60 -6.21 -50.41
CA HIS I 120 -36.98 -5.01 -49.67
C HIS I 120 -38.15 -5.26 -48.73
N ASP I 121 -38.99 -6.27 -49.02
CA ASP I 121 -40.23 -6.49 -48.29
C ASP I 121 -40.02 -6.88 -46.84
N TYR I 122 -38.80 -7.27 -46.46
CA TYR I 122 -38.54 -7.87 -45.15
C TYR I 122 -37.77 -6.95 -44.21
N GLU I 123 -37.47 -5.72 -44.62
CA GLU I 123 -36.77 -4.79 -43.76
C GLU I 123 -37.54 -4.55 -42.47
N GLY I 124 -36.83 -4.58 -41.35
CA GLY I 124 -37.40 -4.62 -40.02
C GLY I 124 -37.09 -5.93 -39.32
N VAL I 125 -37.80 -6.16 -38.22
CA VAL I 125 -37.53 -7.27 -37.31
C VAL I 125 -38.56 -8.38 -37.53
N ASP I 126 -38.09 -9.52 -38.02
CA ASP I 126 -38.89 -10.70 -38.34
C ASP I 126 -40.15 -10.33 -39.12
N VAL I 127 -39.91 -9.83 -40.34
CA VAL I 127 -41.02 -9.50 -41.23
C VAL I 127 -41.40 -10.69 -42.12
N SER I 128 -40.48 -11.60 -42.42
CA SER I 128 -40.78 -12.73 -43.27
C SER I 128 -41.64 -13.76 -42.53
N LYS I 129 -42.07 -14.78 -43.27
CA LYS I 129 -43.00 -15.77 -42.73
C LYS I 129 -42.45 -17.20 -42.70
N GLU I 130 -41.63 -17.60 -43.67
CA GLU I 130 -41.12 -18.97 -43.68
C GLU I 130 -39.60 -18.99 -43.55
N PRO I 131 -39.01 -20.13 -43.19
CA PRO I 131 -37.54 -20.23 -43.13
C PRO I 131 -36.92 -20.00 -44.50
N MET I 132 -35.61 -19.77 -44.50
CA MET I 132 -34.88 -19.78 -45.74
C MET I 132 -34.44 -21.20 -46.06
N VAL I 133 -33.98 -21.42 -47.29
CA VAL I 133 -33.56 -22.73 -47.74
C VAL I 133 -32.27 -23.12 -47.01
N PRO I 134 -31.96 -24.42 -46.86
CA PRO I 134 -30.76 -24.80 -46.10
C PRO I 134 -29.53 -24.08 -46.60
N LEU I 135 -28.71 -23.63 -45.65
CA LEU I 135 -27.56 -22.78 -45.92
C LEU I 135 -26.43 -23.15 -44.98
N ILE I 136 -25.20 -23.15 -45.51
CA ILE I 136 -24.00 -23.36 -44.72
C ILE I 136 -23.06 -22.20 -44.98
N ALA I 137 -22.66 -21.50 -43.92
CA ALA I 137 -21.83 -20.31 -44.03
C ALA I 137 -20.40 -20.64 -43.65
N ILE I 138 -19.48 -20.43 -44.58
CA ILE I 138 -18.05 -20.66 -44.36
C ILE I 138 -17.43 -19.27 -44.22
N ASN I 139 -17.10 -18.89 -43.00
CA ASN I 139 -16.65 -17.53 -42.72
C ASN I 139 -15.13 -17.45 -42.89
N THR I 140 -14.67 -16.34 -43.47
CA THR I 140 -13.24 -16.16 -43.80
C THR I 140 -12.66 -14.83 -43.31
N THR I 141 -13.47 -13.98 -42.68
CA THR I 141 -12.97 -12.76 -42.05
C THR I 141 -13.12 -12.87 -40.53
N ALA I 142 -12.29 -12.16 -39.79
CA ALA I 142 -12.40 -12.19 -38.32
C ALA I 142 -13.19 -10.99 -37.82
N GLY I 143 -14.49 -10.93 -38.14
CA GLY I 143 -15.30 -9.83 -37.58
C GLY I 143 -16.81 -9.95 -37.60
N THR I 144 -17.43 -10.12 -38.75
CA THR I 144 -18.92 -10.04 -38.84
C THR I 144 -19.70 -11.03 -38.00
N GLY I 145 -19.28 -12.27 -37.93
CA GLY I 145 -20.07 -13.32 -37.31
C GLY I 145 -21.44 -13.54 -37.91
N SER I 146 -21.68 -13.08 -39.15
CA SER I 146 -23.01 -13.23 -39.74
C SER I 146 -23.39 -14.69 -39.88
N GLU I 147 -22.40 -15.57 -40.04
CA GLU I 147 -22.63 -17.01 -40.08
C GLU I 147 -23.30 -17.55 -38.83
N LEU I 148 -23.49 -16.72 -37.80
CA LEU I 148 -24.22 -17.11 -36.60
C LEU I 148 -25.49 -16.30 -36.38
N THR I 149 -25.67 -15.19 -37.10
CA THR I 149 -26.66 -14.20 -36.72
C THR I 149 -27.96 -14.41 -37.48
N LYS I 150 -28.98 -13.66 -37.04
CA LYS I 150 -30.22 -13.54 -37.77
C LYS I 150 -30.34 -12.16 -38.46
N PHE I 151 -29.20 -11.62 -38.93
CA PHE I 151 -29.10 -10.32 -39.57
C PHE I 151 -28.57 -10.49 -40.99
N THR I 152 -29.21 -9.84 -41.96
CA THR I 152 -28.67 -9.75 -43.31
C THR I 152 -28.81 -8.30 -43.80
N ILE I 153 -27.68 -7.66 -44.05
CA ILE I 153 -27.61 -6.23 -44.38
C ILE I 153 -27.49 -6.10 -45.91
N ILE I 154 -28.58 -5.67 -46.56
CA ILE I 154 -28.66 -5.59 -48.02
C ILE I 154 -28.86 -4.13 -48.42
N THR I 155 -27.93 -3.60 -49.21
CA THR I 155 -28.03 -2.23 -49.67
C THR I 155 -29.26 -2.05 -50.56
N ASP I 156 -30.03 -1.00 -50.28
CA ASP I 156 -31.04 -0.48 -51.20
C ASP I 156 -30.36 0.60 -52.03
N THR I 157 -29.89 0.22 -53.23
CA THR I 157 -29.06 1.12 -54.01
C THR I 157 -29.82 2.35 -54.50
N GLU I 158 -31.16 2.31 -54.51
CA GLU I 158 -31.96 3.47 -54.84
C GLU I 158 -32.13 4.38 -53.62
N ARG I 159 -32.34 3.77 -52.45
CA ARG I 159 -32.51 4.50 -51.20
C ARG I 159 -31.20 5.01 -50.61
N LYS I 160 -30.07 4.41 -50.99
CA LYS I 160 -28.74 4.73 -50.47
C LYS I 160 -28.61 4.43 -48.96
N VAL I 161 -29.33 3.41 -48.49
CA VAL I 161 -29.26 2.98 -47.09
C VAL I 161 -29.11 1.45 -47.06
N LYS I 162 -28.27 0.96 -46.15
CA LYS I 162 -28.09 -0.48 -45.96
C LYS I 162 -29.20 -1.00 -45.07
N MET I 163 -30.23 -1.57 -45.70
CA MET I 163 -31.37 -2.12 -44.96
C MET I 163 -30.93 -3.22 -44.00
N ALA I 164 -31.44 -3.16 -42.77
CA ALA I 164 -31.14 -4.17 -41.77
C ALA I 164 -32.34 -5.11 -41.68
N ILE I 165 -32.13 -6.37 -42.06
CA ILE I 165 -33.25 -7.35 -41.98
C ILE I 165 -32.95 -8.33 -40.83
N VAL I 166 -33.68 -8.21 -39.73
CA VAL I 166 -33.52 -9.15 -38.58
C VAL I 166 -34.65 -10.16 -38.67
N ASP I 167 -34.32 -11.45 -38.69
CA ASP I 167 -35.36 -12.50 -38.83
C ASP I 167 -34.76 -13.87 -38.46
N LYS I 168 -35.42 -14.57 -37.55
CA LYS I 168 -34.96 -15.92 -37.14
C LYS I 168 -34.78 -16.82 -38.36
N HIS I 169 -35.40 -16.47 -39.49
CA HIS I 169 -35.37 -17.36 -40.68
C HIS I 169 -34.02 -17.31 -41.41
N VAL I 170 -33.13 -16.38 -41.04
CA VAL I 170 -31.85 -16.24 -41.78
C VAL I 170 -30.73 -16.85 -40.93
N THR I 171 -31.09 -17.49 -39.84
CA THR I 171 -30.05 -18.18 -39.03
C THR I 171 -29.58 -19.39 -39.82
N PRO I 172 -28.30 -19.48 -40.19
CA PRO I 172 -27.83 -20.61 -41.01
C PRO I 172 -28.20 -21.95 -40.40
N THR I 173 -28.25 -22.98 -41.25
CA THR I 173 -28.45 -24.33 -40.75
C THR I 173 -27.25 -24.78 -39.94
N LEU I 174 -26.04 -24.40 -40.39
CA LEU I 174 -24.78 -24.82 -39.84
C LEU I 174 -23.73 -23.82 -40.31
N SER I 175 -22.68 -23.65 -39.50
CA SER I 175 -21.64 -22.68 -39.77
C SER I 175 -20.27 -23.31 -39.60
N ILE I 176 -19.31 -22.84 -40.39
CA ILE I 176 -17.93 -23.30 -40.32
C ILE I 176 -17.02 -22.08 -40.19
N ASN I 177 -16.11 -22.16 -39.22
CA ASN I 177 -15.21 -21.06 -38.84
C ASN I 177 -13.80 -21.63 -38.86
N ASP I 178 -13.11 -21.44 -39.98
CA ASP I 178 -11.82 -22.10 -40.14
C ASP I 178 -10.70 -21.07 -40.11
N PRO I 179 -9.92 -21.04 -39.03
CA PRO I 179 -8.79 -20.09 -38.95
C PRO I 179 -7.85 -20.12 -40.13
N GLU I 180 -7.72 -21.27 -40.80
CA GLU I 180 -6.78 -21.36 -41.91
C GLU I 180 -7.26 -20.58 -43.12
N LEU I 181 -8.56 -20.53 -43.37
CA LEU I 181 -9.04 -19.71 -44.47
C LEU I 181 -8.83 -18.21 -44.23
N MET I 182 -8.33 -17.82 -43.05
CA MET I 182 -8.25 -16.41 -42.71
C MET I 182 -6.83 -15.87 -42.72
N VAL I 183 -5.83 -16.74 -42.89
CA VAL I 183 -4.43 -16.32 -42.92
C VAL I 183 -4.16 -15.34 -44.06
N GLY I 184 -4.97 -15.38 -45.11
CA GLY I 184 -4.74 -14.50 -46.25
C GLY I 184 -5.26 -13.08 -46.14
N MET I 185 -5.95 -12.73 -45.06
CA MET I 185 -6.45 -11.36 -44.92
C MET I 185 -5.28 -10.38 -44.93
N PRO I 186 -5.28 -9.39 -45.81
CA PRO I 186 -4.24 -8.37 -45.76
C PRO I 186 -4.40 -7.53 -44.49
N PRO I 187 -3.30 -6.92 -44.00
CA PRO I 187 -3.35 -6.21 -42.71
C PRO I 187 -4.57 -5.32 -42.50
N SER I 188 -4.90 -4.49 -43.50
CA SER I 188 -5.95 -3.51 -43.27
C SER I 188 -7.33 -4.15 -43.24
N LEU I 189 -7.53 -5.26 -43.95
CA LEU I 189 -8.78 -6.01 -43.76
C LEU I 189 -8.80 -6.72 -42.41
N THR I 190 -7.62 -7.15 -41.90
CA THR I 190 -7.58 -7.69 -40.54
C THR I 190 -8.03 -6.65 -39.53
N ALA I 191 -7.48 -5.43 -39.63
CA ALA I 191 -7.89 -4.33 -38.76
C ALA I 191 -9.39 -4.05 -38.88
N ALA I 192 -9.88 -3.83 -40.10
CA ALA I 192 -11.27 -3.43 -40.27
C ALA I 192 -12.21 -4.46 -39.68
N THR I 193 -11.99 -5.75 -40.01
CA THR I 193 -12.89 -6.80 -39.54
C THR I 193 -12.75 -7.03 -38.05
N GLY I 194 -11.55 -6.80 -37.50
CA GLY I 194 -11.34 -6.94 -36.07
C GLY I 194 -12.01 -5.83 -35.28
N LEU I 195 -11.88 -4.60 -35.74
CA LEU I 195 -12.58 -3.50 -35.07
C LEU I 195 -14.10 -3.61 -35.25
N ASP I 196 -14.55 -4.21 -36.34
CA ASP I 196 -15.99 -4.43 -36.42
C ASP I 196 -16.43 -5.46 -35.38
N ALA I 197 -15.58 -6.44 -35.07
CA ALA I 197 -15.91 -7.41 -34.03
C ALA I 197 -15.83 -6.76 -32.65
N LEU I 198 -14.85 -5.88 -32.45
CA LEU I 198 -14.78 -5.13 -31.21
C LEU I 198 -16.02 -4.27 -31.03
N THR I 199 -16.49 -3.63 -32.09
CA THR I 199 -17.69 -2.79 -32.00
C THR I 199 -18.93 -3.62 -31.66
N HIS I 200 -19.03 -4.84 -32.19
CA HIS I 200 -20.13 -5.72 -31.80
C HIS I 200 -20.07 -6.04 -30.31
N ALA I 201 -18.86 -6.19 -29.77
CA ALA I 201 -18.73 -6.61 -28.39
C ALA I 201 -19.03 -5.46 -27.45
N ILE I 202 -18.43 -4.29 -27.72
CA ILE I 202 -18.69 -3.09 -26.94
C ILE I 202 -20.17 -2.70 -27.01
N GLU I 203 -20.74 -2.63 -28.22
CA GLU I 203 -22.14 -2.22 -28.28
C GLU I 203 -23.05 -3.26 -27.65
N ALA I 204 -22.71 -4.55 -27.76
CA ALA I 204 -23.55 -5.57 -27.13
C ALA I 204 -23.54 -5.41 -25.63
N TYR I 205 -22.38 -5.10 -25.07
CA TYR I 205 -22.23 -4.99 -23.63
C TYR I 205 -23.05 -3.83 -23.06
N VAL I 206 -23.11 -2.69 -23.76
CA VAL I 206 -23.89 -1.56 -23.22
C VAL I 206 -25.32 -1.53 -23.71
N SER I 207 -25.68 -2.40 -24.65
CA SER I 207 -27.02 -2.40 -25.25
C SER I 207 -28.10 -2.54 -24.18
N THR I 208 -29.26 -1.95 -24.44
CA THR I 208 -30.37 -2.07 -23.52
C THR I 208 -30.98 -3.45 -23.56
N GLY I 209 -30.53 -4.30 -24.48
CA GLY I 209 -31.05 -5.65 -24.58
C GLY I 209 -30.06 -6.71 -24.11
N ALA I 210 -29.04 -6.26 -23.38
CA ALA I 210 -28.05 -7.15 -22.81
C ALA I 210 -28.69 -8.12 -21.82
N THR I 211 -28.17 -9.34 -21.79
CA THR I 211 -28.58 -10.38 -20.85
C THR I 211 -27.31 -10.83 -20.14
N PRO I 212 -27.40 -11.57 -19.03
CA PRO I 212 -26.17 -12.12 -18.47
C PRO I 212 -25.43 -13.01 -19.45
N ILE I 213 -26.15 -13.63 -20.40
CA ILE I 213 -25.54 -14.54 -21.37
C ILE I 213 -24.79 -13.77 -22.43
N THR I 214 -25.44 -12.77 -23.04
CA THR I 214 -24.72 -11.94 -24.00
C THR I 214 -23.55 -11.23 -23.32
N ASP I 215 -23.69 -10.87 -22.04
CA ASP I 215 -22.59 -10.28 -21.29
C ASP I 215 -21.39 -11.23 -21.26
N ALA I 216 -21.61 -12.49 -20.86
CA ALA I 216 -20.54 -13.47 -20.83
C ALA I 216 -19.76 -13.48 -22.15
N LEU I 217 -20.48 -13.53 -23.27
CA LEU I 217 -19.82 -13.57 -24.57
C LEU I 217 -19.08 -12.26 -24.87
N ALA I 218 -19.65 -11.11 -24.53
CA ALA I 218 -19.05 -9.85 -24.96
C ALA I 218 -17.75 -9.54 -24.21
N ILE I 219 -17.75 -9.75 -22.89
CA ILE I 219 -16.55 -9.54 -22.07
C ILE I 219 -15.37 -10.33 -22.65
N GLN I 220 -15.58 -11.61 -22.93
CA GLN I 220 -14.48 -12.43 -23.43
C GLN I 220 -13.95 -11.90 -24.77
N ALA I 221 -14.86 -11.49 -25.68
CA ALA I 221 -14.42 -11.01 -26.99
C ALA I 221 -13.53 -9.78 -26.86
N ILE I 222 -13.91 -8.84 -25.99
CA ILE I 222 -13.08 -7.65 -25.80
C ILE I 222 -11.69 -8.04 -25.28
N LYS I 223 -11.65 -8.83 -24.20
CA LYS I 223 -10.36 -9.24 -23.66
C LYS I 223 -9.48 -9.86 -24.75
N ILE I 224 -10.08 -10.73 -25.58
CA ILE I 224 -9.31 -11.42 -26.61
C ILE I 224 -8.84 -10.44 -27.68
N ILE I 225 -9.75 -9.65 -28.23
CA ILE I 225 -9.38 -8.66 -29.25
C ILE I 225 -8.32 -7.70 -28.73
N SER I 226 -8.38 -7.35 -27.44
CA SER I 226 -7.38 -6.46 -26.85
C SER I 226 -5.97 -7.02 -27.03
N LYS I 227 -5.81 -8.33 -26.87
CA LYS I 227 -4.51 -8.95 -26.90
C LYS I 227 -4.09 -9.39 -28.29
N TYR I 228 -5.00 -9.97 -29.05
CA TYR I 228 -4.59 -10.65 -30.27
C TYR I 228 -4.78 -9.85 -31.54
N LEU I 229 -5.77 -8.95 -31.62
CA LEU I 229 -5.97 -8.21 -32.88
C LEU I 229 -4.71 -7.47 -33.32
N PRO I 230 -4.02 -6.70 -32.46
CA PRO I 230 -2.84 -5.97 -32.96
C PRO I 230 -1.72 -6.90 -33.38
N ARG I 231 -1.73 -8.16 -32.90
CA ARG I 231 -0.76 -9.15 -33.34
C ARG I 231 -1.11 -9.70 -34.71
N ALA I 232 -2.40 -10.03 -34.91
CA ALA I 232 -2.89 -10.49 -36.21
C ALA I 232 -2.64 -9.46 -37.29
N VAL I 233 -2.89 -8.18 -36.98
CA VAL I 233 -2.58 -7.13 -37.93
C VAL I 233 -1.08 -7.09 -38.21
N ALA I 234 -0.28 -7.14 -37.15
CA ALA I 234 1.16 -6.96 -37.33
C ALA I 234 1.83 -8.15 -38.00
N ASN I 235 1.18 -9.31 -38.03
CA ASN I 235 1.73 -10.47 -38.75
C ASN I 235 0.57 -11.44 -39.03
N GLY I 236 0.10 -11.44 -40.26
CA GLY I 236 -1.05 -12.26 -40.62
C GLY I 236 -0.79 -13.76 -40.54
N LYS I 237 0.47 -14.17 -40.41
CA LYS I 237 0.82 -15.58 -40.31
C LYS I 237 1.17 -15.98 -38.88
N ASP I 238 0.76 -15.19 -37.88
CA ASP I 238 0.72 -15.59 -36.47
C ASP I 238 -0.52 -16.48 -36.33
N ILE I 239 -0.29 -17.79 -36.24
CA ILE I 239 -1.41 -18.72 -36.30
C ILE I 239 -2.25 -18.63 -35.03
N GLU I 240 -1.59 -18.46 -33.88
CA GLU I 240 -2.30 -18.30 -32.62
C GLU I 240 -3.26 -17.10 -32.66
N ALA I 241 -2.78 -15.96 -33.18
CA ALA I 241 -3.63 -14.77 -33.28
C ALA I 241 -4.87 -15.04 -34.12
N ARG I 242 -4.69 -15.75 -35.25
CA ARG I 242 -5.82 -16.00 -36.14
C ARG I 242 -6.86 -16.88 -35.46
N GLU I 243 -6.43 -17.91 -34.74
CA GLU I 243 -7.39 -18.76 -34.06
C GLU I 243 -8.11 -18.00 -32.94
N GLN I 244 -7.36 -17.19 -32.19
CA GLN I 244 -7.97 -16.36 -31.16
C GLN I 244 -8.96 -15.36 -31.75
N MET I 245 -8.52 -14.51 -32.68
CA MET I 245 -9.43 -13.58 -33.34
C MET I 245 -10.65 -14.29 -33.92
N ALA I 246 -10.45 -15.49 -34.46
CA ALA I 246 -11.58 -16.26 -34.96
C ALA I 246 -12.57 -16.57 -33.85
N PHE I 247 -12.08 -16.95 -32.66
CA PHE I 247 -13.00 -17.10 -31.53
C PHE I 247 -13.62 -15.77 -31.13
N ALA I 248 -12.82 -14.71 -31.04
CA ALA I 248 -13.36 -13.42 -30.62
C ALA I 248 -14.48 -12.97 -31.55
N GLN I 249 -14.30 -13.16 -32.85
CA GLN I 249 -15.32 -12.69 -33.78
C GLN I 249 -16.60 -13.49 -33.66
N SER I 250 -16.51 -14.79 -33.31
CA SER I 250 -17.72 -15.56 -33.03
C SER I 250 -18.34 -15.14 -31.71
N LEU I 251 -17.50 -14.87 -30.71
CA LEU I 251 -18.02 -14.38 -29.43
C LEU I 251 -18.77 -13.06 -29.63
N ALA I 252 -18.14 -12.11 -30.33
CA ALA I 252 -18.80 -10.84 -30.65
C ALA I 252 -20.12 -11.07 -31.37
N GLY I 253 -20.11 -11.90 -32.42
CA GLY I 253 -21.33 -12.18 -33.15
C GLY I 253 -22.44 -12.73 -32.27
N MET I 254 -22.15 -13.80 -31.52
CA MET I 254 -23.17 -14.35 -30.62
C MET I 254 -23.70 -13.29 -29.66
N ALA I 255 -22.85 -12.32 -29.31
CA ALA I 255 -23.23 -11.35 -28.30
C ALA I 255 -24.22 -10.33 -28.88
N PHE I 256 -23.87 -9.72 -30.02
CA PHE I 256 -24.74 -8.69 -30.58
C PHE I 256 -25.97 -9.28 -31.25
N ASN I 257 -25.87 -10.51 -31.75
CA ASN I 257 -27.03 -11.17 -32.33
C ASN I 257 -28.21 -11.11 -31.36
N ASN I 258 -27.95 -11.32 -30.08
CA ASN I 258 -29.00 -11.47 -29.09
C ASN I 258 -29.11 -10.28 -28.14
N ALA I 259 -28.20 -9.32 -28.23
CA ALA I 259 -28.27 -8.13 -27.39
C ALA I 259 -28.72 -6.89 -28.13
N GLY I 260 -28.39 -6.78 -29.40
CA GLY I 260 -28.58 -5.56 -30.13
C GLY I 260 -27.28 -4.78 -30.25
N LEU I 261 -27.27 -3.84 -31.18
CA LEU I 261 -26.16 -2.93 -31.29
C LEU I 261 -26.65 -1.57 -30.79
N GLY I 262 -26.06 -0.48 -31.32
CA GLY I 262 -26.49 0.87 -31.03
C GLY I 262 -26.12 1.83 -32.16
N TYR I 263 -25.90 3.09 -31.83
CA TYR I 263 -25.74 4.10 -32.86
C TYR I 263 -24.40 4.03 -33.58
N VAL I 264 -23.47 3.16 -33.19
CA VAL I 264 -22.30 2.97 -34.05
C VAL I 264 -22.74 2.29 -35.34
N HIS I 265 -23.56 1.25 -35.22
CA HIS I 265 -23.99 0.54 -36.42
C HIS I 265 -25.12 1.26 -37.14
N ALA I 266 -26.02 1.90 -36.39
CA ALA I 266 -27.07 2.69 -37.03
C ALA I 266 -26.48 3.77 -37.93
N ILE I 267 -25.41 4.44 -37.49
CA ILE I 267 -24.80 5.49 -38.29
C ILE I 267 -23.86 4.92 -39.34
N ALA I 268 -23.10 3.87 -38.99
CA ALA I 268 -22.17 3.30 -39.97
C ALA I 268 -22.91 2.74 -41.17
N HIS I 269 -24.14 2.25 -41.00
CA HIS I 269 -24.91 1.73 -42.14
C HIS I 269 -25.23 2.82 -43.14
N GLN I 270 -25.48 4.04 -42.67
CA GLN I 270 -25.72 5.14 -43.60
C GLN I 270 -24.45 5.54 -44.32
N LEU I 271 -23.30 5.41 -43.67
CA LEU I 271 -22.06 5.84 -44.28
C LEU I 271 -21.56 4.88 -45.34
N GLY I 272 -22.03 3.64 -45.33
CA GLY I 272 -21.60 2.66 -46.31
C GLY I 272 -22.64 2.46 -47.39
N GLY I 273 -23.90 2.68 -47.03
CA GLY I 273 -24.97 2.76 -48.02
C GLY I 273 -24.89 4.00 -48.88
N PHE I 274 -24.24 5.06 -48.38
CA PHE I 274 -24.08 6.32 -49.10
C PHE I 274 -22.77 6.41 -49.87
N TYR I 275 -21.67 5.94 -49.29
CA TYR I 275 -20.34 6.10 -49.86
C TYR I 275 -19.62 4.78 -50.07
N ASN I 276 -20.32 3.65 -49.91
CA ASN I 276 -19.75 2.30 -50.03
C ASN I 276 -18.37 2.20 -49.36
N PHE I 277 -18.30 2.74 -48.15
CA PHE I 277 -17.07 2.57 -47.38
C PHE I 277 -17.01 1.15 -46.80
N PRO I 278 -15.81 0.62 -46.60
CA PRO I 278 -15.69 -0.64 -45.86
C PRO I 278 -16.34 -0.58 -44.48
N HIS I 279 -17.41 -1.38 -44.27
CA HIS I 279 -18.19 -1.43 -43.03
C HIS I 279 -17.36 -1.42 -41.76
N GLY I 280 -16.19 -2.05 -41.78
CA GLY I 280 -15.34 -2.05 -40.60
C GLY I 280 -14.76 -0.68 -40.30
N VAL I 281 -14.23 0.00 -41.31
CA VAL I 281 -13.60 1.30 -41.08
C VAL I 281 -14.64 2.31 -40.60
N CYS I 282 -15.87 2.21 -41.08
CA CYS I 282 -16.95 3.06 -40.58
C CYS I 282 -17.08 2.92 -39.07
N ASN I 283 -17.13 1.68 -38.58
CA ASN I 283 -17.29 1.45 -37.15
C ASN I 283 -16.09 1.97 -36.36
N ALA I 284 -14.87 1.66 -36.81
CA ALA I 284 -13.69 2.12 -36.09
C ALA I 284 -13.68 3.64 -35.93
N VAL I 285 -14.02 4.37 -37.00
CA VAL I 285 -14.04 5.84 -36.94
C VAL I 285 -15.14 6.34 -36.01
N LEU I 286 -16.29 5.68 -36.01
CA LEU I 286 -17.44 6.17 -35.26
C LEU I 286 -17.51 5.70 -33.81
N LEU I 287 -16.60 4.81 -33.38
CA LEU I 287 -16.74 4.12 -32.10
C LEU I 287 -16.43 5.03 -30.92
N PRO I 288 -15.31 5.77 -30.91
CA PRO I 288 -15.12 6.78 -29.85
C PRO I 288 -16.25 7.79 -29.74
N TYR I 289 -16.75 8.30 -30.87
CA TYR I 289 -17.72 9.39 -30.79
C TYR I 289 -19.05 8.92 -30.21
N VAL I 290 -19.51 7.72 -30.58
CA VAL I 290 -20.76 7.25 -30.00
C VAL I 290 -20.55 6.84 -28.55
N CYS I 291 -19.32 6.44 -28.20
CA CYS I 291 -19.05 6.05 -26.82
C CYS I 291 -19.04 7.27 -25.89
N ARG I 292 -18.33 8.35 -26.26
CA ARG I 292 -18.45 9.60 -25.51
C ARG I 292 -19.92 9.98 -25.37
N PHE I 293 -20.70 9.87 -26.45
CA PHE I 293 -22.10 10.20 -26.34
C PHE I 293 -22.79 9.29 -25.34
N ASN I 294 -22.51 7.99 -25.40
CA ASN I 294 -23.22 7.04 -24.57
C ASN I 294 -22.78 7.10 -23.12
N LEU I 295 -21.63 7.73 -22.83
CA LEU I 295 -20.95 7.56 -21.54
C LEU I 295 -21.88 7.65 -20.34
N ILE I 296 -22.71 8.70 -20.29
CA ILE I 296 -23.45 8.95 -19.06
C ILE I 296 -24.55 7.94 -18.80
N SER I 297 -24.91 7.11 -19.78
CA SER I 297 -25.96 6.12 -19.54
C SER I 297 -25.43 4.78 -19.09
N LYS I 298 -24.14 4.51 -19.29
CA LYS I 298 -23.50 3.21 -19.04
C LYS I 298 -22.11 3.41 -18.46
N VAL I 299 -21.96 4.35 -17.53
CA VAL I 299 -20.61 4.74 -17.11
C VAL I 299 -19.93 3.60 -16.36
N GLU I 300 -20.68 2.79 -15.61
CA GLU I 300 -20.04 1.69 -14.92
C GLU I 300 -19.57 0.63 -15.90
N ARG I 301 -20.39 0.31 -16.90
CA ARG I 301 -19.98 -0.70 -17.87
C ARG I 301 -18.84 -0.21 -18.73
N TYR I 302 -18.81 1.08 -19.09
CA TYR I 302 -17.66 1.59 -19.82
C TYR I 302 -16.40 1.57 -18.97
N ALA I 303 -16.54 1.72 -17.66
CA ALA I 303 -15.37 1.59 -16.80
C ALA I 303 -14.83 0.15 -16.83
N GLU I 304 -15.75 -0.82 -16.81
CA GLU I 304 -15.34 -2.21 -16.93
C GLU I 304 -14.61 -2.44 -18.25
N ILE I 305 -15.11 -1.84 -19.34
CA ILE I 305 -14.50 -2.05 -20.67
C ILE I 305 -13.06 -1.54 -20.68
N ALA I 306 -12.77 -0.46 -19.97
CA ALA I 306 -11.39 0.02 -19.88
C ALA I 306 -10.47 -1.05 -19.31
N ALA I 307 -10.95 -1.76 -18.28
CA ALA I 307 -10.14 -2.82 -17.69
C ALA I 307 -9.97 -3.98 -18.67
N PHE I 308 -11.05 -4.39 -19.33
CA PHE I 308 -10.95 -5.42 -20.37
C PHE I 308 -9.95 -5.04 -21.45
N LEU I 309 -9.83 -3.77 -21.76
CA LEU I 309 -8.85 -3.34 -22.73
C LEU I 309 -7.48 -3.19 -22.13
N GLY I 310 -7.29 -3.64 -20.89
CA GLY I 310 -5.99 -3.62 -20.24
C GLY I 310 -5.58 -2.31 -19.58
N GLU I 311 -6.47 -1.32 -19.51
CA GLU I 311 -6.13 -0.07 -18.82
C GLU I 311 -6.04 -0.32 -17.33
N ASN I 312 -5.19 0.46 -16.68
CA ASN I 312 -5.13 0.45 -15.22
C ASN I 312 -6.06 1.54 -14.68
N VAL I 313 -6.96 1.13 -13.80
CA VAL I 313 -8.05 1.99 -13.35
C VAL I 313 -8.00 2.24 -11.85
N ASP I 314 -6.83 2.09 -11.23
CA ASP I 314 -6.72 2.07 -9.77
C ASP I 314 -6.69 3.47 -9.20
N GLY I 315 -7.60 3.76 -8.27
CA GLY I 315 -7.63 5.08 -7.68
C GLY I 315 -8.34 6.12 -8.51
N LEU I 316 -8.91 5.71 -9.65
CA LEU I 316 -9.77 6.53 -10.49
C LEU I 316 -11.22 6.34 -10.10
N SER I 317 -12.00 7.40 -10.28
CA SER I 317 -13.45 7.31 -10.23
C SER I 317 -13.97 6.53 -11.42
N THR I 318 -15.21 6.06 -11.31
CA THR I 318 -15.85 5.39 -12.44
C THR I 318 -15.73 6.23 -13.70
N TYR I 319 -16.16 7.51 -13.64
CA TYR I 319 -16.12 8.37 -14.81
C TYR I 319 -14.70 8.46 -15.39
N ASP I 320 -13.69 8.58 -14.55
CA ASP I 320 -12.34 8.69 -15.09
C ASP I 320 -11.90 7.37 -15.71
N ALA I 321 -12.22 6.25 -15.05
CA ALA I 321 -11.94 4.96 -15.62
C ALA I 321 -12.64 4.80 -16.96
N ALA I 322 -13.90 5.21 -17.04
CA ALA I 322 -14.62 5.08 -18.29
C ALA I 322 -13.99 5.94 -19.38
N GLU I 323 -13.32 7.03 -19.00
CA GLU I 323 -12.69 7.83 -20.02
C GLU I 323 -11.45 7.16 -20.56
N LYS I 324 -10.86 6.26 -19.79
CA LYS I 324 -9.69 5.54 -20.26
C LYS I 324 -10.05 4.50 -21.32
N ALA I 325 -11.24 3.88 -21.22
CA ALA I 325 -11.76 3.09 -22.31
C ALA I 325 -11.67 3.83 -23.65
N ILE I 326 -12.28 5.00 -23.73
CA ILE I 326 -12.31 5.76 -24.98
C ILE I 326 -10.89 6.09 -25.47
N LYS I 327 -10.00 6.52 -24.58
CA LYS I 327 -8.64 6.76 -25.03
C LYS I 327 -7.98 5.47 -25.52
N ALA I 328 -8.31 4.32 -24.91
CA ALA I 328 -7.73 3.05 -25.34
C ALA I 328 -8.25 2.64 -26.71
N ILE I 329 -9.52 2.91 -26.97
CA ILE I 329 -10.08 2.65 -28.29
C ILE I 329 -9.44 3.53 -29.35
N GLU I 330 -9.26 4.82 -29.05
CA GLU I 330 -8.57 5.70 -29.99
C GLU I 330 -7.17 5.18 -30.30
N ARG I 331 -6.42 4.80 -29.26
CA ARG I 331 -5.04 4.35 -29.43
C ARG I 331 -4.96 3.08 -30.27
N MET I 332 -5.91 2.17 -30.08
CA MET I 332 -5.95 1.00 -30.94
C MET I 332 -6.16 1.40 -32.39
N ALA I 333 -7.19 2.21 -32.66
CA ALA I 333 -7.48 2.66 -34.01
C ALA I 333 -6.29 3.38 -34.63
N LYS I 334 -5.60 4.22 -33.85
CA LYS I 334 -4.41 4.85 -34.38
C LYS I 334 -3.33 3.83 -34.71
N ASP I 335 -3.17 2.82 -33.86
CA ASP I 335 -2.08 1.87 -34.08
C ASP I 335 -2.34 0.94 -35.27
N LEU I 336 -3.60 0.67 -35.59
CA LEU I 336 -3.97 -0.18 -36.70
C LEU I 336 -4.32 0.62 -37.96
N ASN I 337 -3.83 1.86 -38.05
CA ASN I 337 -3.91 2.69 -39.27
C ASN I 337 -5.35 3.00 -39.71
N ILE I 338 -6.28 3.14 -38.78
CA ILE I 338 -7.63 3.53 -39.18
C ILE I 338 -7.70 5.04 -39.31
N PRO I 339 -8.32 5.57 -40.38
CA PRO I 339 -8.46 7.03 -40.55
C PRO I 339 -9.04 7.76 -39.34
N LYS I 340 -8.74 9.05 -39.24
CA LYS I 340 -9.21 9.89 -38.15
C LYS I 340 -10.46 10.69 -38.52
N GLY I 341 -10.98 10.50 -39.73
CA GLY I 341 -12.19 11.19 -40.13
C GLY I 341 -12.76 10.56 -41.39
N PHE I 342 -14.04 10.85 -41.63
CA PHE I 342 -14.71 10.39 -42.83
C PHE I 342 -14.51 11.31 -44.02
N LYS I 343 -14.12 12.58 -43.78
CA LYS I 343 -14.08 13.56 -44.86
C LYS I 343 -12.99 13.23 -45.86
N GLU I 344 -11.83 12.73 -45.39
CA GLU I 344 -10.70 12.34 -46.25
C GLU I 344 -10.89 10.98 -46.91
N LEU I 345 -12.08 10.38 -46.79
CA LEU I 345 -12.46 9.21 -47.55
C LEU I 345 -13.60 9.49 -48.53
N GLY I 346 -14.16 10.71 -48.50
CA GLY I 346 -15.10 11.15 -49.52
C GLY I 346 -16.49 11.47 -49.02
N ALA I 347 -16.63 12.05 -47.83
CA ALA I 347 -17.93 12.34 -47.25
C ALA I 347 -18.28 13.81 -47.44
N LYS I 348 -19.58 14.10 -47.59
CA LYS I 348 -20.07 15.42 -47.96
C LYS I 348 -21.09 15.91 -46.92
N GLU I 349 -20.83 17.10 -46.39
CA GLU I 349 -21.52 17.63 -45.22
C GLU I 349 -23.00 17.91 -45.48
N GLU I 350 -23.40 17.96 -46.75
CA GLU I 350 -24.78 18.16 -47.12
C GLU I 350 -25.61 16.91 -46.90
N ASP I 351 -24.98 15.75 -47.01
CA ASP I 351 -25.68 14.50 -46.75
C ASP I 351 -25.86 14.24 -45.26
N ILE I 352 -25.16 15.00 -44.42
CA ILE I 352 -25.09 14.71 -42.99
C ILE I 352 -26.50 14.59 -42.39
N GLU I 353 -27.37 15.57 -42.67
CA GLU I 353 -28.69 15.50 -42.05
C GLU I 353 -29.54 14.38 -42.63
N THR I 354 -29.33 14.05 -43.91
CA THR I 354 -30.03 12.91 -44.49
C THR I 354 -29.55 11.61 -43.84
N LEU I 355 -28.24 11.49 -43.62
CA LEU I 355 -27.69 10.32 -42.97
C LEU I 355 -28.29 10.14 -41.57
N ALA I 356 -28.29 11.21 -40.77
CA ALA I 356 -28.81 11.13 -39.41
C ALA I 356 -30.27 10.75 -39.39
N LYS I 357 -31.07 11.36 -40.28
CA LYS I 357 -32.48 11.02 -40.40
C LYS I 357 -32.68 9.52 -40.59
N ASN I 358 -31.92 8.94 -41.52
CA ASN I 358 -32.01 7.50 -41.78
C ASN I 358 -31.42 6.67 -40.64
N ALA I 359 -30.37 7.19 -40.00
CA ALA I 359 -29.77 6.50 -38.85
C ALA I 359 -30.80 6.25 -37.76
N MET I 360 -31.65 7.23 -37.48
CA MET I 360 -32.67 7.07 -36.48
C MET I 360 -33.79 6.12 -36.90
N LYS I 361 -33.77 5.64 -38.12
CA LYS I 361 -34.73 4.64 -38.54
C LYS I 361 -34.19 3.21 -38.47
N ASP I 362 -32.86 3.05 -38.31
CA ASP I 362 -32.28 1.71 -38.23
C ASP I 362 -32.77 0.98 -36.98
N ALA I 363 -32.84 -0.36 -37.07
CA ALA I 363 -33.23 -1.17 -35.94
C ALA I 363 -32.15 -1.21 -34.87
N CYS I 364 -30.88 -1.06 -35.28
CA CYS I 364 -29.78 -1.07 -34.32
C CYS I 364 -29.92 0.01 -33.26
N ALA I 365 -30.43 1.18 -33.65
CA ALA I 365 -30.59 2.28 -32.70
C ALA I 365 -31.61 1.98 -31.61
N LEU I 366 -32.47 0.98 -31.79
CA LEU I 366 -33.53 0.74 -30.81
C LEU I 366 -32.96 0.33 -29.45
N THR I 367 -31.76 -0.26 -29.45
CA THR I 367 -31.11 -0.81 -28.27
C THR I 367 -29.96 0.06 -27.76
N ASN I 368 -29.64 1.16 -28.43
CA ASN I 368 -28.64 2.07 -27.92
C ASN I 368 -29.06 2.58 -26.54
N PRO I 369 -28.12 2.78 -25.60
CA PRO I 369 -28.52 3.09 -24.21
C PRO I 369 -28.83 4.57 -23.95
N ARG I 370 -28.30 5.50 -24.74
CA ARG I 370 -28.73 6.90 -24.69
C ARG I 370 -29.58 7.22 -25.92
N LYS I 371 -30.80 7.70 -25.68
CA LYS I 371 -31.77 7.98 -26.74
C LYS I 371 -31.59 9.43 -27.21
N PRO I 372 -31.10 9.69 -28.42
CA PRO I 372 -30.74 11.05 -28.83
C PRO I 372 -31.85 11.79 -29.57
N LYS I 373 -31.62 13.10 -29.77
CA LYS I 373 -32.36 13.98 -30.67
C LYS I 373 -31.58 14.14 -31.96
N LEU I 374 -32.28 14.59 -33.02
CA LEU I 374 -31.64 14.69 -34.33
C LEU I 374 -30.38 15.53 -34.28
N GLU I 375 -30.39 16.62 -33.52
CA GLU I 375 -29.23 17.50 -33.50
C GLU I 375 -28.04 16.79 -32.88
N GLU I 376 -28.31 15.86 -31.94
CA GLU I 376 -27.26 15.04 -31.33
C GLU I 376 -26.69 14.02 -32.30
N VAL I 377 -27.56 13.31 -33.03
CA VAL I 377 -27.09 12.40 -34.06
C VAL I 377 -26.30 13.15 -35.13
N ILE I 378 -26.78 14.35 -35.51
CA ILE I 378 -26.11 15.16 -36.52
C ILE I 378 -24.71 15.54 -36.05
N GLN I 379 -24.59 15.87 -34.76
CA GLN I 379 -23.32 16.32 -34.20
C GLN I 379 -22.28 15.20 -34.17
N ILE I 380 -22.71 13.97 -33.88
CA ILE I 380 -21.78 12.84 -33.87
C ILE I 380 -21.16 12.69 -35.25
N ILE I 381 -21.99 12.78 -36.29
CA ILE I 381 -21.49 12.66 -37.66
C ILE I 381 -20.51 13.78 -37.96
N LYS I 382 -20.90 14.99 -37.58
CA LYS I 382 -20.03 16.15 -37.85
C LYS I 382 -18.68 15.96 -37.15
N ASN I 383 -18.64 15.05 -36.17
CA ASN I 383 -17.40 14.85 -35.37
C ASN I 383 -16.49 13.85 -36.09
N ALA I 384 -17.08 12.87 -36.77
CA ALA I 384 -16.30 11.83 -37.46
C ALA I 384 -15.82 12.33 -38.82
N MET I 385 -15.71 13.65 -38.98
CA MET I 385 -15.17 14.22 -40.25
C MET I 385 -13.87 14.96 -39.96
N LEU I 386 -13.23 14.71 -38.82
CA LEU I 386 -12.03 15.45 -38.47
C LEU I 386 -10.89 14.54 -37.98
N ASN J 3 -5.89 -32.97 -33.96
CA ASN J 3 -6.55 -31.81 -34.59
C ASN J 3 -7.08 -30.83 -33.54
N THR J 4 -6.73 -29.56 -33.70
CA THR J 4 -7.20 -28.52 -32.79
C THR J 4 -8.57 -28.02 -33.26
N GLN J 5 -9.52 -28.93 -33.44
CA GLN J 5 -10.86 -28.60 -33.91
C GLN J 5 -11.88 -28.80 -32.81
N SER J 6 -12.97 -28.05 -32.88
CA SER J 6 -14.02 -28.12 -31.88
C SER J 6 -15.34 -27.68 -32.48
N ALA J 7 -16.42 -27.98 -31.78
CA ALA J 7 -17.73 -27.57 -32.23
C ALA J 7 -18.58 -27.10 -31.06
N PHE J 8 -19.51 -26.20 -31.35
CA PHE J 8 -20.48 -25.72 -30.37
C PHE J 8 -21.88 -26.13 -30.81
N PHE J 9 -22.61 -26.79 -29.91
CA PHE J 9 -23.95 -27.32 -30.17
C PHE J 9 -24.92 -26.74 -29.16
N MET J 10 -26.08 -26.25 -29.63
CA MET J 10 -27.21 -25.92 -28.78
C MET J 10 -28.46 -25.83 -29.66
N PRO J 11 -29.66 -25.88 -29.06
CA PRO J 11 -30.87 -25.58 -29.83
C PRO J 11 -30.75 -24.21 -30.49
N SER J 12 -31.37 -24.07 -31.67
CA SER J 12 -31.17 -22.84 -32.43
C SER J 12 -32.11 -21.71 -32.01
N VAL J 13 -33.08 -22.01 -31.15
CA VAL J 13 -33.98 -21.02 -30.56
C VAL J 13 -34.16 -21.39 -29.10
N ASN J 14 -34.01 -20.41 -28.21
CA ASN J 14 -34.03 -20.66 -26.77
C ASN J 14 -34.69 -19.47 -26.08
N LEU J 15 -35.79 -19.73 -25.38
CA LEU J 15 -36.57 -18.69 -24.73
C LEU J 15 -36.25 -18.65 -23.23
N PHE J 16 -36.05 -17.44 -22.70
CA PHE J 16 -35.82 -17.23 -21.28
C PHE J 16 -36.80 -16.21 -20.74
N GLY J 17 -36.87 -16.13 -19.42
CA GLY J 17 -37.60 -15.04 -18.81
C GLY J 17 -39.00 -15.46 -18.40
N ALA J 18 -39.61 -14.63 -17.57
CA ALA J 18 -40.87 -15.01 -16.93
C ALA J 18 -42.01 -15.01 -17.95
N GLY J 19 -42.80 -16.07 -17.94
CA GLY J 19 -43.91 -16.24 -18.85
C GLY J 19 -43.59 -16.93 -20.17
N SER J 20 -42.33 -17.32 -20.39
CA SER J 20 -41.99 -17.89 -21.68
C SER J 20 -42.60 -19.27 -21.89
N VAL J 21 -43.15 -19.90 -20.86
CA VAL J 21 -43.86 -21.16 -21.11
C VAL J 21 -45.14 -20.93 -21.93
N ASN J 22 -45.70 -19.71 -21.91
CA ASN J 22 -46.95 -19.43 -22.64
C ASN J 22 -46.79 -19.59 -24.16
N GLU J 23 -45.58 -19.45 -24.68
CA GLU J 23 -45.35 -19.69 -26.09
C GLU J 23 -45.33 -21.16 -26.48
N VAL J 24 -45.41 -22.13 -25.54
CA VAL J 24 -45.15 -23.52 -25.94
C VAL J 24 -46.22 -24.03 -26.90
N GLY J 25 -47.48 -23.58 -26.75
CA GLY J 25 -48.52 -23.98 -27.68
C GLY J 25 -48.26 -23.44 -29.08
N THR J 26 -48.10 -22.11 -29.20
CA THR J 26 -47.83 -21.51 -30.50
C THR J 26 -46.54 -22.06 -31.14
N ARG J 27 -45.63 -22.63 -30.34
CA ARG J 27 -44.35 -23.07 -30.87
C ARG J 27 -44.45 -24.42 -31.56
N LEU J 28 -45.22 -25.34 -30.98
CA LEU J 28 -45.46 -26.62 -31.65
C LEU J 28 -46.31 -26.44 -32.91
N ALA J 29 -47.20 -25.44 -32.92
CA ALA J 29 -48.02 -25.16 -34.10
C ALA J 29 -47.14 -24.81 -35.29
N ASP J 30 -46.26 -23.82 -35.12
CA ASP J 30 -45.30 -23.47 -36.17
C ASP J 30 -44.45 -24.67 -36.55
N LEU J 31 -44.06 -25.48 -35.56
CA LEU J 31 -43.33 -26.71 -35.86
C LEU J 31 -44.19 -27.70 -36.65
N GLY J 32 -45.52 -27.55 -36.61
CA GLY J 32 -46.42 -28.35 -37.41
C GLY J 32 -46.52 -29.81 -37.02
N VAL J 33 -46.72 -30.09 -35.74
CA VAL J 33 -46.94 -31.44 -35.26
C VAL J 33 -48.33 -31.50 -34.66
N LYS J 34 -48.93 -32.70 -34.71
CA LYS J 34 -50.33 -32.84 -34.37
C LYS J 34 -50.55 -33.26 -32.92
N LYS J 35 -49.88 -34.34 -32.49
CA LYS J 35 -50.08 -34.91 -31.17
C LYS J 35 -48.73 -35.05 -30.49
N ALA J 36 -48.60 -34.47 -29.30
CA ALA J 36 -47.35 -34.44 -28.53
C ALA J 36 -47.47 -35.28 -27.27
N LEU J 37 -46.38 -35.96 -26.92
CA LEU J 37 -46.28 -36.77 -25.72
C LEU J 37 -45.68 -35.93 -24.61
N LEU J 38 -46.52 -35.46 -23.69
CA LEU J 38 -46.08 -34.66 -22.55
C LEU J 38 -45.36 -35.54 -21.53
N VAL J 39 -44.04 -35.45 -21.49
CA VAL J 39 -43.23 -36.28 -20.59
C VAL J 39 -42.82 -35.43 -19.38
N THR J 40 -43.42 -35.72 -18.23
CA THR J 40 -43.09 -35.05 -16.98
C THR J 40 -42.94 -36.10 -15.89
N ASP J 41 -42.83 -35.70 -14.62
CA ASP J 41 -42.67 -36.69 -13.57
C ASP J 41 -43.88 -36.70 -12.67
N ALA J 42 -43.89 -37.66 -11.73
CA ALA J 42 -45.06 -37.86 -10.89
C ALA J 42 -45.37 -36.64 -10.05
N GLY J 43 -44.34 -36.00 -9.48
CA GLY J 43 -44.58 -34.88 -8.59
C GLY J 43 -45.19 -33.68 -9.28
N LEU J 44 -44.62 -33.27 -10.41
CA LEU J 44 -45.14 -32.10 -11.13
C LEU J 44 -46.55 -32.35 -11.66
N HIS J 45 -46.84 -33.59 -12.05
CA HIS J 45 -48.20 -33.96 -12.45
C HIS J 45 -49.18 -33.69 -11.32
N GLY J 46 -48.87 -34.16 -10.10
CA GLY J 46 -49.74 -34.01 -8.95
C GLY J 46 -49.82 -32.61 -8.41
N LEU J 47 -48.89 -31.74 -8.80
CA LEU J 47 -48.96 -30.31 -8.48
C LEU J 47 -49.81 -29.54 -9.48
N GLY J 48 -50.19 -30.16 -10.60
CA GLY J 48 -51.04 -29.54 -11.59
C GLY J 48 -50.33 -29.04 -12.82
N LEU J 49 -49.00 -29.09 -12.86
CA LEU J 49 -48.23 -28.46 -13.93
C LEU J 49 -48.46 -29.12 -15.29
N SER J 50 -48.68 -30.43 -15.30
CA SER J 50 -49.04 -31.11 -16.55
C SER J 50 -50.27 -30.48 -17.17
N GLU J 51 -51.28 -30.16 -16.35
CA GLU J 51 -52.52 -29.60 -16.89
C GLU J 51 -52.32 -28.16 -17.36
N LYS J 52 -51.69 -27.31 -16.53
CA LYS J 52 -51.36 -25.96 -16.96
C LYS J 52 -50.71 -25.98 -18.34
N ILE J 53 -49.62 -26.74 -18.48
CA ILE J 53 -48.87 -26.72 -19.72
C ILE J 53 -49.67 -27.33 -20.86
N SER J 54 -50.42 -28.41 -20.59
CA SER J 54 -51.14 -29.08 -21.66
C SER J 54 -52.34 -28.27 -22.17
N SER J 55 -52.92 -27.41 -21.34
CA SER J 55 -53.95 -26.52 -21.86
C SER J 55 -53.36 -25.54 -22.87
N ILE J 56 -52.18 -24.98 -22.57
CA ILE J 56 -51.47 -24.12 -23.51
C ILE J 56 -51.11 -24.88 -24.78
N ILE J 57 -50.67 -26.14 -24.64
CA ILE J 57 -50.31 -26.94 -25.81
C ILE J 57 -51.53 -27.26 -26.66
N ARG J 58 -52.72 -27.35 -26.04
CA ARG J 58 -53.93 -27.70 -26.78
C ARG J 58 -54.53 -26.50 -27.49
N ALA J 59 -54.70 -25.39 -26.75
CA ALA J 59 -55.41 -24.19 -27.22
C ALA J 59 -54.62 -23.41 -28.27
N ALA J 60 -54.02 -24.14 -29.22
CA ALA J 60 -53.30 -23.57 -30.34
C ALA J 60 -53.21 -24.62 -31.43
N GLY J 61 -53.79 -25.79 -31.19
CA GLY J 61 -53.96 -26.76 -32.25
C GLY J 61 -53.27 -28.09 -32.08
N VAL J 62 -52.70 -28.35 -30.91
CA VAL J 62 -51.92 -29.57 -30.70
C VAL J 62 -52.63 -30.46 -29.69
N GLU J 63 -52.44 -31.77 -29.89
CA GLU J 63 -53.02 -32.80 -29.04
C GLU J 63 -51.97 -33.23 -28.02
N VAL J 64 -52.38 -33.34 -26.77
CA VAL J 64 -51.50 -33.71 -25.67
C VAL J 64 -51.90 -35.09 -25.18
N SER J 65 -50.91 -35.90 -24.82
CA SER J 65 -51.15 -37.08 -24.01
C SER J 65 -50.16 -37.05 -22.86
N ILE J 66 -50.66 -36.81 -21.64
CA ILE J 66 -49.81 -36.77 -20.47
C ILE J 66 -49.14 -38.12 -20.30
N PHE J 67 -47.88 -38.09 -19.87
CA PHE J 67 -47.12 -39.31 -19.55
C PHE J 67 -46.27 -39.01 -18.32
N PRO J 68 -46.88 -39.09 -17.12
CA PRO J 68 -46.21 -38.63 -15.89
C PRO J 68 -45.40 -39.74 -15.20
N LYS J 69 -44.58 -40.43 -15.97
CA LYS J 69 -43.93 -41.63 -15.49
C LYS J 69 -42.40 -41.54 -15.44
N ALA J 70 -41.82 -40.44 -15.92
CA ALA J 70 -40.37 -40.27 -15.81
C ALA J 70 -39.96 -40.17 -14.36
N GLU J 71 -38.94 -40.92 -13.97
CA GLU J 71 -38.57 -40.98 -12.57
C GLU J 71 -37.24 -40.29 -12.33
N PRO J 72 -36.96 -39.80 -11.09
CA PRO J 72 -35.65 -39.24 -10.78
C PRO J 72 -34.64 -40.34 -11.10
N ASN J 73 -33.55 -39.98 -11.78
CA ASN J 73 -32.62 -41.03 -12.27
C ASN J 73 -33.46 -41.89 -13.21
N PRO J 74 -33.82 -41.39 -14.40
CA PRO J 74 -34.69 -42.11 -15.31
C PRO J 74 -34.12 -43.48 -15.65
N THR J 75 -34.99 -44.48 -15.85
CA THR J 75 -34.52 -45.82 -16.14
C THR J 75 -34.83 -46.23 -17.58
N ASP J 76 -34.13 -47.28 -18.03
CA ASP J 76 -34.50 -47.92 -19.29
C ASP J 76 -35.94 -48.42 -19.25
N LYS J 77 -36.36 -48.98 -18.10
CA LYS J 77 -37.74 -49.41 -17.95
C LYS J 77 -38.71 -48.23 -18.07
N ASN J 78 -38.23 -47.03 -17.76
CA ASN J 78 -39.03 -45.83 -18.00
C ASN J 78 -39.08 -45.49 -19.48
N VAL J 79 -37.91 -45.47 -20.14
CA VAL J 79 -37.87 -45.12 -21.56
C VAL J 79 -38.74 -46.09 -22.36
N ALA J 80 -38.61 -47.40 -22.06
CA ALA J 80 -39.35 -48.42 -22.80
C ALA J 80 -40.86 -48.20 -22.67
N GLU J 81 -41.35 -48.12 -21.43
CA GLU J 81 -42.76 -47.86 -21.18
C GLU J 81 -43.24 -46.58 -21.86
N GLY J 82 -42.38 -45.57 -21.95
CA GLY J 82 -42.76 -44.35 -22.63
C GLY J 82 -42.63 -44.43 -24.13
N LEU J 83 -41.77 -45.32 -24.62
CA LEU J 83 -41.59 -45.45 -26.06
C LEU J 83 -42.86 -45.96 -26.72
N GLU J 84 -43.52 -46.93 -26.10
CA GLU J 84 -44.76 -47.49 -26.66
C GLU J 84 -46.01 -46.71 -26.26
N ALA J 85 -45.96 -45.88 -25.22
CA ALA J 85 -47.04 -44.91 -25.01
C ALA J 85 -47.02 -43.83 -26.07
N TYR J 86 -45.84 -43.55 -26.63
CA TYR J 86 -45.72 -42.69 -27.80
C TYR J 86 -46.32 -43.36 -29.03
N ASN J 87 -45.94 -44.61 -29.26
CA ASN J 87 -46.48 -45.37 -30.42
C ASN J 87 -47.97 -45.60 -30.23
N ALA J 88 -48.38 -46.14 -29.08
CA ALA J 88 -49.81 -46.44 -28.82
C ALA J 88 -50.62 -45.17 -28.60
N GLU J 89 -50.32 -44.11 -29.34
CA GLU J 89 -51.07 -42.84 -29.24
C GLU J 89 -50.83 -42.10 -30.56
N ASN J 90 -49.94 -42.67 -31.38
CA ASN J 90 -49.65 -42.07 -32.71
C ASN J 90 -49.23 -40.61 -32.52
N CYS J 91 -48.23 -40.37 -31.67
CA CYS J 91 -47.67 -39.04 -31.53
C CYS J 91 -46.56 -38.85 -32.54
N ASP J 92 -46.25 -37.59 -32.81
CA ASP J 92 -45.23 -37.22 -33.79
C ASP J 92 -44.19 -36.27 -33.21
N SER J 93 -44.21 -36.07 -31.89
CA SER J 93 -43.43 -35.02 -31.22
C SER J 93 -43.51 -35.24 -29.73
N ILE J 94 -42.43 -34.87 -29.02
CA ILE J 94 -42.34 -35.04 -27.57
C ILE J 94 -42.08 -33.68 -26.94
N VAL J 95 -42.82 -33.38 -25.87
CA VAL J 95 -42.61 -32.17 -25.08
C VAL J 95 -42.26 -32.60 -23.66
N THR J 96 -41.05 -32.29 -23.23
CA THR J 96 -40.60 -32.60 -21.88
C THR J 96 -40.83 -31.41 -20.96
N LEU J 97 -41.14 -31.70 -19.71
CA LEU J 97 -41.44 -30.64 -18.75
C LEU J 97 -40.98 -31.12 -17.37
N GLY J 98 -40.10 -30.35 -16.74
CA GLY J 98 -39.59 -30.72 -15.45
C GLY J 98 -38.09 -30.51 -15.34
N GLY J 99 -37.47 -31.26 -14.46
CA GLY J 99 -36.03 -31.24 -14.33
C GLY J 99 -35.35 -32.10 -15.37
N GLY J 100 -34.08 -32.41 -15.09
CA GLY J 100 -33.26 -33.15 -16.04
C GLY J 100 -33.72 -34.58 -16.25
N SER J 101 -34.32 -35.20 -15.23
CA SER J 101 -34.87 -36.54 -15.42
C SER J 101 -35.95 -36.54 -16.50
N SER J 102 -36.73 -35.47 -16.58
CA SER J 102 -37.79 -35.42 -17.59
C SER J 102 -37.23 -35.10 -18.96
N HIS J 103 -36.27 -34.18 -19.03
CA HIS J 103 -35.62 -33.91 -20.31
C HIS J 103 -34.93 -35.17 -20.83
N ASP J 104 -34.29 -35.93 -19.94
CA ASP J 104 -33.53 -37.09 -20.39
C ASP J 104 -34.45 -38.27 -20.72
N ALA J 105 -35.57 -38.40 -20.03
CA ALA J 105 -36.58 -39.39 -20.42
C ALA J 105 -37.14 -39.09 -21.81
N GLY J 106 -37.55 -37.84 -22.05
CA GLY J 106 -38.09 -37.49 -23.34
C GLY J 106 -37.08 -37.54 -24.49
N LYS J 107 -35.85 -37.09 -24.23
CA LYS J 107 -34.80 -37.23 -25.23
C LYS J 107 -34.72 -38.67 -25.72
N ALA J 108 -34.56 -39.61 -24.78
CA ALA J 108 -34.30 -41.00 -25.11
C ALA J 108 -35.42 -41.59 -25.97
N ILE J 109 -36.67 -41.41 -25.53
CA ILE J 109 -37.82 -41.87 -26.31
C ILE J 109 -37.70 -41.34 -27.74
N ALA J 110 -37.73 -40.03 -27.91
CA ALA J 110 -37.75 -39.42 -29.24
C ALA J 110 -36.51 -39.78 -30.07
N LEU J 111 -35.45 -40.30 -29.46
CA LEU J 111 -34.29 -40.78 -30.21
C LEU J 111 -34.48 -42.21 -30.69
N VAL J 112 -34.78 -43.12 -29.75
CA VAL J 112 -35.03 -44.52 -30.08
C VAL J 112 -36.30 -44.67 -30.92
N ALA J 113 -37.13 -43.63 -30.97
CA ALA J 113 -38.23 -43.53 -31.94
C ALA J 113 -37.77 -42.93 -33.27
N ALA J 114 -36.55 -43.25 -33.72
CA ALA J 114 -35.98 -42.72 -34.96
C ALA J 114 -34.61 -43.35 -35.19
N ASN J 115 -34.32 -44.41 -34.43
CA ASN J 115 -33.07 -45.15 -34.52
C ASN J 115 -33.36 -46.62 -34.22
N GLY J 116 -34.16 -46.88 -33.19
CA GLY J 116 -34.83 -48.16 -33.07
C GLY J 116 -34.53 -49.05 -31.87
N GLY J 117 -33.29 -49.53 -31.77
CA GLY J 117 -32.91 -50.56 -30.82
C GLY J 117 -33.37 -50.31 -29.39
N LYS J 118 -32.55 -49.60 -28.64
CA LYS J 118 -32.88 -49.26 -27.26
C LYS J 118 -31.85 -48.26 -26.76
N ILE J 119 -32.11 -47.73 -25.57
CA ILE J 119 -31.26 -46.67 -25.03
C ILE J 119 -29.87 -47.21 -24.65
N HIS J 120 -29.78 -48.47 -24.17
CA HIS J 120 -28.48 -49.04 -23.82
C HIS J 120 -27.51 -49.05 -24.99
N ASP J 121 -28.02 -49.09 -26.23
CA ASP J 121 -27.18 -49.26 -27.41
C ASP J 121 -26.22 -48.09 -27.63
N TYR J 122 -26.60 -46.88 -27.19
CA TYR J 122 -25.90 -45.66 -27.58
C TYR J 122 -25.13 -45.03 -26.43
N GLU J 123 -24.79 -45.81 -25.41
CA GLU J 123 -24.00 -45.33 -24.27
C GLU J 123 -22.55 -45.09 -24.70
N GLY J 124 -22.22 -43.81 -24.90
CA GLY J 124 -20.86 -43.44 -25.33
C GLY J 124 -20.87 -42.09 -26.04
N VAL J 125 -20.16 -41.98 -27.15
CA VAL J 125 -20.03 -40.65 -27.83
C VAL J 125 -20.50 -40.73 -29.27
N ASP J 126 -21.53 -39.95 -29.63
CA ASP J 126 -22.03 -39.88 -31.02
C ASP J 126 -22.09 -41.29 -31.61
N VAL J 127 -22.89 -42.16 -31.01
CA VAL J 127 -22.99 -43.56 -31.49
C VAL J 127 -24.20 -43.71 -32.40
N SER J 128 -25.25 -42.90 -32.17
CA SER J 128 -26.49 -43.06 -32.98
C SER J 128 -26.23 -42.63 -34.42
N LYS J 129 -27.21 -42.82 -35.30
CA LYS J 129 -26.97 -42.54 -36.73
C LYS J 129 -28.06 -41.65 -37.32
N GLU J 130 -29.19 -41.51 -36.65
CA GLU J 130 -30.24 -40.61 -37.13
C GLU J 130 -30.70 -39.64 -36.05
N PRO J 131 -31.00 -38.39 -36.41
CA PRO J 131 -31.55 -37.43 -35.44
C PRO J 131 -33.00 -37.71 -35.09
N MET J 132 -33.41 -37.13 -33.97
CA MET J 132 -34.59 -37.56 -33.21
C MET J 132 -35.83 -36.77 -33.58
N VAL J 133 -36.95 -37.23 -33.05
CA VAL J 133 -38.28 -36.67 -33.29
C VAL J 133 -38.33 -35.27 -32.68
N PRO J 134 -39.08 -34.33 -33.26
CA PRO J 134 -39.28 -33.01 -32.63
C PRO J 134 -39.54 -33.03 -31.13
N LEU J 135 -38.84 -32.15 -30.41
CA LEU J 135 -38.92 -32.08 -28.95
C LEU J 135 -38.73 -30.64 -28.48
N ILE J 136 -39.67 -30.16 -27.67
CA ILE J 136 -39.53 -28.91 -26.93
C ILE J 136 -39.34 -29.23 -25.46
N ALA J 137 -38.30 -28.63 -24.86
CA ALA J 137 -37.88 -28.92 -23.48
C ALA J 137 -38.18 -27.71 -22.59
N ILE J 138 -39.12 -27.88 -21.67
CA ILE J 138 -39.53 -26.85 -20.72
C ILE J 138 -38.89 -27.17 -19.37
N ASN J 139 -37.94 -26.33 -18.98
CA ASN J 139 -37.08 -26.58 -17.82
C ASN J 139 -37.66 -25.97 -16.55
N THR J 140 -37.78 -26.78 -15.49
CA THR J 140 -38.31 -26.29 -14.23
C THR J 140 -37.34 -26.40 -13.05
N THR J 141 -36.13 -26.92 -13.25
CA THR J 141 -35.09 -26.82 -12.23
C THR J 141 -33.98 -25.90 -12.71
N ALA J 142 -33.29 -25.28 -11.77
CA ALA J 142 -32.17 -24.40 -12.10
C ALA J 142 -30.87 -25.17 -11.87
N GLY J 143 -30.70 -26.19 -12.70
CA GLY J 143 -29.64 -27.13 -12.53
C GLY J 143 -28.99 -27.59 -13.80
N THR J 144 -29.63 -28.54 -14.48
CA THR J 144 -28.88 -29.43 -15.37
C THR J 144 -28.58 -28.82 -16.73
N GLY J 145 -29.32 -27.80 -17.16
CA GLY J 145 -29.21 -27.31 -18.51
C GLY J 145 -29.57 -28.32 -19.56
N SER J 146 -30.09 -29.48 -19.16
CA SER J 146 -30.33 -30.59 -20.07
C SER J 146 -31.19 -30.18 -21.24
N GLU J 147 -32.02 -29.14 -21.09
CA GLU J 147 -32.80 -28.64 -22.21
C GLU J 147 -31.96 -28.10 -23.36
N LEU J 148 -30.63 -28.02 -23.20
CA LEU J 148 -29.76 -27.44 -24.22
C LEU J 148 -28.69 -28.39 -24.73
N THR J 149 -28.56 -29.59 -24.17
CA THR J 149 -27.38 -30.41 -24.34
C THR J 149 -27.65 -31.60 -25.25
N LYS J 150 -26.55 -32.25 -25.63
CA LYS J 150 -26.57 -33.49 -26.39
C LYS J 150 -26.24 -34.69 -25.51
N PHE J 151 -26.42 -34.56 -24.20
CA PHE J 151 -26.33 -35.65 -23.25
C PHE J 151 -27.75 -36.14 -22.95
N THR J 152 -27.86 -37.43 -22.60
CA THR J 152 -29.12 -37.95 -22.06
C THR J 152 -28.79 -39.20 -21.25
N ILE J 153 -28.88 -39.09 -19.93
CA ILE J 153 -28.31 -40.08 -19.03
C ILE J 153 -29.43 -40.93 -18.46
N ILE J 154 -29.44 -42.21 -18.82
CA ILE J 154 -30.50 -43.15 -18.47
C ILE J 154 -29.90 -44.25 -17.59
N THR J 155 -30.48 -44.42 -16.39
CA THR J 155 -30.04 -45.47 -15.48
C THR J 155 -30.24 -46.85 -16.11
N ASP J 156 -29.17 -47.65 -16.10
CA ASP J 156 -29.22 -49.07 -16.44
C ASP J 156 -29.65 -49.85 -15.20
N THR J 157 -30.93 -50.22 -15.15
CA THR J 157 -31.45 -50.93 -13.98
C THR J 157 -30.73 -52.26 -13.79
N GLU J 158 -30.36 -52.92 -14.90
CA GLU J 158 -29.60 -54.16 -14.80
C GLU J 158 -28.23 -53.92 -14.16
N ARG J 159 -27.42 -53.07 -14.77
CA ARG J 159 -26.03 -52.92 -14.38
C ARG J 159 -25.81 -51.94 -13.21
N LYS J 160 -26.84 -51.19 -12.79
CA LYS J 160 -26.76 -50.24 -11.67
C LYS J 160 -25.83 -49.06 -11.98
N VAL J 161 -25.86 -48.56 -13.21
CA VAL J 161 -24.96 -47.48 -13.66
C VAL J 161 -25.74 -46.49 -14.52
N LYS J 162 -25.62 -45.21 -14.21
CA LYS J 162 -26.18 -44.20 -15.09
C LYS J 162 -25.30 -44.09 -16.33
N MET J 163 -25.92 -44.27 -17.50
CA MET J 163 -25.23 -44.34 -18.79
C MET J 163 -25.17 -42.97 -19.46
N ALA J 164 -24.15 -42.77 -20.29
CA ALA J 164 -23.88 -41.48 -20.93
C ALA J 164 -24.09 -41.60 -22.45
N ILE J 165 -25.25 -41.19 -22.93
CA ILE J 165 -25.60 -41.29 -24.35
C ILE J 165 -25.33 -39.94 -25.01
N VAL J 166 -24.05 -39.55 -25.06
CA VAL J 166 -23.65 -38.24 -25.58
C VAL J 166 -23.66 -38.22 -27.11
N ASP J 167 -24.83 -37.99 -27.71
CA ASP J 167 -25.04 -38.02 -29.16
C ASP J 167 -25.58 -36.67 -29.64
N LYS J 168 -25.00 -36.15 -30.74
CA LYS J 168 -25.40 -34.86 -31.29
C LYS J 168 -26.85 -34.82 -31.72
N HIS J 169 -27.54 -35.95 -31.72
CA HIS J 169 -28.87 -36.00 -32.29
C HIS J 169 -29.97 -35.71 -31.28
N VAL J 170 -29.70 -35.83 -29.96
CA VAL J 170 -30.71 -35.65 -28.94
C VAL J 170 -30.85 -34.18 -28.53
N THR J 171 -30.18 -33.28 -29.26
CA THR J 171 -30.27 -31.85 -28.98
C THR J 171 -31.71 -31.39 -29.18
N PRO J 172 -32.37 -30.86 -28.15
CA PRO J 172 -33.79 -30.48 -28.30
C PRO J 172 -34.01 -29.44 -29.39
N THR J 173 -35.20 -29.50 -30.00
CA THR J 173 -35.52 -28.56 -31.05
C THR J 173 -35.71 -27.15 -30.49
N LEU J 174 -36.29 -27.05 -29.30
CA LEU J 174 -36.52 -25.78 -28.63
C LEU J 174 -36.33 -25.96 -27.14
N SER J 175 -35.74 -24.94 -26.52
CA SER J 175 -35.63 -24.87 -25.07
C SER J 175 -36.42 -23.67 -24.56
N ILE J 176 -37.14 -23.88 -23.47
CA ILE J 176 -37.95 -22.85 -22.82
C ILE J 176 -37.58 -22.83 -21.35
N ASN J 177 -37.08 -21.69 -20.88
CA ASN J 177 -36.56 -21.55 -19.52
C ASN J 177 -37.37 -20.48 -18.77
N ASP J 178 -38.49 -20.91 -18.17
CA ASP J 178 -39.41 -19.99 -17.53
C ASP J 178 -39.16 -19.99 -16.03
N PRO J 179 -38.61 -18.91 -15.46
CA PRO J 179 -38.33 -18.87 -14.02
C PRO J 179 -39.57 -18.88 -13.14
N GLU J 180 -40.77 -18.64 -13.68
CA GLU J 180 -41.97 -18.74 -12.85
C GLU J 180 -42.24 -20.19 -12.47
N LEU J 181 -41.83 -21.13 -13.33
CA LEU J 181 -41.94 -22.56 -13.03
C LEU J 181 -40.95 -23.01 -11.96
N MET J 182 -39.85 -22.27 -11.78
CA MET J 182 -38.79 -22.66 -10.87
C MET J 182 -39.02 -22.24 -9.43
N VAL J 183 -39.95 -21.31 -9.17
CA VAL J 183 -40.25 -20.82 -7.83
C VAL J 183 -40.72 -21.93 -6.90
N GLY J 184 -41.27 -23.01 -7.46
CA GLY J 184 -41.82 -24.05 -6.60
C GLY J 184 -40.79 -24.94 -5.94
N MET J 185 -39.55 -24.91 -6.43
CA MET J 185 -38.49 -25.72 -5.86
C MET J 185 -38.36 -25.48 -4.36
N PRO J 186 -38.50 -26.51 -3.52
CA PRO J 186 -38.15 -26.34 -2.11
C PRO J 186 -36.65 -26.17 -1.96
N PRO J 187 -36.18 -25.75 -0.78
CA PRO J 187 -34.74 -25.39 -0.66
C PRO J 187 -33.77 -26.54 -0.92
N SER J 188 -34.06 -27.76 -0.44
CA SER J 188 -33.23 -28.92 -0.77
C SER J 188 -32.95 -28.98 -2.27
N LEU J 189 -34.00 -28.90 -3.09
CA LEU J 189 -33.88 -29.03 -4.53
C LEU J 189 -33.18 -27.84 -5.15
N THR J 190 -33.40 -26.65 -4.56
CA THR J 190 -32.75 -25.47 -5.09
C THR J 190 -31.25 -25.56 -4.89
N ALA J 191 -30.83 -25.95 -3.69
CA ALA J 191 -29.42 -26.16 -3.41
C ALA J 191 -28.82 -27.22 -4.35
N ALA J 192 -29.47 -28.38 -4.47
CA ALA J 192 -28.86 -29.50 -5.16
C ALA J 192 -28.72 -29.21 -6.66
N THR J 193 -29.77 -28.65 -7.27
CA THR J 193 -29.65 -28.32 -8.69
C THR J 193 -28.73 -27.14 -8.91
N GLY J 194 -28.64 -26.22 -7.95
CA GLY J 194 -27.73 -25.11 -8.10
C GLY J 194 -26.28 -25.55 -8.00
N LEU J 195 -25.97 -26.43 -7.05
CA LEU J 195 -24.60 -26.90 -6.95
C LEU J 195 -24.26 -27.83 -8.11
N ASP J 196 -25.27 -28.54 -8.63
CA ASP J 196 -25.10 -29.26 -9.90
C ASP J 196 -24.63 -28.32 -11.01
N ALA J 197 -25.30 -27.17 -11.18
CA ALA J 197 -24.87 -26.20 -12.18
C ALA J 197 -23.47 -25.68 -11.88
N LEU J 198 -23.13 -25.49 -10.60
CA LEU J 198 -21.78 -25.04 -10.27
C LEU J 198 -20.75 -26.08 -10.66
N THR J 199 -21.10 -27.36 -10.52
CA THR J 199 -20.19 -28.42 -10.94
C THR J 199 -20.01 -28.39 -12.45
N HIS J 200 -21.09 -28.20 -13.21
CA HIS J 200 -20.95 -28.06 -14.67
C HIS J 200 -20.04 -26.90 -15.02
N ALA J 201 -20.19 -25.76 -14.34
CA ALA J 201 -19.39 -24.59 -14.71
C ALA J 201 -17.92 -24.77 -14.33
N ILE J 202 -17.66 -25.36 -13.16
CA ILE J 202 -16.28 -25.54 -12.72
C ILE J 202 -15.61 -26.63 -13.54
N GLU J 203 -16.28 -27.79 -13.71
CA GLU J 203 -15.67 -28.86 -14.49
C GLU J 203 -15.44 -28.42 -15.92
N ALA J 204 -16.45 -27.79 -16.55
CA ALA J 204 -16.21 -27.27 -17.88
C ALA J 204 -15.00 -26.31 -17.91
N TYR J 205 -14.78 -25.56 -16.83
CA TYR J 205 -13.73 -24.55 -16.90
C TYR J 205 -12.34 -25.15 -16.85
N VAL J 206 -12.17 -26.29 -16.16
CA VAL J 206 -10.86 -26.94 -16.06
C VAL J 206 -10.75 -28.15 -16.98
N SER J 207 -11.76 -28.41 -17.80
CA SER J 207 -11.76 -29.57 -18.68
C SER J 207 -10.70 -29.41 -19.76
N THR J 208 -10.21 -30.55 -20.26
CA THR J 208 -9.26 -30.49 -21.37
C THR J 208 -9.95 -30.10 -22.65
N GLY J 209 -11.28 -30.08 -22.68
CA GLY J 209 -12.04 -29.61 -23.81
C GLY J 209 -12.35 -28.13 -23.82
N ALA J 210 -11.81 -27.36 -22.87
CA ALA J 210 -12.18 -25.96 -22.75
C ALA J 210 -11.86 -25.16 -24.02
N THR J 211 -12.77 -24.28 -24.37
CA THR J 211 -12.73 -23.36 -25.48
C THR J 211 -12.80 -21.96 -24.91
N PRO J 212 -12.21 -20.96 -25.56
CA PRO J 212 -12.54 -19.58 -25.18
C PRO J 212 -14.05 -19.33 -25.08
N ILE J 213 -14.86 -19.96 -25.93
CA ILE J 213 -16.32 -19.79 -25.84
C ILE J 213 -16.86 -20.41 -24.56
N THR J 214 -16.54 -21.69 -24.30
CA THR J 214 -17.04 -22.32 -23.09
C THR J 214 -16.45 -21.67 -21.84
N ASP J 215 -15.25 -21.08 -21.95
CA ASP J 215 -14.66 -20.33 -20.83
C ASP J 215 -15.49 -19.10 -20.48
N ALA J 216 -15.79 -18.25 -21.47
CA ALA J 216 -16.67 -17.10 -21.26
C ALA J 216 -17.96 -17.51 -20.54
N LEU J 217 -18.55 -18.65 -20.92
CA LEU J 217 -19.82 -19.03 -20.31
C LEU J 217 -19.62 -19.55 -18.89
N ALA J 218 -18.58 -20.36 -18.65
CA ALA J 218 -18.40 -20.98 -17.34
C ALA J 218 -18.04 -19.95 -16.29
N ILE J 219 -17.22 -18.96 -16.67
CA ILE J 219 -16.84 -17.90 -15.73
C ILE J 219 -18.07 -17.18 -15.20
N GLN J 220 -18.96 -16.78 -16.10
CA GLN J 220 -20.15 -16.06 -15.69
C GLN J 220 -21.06 -16.91 -14.82
N ALA J 221 -21.23 -18.20 -15.17
CA ALA J 221 -22.11 -19.04 -14.36
C ALA J 221 -21.63 -19.11 -12.92
N ILE J 222 -20.32 -19.21 -12.73
CA ILE J 222 -19.76 -19.30 -11.39
C ILE J 222 -20.00 -18.01 -10.61
N LYS J 223 -19.67 -16.85 -11.20
CA LYS J 223 -19.92 -15.56 -10.55
C LYS J 223 -21.37 -15.42 -10.13
N ILE J 224 -22.30 -15.73 -11.03
CA ILE J 224 -23.72 -15.59 -10.71
C ILE J 224 -24.11 -16.57 -9.59
N ILE J 225 -23.72 -17.85 -9.74
CA ILE J 225 -24.13 -18.85 -8.75
C ILE J 225 -23.63 -18.45 -7.37
N SER J 226 -22.37 -18.01 -7.32
CA SER J 226 -21.76 -17.55 -6.08
C SER J 226 -22.63 -16.48 -5.39
N LYS J 227 -23.22 -15.57 -6.16
CA LYS J 227 -23.99 -14.48 -5.56
C LYS J 227 -25.44 -14.85 -5.26
N TYR J 228 -26.11 -15.54 -6.19
CA TYR J 228 -27.56 -15.70 -6.12
C TYR J 228 -28.03 -17.08 -5.66
N LEU J 229 -27.18 -18.10 -5.72
CA LEU J 229 -27.66 -19.42 -5.29
C LEU J 229 -28.04 -19.42 -3.82
N PRO J 230 -27.23 -18.90 -2.89
CA PRO J 230 -27.70 -18.90 -1.50
C PRO J 230 -28.90 -17.98 -1.28
N ARG J 231 -29.06 -16.92 -2.08
CA ARG J 231 -30.29 -16.14 -2.00
C ARG J 231 -31.50 -16.98 -2.32
N ALA J 232 -31.45 -17.71 -3.43
CA ALA J 232 -32.57 -18.56 -3.84
C ALA J 232 -32.86 -19.65 -2.81
N VAL J 233 -31.82 -20.28 -2.26
CA VAL J 233 -32.05 -21.29 -1.25
C VAL J 233 -32.76 -20.69 -0.03
N ALA J 234 -32.33 -19.49 0.38
CA ALA J 234 -32.87 -18.91 1.61
C ALA J 234 -34.33 -18.49 1.44
N ASN J 235 -34.73 -18.14 0.22
CA ASN J 235 -36.05 -17.61 -0.05
C ASN J 235 -36.34 -17.87 -1.52
N GLY J 236 -37.09 -18.95 -1.78
CA GLY J 236 -37.45 -19.33 -3.14
C GLY J 236 -38.34 -18.34 -3.86
N LYS J 237 -38.87 -17.36 -3.13
CA LYS J 237 -39.80 -16.35 -3.73
C LYS J 237 -39.00 -15.11 -4.16
N ASP J 238 -37.68 -15.10 -3.95
CA ASP J 238 -36.85 -14.01 -4.49
C ASP J 238 -36.80 -14.19 -6.01
N ILE J 239 -37.58 -13.43 -6.75
CA ILE J 239 -37.69 -13.63 -8.21
C ILE J 239 -36.34 -13.33 -8.88
N GLU J 240 -35.67 -12.27 -8.45
CA GLU J 240 -34.35 -11.91 -9.03
C GLU J 240 -33.43 -13.13 -8.90
N ALA J 241 -33.38 -13.75 -7.72
CA ALA J 241 -32.46 -14.86 -7.58
C ALA J 241 -32.86 -16.04 -8.46
N ARG J 242 -34.15 -16.31 -8.60
CA ARG J 242 -34.57 -17.33 -9.56
C ARG J 242 -34.15 -16.94 -10.98
N GLU J 243 -34.49 -15.72 -11.41
CA GLU J 243 -34.14 -15.33 -12.76
C GLU J 243 -32.63 -15.41 -12.97
N GLN J 244 -31.84 -15.03 -11.97
CA GLN J 244 -30.39 -15.14 -12.12
C GLN J 244 -29.91 -16.60 -12.13
N MET J 245 -30.53 -17.49 -11.33
CA MET J 245 -30.16 -18.90 -11.39
C MET J 245 -30.51 -19.50 -12.74
N ALA J 246 -31.70 -19.18 -13.29
CA ALA J 246 -32.08 -19.73 -14.58
C ALA J 246 -31.11 -19.29 -15.66
N PHE J 247 -30.56 -18.09 -15.56
CA PHE J 247 -29.50 -17.71 -16.49
C PHE J 247 -28.23 -18.50 -16.22
N ALA J 248 -27.90 -18.68 -14.94
CA ALA J 248 -26.63 -19.32 -14.58
C ALA J 248 -26.61 -20.77 -15.03
N GLN J 249 -27.74 -21.47 -14.90
CA GLN J 249 -27.73 -22.88 -15.23
C GLN J 249 -27.66 -23.07 -16.75
N SER J 250 -28.17 -22.10 -17.52
CA SER J 250 -28.03 -22.14 -18.97
C SER J 250 -26.57 -21.89 -19.40
N LEU J 251 -25.94 -20.88 -18.82
CA LEU J 251 -24.52 -20.69 -19.05
C LEU J 251 -23.76 -21.97 -18.70
N ALA J 252 -24.03 -22.51 -17.51
CA ALA J 252 -23.39 -23.76 -17.11
C ALA J 252 -23.61 -24.85 -18.16
N GLY J 253 -24.87 -25.05 -18.57
CA GLY J 253 -25.17 -26.09 -19.55
C GLY J 253 -24.47 -25.87 -20.88
N MET J 254 -24.51 -24.65 -21.41
CA MET J 254 -23.82 -24.38 -22.67
C MET J 254 -22.34 -24.67 -22.57
N ALA J 255 -21.74 -24.48 -21.40
CA ALA J 255 -20.29 -24.64 -21.29
C ALA J 255 -19.89 -26.10 -21.28
N PHE J 256 -20.49 -26.89 -20.39
CA PHE J 256 -20.10 -28.29 -20.28
C PHE J 256 -20.56 -29.11 -21.47
N ASN J 257 -21.71 -28.78 -22.05
CA ASN J 257 -22.16 -29.45 -23.27
C ASN J 257 -21.05 -29.48 -24.31
N ASN J 258 -20.30 -28.39 -24.41
CA ASN J 258 -19.32 -28.23 -25.46
C ASN J 258 -17.88 -28.28 -24.97
N ALA J 259 -17.65 -28.47 -23.67
CA ALA J 259 -16.30 -28.57 -23.14
C ALA J 259 -16.01 -29.91 -22.51
N GLY J 260 -17.04 -30.55 -21.96
CA GLY J 260 -16.83 -31.81 -21.25
C GLY J 260 -16.87 -31.59 -19.76
N LEU J 261 -17.12 -32.65 -19.01
CA LEU J 261 -17.13 -32.55 -17.52
C LEU J 261 -15.88 -33.22 -16.96
N GLY J 262 -16.03 -33.99 -15.90
CA GLY J 262 -14.86 -34.62 -15.25
C GLY J 262 -15.24 -35.69 -14.26
N TYR J 263 -14.36 -35.97 -13.30
CA TYR J 263 -14.59 -37.10 -12.36
C TYR J 263 -15.69 -36.78 -11.35
N VAL J 264 -16.03 -35.50 -11.13
CA VAL J 264 -17.18 -35.29 -10.25
C VAL J 264 -18.39 -36.01 -10.80
N HIS J 265 -18.61 -35.89 -12.11
CA HIS J 265 -19.74 -36.57 -12.72
C HIS J 265 -19.46 -38.06 -12.90
N ALA J 266 -18.25 -38.43 -13.33
CA ALA J 266 -17.88 -39.84 -13.44
C ALA J 266 -18.17 -40.60 -12.16
N ILE J 267 -17.76 -40.06 -11.01
CA ILE J 267 -18.00 -40.72 -9.73
C ILE J 267 -19.44 -40.54 -9.24
N ALA J 268 -20.12 -39.48 -9.68
CA ALA J 268 -21.49 -39.26 -9.20
C ALA J 268 -22.50 -40.10 -9.99
N HIS J 269 -22.19 -40.39 -11.25
CA HIS J 269 -23.08 -41.26 -12.03
C HIS J 269 -23.09 -42.68 -11.48
N GLN J 270 -22.02 -43.09 -10.80
CA GLN J 270 -21.98 -44.40 -10.18
C GLN J 270 -22.71 -44.39 -8.84
N LEU J 271 -22.37 -43.44 -7.98
CA LEU J 271 -23.09 -43.32 -6.72
C LEU J 271 -24.57 -43.09 -6.92
N GLY J 272 -24.95 -42.41 -8.00
CA GLY J 272 -26.35 -42.17 -8.29
C GLY J 272 -27.10 -43.39 -8.80
N GLY J 273 -26.57 -44.01 -9.85
CA GLY J 273 -27.20 -45.20 -10.40
C GLY J 273 -27.17 -46.39 -9.48
N PHE J 274 -26.33 -46.35 -8.45
CA PHE J 274 -26.16 -47.46 -7.52
C PHE J 274 -26.96 -47.28 -6.23
N TYR J 275 -27.26 -46.05 -5.81
CA TYR J 275 -27.95 -45.78 -4.55
C TYR J 275 -29.17 -44.87 -4.67
N ASN J 276 -29.46 -44.34 -5.87
CA ASN J 276 -30.59 -43.46 -6.13
C ASN J 276 -30.49 -42.10 -5.43
N PHE J 277 -29.28 -41.68 -5.11
CA PHE J 277 -29.08 -40.34 -4.57
C PHE J 277 -29.43 -39.28 -5.61
N PRO J 278 -29.96 -38.14 -5.18
CA PRO J 278 -30.16 -36.99 -6.09
C PRO J 278 -28.84 -36.55 -6.72
N HIS J 279 -28.80 -36.56 -8.05
CA HIS J 279 -27.58 -36.27 -8.79
C HIS J 279 -26.88 -35.00 -8.29
N GLY J 280 -27.63 -33.90 -8.12
CA GLY J 280 -27.04 -32.65 -7.64
C GLY J 280 -26.43 -32.76 -6.26
N VAL J 281 -27.01 -33.59 -5.40
CA VAL J 281 -26.42 -33.85 -4.09
C VAL J 281 -25.09 -34.59 -4.24
N CYS J 282 -25.03 -35.56 -5.16
CA CYS J 282 -23.78 -36.32 -5.33
C CYS J 282 -22.66 -35.40 -5.81
N ASN J 283 -22.99 -34.46 -6.69
CA ASN J 283 -21.98 -33.53 -7.18
C ASN J 283 -21.49 -32.62 -6.07
N ALA J 284 -22.38 -32.19 -5.18
CA ALA J 284 -22.01 -31.26 -4.12
C ALA J 284 -21.13 -31.94 -3.07
N VAL J 285 -21.40 -33.21 -2.78
CA VAL J 285 -20.56 -33.93 -1.84
C VAL J 285 -19.17 -34.15 -2.40
N LEU J 286 -19.07 -34.47 -3.70
CA LEU J 286 -17.81 -34.86 -4.34
C LEU J 286 -16.97 -33.68 -4.84
N LEU J 287 -17.61 -32.55 -5.17
CA LEU J 287 -16.94 -31.46 -5.87
C LEU J 287 -15.68 -30.98 -5.17
N PRO J 288 -15.68 -30.71 -3.85
CA PRO J 288 -14.40 -30.33 -3.22
C PRO J 288 -13.32 -31.40 -3.35
N TYR J 289 -13.68 -32.67 -3.12
CA TYR J 289 -12.66 -33.73 -3.12
C TYR J 289 -12.01 -33.89 -4.48
N VAL J 290 -12.80 -33.87 -5.56
CA VAL J 290 -12.26 -33.98 -6.91
C VAL J 290 -11.48 -32.72 -7.29
N CYS J 291 -11.87 -31.56 -6.75
CA CYS J 291 -11.14 -30.33 -7.02
C CYS J 291 -9.75 -30.37 -6.36
N ARG J 292 -9.69 -30.85 -5.12
CA ARG J 292 -8.41 -31.09 -4.49
C ARG J 292 -7.52 -31.99 -5.34
N PHE J 293 -8.09 -33.08 -5.86
CA PHE J 293 -7.27 -34.00 -6.62
C PHE J 293 -6.76 -33.36 -7.90
N ASN J 294 -7.60 -32.58 -8.57
CA ASN J 294 -7.18 -31.99 -9.84
C ASN J 294 -6.25 -30.79 -9.68
N LEU J 295 -6.03 -30.30 -8.45
CA LEU J 295 -5.45 -28.98 -8.22
C LEU J 295 -4.17 -28.75 -9.02
N ILE J 296 -3.20 -29.66 -8.89
CA ILE J 296 -1.88 -29.44 -9.47
C ILE J 296 -1.92 -29.37 -10.99
N SER J 297 -2.99 -29.86 -11.63
CA SER J 297 -3.07 -29.86 -13.08
C SER J 297 -3.72 -28.60 -13.66
N LYS J 298 -4.46 -27.82 -12.87
CA LYS J 298 -5.19 -26.65 -13.33
C LYS J 298 -5.06 -25.49 -12.37
N VAL J 299 -3.90 -25.32 -11.74
CA VAL J 299 -3.84 -24.47 -10.54
C VAL J 299 -4.13 -23.02 -10.89
N GLU J 300 -3.68 -22.54 -12.05
CA GLU J 300 -4.02 -21.17 -12.42
C GLU J 300 -5.52 -20.98 -12.51
N ARG J 301 -6.24 -22.03 -12.92
CA ARG J 301 -7.67 -21.84 -13.13
C ARG J 301 -8.45 -21.96 -11.84
N TYR J 302 -8.00 -22.82 -10.93
CA TYR J 302 -8.63 -22.89 -9.63
C TYR J 302 -8.41 -21.61 -8.82
N ALA J 303 -7.25 -20.98 -8.98
CA ALA J 303 -7.02 -19.66 -8.41
C ALA J 303 -8.04 -18.64 -8.96
N GLU J 304 -8.24 -18.62 -10.28
CA GLU J 304 -9.26 -17.76 -10.87
C GLU J 304 -10.65 -18.10 -10.36
N ILE J 305 -10.95 -19.39 -10.20
CA ILE J 305 -12.24 -19.78 -9.62
C ILE J 305 -12.39 -19.21 -8.22
N ALA J 306 -11.30 -19.15 -7.46
CA ALA J 306 -11.41 -18.63 -6.10
C ALA J 306 -11.89 -17.18 -6.11
N ALA J 307 -11.35 -16.38 -7.04
CA ALA J 307 -11.77 -14.99 -7.16
C ALA J 307 -13.22 -14.90 -7.63
N PHE J 308 -13.59 -15.70 -8.63
CA PHE J 308 -15.00 -15.77 -9.06
C PHE J 308 -15.93 -16.08 -7.90
N LEU J 309 -15.49 -16.86 -6.92
CA LEU J 309 -16.34 -17.17 -5.79
C LEU J 309 -16.25 -16.10 -4.72
N GLY J 310 -15.62 -14.97 -5.03
CA GLY J 310 -15.54 -13.84 -4.13
C GLY J 310 -14.40 -13.84 -3.14
N GLU J 311 -13.54 -14.86 -3.16
CA GLU J 311 -12.45 -14.95 -2.19
C GLU J 311 -11.38 -13.92 -2.48
N ASN J 312 -10.75 -13.42 -1.43
CA ASN J 312 -9.67 -12.45 -1.59
C ASN J 312 -8.36 -13.20 -1.69
N VAL J 313 -7.64 -13.01 -2.80
CA VAL J 313 -6.44 -13.77 -3.07
C VAL J 313 -5.19 -12.90 -3.04
N ASP J 314 -5.29 -11.71 -2.46
CA ASP J 314 -4.19 -10.75 -2.49
C ASP J 314 -3.00 -11.26 -1.70
N GLY J 315 -1.82 -11.16 -2.32
CA GLY J 315 -0.57 -11.54 -1.67
C GLY J 315 -0.36 -13.02 -1.49
N LEU J 316 -1.17 -13.85 -2.17
CA LEU J 316 -1.08 -15.31 -2.14
C LEU J 316 -0.33 -15.84 -3.35
N SER J 317 0.35 -16.96 -3.15
CA SER J 317 0.79 -17.74 -4.31
C SER J 317 -0.43 -18.30 -5.04
N THR J 318 -0.24 -18.60 -6.32
CA THR J 318 -1.31 -19.24 -7.08
C THR J 318 -1.82 -20.47 -6.35
N TYR J 319 -0.91 -21.22 -5.73
CA TYR J 319 -1.29 -22.43 -5.01
C TYR J 319 -2.22 -22.12 -3.86
N ASP J 320 -1.89 -21.10 -3.05
CA ASP J 320 -2.74 -20.77 -1.91
C ASP J 320 -4.06 -20.18 -2.36
N ALA J 321 -4.05 -19.30 -3.37
CA ALA J 321 -5.28 -18.84 -3.98
C ALA J 321 -6.16 -20.01 -4.39
N ALA J 322 -5.62 -20.92 -5.21
CA ALA J 322 -6.36 -22.12 -5.61
C ALA J 322 -6.93 -22.86 -4.41
N GLU J 323 -6.19 -22.91 -3.30
CA GLU J 323 -6.71 -23.64 -2.16
C GLU J 323 -7.93 -22.97 -1.57
N LYS J 324 -8.01 -21.63 -1.64
CA LYS J 324 -9.18 -20.89 -1.14
C LYS J 324 -10.45 -21.22 -1.94
N ALA J 325 -10.32 -21.58 -3.23
CA ALA J 325 -11.46 -22.07 -3.98
C ALA J 325 -12.07 -23.30 -3.33
N ILE J 326 -11.25 -24.26 -2.89
CA ILE J 326 -11.79 -25.44 -2.20
C ILE J 326 -12.52 -25.03 -0.92
N LYS J 327 -11.90 -24.14 -0.13
CA LYS J 327 -12.56 -23.65 1.08
C LYS J 327 -13.90 -23.00 0.76
N ALA J 328 -13.93 -22.18 -0.29
CA ALA J 328 -15.18 -21.56 -0.73
C ALA J 328 -16.26 -22.62 -0.99
N ILE J 329 -15.89 -23.71 -1.65
CA ILE J 329 -16.87 -24.74 -2.03
C ILE J 329 -17.35 -25.48 -0.80
N GLU J 330 -16.42 -25.89 0.07
CA GLU J 330 -16.87 -26.53 1.31
C GLU J 330 -17.83 -25.65 2.07
N ARG J 331 -17.51 -24.36 2.18
CA ARG J 331 -18.34 -23.42 2.92
C ARG J 331 -19.70 -23.25 2.28
N MET J 332 -19.73 -23.09 0.96
CA MET J 332 -21.01 -22.98 0.28
C MET J 332 -21.85 -24.20 0.53
N ALA J 333 -21.30 -25.39 0.27
CA ALA J 333 -22.05 -26.62 0.48
C ALA J 333 -22.51 -26.75 1.93
N LYS J 334 -21.67 -26.34 2.89
CA LYS J 334 -22.09 -26.39 4.29
C LYS J 334 -23.20 -25.38 4.55
N ASP J 335 -23.12 -24.20 3.93
CA ASP J 335 -24.14 -23.18 4.14
C ASP J 335 -25.50 -23.60 3.59
N LEU J 336 -25.51 -24.46 2.56
CA LEU J 336 -26.77 -24.89 1.96
C LEU J 336 -27.21 -26.28 2.42
N ASN J 337 -26.77 -26.73 3.60
CA ASN J 337 -27.27 -27.95 4.23
C ASN J 337 -27.17 -29.19 3.33
N ILE J 338 -26.03 -29.32 2.66
CA ILE J 338 -25.68 -30.48 1.85
C ILE J 338 -24.94 -31.44 2.78
N PRO J 339 -25.15 -32.77 2.67
CA PRO J 339 -24.47 -33.69 3.59
C PRO J 339 -22.96 -33.67 3.39
N LYS J 340 -22.23 -34.00 4.46
CA LYS J 340 -20.75 -33.94 4.40
C LYS J 340 -20.12 -35.20 3.80
N GLY J 341 -20.84 -36.33 3.81
CA GLY J 341 -20.37 -37.55 3.20
C GLY J 341 -21.53 -38.43 2.78
N PHE J 342 -21.18 -39.52 2.08
CA PHE J 342 -22.23 -40.39 1.58
C PHE J 342 -22.66 -41.45 2.59
N LYS J 343 -21.84 -41.76 3.59
CA LYS J 343 -22.19 -42.88 4.45
C LYS J 343 -23.51 -42.65 5.14
N GLU J 344 -23.78 -41.40 5.53
CA GLU J 344 -25.05 -41.11 6.18
C GLU J 344 -26.22 -41.31 5.23
N LEU J 345 -26.01 -41.12 3.94
CA LEU J 345 -27.08 -41.35 2.97
C LEU J 345 -27.30 -42.83 2.66
N GLY J 346 -26.49 -43.73 3.22
CA GLY J 346 -26.67 -45.16 3.00
C GLY J 346 -25.54 -45.88 2.28
N ALA J 347 -24.49 -45.23 1.80
CA ALA J 347 -23.48 -45.89 0.99
C ALA J 347 -22.59 -46.78 1.86
N LYS J 348 -22.38 -48.02 1.39
CA LYS J 348 -21.52 -48.98 2.08
C LYS J 348 -20.11 -48.93 1.51
N GLU J 349 -19.11 -49.07 2.39
CA GLU J 349 -17.73 -48.90 1.95
C GLU J 349 -17.27 -50.05 1.05
N GLU J 350 -17.86 -51.23 1.18
CA GLU J 350 -17.39 -52.37 0.40
C GLU J 350 -17.86 -52.34 -1.06
N ASP J 351 -18.50 -51.25 -1.48
CA ASP J 351 -18.84 -51.01 -2.87
C ASP J 351 -17.90 -50.01 -3.53
N ILE J 352 -16.94 -49.47 -2.78
CA ILE J 352 -16.11 -48.40 -3.33
C ILE J 352 -15.26 -48.90 -4.50
N GLU J 353 -14.72 -50.12 -4.40
CA GLU J 353 -13.90 -50.61 -5.52
C GLU J 353 -14.71 -50.73 -6.80
N THR J 354 -15.92 -51.28 -6.71
CA THR J 354 -16.75 -51.41 -7.90
C THR J 354 -17.14 -50.03 -8.45
N LEU J 355 -17.58 -49.11 -7.58
CA LEU J 355 -18.00 -47.77 -8.00
C LEU J 355 -16.85 -47.00 -8.66
N ALA J 356 -15.65 -47.11 -8.10
CA ALA J 356 -14.48 -46.49 -8.71
C ALA J 356 -14.16 -47.13 -10.06
N LYS J 357 -14.19 -48.46 -10.13
CA LYS J 357 -13.93 -49.14 -11.39
C LYS J 357 -14.92 -48.69 -12.46
N ASN J 358 -16.21 -48.69 -12.12
CA ASN J 358 -17.22 -48.19 -13.06
C ASN J 358 -17.00 -46.74 -13.41
N ALA J 359 -16.55 -45.94 -12.43
CA ALA J 359 -16.32 -44.52 -12.68
C ALA J 359 -15.32 -44.32 -13.81
N MET J 360 -14.29 -45.18 -13.87
CA MET J 360 -13.24 -44.95 -14.85
C MET J 360 -13.66 -45.34 -16.25
N LYS J 361 -14.86 -45.89 -16.43
CA LYS J 361 -15.35 -46.23 -17.76
C LYS J 361 -16.31 -45.17 -18.30
N ASP J 362 -16.57 -44.10 -17.53
CA ASP J 362 -17.57 -43.08 -17.88
C ASP J 362 -17.04 -42.12 -18.93
N ALA J 363 -17.93 -41.67 -19.81
CA ALA J 363 -17.49 -40.74 -20.85
C ALA J 363 -16.90 -39.46 -20.23
N CYS J 364 -17.44 -39.02 -19.10
CA CYS J 364 -17.03 -37.75 -18.50
C CYS J 364 -15.58 -37.76 -18.05
N ALA J 365 -15.04 -38.91 -17.63
CA ALA J 365 -13.65 -38.98 -17.19
C ALA J 365 -12.65 -38.55 -18.28
N LEU J 366 -13.02 -38.66 -19.55
CA LEU J 366 -12.05 -38.39 -20.62
C LEU J 366 -11.51 -36.96 -20.58
N THR J 367 -12.31 -35.98 -20.14
CA THR J 367 -11.89 -34.59 -20.21
C THR J 367 -11.43 -34.03 -18.88
N ASN J 368 -11.44 -34.84 -17.83
CA ASN J 368 -10.91 -34.44 -16.54
C ASN J 368 -9.41 -34.11 -16.68
N PRO J 369 -8.93 -33.04 -16.04
CA PRO J 369 -7.56 -32.58 -16.33
C PRO J 369 -6.44 -33.47 -15.77
N ARG J 370 -6.74 -34.30 -14.78
CA ARG J 370 -5.74 -35.17 -14.20
C ARG J 370 -6.14 -36.61 -14.46
N LYS J 371 -5.22 -37.39 -15.02
CA LYS J 371 -5.50 -38.78 -15.35
C LYS J 371 -5.17 -39.69 -14.17
N PRO J 372 -6.16 -40.21 -13.47
CA PRO J 372 -5.91 -41.02 -12.28
C PRO J 372 -5.66 -42.49 -12.60
N LYS J 373 -5.01 -43.15 -11.64
CA LYS J 373 -5.07 -44.60 -11.52
C LYS J 373 -6.19 -44.98 -10.55
N LEU J 374 -6.62 -46.25 -10.62
CA LEU J 374 -7.80 -46.69 -9.87
C LEU J 374 -7.66 -46.41 -8.38
N GLU J 375 -6.44 -46.54 -7.86
CA GLU J 375 -6.25 -46.39 -6.42
C GLU J 375 -6.66 -44.98 -5.97
N GLU J 376 -6.31 -43.96 -6.76
CA GLU J 376 -6.64 -42.58 -6.41
C GLU J 376 -8.15 -42.32 -6.53
N VAL J 377 -8.82 -42.94 -7.50
CA VAL J 377 -10.27 -42.79 -7.58
C VAL J 377 -10.95 -43.44 -6.38
N ILE J 378 -10.40 -44.57 -5.89
CA ILE J 378 -10.94 -45.19 -4.68
C ILE J 378 -10.75 -44.26 -3.50
N GLN J 379 -9.63 -43.55 -3.49
CA GLN J 379 -9.32 -42.63 -2.41
C GLN J 379 -10.35 -41.51 -2.33
N ILE J 380 -10.66 -40.90 -3.49
CA ILE J 380 -11.62 -39.79 -3.56
C ILE J 380 -12.98 -40.22 -3.01
N ILE J 381 -13.48 -41.37 -3.45
CA ILE J 381 -14.74 -41.88 -2.90
C ILE J 381 -14.61 -42.12 -1.41
N LYS J 382 -13.43 -42.58 -0.98
CA LYS J 382 -13.27 -42.90 0.45
C LYS J 382 -13.35 -41.59 1.21
N ASN J 383 -12.78 -40.54 0.65
CA ASN J 383 -12.76 -39.22 1.31
C ASN J 383 -14.19 -38.70 1.41
N ALA J 384 -15.03 -39.02 0.43
CA ALA J 384 -16.41 -38.48 0.40
C ALA J 384 -17.38 -39.33 1.25
N MET J 385 -16.89 -40.31 1.98
CA MET J 385 -17.76 -41.05 2.93
C MET J 385 -17.67 -40.30 4.26
N LEU J 386 -16.49 -40.23 4.88
CA LEU J 386 -16.29 -39.32 6.04
C LEU J 386 -17.55 -38.82 6.76
MN MN K . 0.86 39.15 18.20
PA NAD L . -7.77 45.84 19.49
O1A NAD L . -6.79 46.70 18.76
O2A NAD L . -7.69 45.82 20.97
O5B NAD L . -9.25 46.23 19.03
C5B NAD L . -9.52 46.34 17.62
C4B NAD L . -10.95 46.80 17.42
O4B NAD L . -11.85 45.70 17.63
C3B NAD L . -11.42 47.94 18.34
O3B NAD L . -12.05 48.97 17.60
C2B NAD L . -12.43 47.25 19.27
O2B NAD L . -13.50 48.08 19.67
C1B NAD L . -12.94 46.12 18.41
N9A NAD L . -13.43 44.97 19.16
C8A NAD L . -12.72 44.28 20.11
N7A NAD L . -13.39 43.29 20.64
C5A NAD L . -14.62 43.33 19.99
C6A NAD L . -15.76 42.53 20.11
N6A NAD L . -15.87 41.50 20.93
N1A NAD L . -16.82 42.83 19.32
C2A NAD L . -16.71 43.87 18.48
N3A NAD L . -15.67 44.69 18.29
C4A NAD L . -14.65 44.36 19.08
O3 NAD L . -7.67 44.35 18.93
PN NAD L . -6.63 43.14 19.06
O1N NAD L . -6.25 42.70 17.69
O2N NAD L . -7.16 42.12 19.99
O5D NAD L . -5.38 43.87 19.73
C5D NAD L . -4.30 44.27 18.87
C4D NAD L . -3.25 44.95 19.72
O4D NAD L . -2.74 44.02 20.69
C3D NAD L . -2.02 45.48 18.96
O3D NAD L . -1.62 46.73 19.50
C2D NAD L . -0.99 44.38 19.19
O2D NAD L . 0.36 44.84 19.12
C1D NAD L . -1.33 44.02 20.64
N1N NAD L . -0.84 42.70 21.05
C2N NAD L . -0.40 42.51 22.34
C3N NAD L . 0.07 41.26 22.72
C7N NAD L . 0.53 41.05 24.13
O7N NAD L . 0.65 39.90 24.58
N7N NAD L . 0.79 42.12 24.86
C4N NAD L . 0.09 40.21 21.81
C5N NAD L . -0.36 40.42 20.52
C6N NAD L . -0.82 41.67 20.15
MN MN M . -1.14 11.02 41.86
PA NAD N . 7.23 11.19 48.74
O1A NAD N . 6.27 10.36 49.52
O2A NAD N . 7.18 12.67 48.89
O5B NAD N . 8.71 10.69 49.01
C5B NAD N . 8.94 9.28 49.19
C4B NAD N . 10.40 9.04 49.47
O4B NAD N . 11.19 9.51 48.34
C3B NAD N . 10.98 9.74 50.70
O3B NAD N . 11.65 8.82 51.54
C2B NAD N . 11.95 10.76 50.13
O2B NAD N . 13.09 10.97 50.96
C1B NAD N . 12.36 10.09 48.83
N9A NAD N . 12.87 11.02 47.82
C8A NAD N . 12.19 12.09 47.27
N7A NAD N . 12.90 12.75 46.40
C5A NAD N . 14.12 12.09 46.37
C6A NAD N . 15.30 12.31 45.64
N6A NAD N . 15.45 13.29 44.76
N1A NAD N . 16.33 11.47 45.86
C2A NAD N . 16.18 10.48 46.73
N3A NAD N . 15.12 10.17 47.48
C4A NAD N . 14.11 11.03 47.25
O3 NAD N . 7.06 10.82 47.18
PN NAD N . 5.99 11.25 46.08
O1N NAD N . 5.50 10.02 45.38
O2N NAD N . 6.56 12.35 45.26
O5D NAD N . 4.82 11.82 47.00
C5D NAD N . 3.67 11.00 47.23
C4D NAD N . 2.65 11.78 48.01
O4D NAD N . 2.17 12.87 47.21
C3D NAD N . 1.40 11.00 48.47
O3D NAD N . 1.01 11.38 49.77
C2D NAD N . 0.35 11.41 47.43
O2D NAD N . -0.97 11.36 47.93
C1D NAD N . 0.76 12.88 47.24
N1N NAD N . 0.28 13.47 45.98
C2N NAD N . -0.18 14.76 45.97
C3N NAD N . -0.64 15.32 44.77
C7N NAD N . -1.12 16.73 44.79
O7N NAD N . -1.11 17.39 43.75
N7N NAD N . -1.55 17.23 45.94
C4N NAD N . -0.65 14.56 43.61
C5N NAD N . -0.19 13.26 43.64
C6N NAD N . 0.26 12.72 44.83
MN MN O . 35.52 -9.24 22.97
PA NAD P . 43.03 -16.90 20.27
O1A NAD P . 44.15 -15.94 20.07
O2A NAD P . 42.66 -17.26 21.67
O5B NAD P . 43.32 -18.23 19.44
C5B NAD P . 42.49 -19.39 19.66
C4B NAD P . 43.04 -20.55 18.87
O4B NAD P . 42.85 -20.29 17.46
C3B NAD P . 44.54 -20.84 19.07
O3B NAD P . 44.77 -22.21 19.34
C2B NAD P . 45.16 -20.42 17.74
O2B NAD P . 46.29 -21.18 17.37
C1B NAD P . 44.03 -20.65 16.76
N9A NAD P . 44.11 -19.83 15.56
C8A NAD P . 44.23 -18.47 15.51
N7A NAD P . 44.29 -18.00 14.29
C5A NAD P . 44.22 -19.12 13.49
C6A NAD P . 44.22 -19.29 12.09
N6A NAD P . 44.32 -18.28 11.23
N1A NAD P . 44.12 -20.55 11.61
C2A NAD P . 44.03 -21.56 12.48
N3A NAD P . 44.01 -21.51 13.81
C4A NAD P . 44.11 -20.26 14.26
O3 NAD P . 41.73 -16.36 19.51
PN NAD P . 40.86 -15.02 19.58
O1N NAD P . 39.44 -15.39 19.77
O2N NAD P . 41.23 -14.15 18.43
O5D NAD P . 41.42 -14.38 20.93
C5D NAD P . 40.61 -14.52 22.11
C4D NAD P . 41.22 -13.72 23.23
O4D NAD P . 41.20 -12.32 22.87
C3D NAD P . 40.50 -13.82 24.58
O3D NAD P . 41.44 -13.92 25.64
C2D NAD P . 39.71 -12.51 24.65
O2D NAD P . 39.45 -12.08 25.97
C1D NAD P . 40.69 -11.57 23.96
N1N NAD P . 40.08 -10.34 23.42
C2N NAD P . 40.79 -9.16 23.48
C3N NAD P . 40.21 -7.99 22.97
C7N NAD P . 40.98 -6.71 23.04
O7N NAD P . 42.03 -6.65 23.67
N7N NAD P . 40.48 -5.66 22.40
C4N NAD P . 38.95 -8.04 22.41
C5N NAD P . 38.25 -9.23 22.37
C6N NAD P . 38.83 -10.38 22.86
MN MN Q . 38.61 19.86 0.41
PA NAD R . 41.20 28.63 6.03
O1A NAD R . 42.12 27.86 6.91
O2A NAD R . 41.70 29.03 4.68
O5B NAD R . 40.67 29.92 6.80
C5B NAD R . 39.69 30.75 6.12
C4B NAD R . 39.42 32.00 6.94
O4B NAD R . 38.51 31.68 8.02
C3B NAD R . 40.63 32.67 7.58
O3B NAD R . 40.59 34.08 7.38
C2B NAD R . 40.50 32.34 9.07
O2B NAD R . 41.00 33.35 9.90
C1B NAD R . 38.99 32.21 9.22
N9A NAD R . 38.59 31.32 10.30
C8A NAD R . 39.02 30.03 10.48
N7A NAD R . 38.50 29.46 11.54
C5A NAD R . 37.68 30.43 12.08
C6A NAD R . 36.85 30.44 13.22
N6A NAD R . 36.71 29.40 14.03
N1A NAD R . 36.17 31.57 13.49
C2A NAD R . 36.31 32.61 12.67
N3A NAD R . 37.05 32.72 11.58
C4A NAD R . 37.72 31.59 11.33
O3 NAD R . 39.85 27.80 5.82
PN NAD R . 39.60 26.28 5.39
O1N NAD R . 38.58 26.24 4.32
O2N NAD R . 39.41 25.46 6.61
O5D NAD R . 41.04 25.96 4.75
C5D NAD R . 41.10 25.49 3.39
C4D NAD R . 42.53 25.20 3.04
O4D NAD R . 42.86 23.85 3.40
C3D NAD R . 42.88 25.30 1.54
O3D NAD R . 44.24 25.63 1.36
C2D NAD R . 42.57 23.88 1.08
O2D NAD R . 43.20 23.54 -0.14
C1D NAD R . 43.21 23.11 2.24
N1N NAD R . 42.72 21.73 2.39
C2N NAD R . 43.54 20.77 2.94
C3N NAD R . 43.07 19.47 3.07
C7N NAD R . 43.96 18.44 3.68
O7N NAD R . 45.19 18.59 3.67
N7N NAD R . 43.39 17.36 4.20
C4N NAD R . 41.79 19.14 2.65
C5N NAD R . 40.98 20.12 2.09
C6N NAD R . 41.45 21.41 1.97
MN MN S . -35.68 23.86 -5.00
PA NAD T . -43.21 22.63 -12.74
O1A NAD T . -44.39 22.33 -11.89
O2A NAD T . -42.71 24.02 -12.81
O5B NAD T . -43.48 22.09 -14.22
C5B NAD T . -42.46 22.31 -15.22
C4B NAD T . -42.96 21.85 -16.57
O4B NAD T . -42.81 20.40 -16.66
C3B NAD T . -44.43 22.14 -16.87
O3B NAD T . -44.60 22.62 -18.20
C2B NAD T . -45.11 20.79 -16.67
O2B NAD T . -46.27 20.63 -17.47
C1B NAD T . -44.01 19.83 -17.10
N9A NAD T . -44.13 18.50 -16.53
C8A NAD T . -44.35 18.20 -15.21
N7A NAD T . -44.42 16.91 -14.98
C5A NAD T . -44.24 16.33 -16.23
C6A NAD T . -44.20 14.98 -16.65
N6A NAD T . -44.36 13.95 -15.83
N1A NAD T . -43.99 14.76 -17.97
C2A NAD T . -43.85 15.81 -18.78
N3A NAD T . -43.86 17.10 -18.50
C4A NAD T . -44.06 17.30 -17.20
O3 NAD T . -42.01 21.66 -12.31
PN NAD T . -40.93 21.71 -11.12
O1N NAD T . -39.62 22.13 -11.69
O2N NAD T . -41.01 20.43 -10.39
O5D NAD T . -41.51 22.89 -10.22
C5D NAD T . -40.73 24.10 -10.05
C4D NAD T . -41.37 24.94 -8.98
O4D NAD T . -41.26 24.26 -7.72
C3D NAD T . -40.72 26.30 -8.69
O3D NAD T . -41.19 27.29 -9.60
C2D NAD T . -41.20 26.60 -7.26
O2D NAD T . -42.41 27.35 -7.24
C1D NAD T . -41.50 25.21 -6.69
N1N NAD T . -40.68 24.84 -5.53
C2N NAD T . -41.29 24.37 -4.39
C3N NAD T . -40.52 24.01 -3.29
C7N NAD T . -41.24 23.50 -2.08
O7N NAD T . -42.37 23.93 -1.81
N7N NAD T . -40.63 22.59 -1.34
C4N NAD T . -39.14 24.13 -3.34
C5N NAD T . -38.54 24.61 -4.49
C6N NAD T . -39.32 24.96 -5.58
MN MN U . -38.33 -3.85 19.39
PA NAD V . -40.89 -0.01 29.18
O1A NAD V . -41.87 0.98 28.65
O2A NAD V . -41.27 -1.43 29.27
O5B NAD V . -40.38 0.49 30.61
C5B NAD V . -39.65 -0.44 31.44
C4B NAD V . -39.22 0.24 32.70
O4B NAD V . -38.44 1.41 32.37
C3B NAD V . -40.36 0.75 33.61
O3B NAD V . -40.23 0.20 34.92
C2B NAD V . -40.21 2.27 33.62
O2B NAD V . -40.48 2.85 34.88
C1B NAD V . -38.73 2.45 33.26
N9A NAD V . -38.46 3.72 32.60
C8A NAD V . -38.91 4.11 31.37
N7A NAD V . -38.50 5.30 31.01
C5A NAD V . -37.72 5.71 32.08
C6A NAD V . -36.98 6.90 32.30
N6A NAD V . -36.92 7.91 31.45
N1A NAD V . -36.31 7.00 33.47
C2A NAD V . -36.36 5.97 34.33
N3A NAD V . -37.02 4.81 34.22
C4A NAD V . -37.68 4.75 33.06
O3 NAD V . -39.54 0.12 28.34
PN NAD V . -39.24 -0.05 26.78
O1N NAD V . -38.15 -1.05 26.62
O2N NAD V . -39.06 1.30 26.18
O5D NAD V . -40.61 -0.68 26.26
C5D NAD V . -40.60 -2.06 25.86
C4D NAD V . -41.97 -2.46 25.39
O4D NAD V . -42.22 -1.85 24.11
C3D NAD V . -42.19 -3.96 25.17
O3D NAD V . -43.51 -4.33 25.55
C2D NAD V . -41.95 -4.12 23.67
O2D NAD V . -42.59 -5.25 23.10
C1D NAD V . -42.61 -2.84 23.18
N1N NAD V . -42.17 -2.42 21.83
C2N NAD V . -43.06 -1.85 20.97
C3N NAD V . -42.65 -1.46 19.70
C7N NAD V . -43.65 -0.83 18.78
O7N NAD V . -43.26 -0.25 17.76
N7N NAD V . -44.93 -0.92 19.11
C4N NAD V . -41.33 -1.65 19.32
C5N NAD V . -40.44 -2.23 20.20
C6N NAD V . -40.86 -2.61 21.45
MN MN W . 20.82 -35.94 -11.74
N1 APR X . 8.72 -43.79 -22.12
C2 APR X . 8.61 -44.81 -21.25
N3 APR X . 9.54 -45.35 -20.47
C4 APR X . 10.72 -44.73 -20.65
C5 APR X . 10.99 -43.68 -21.49
C6 APR X . 9.92 -43.19 -22.27
N6 APR X . 10.03 -42.18 -23.13
N7 APR X . 12.32 -43.32 -21.39
C8 APR X . 12.82 -44.14 -20.50
N9 APR X . 11.90 -45.02 -20.01
C1' APR X . 12.10 -46.07 -19.03
C2' APR X . 13.22 -47.02 -19.39
O2' APR X . 12.77 -48.04 -20.25
C3' APR X . 13.65 -47.53 -18.01
O3' APR X . 12.94 -48.71 -17.66
O4' APR X . 12.49 -45.45 -17.83
C4' APR X . 13.31 -46.37 -17.06
C5' APR X . 14.49 -45.64 -16.48
O5' APR X . 15.32 -45.14 -17.55
PA APR X . 16.63 -44.34 -17.13
O1A APR X . 17.52 -44.20 -18.32
O2A APR X . 17.20 -44.94 -15.89
O3A APR X . 16.02 -42.91 -16.79
PB APR X . 16.66 -41.52 -16.33
O1B APR X . 16.12 -41.17 -14.99
O2B APR X . 16.52 -40.54 -17.44
O5D APR X . 18.19 -41.94 -16.19
C5D APR X . 18.72 -42.13 -14.86
O4D APR X . 20.74 -40.97 -15.43
O1D APR X . 22.06 -39.53 -14.22
C1D APR X . 22.03 -40.72 -14.89
O2D APR X . 23.20 -42.86 -14.40
C2D APR X . 22.32 -41.87 -13.90
O3D APR X . 20.99 -43.81 -13.25
C3D APR X . 20.95 -42.43 -13.58
C4D APR X . 20.23 -42.21 -14.91
MN MN Y . 25.16 -7.10 -34.55
PA NAD Z . 35.66 -4.70 -35.44
O1A NAD Z . 36.16 -6.09 -35.63
O2A NAD Z . 34.94 -4.04 -36.59
O5B NAD Z . 36.87 -3.75 -34.97
C5B NAD Z . 36.63 -2.33 -34.87
C4B NAD Z . 37.89 -1.65 -34.36
O4B NAD Z . 38.05 -1.94 -32.96
C3B NAD Z . 39.20 -2.07 -35.03
O3B NAD Z . 40.00 -0.94 -35.32
C2B NAD Z . 39.86 -2.96 -33.98
O2B NAD Z . 41.27 -2.96 -34.09
C1B NAD Z . 39.38 -2.29 -32.71
N9A NAD Z . 39.43 -3.16 -31.54
C8A NAD Z . 38.73 -4.33 -31.36
N7A NAD Z . 38.96 -4.89 -30.20
C5A NAD Z . 39.86 -4.06 -29.58
C6A NAD Z . 40.50 -4.11 -28.32
N6A NAD Z . 40.31 -5.08 -27.44
N1A NAD Z . 41.35 -3.10 -28.01
C2A NAD Z . 41.53 -2.12 -28.90
N3A NAD Z . 40.99 -1.97 -30.10
C4A NAD Z . 40.16 -2.98 -30.39
O3 NAD Z . 34.71 -4.66 -34.17
PN NAD Z . 33.27 -5.26 -33.88
O1N NAD Z . 32.30 -4.13 -33.72
O2N NAD Z . 33.36 -6.28 -32.80
O5D NAD Z . 32.97 -6.00 -35.27
C5D NAD Z . 31.85 -5.49 -36.03
C4D NAD Z . 31.65 -6.37 -37.25
O4D NAD Z . 31.07 -7.64 -36.85
C3D NAD Z . 30.69 -5.80 -38.31
O3D NAD Z . 31.16 -6.08 -39.62
C2D NAD Z . 29.38 -6.53 -38.02
O2D NAD Z . 28.53 -6.65 -39.14
C1D NAD Z . 29.95 -7.90 -37.66
N1N NAD Z . 29.01 -8.77 -36.93
C2N NAD Z . 29.08 -10.13 -37.07
C3N NAD Z . 28.18 -10.94 -36.37
C7N NAD Z . 28.27 -12.43 -36.54
O7N NAD Z . 27.79 -13.17 -35.68
N7N NAD Z . 28.86 -12.89 -37.62
C4N NAD Z . 27.22 -10.37 -35.56
C5N NAD Z . 27.16 -9.00 -35.42
C6N NAD Z . 28.06 -8.21 -36.12
MN MN AA . -20.71 -4.95 -37.80
N1 APR BA . -8.52 -13.64 -47.38
C2 APR BA . -8.44 -12.56 -48.17
N3 APR BA . -9.38 -11.69 -48.52
C4 APR BA . -10.55 -12.01 -47.95
C5 APR BA . -10.79 -13.08 -47.11
C6 APR BA . -9.71 -13.94 -46.82
N6 APR BA . -9.81 -14.99 -46.02
N7 APR BA . -12.12 -13.08 -46.72
C8 APR BA . -12.65 -12.03 -47.32
N9 APR BA . -11.74 -11.35 -48.07
C1' APR BA . -11.96 -10.16 -48.85
C2' APR BA . -13.10 -10.33 -49.86
O2' APR BA . -12.64 -10.96 -51.03
C3' APR BA . -13.51 -8.88 -50.08
O3' APR BA . -12.77 -8.31 -51.15
O4' APR BA . -12.38 -9.14 -48.00
C4' APR BA . -13.18 -8.19 -48.76
C5' APR BA . -14.36 -7.76 -47.92
O5' APR BA . -15.41 -8.75 -47.99
PA APR BA . -16.71 -8.52 -47.10
O1A APR BA . -17.63 -9.68 -47.22
O2A APR BA . -17.26 -7.16 -47.38
O3A APR BA . -16.07 -8.53 -45.64
PB APR BA . -16.69 -8.37 -44.18
O1B APR BA . -16.12 -7.14 -43.57
O2B APR BA . -16.54 -9.65 -43.45
O5D APR BA . -18.23 -8.13 -44.52
C5D APR BA . -18.74 -6.77 -44.51
O4D APR BA . -20.86 -7.63 -43.78
O1D APR BA . -22.27 -7.30 -41.99
C1D APR BA . -22.01 -6.97 -43.30
O2D APR BA . -22.81 -4.62 -43.42
C2D APR BA . -21.70 -5.49 -43.44
O3D APR BA . -21.81 -5.29 -45.87
C3D APR BA . -20.94 -5.43 -44.75
C4D APR BA . -20.23 -6.80 -44.78
MN MN CA . -24.92 -32.65 -13.63
PA NAD DA . -35.29 -34.14 -11.46
O1A NAD DA . -35.70 -34.11 -12.89
O2A NAD DA . -34.61 -35.35 -10.93
O5B NAD DA . -36.56 -33.81 -10.53
C5B NAD DA . -36.65 -34.50 -9.26
C4B NAD DA . -37.80 -33.96 -8.46
O4B NAD DA . -37.84 -32.52 -8.59
C3B NAD DA . -39.20 -34.46 -8.87
O3B NAD DA . -39.86 -35.06 -7.76
C2B NAD DA . -39.93 -33.20 -9.35
O2B NAD DA . -41.30 -33.20 -9.00
C1B NAD DA . -39.18 -32.10 -8.61
N9A NAD DA . -39.25 -30.80 -9.26
C8A NAD DA . -38.61 -30.43 -10.40
N7A NAD DA . -38.85 -29.19 -10.76
C5A NAD DA . -39.72 -28.72 -9.78
C6A NAD DA . -40.33 -27.48 -9.59
N6A NAD DA . -40.18 -26.44 -10.42
N1A NAD DA . -41.14 -27.34 -8.52
C2A NAD DA . -41.29 -28.38 -7.69
N3A NAD DA . -40.76 -29.60 -7.78
C4A NAD DA . -39.97 -29.71 -8.84
O3 NAD DA . -34.37 -32.88 -11.18
PN NAD DA . -32.92 -32.53 -11.75
O1N NAD DA . -31.96 -32.53 -10.61
O2N NAD DA . -33.01 -31.31 -12.61
O5D NAD DA . -32.65 -33.81 -12.67
C5D NAD DA . -31.46 -34.58 -12.40
C4D NAD DA . -31.25 -35.58 -13.50
O4D NAD DA . -30.69 -34.91 -14.66
C3D NAD DA . -30.29 -36.74 -13.18
O3D NAD DA . -30.76 -37.96 -13.73
C2D NAD DA . -28.99 -36.29 -13.85
O2D NAD DA . -28.14 -37.37 -14.22
C1D NAD DA . -29.58 -35.65 -15.12
N1N NAD DA . -28.66 -34.76 -15.84
C2N NAD DA . -28.73 -34.68 -17.20
C3N NAD DA . -27.85 -33.84 -17.89
C7N NAD DA . -27.96 -33.78 -19.38
O7N NAD DA . -27.55 -32.78 -19.98
N7N NAD DA . -28.50 -34.81 -20.01
C4N NAD DA . -26.92 -33.10 -17.19
C5N NAD DA . -26.85 -33.19 -15.81
C6N NAD DA . -27.73 -34.02 -15.15
#